data_2L9L
#
_entry.id   2L9L
#
_cell.length_a   1.000
_cell.length_b   1.000
_cell.length_c   1.000
_cell.angle_alpha   90.00
_cell.angle_beta   90.00
_cell.angle_gamma   90.00
#
_symmetry.space_group_name_H-M   'P 1'
#
_entity_poly.entity_id   1
_entity_poly.type   'polypeptide(L)'
_entity_poly.pdbx_seq_one_letter_code
;MKSGHGCSEPLGLKNNTIPDSQMSASSSYKTWNLRAFGWYPHLGRLDNQGKINAWTAQSNSAKEWLQVDLGTQRQVTGII
TQGARDFGHIQYVASYKVAHSDDGVQWTVYEEQGSSKVFQGNLDNNSHKKNIFEKPFMARYVRVLPVSWHNRITLRLELL
GCLEHHHHHH
;
_entity_poly.pdbx_strand_id   A
#
# COMPACT_ATOMS: atom_id res chain seq x y z
N MET A 1 22.51 -22.43 16.15
CA MET A 1 22.32 -23.56 15.26
C MET A 1 20.96 -23.48 14.57
N LYS A 2 20.54 -22.26 14.25
CA LYS A 2 19.26 -22.04 13.59
C LYS A 2 19.47 -21.47 12.18
N SER A 3 18.38 -21.31 11.45
CA SER A 3 18.44 -20.78 10.09
C SER A 3 17.26 -19.85 9.82
N GLY A 4 17.43 -18.98 8.83
CA GLY A 4 16.37 -18.04 8.48
C GLY A 4 15.77 -18.33 7.12
N HIS A 5 14.64 -19.03 7.10
CA HIS A 5 13.97 -19.38 5.85
C HIS A 5 13.09 -18.22 5.38
N GLY A 6 12.28 -17.70 6.29
CA GLY A 6 11.39 -16.59 5.95
C GLY A 6 12.14 -15.37 5.47
N CYS A 7 11.77 -14.87 4.30
CA CYS A 7 12.43 -13.69 3.73
C CYS A 7 11.43 -12.56 3.55
N SER A 8 10.15 -12.87 3.73
CA SER A 8 9.09 -11.86 3.58
C SER A 8 8.59 -11.40 4.95
N GLU A 9 9.11 -10.26 5.41
CA GLU A 9 8.71 -9.71 6.70
C GLU A 9 7.91 -8.43 6.52
N PRO A 10 7.05 -8.13 7.50
CA PRO A 10 6.21 -6.92 7.47
C PRO A 10 7.01 -5.64 7.65
N LEU A 11 6.32 -4.54 7.90
CA LEU A 11 6.97 -3.26 8.09
C LEU A 11 6.59 -2.64 9.45
N GLY A 12 5.71 -3.33 10.16
CA GLY A 12 5.28 -2.85 11.47
C GLY A 12 4.39 -3.84 12.19
N LEU A 13 4.60 -5.13 11.92
CA LEU A 13 3.82 -6.18 12.56
C LEU A 13 4.73 -7.31 13.05
N LYS A 14 5.99 -6.98 13.31
CA LYS A 14 6.95 -7.97 13.80
C LYS A 14 7.86 -7.36 14.85
N ASN A 15 8.81 -6.54 14.41
CA ASN A 15 9.74 -5.89 15.32
C ASN A 15 9.81 -4.39 15.06
N ASN A 16 9.76 -4.02 13.78
CA ASN A 16 9.82 -2.61 13.40
C ASN A 16 8.71 -1.82 14.08
N THR A 17 7.50 -2.38 14.09
CA THR A 17 6.36 -1.73 14.71
C THR A 17 6.24 -0.28 14.24
N ILE A 18 6.49 -0.05 12.97
CA ILE A 18 6.40 1.29 12.40
C ILE A 18 5.07 1.95 12.74
N PRO A 19 5.14 3.20 13.25
CA PRO A 19 3.95 3.96 13.64
C PRO A 19 3.14 4.40 12.42
N ASP A 20 2.24 5.34 12.64
CA ASP A 20 1.39 5.86 11.57
C ASP A 20 2.12 6.94 10.77
N SER A 21 3.34 6.63 10.34
CA SER A 21 4.14 7.57 9.58
C SER A 21 4.78 6.89 8.37
N GLN A 22 4.21 5.76 7.96
CA GLN A 22 4.73 5.01 6.82
C GLN A 22 3.86 5.26 5.58
N MET A 23 2.55 5.14 5.76
CA MET A 23 1.62 5.34 4.65
C MET A 23 1.04 6.76 4.68
N SER A 24 0.51 7.19 3.54
CA SER A 24 -0.07 8.52 3.43
C SER A 24 -0.60 8.78 2.02
N ALA A 25 -1.85 9.22 1.94
CA ALA A 25 -2.48 9.50 0.66
C ALA A 25 -2.98 10.94 0.59
N SER A 26 -3.27 11.40 -0.62
CA SER A 26 -3.76 12.76 -0.83
C SER A 26 -4.93 13.06 0.10
N SER A 27 -5.92 12.17 0.09
CA SER A 27 -7.11 12.34 0.93
C SER A 27 -7.84 11.02 1.10
N SER A 28 -8.48 10.83 2.25
CA SER A 28 -9.22 9.61 2.54
C SER A 28 -10.72 9.88 2.60
N TYR A 29 -11.51 8.82 2.66
CA TYR A 29 -12.96 8.94 2.73
C TYR A 29 -13.39 9.75 3.95
N LYS A 30 -12.47 9.90 4.90
CA LYS A 30 -12.74 10.66 6.11
C LYS A 30 -13.58 11.90 5.80
N THR A 31 -13.00 12.82 5.06
CA THR A 31 -13.69 14.06 4.69
C THR A 31 -12.79 14.97 3.86
N TRP A 32 -11.56 15.15 4.31
CA TRP A 32 -10.59 15.99 3.61
C TRP A 32 -9.27 16.06 4.37
N ASN A 33 -8.42 17.01 3.98
CA ASN A 33 -7.12 17.17 4.61
C ASN A 33 -7.16 18.31 5.63
N LEU A 34 -7.17 19.54 5.13
CA LEU A 34 -7.20 20.72 5.99
C LEU A 34 -6.11 20.64 7.05
N ARG A 35 -6.18 21.54 8.03
CA ARG A 35 -5.20 21.57 9.11
C ARG A 35 -5.13 20.22 9.82
N ALA A 36 -4.03 19.98 10.52
CA ALA A 36 -3.83 18.74 11.26
C ALA A 36 -3.76 17.56 10.29
N PHE A 37 -3.81 16.35 10.85
CA PHE A 37 -3.76 15.13 10.05
C PHE A 37 -4.90 15.09 9.03
N GLY A 38 -6.11 14.81 9.52
CA GLY A 38 -7.26 14.76 8.64
C GLY A 38 -7.58 13.34 8.21
N TRP A 39 -6.62 12.68 7.57
CA TRP A 39 -6.81 11.32 7.10
C TRP A 39 -6.48 10.31 8.19
N TYR A 40 -6.94 9.07 8.01
CA TYR A 40 -6.69 8.02 8.99
C TYR A 40 -6.20 6.75 8.32
N PRO A 41 -5.09 6.86 7.59
CA PRO A 41 -4.49 5.73 6.87
C PRO A 41 -3.89 4.70 7.82
N HIS A 42 -3.07 3.80 7.28
CA HIS A 42 -2.43 2.76 8.07
C HIS A 42 -3.46 1.76 8.60
N LEU A 43 -4.27 1.22 7.68
CA LEU A 43 -5.30 0.26 8.05
C LEU A 43 -5.00 -1.12 7.45
N GLY A 44 -4.16 -1.13 6.42
CA GLY A 44 -3.81 -2.38 5.77
C GLY A 44 -3.31 -3.42 6.74
N ARG A 45 -2.70 -2.97 7.83
CA ARG A 45 -2.18 -3.87 8.85
C ARG A 45 -3.25 -4.88 9.28
N LEU A 46 -2.81 -6.10 9.56
CA LEU A 46 -3.72 -7.16 9.97
C LEU A 46 -4.25 -6.90 11.39
N ASP A 47 -5.14 -7.77 11.86
CA ASP A 47 -5.70 -7.64 13.19
C ASP A 47 -6.28 -6.24 13.39
N ASN A 48 -6.85 -5.68 12.34
CA ASN A 48 -7.43 -4.34 12.39
C ASN A 48 -8.41 -4.23 13.56
N GLN A 49 -8.22 -3.22 14.41
CA GLN A 49 -9.07 -3.01 15.57
C GLN A 49 -10.44 -2.48 15.14
N GLY A 50 -10.46 -1.75 14.02
CA GLY A 50 -11.71 -1.20 13.53
C GLY A 50 -12.50 -2.19 12.72
N LYS A 51 -12.35 -2.13 11.39
CA LYS A 51 -13.06 -3.04 10.50
C LYS A 51 -12.69 -2.78 9.04
N ILE A 52 -12.39 -1.53 8.73
CA ILE A 52 -12.00 -1.15 7.38
C ILE A 52 -10.80 -1.96 6.90
N ASN A 53 -9.74 -1.97 7.71
CA ASN A 53 -8.53 -2.72 7.36
C ASN A 53 -8.05 -2.35 5.95
N ALA A 54 -8.23 -1.09 5.59
CA ALA A 54 -7.82 -0.62 4.27
C ALA A 54 -8.09 0.87 4.11
N TRP A 55 -7.19 1.57 3.43
CA TRP A 55 -7.34 3.00 3.21
C TRP A 55 -8.27 3.28 2.02
N THR A 56 -9.15 4.25 2.17
CA THR A 56 -10.09 4.61 1.12
C THR A 56 -9.77 5.99 0.54
N ALA A 57 -10.42 6.32 -0.56
CA ALA A 57 -10.22 7.61 -1.21
C ALA A 57 -11.18 8.66 -0.66
N GLN A 58 -10.93 9.92 -1.00
CA GLN A 58 -11.77 11.02 -0.55
C GLN A 58 -12.79 11.40 -1.62
N SER A 59 -12.29 11.80 -2.78
CA SER A 59 -13.16 12.19 -3.89
C SER A 59 -13.66 10.97 -4.65
N ASN A 60 -13.23 9.80 -4.22
CA ASN A 60 -13.63 8.55 -4.87
C ASN A 60 -13.39 8.62 -6.37
N SER A 61 -12.31 9.28 -6.77
CA SER A 61 -11.99 9.42 -8.18
C SER A 61 -10.57 8.94 -8.46
N ALA A 62 -10.08 9.21 -9.66
CA ALA A 62 -8.73 8.82 -10.05
C ALA A 62 -7.70 9.86 -9.64
N LYS A 63 -8.19 11.05 -9.27
CA LYS A 63 -7.32 12.13 -8.85
C LYS A 63 -6.62 11.79 -7.53
N GLU A 64 -7.16 10.80 -6.83
CA GLU A 64 -6.60 10.38 -5.56
C GLU A 64 -5.38 9.49 -5.76
N TRP A 65 -4.43 9.56 -4.83
CA TRP A 65 -3.22 8.76 -4.92
C TRP A 65 -2.69 8.42 -3.52
N LEU A 66 -2.13 7.22 -3.38
CA LEU A 66 -1.60 6.77 -2.10
C LEU A 66 -0.08 6.57 -2.18
N GLN A 67 0.65 7.21 -1.28
CA GLN A 67 2.10 7.10 -1.26
C GLN A 67 2.58 6.57 0.08
N VAL A 68 3.77 5.99 0.09
CA VAL A 68 4.34 5.44 1.32
C VAL A 68 5.75 5.97 1.56
N ASP A 69 5.92 6.73 2.64
CA ASP A 69 7.21 7.30 2.98
C ASP A 69 7.92 6.45 4.03
N LEU A 70 9.14 6.02 3.71
CA LEU A 70 9.92 5.20 4.63
C LEU A 70 11.10 5.99 5.19
N GLY A 71 11.97 6.48 4.31
CA GLY A 71 13.12 7.25 4.74
C GLY A 71 14.13 6.40 5.48
N THR A 72 13.93 5.09 5.48
CA THR A 72 14.83 4.17 6.15
C THR A 72 15.67 3.39 5.15
N GLN A 73 15.30 3.48 3.87
CA GLN A 73 16.02 2.78 2.82
C GLN A 73 16.17 1.29 3.16
N ARG A 74 15.12 0.52 2.90
CA ARG A 74 15.14 -0.90 3.18
C ARG A 74 14.93 -1.72 1.90
N GLN A 75 15.51 -2.92 1.86
CA GLN A 75 15.39 -3.78 0.69
C GLN A 75 14.15 -4.66 0.80
N VAL A 76 13.22 -4.49 -0.14
CA VAL A 76 11.99 -5.28 -0.15
C VAL A 76 12.17 -6.56 -0.95
N THR A 77 11.50 -7.61 -0.50
CA THR A 77 11.59 -8.91 -1.17
C THR A 77 10.20 -9.47 -1.46
N GLY A 78 9.19 -8.61 -1.39
CA GLY A 78 7.83 -9.02 -1.65
C GLY A 78 6.81 -7.93 -1.38
N ILE A 79 5.56 -8.19 -1.68
CA ILE A 79 4.49 -7.23 -1.46
C ILE A 79 3.18 -7.92 -1.07
N ILE A 80 2.18 -7.12 -0.75
CA ILE A 80 0.88 -7.67 -0.36
C ILE A 80 -0.21 -6.59 -0.44
N THR A 81 -1.36 -6.97 -1.00
CA THR A 81 -2.48 -6.04 -1.14
C THR A 81 -3.77 -6.65 -0.60
N GLN A 82 -4.66 -5.79 -0.13
CA GLN A 82 -5.94 -6.25 0.43
C GLN A 82 -7.01 -5.18 0.27
N GLY A 83 -8.20 -5.59 -0.17
CA GLY A 83 -9.29 -4.65 -0.36
C GLY A 83 -10.17 -4.53 0.87
N ALA A 84 -11.11 -3.60 0.84
CA ALA A 84 -12.02 -3.38 1.96
C ALA A 84 -13.45 -3.22 1.47
N ARG A 85 -14.37 -3.04 2.41
CA ARG A 85 -15.78 -2.86 2.08
C ARG A 85 -16.40 -1.73 2.91
N ASP A 86 -17.66 -1.42 2.62
CA ASP A 86 -18.37 -0.37 3.34
C ASP A 86 -19.48 -0.95 4.20
N PHE A 87 -19.08 -1.63 5.27
CA PHE A 87 -20.05 -2.24 6.19
C PHE A 87 -21.05 -3.09 5.43
N GLY A 88 -20.61 -3.66 4.30
CA GLY A 88 -21.49 -4.49 3.50
C GLY A 88 -21.08 -4.53 2.04
N HIS A 89 -21.04 -3.36 1.41
CA HIS A 89 -20.67 -3.26 0.00
C HIS A 89 -19.18 -3.54 -0.18
N ILE A 90 -18.86 -4.58 -0.94
CA ILE A 90 -17.48 -4.95 -1.20
C ILE A 90 -16.84 -4.03 -2.24
N GLN A 91 -15.73 -3.41 -1.86
CA GLN A 91 -15.03 -2.51 -2.76
C GLN A 91 -13.58 -2.95 -2.96
N TYR A 92 -12.97 -2.50 -4.05
CA TYR A 92 -11.58 -2.85 -4.34
C TYR A 92 -11.12 -2.20 -5.64
N VAL A 93 -9.85 -1.81 -5.69
CA VAL A 93 -9.29 -1.17 -6.88
C VAL A 93 -8.77 -2.21 -7.86
N ALA A 94 -8.87 -1.90 -9.15
CA ALA A 94 -8.40 -2.79 -10.20
C ALA A 94 -7.10 -2.30 -10.82
N SER A 95 -7.20 -1.29 -11.67
CA SER A 95 -6.03 -0.72 -12.33
C SER A 95 -5.42 0.40 -11.50
N TYR A 96 -4.14 0.26 -11.17
CA TYR A 96 -3.44 1.26 -10.37
C TYR A 96 -1.94 1.24 -10.66
N LYS A 97 -1.36 2.42 -10.83
CA LYS A 97 0.07 2.54 -11.10
C LYS A 97 0.86 2.73 -9.81
N VAL A 98 1.58 1.69 -9.41
CA VAL A 98 2.38 1.75 -8.20
C VAL A 98 3.87 1.67 -8.51
N ALA A 99 4.62 2.71 -8.14
CA ALA A 99 6.05 2.75 -8.39
C ALA A 99 6.82 2.95 -7.08
N HIS A 100 8.00 2.35 -7.01
CA HIS A 100 8.84 2.46 -5.81
C HIS A 100 10.09 3.28 -6.12
N SER A 101 10.49 4.11 -5.15
CA SER A 101 11.68 4.94 -5.32
C SER A 101 12.64 4.75 -4.15
N ASP A 102 13.91 4.51 -4.48
CA ASP A 102 14.93 4.30 -3.45
C ASP A 102 15.64 5.62 -3.12
N ASP A 103 15.90 6.41 -4.14
CA ASP A 103 16.57 7.70 -3.96
C ASP A 103 15.55 8.83 -3.86
N GLY A 104 14.34 8.57 -4.33
CA GLY A 104 13.29 9.58 -4.30
C GLY A 104 13.01 10.17 -5.66
N VAL A 105 13.99 10.11 -6.55
CA VAL A 105 13.84 10.65 -7.90
C VAL A 105 13.53 9.54 -8.90
N GLN A 106 14.12 8.37 -8.68
CA GLN A 106 13.91 7.23 -9.56
C GLN A 106 12.67 6.45 -9.15
N TRP A 107 11.57 6.66 -9.86
CA TRP A 107 10.32 5.97 -9.56
C TRP A 107 10.16 4.74 -10.44
N THR A 108 10.43 3.57 -9.88
CA THR A 108 10.32 2.33 -10.62
C THR A 108 8.88 1.84 -10.66
N VAL A 109 8.20 2.09 -11.78
CA VAL A 109 6.82 1.67 -11.95
C VAL A 109 6.72 0.20 -12.34
N TYR A 110 7.87 -0.40 -12.59
CA TYR A 110 7.92 -1.82 -12.97
C TYR A 110 7.14 -2.05 -14.26
N GLU A 111 7.70 -1.63 -15.38
CA GLU A 111 7.06 -1.81 -16.68
C GLU A 111 6.97 -3.29 -17.06
N GLU A 112 6.30 -3.57 -18.17
CA GLU A 112 6.14 -4.94 -18.63
C GLU A 112 5.71 -4.98 -20.10
N GLN A 113 4.58 -4.33 -20.39
CA GLN A 113 4.06 -4.29 -21.75
C GLN A 113 5.13 -3.81 -22.73
N GLY A 114 6.05 -2.98 -22.24
CA GLY A 114 7.11 -2.47 -23.09
C GLY A 114 7.33 -0.98 -22.90
N SER A 115 6.33 -0.30 -22.34
CA SER A 115 6.43 1.14 -22.12
C SER A 115 6.31 1.45 -20.63
N SER A 116 5.18 1.11 -20.04
CA SER A 116 4.94 1.37 -18.62
C SER A 116 3.55 0.87 -18.21
N LYS A 117 3.36 -0.46 -18.25
CA LYS A 117 2.10 -1.07 -17.88
C LYS A 117 1.82 -0.87 -16.39
N VAL A 118 0.58 -0.48 -16.07
CA VAL A 118 0.19 -0.27 -14.68
C VAL A 118 -0.12 -1.60 -13.99
N PHE A 119 -0.32 -1.54 -12.68
CA PHE A 119 -0.62 -2.72 -11.90
C PHE A 119 -2.13 -2.95 -11.81
N GLN A 120 -2.64 -3.88 -12.62
CA GLN A 120 -4.06 -4.18 -12.64
C GLN A 120 -4.35 -5.43 -11.80
N GLY A 121 -5.55 -5.46 -11.21
CA GLY A 121 -5.92 -6.60 -10.39
C GLY A 121 -6.82 -6.20 -9.23
N ASN A 122 -7.99 -6.82 -9.14
CA ASN A 122 -8.94 -6.52 -8.07
C ASN A 122 -8.61 -7.33 -6.81
N LEU A 123 -8.59 -8.65 -6.95
CA LEU A 123 -8.29 -9.53 -5.83
C LEU A 123 -9.36 -9.41 -4.74
N ASP A 124 -10.50 -8.84 -5.10
CA ASP A 124 -11.61 -8.67 -4.16
C ASP A 124 -11.12 -8.00 -2.88
N ASN A 125 -11.98 -8.00 -1.87
CA ASN A 125 -11.64 -7.39 -0.58
C ASN A 125 -11.36 -8.46 0.47
N ASN A 126 -11.94 -9.64 0.28
CA ASN A 126 -11.74 -10.74 1.21
C ASN A 126 -10.67 -11.70 0.69
N SER A 127 -9.84 -11.22 -0.21
CA SER A 127 -8.78 -12.02 -0.79
C SER A 127 -7.48 -11.23 -0.93
N HIS A 128 -6.48 -11.57 -0.13
CA HIS A 128 -5.20 -10.88 -0.16
C HIS A 128 -4.32 -11.44 -1.26
N LYS A 129 -3.44 -10.60 -1.80
CA LYS A 129 -2.53 -11.00 -2.87
C LYS A 129 -1.11 -10.48 -2.61
N LYS A 130 -0.17 -11.41 -2.45
CA LYS A 130 1.22 -11.05 -2.19
C LYS A 130 2.11 -11.47 -3.36
N ASN A 131 3.27 -10.82 -3.48
CA ASN A 131 4.20 -11.12 -4.55
C ASN A 131 5.56 -11.54 -3.98
N ILE A 132 6.10 -12.63 -4.50
CA ILE A 132 7.39 -13.13 -4.06
C ILE A 132 8.51 -12.16 -4.41
N PHE A 133 9.75 -12.52 -4.04
CA PHE A 133 10.91 -11.69 -4.33
C PHE A 133 11.31 -11.80 -5.79
N GLU A 134 10.36 -11.57 -6.69
CA GLU A 134 10.63 -11.65 -8.12
C GLU A 134 11.69 -10.63 -8.53
N LYS A 135 11.84 -9.59 -7.73
CA LYS A 135 12.83 -8.55 -8.01
C LYS A 135 12.96 -7.60 -6.82
N PRO A 136 13.69 -8.04 -5.79
CA PRO A 136 13.91 -7.24 -4.58
C PRO A 136 14.83 -6.04 -4.84
N PHE A 137 14.80 -5.08 -3.92
CA PHE A 137 15.62 -3.88 -4.05
C PHE A 137 15.32 -2.89 -2.93
N MET A 138 16.25 -1.97 -2.70
CA MET A 138 16.10 -0.97 -1.65
C MET A 138 15.03 0.06 -2.04
N ALA A 139 14.32 0.57 -1.04
CA ALA A 139 13.28 1.56 -1.28
C ALA A 139 13.22 2.57 -0.13
N ARG A 140 12.88 3.81 -0.46
CA ARG A 140 12.79 4.87 0.54
C ARG A 140 11.40 5.52 0.51
N TYR A 141 10.77 5.50 -0.66
CA TYR A 141 9.45 6.09 -0.82
C TYR A 141 8.78 5.59 -2.09
N VAL A 142 7.53 5.12 -1.95
CA VAL A 142 6.78 4.61 -3.09
C VAL A 142 5.53 5.44 -3.34
N ARG A 143 5.11 5.52 -4.60
CA ARG A 143 3.93 6.27 -4.97
C ARG A 143 2.94 5.41 -5.75
N VAL A 144 1.66 5.56 -5.45
CA VAL A 144 0.62 4.79 -6.13
C VAL A 144 -0.50 5.70 -6.62
N LEU A 145 -0.95 5.48 -7.84
CA LEU A 145 -2.02 6.26 -8.43
C LEU A 145 -3.04 5.38 -9.13
N PRO A 146 -4.15 5.07 -8.44
CA PRO A 146 -5.22 4.23 -8.98
C PRO A 146 -5.99 4.92 -10.11
N VAL A 147 -6.38 4.15 -11.11
CA VAL A 147 -7.13 4.68 -12.24
C VAL A 147 -8.49 4.00 -12.37
N SER A 148 -8.48 2.68 -12.37
CA SER A 148 -9.71 1.90 -12.49
C SER A 148 -10.01 1.15 -11.20
N TRP A 149 -11.08 1.55 -10.52
CA TRP A 149 -11.48 0.93 -9.27
C TRP A 149 -12.84 0.27 -9.39
N HIS A 150 -13.25 -0.47 -8.37
CA HIS A 150 -14.54 -1.15 -8.37
C HIS A 150 -15.33 -0.82 -7.12
N ASN A 151 -16.52 -0.28 -7.29
CA ASN A 151 -17.38 0.07 -6.18
C ASN A 151 -16.88 1.33 -5.48
N ARG A 152 -15.66 1.25 -4.92
CA ARG A 152 -15.06 2.38 -4.23
C ARG A 152 -13.56 2.16 -4.03
N ILE A 153 -12.80 3.25 -4.06
CA ILE A 153 -11.36 3.17 -3.88
C ILE A 153 -11.00 2.83 -2.44
N THR A 154 -11.12 1.55 -2.10
CA THR A 154 -10.82 1.08 -0.75
C THR A 154 -9.91 -0.14 -0.78
N LEU A 155 -8.61 0.09 -0.62
CA LEU A 155 -7.63 -1.00 -0.62
C LEU A 155 -6.46 -0.69 0.31
N ARG A 156 -5.50 -1.60 0.35
CA ARG A 156 -4.33 -1.42 1.20
C ARG A 156 -3.08 -2.03 0.55
N LEU A 157 -2.03 -1.24 0.45
CA LEU A 157 -0.78 -1.70 -0.16
C LEU A 157 0.32 -1.80 0.89
N GLU A 158 0.94 -2.98 0.97
CA GLU A 158 2.02 -3.20 1.93
C GLU A 158 3.22 -3.86 1.25
N LEU A 159 4.42 -3.48 1.69
CA LEU A 159 5.64 -4.03 1.12
C LEU A 159 6.37 -4.88 2.15
N LEU A 160 6.90 -6.02 1.70
CA LEU A 160 7.63 -6.93 2.59
C LEU A 160 9.13 -6.90 2.29
N GLY A 161 9.94 -7.11 3.31
CA GLY A 161 11.38 -7.11 3.13
C GLY A 161 12.05 -8.32 3.76
N CYS A 162 13.36 -8.43 3.60
CA CYS A 162 14.11 -9.54 4.16
C CYS A 162 14.91 -9.10 5.39
N LEU A 163 15.10 -7.79 5.51
CA LEU A 163 15.84 -7.24 6.65
C LEU A 163 17.29 -7.71 6.63
N GLU A 164 17.76 -8.14 5.46
CA GLU A 164 19.13 -8.61 5.31
C GLU A 164 19.82 -7.94 4.13
N MET A 1 12.72 -15.01 24.19
CA MET A 1 11.94 -14.81 22.98
C MET A 1 12.85 -14.52 21.79
N LYS A 2 13.33 -15.57 21.14
CA LYS A 2 14.21 -15.44 19.99
C LYS A 2 13.44 -15.60 18.69
N SER A 3 14.14 -15.46 17.56
CA SER A 3 13.52 -15.60 16.26
C SER A 3 14.57 -15.61 15.15
N GLY A 4 14.66 -16.74 14.46
CA GLY A 4 15.63 -16.88 13.39
C GLY A 4 14.98 -16.96 12.02
N HIS A 5 13.90 -16.20 11.83
CA HIS A 5 13.18 -16.20 10.56
C HIS A 5 14.09 -15.73 9.43
N GLY A 6 13.60 -15.85 8.20
CA GLY A 6 14.38 -15.43 7.04
C GLY A 6 13.97 -14.07 6.52
N CYS A 7 13.60 -14.01 5.25
CA CYS A 7 13.18 -12.75 4.63
C CYS A 7 11.67 -12.60 4.70
N SER A 8 11.14 -11.61 3.97
CA SER A 8 9.71 -11.36 3.95
C SER A 8 9.21 -10.93 5.33
N GLU A 9 9.71 -9.79 5.81
CA GLU A 9 9.31 -9.28 7.12
C GLU A 9 8.59 -7.94 6.98
N PRO A 10 7.72 -7.64 7.96
CA PRO A 10 6.95 -6.39 7.98
C PRO A 10 7.82 -5.17 8.23
N LEU A 11 7.19 -4.02 8.41
CA LEU A 11 7.91 -2.77 8.67
C LEU A 11 7.53 -2.20 10.03
N GLY A 12 6.47 -2.73 10.62
CA GLY A 12 6.02 -2.26 11.91
C GLY A 12 4.95 -3.14 12.52
N LEU A 13 5.17 -4.45 12.47
CA LEU A 13 4.21 -5.41 13.01
C LEU A 13 4.88 -6.32 14.04
N LYS A 14 6.19 -6.15 14.22
CA LYS A 14 6.95 -6.95 15.17
C LYS A 14 7.40 -6.10 16.35
N ASN A 15 8.43 -5.28 16.13
CA ASN A 15 8.95 -4.41 17.18
C ASN A 15 8.92 -2.95 16.74
N ASN A 16 9.11 -2.72 15.45
CA ASN A 16 9.11 -1.37 14.92
C ASN A 16 7.78 -0.67 15.20
N THR A 17 6.70 -1.43 15.12
CA THR A 17 5.37 -0.88 15.38
C THR A 17 5.24 0.54 14.84
N ILE A 18 5.74 0.77 13.64
CA ILE A 18 5.68 2.08 13.01
C ILE A 18 4.26 2.63 13.01
N PRO A 19 4.12 3.90 13.40
CA PRO A 19 2.82 4.58 13.46
C PRO A 19 2.25 4.83 12.07
N ASP A 20 1.19 5.65 12.01
CA ASP A 20 0.56 5.99 10.74
C ASP A 20 1.25 7.17 10.08
N SER A 21 2.57 7.08 9.96
CA SER A 21 3.36 8.14 9.35
C SER A 21 4.06 7.66 8.08
N GLN A 22 4.19 6.33 7.97
CA GLN A 22 4.84 5.74 6.82
C GLN A 22 4.00 5.92 5.56
N MET A 23 2.70 5.65 5.68
CA MET A 23 1.79 5.78 4.56
C MET A 23 1.09 7.14 4.58
N SER A 24 0.92 7.74 3.41
CA SER A 24 0.27 9.04 3.29
C SER A 24 -0.24 9.28 1.88
N ALA A 25 -1.53 9.55 1.76
CA ALA A 25 -2.15 9.80 0.46
C ALA A 25 -2.70 11.22 0.38
N SER A 26 -3.10 11.62 -0.82
CA SER A 26 -3.65 12.96 -1.04
C SER A 26 -4.75 13.27 -0.03
N SER A 27 -5.72 12.36 0.06
CA SER A 27 -6.83 12.53 0.98
C SER A 27 -7.58 11.21 1.18
N SER A 28 -8.03 10.98 2.41
CA SER A 28 -8.75 9.75 2.74
C SER A 28 -10.25 10.03 2.86
N TYR A 29 -11.04 8.96 2.74
CA TYR A 29 -12.50 9.08 2.82
C TYR A 29 -12.91 9.84 4.08
N LYS A 30 -12.80 9.18 5.23
CA LYS A 30 -13.16 9.79 6.50
C LYS A 30 -12.46 11.13 6.68
N THR A 31 -12.99 11.97 7.55
CA THR A 31 -12.42 13.28 7.81
C THR A 31 -12.48 14.17 6.56
N TRP A 32 -13.68 14.62 6.22
CA TRP A 32 -13.87 15.46 5.05
C TRP A 32 -12.93 16.67 5.09
N ASN A 33 -12.72 17.29 3.94
CA ASN A 33 -11.83 18.45 3.84
C ASN A 33 -12.64 19.74 3.94
N LEU A 34 -13.77 19.69 4.61
CA LEU A 34 -14.63 20.85 4.78
C LEU A 34 -14.39 21.52 6.13
N ARG A 35 -13.20 21.32 6.68
CA ARG A 35 -12.83 21.89 7.97
C ARG A 35 -11.40 21.53 8.34
N ALA A 36 -10.99 20.32 8.00
CA ALA A 36 -9.65 19.85 8.30
C ALA A 36 -9.27 18.65 7.43
N PHE A 37 -8.02 18.22 7.53
CA PHE A 37 -7.54 17.08 6.77
C PHE A 37 -6.86 16.06 7.67
N GLY A 38 -7.58 15.60 8.68
CA GLY A 38 -7.04 14.62 9.60
C GLY A 38 -7.12 13.20 9.06
N TRP A 39 -6.26 12.88 8.12
CA TRP A 39 -6.24 11.55 7.51
C TRP A 39 -5.70 10.51 8.50
N TYR A 40 -5.89 9.24 8.18
CA TYR A 40 -5.43 8.17 9.03
C TYR A 40 -5.13 6.91 8.22
N PRO A 41 -4.09 6.98 7.38
CA PRO A 41 -3.67 5.86 6.53
C PRO A 41 -3.06 4.72 7.32
N HIS A 42 -2.48 3.75 6.62
CA HIS A 42 -1.87 2.60 7.27
C HIS A 42 -2.88 1.85 8.14
N LEU A 43 -3.88 1.27 7.49
CA LEU A 43 -4.92 0.53 8.18
C LEU A 43 -4.85 -0.95 7.85
N GLY A 44 -4.16 -1.28 6.76
CA GLY A 44 -4.02 -2.66 6.35
C GLY A 44 -3.00 -3.42 7.18
N ARG A 45 -2.38 -2.72 8.12
CA ARG A 45 -1.38 -3.33 8.98
C ARG A 45 -1.90 -4.62 9.60
N LEU A 46 -0.99 -5.48 10.02
CA LEU A 46 -1.36 -6.77 10.62
C LEU A 46 -2.35 -6.55 11.78
N ASP A 47 -1.97 -5.67 12.70
CA ASP A 47 -2.83 -5.37 13.85
C ASP A 47 -3.92 -4.38 13.47
N ASN A 48 -4.73 -4.74 12.48
CA ASN A 48 -5.81 -3.89 12.03
C ASN A 48 -7.05 -4.05 12.91
N GLN A 49 -7.54 -2.94 13.45
CA GLN A 49 -8.72 -2.96 14.31
C GLN A 49 -9.85 -2.14 13.70
N GLY A 50 -10.96 -2.05 14.44
CA GLY A 50 -12.11 -1.29 13.96
C GLY A 50 -12.95 -2.08 12.97
N LYS A 51 -12.69 -1.88 11.68
CA LYS A 51 -13.44 -2.58 10.64
C LYS A 51 -12.93 -2.18 9.26
N ILE A 52 -12.42 -0.96 9.14
CA ILE A 52 -11.90 -0.46 7.88
C ILE A 52 -10.69 -1.28 7.42
N ASN A 53 -9.68 -1.36 8.28
CA ASN A 53 -8.47 -2.12 7.97
C ASN A 53 -8.06 -1.92 6.52
N ALA A 54 -8.16 -0.68 6.05
CA ALA A 54 -7.80 -0.34 4.68
C ALA A 54 -7.97 1.14 4.40
N TRP A 55 -7.05 1.71 3.64
CA TRP A 55 -7.09 3.13 3.31
C TRP A 55 -8.05 3.39 2.16
N THR A 56 -8.92 4.37 2.33
CA THR A 56 -9.90 4.72 1.30
C THR A 56 -9.61 6.10 0.71
N ALA A 57 -10.22 6.38 -0.43
CA ALA A 57 -10.03 7.67 -1.10
C ALA A 57 -11.00 8.72 -0.58
N GLN A 58 -10.69 9.98 -0.83
CA GLN A 58 -11.53 11.08 -0.37
C GLN A 58 -12.59 11.42 -1.41
N SER A 59 -12.14 11.74 -2.63
CA SER A 59 -13.06 12.09 -3.71
C SER A 59 -13.62 10.83 -4.37
N ASN A 60 -13.05 9.69 -4.02
CA ASN A 60 -13.49 8.41 -4.58
C ASN A 60 -13.25 8.37 -6.10
N SER A 61 -12.15 8.98 -6.53
CA SER A 61 -11.82 9.02 -7.95
C SER A 61 -10.39 8.54 -8.18
N ALA A 62 -9.96 8.57 -9.44
CA ALA A 62 -8.60 8.13 -9.79
C ALA A 62 -7.61 9.28 -9.63
N LYS A 63 -8.12 10.49 -9.52
CA LYS A 63 -7.27 11.67 -9.37
C LYS A 63 -6.47 11.59 -8.08
N GLU A 64 -6.90 10.72 -7.16
CA GLU A 64 -6.22 10.56 -5.89
C GLU A 64 -5.00 9.66 -6.05
N TRP A 65 -4.06 9.77 -5.11
CA TRP A 65 -2.85 8.97 -5.14
C TRP A 65 -2.29 8.77 -3.73
N LEU A 66 -1.81 7.56 -3.45
CA LEU A 66 -1.25 7.24 -2.15
C LEU A 66 0.24 6.92 -2.26
N GLN A 67 1.04 7.62 -1.47
CA GLN A 67 2.49 7.42 -1.47
C GLN A 67 2.99 7.04 -0.08
N VAL A 68 4.11 6.33 -0.03
CA VAL A 68 4.69 5.92 1.24
C VAL A 68 6.09 6.50 1.43
N ASP A 69 6.32 7.07 2.60
CA ASP A 69 7.62 7.68 2.91
C ASP A 69 8.24 7.02 4.14
N LEU A 70 9.47 6.52 3.97
CA LEU A 70 10.18 5.87 5.07
C LEU A 70 11.57 6.46 5.25
N GLY A 71 12.21 6.78 4.13
CA GLY A 71 13.54 7.35 4.18
C GLY A 71 14.51 6.50 4.97
N THR A 72 14.22 5.22 5.07
CA THR A 72 15.06 4.29 5.82
C THR A 72 15.86 3.39 4.88
N GLN A 73 15.53 3.46 3.59
CA GLN A 73 16.22 2.66 2.59
C GLN A 73 16.22 1.19 2.98
N ARG A 74 15.08 0.53 2.79
CA ARG A 74 14.94 -0.88 3.12
C ARG A 74 14.74 -1.72 1.87
N GLN A 75 15.36 -2.90 1.86
CA GLN A 75 15.25 -3.81 0.71
C GLN A 75 13.95 -4.61 0.78
N VAL A 76 13.09 -4.42 -0.21
CA VAL A 76 11.82 -5.14 -0.26
C VAL A 76 11.98 -6.49 -0.96
N THR A 77 11.39 -7.52 -0.36
CA THR A 77 11.46 -8.87 -0.92
C THR A 77 10.07 -9.46 -1.09
N GLY A 78 9.05 -8.62 -1.07
CA GLY A 78 7.69 -9.08 -1.23
C GLY A 78 6.67 -8.09 -0.69
N ILE A 79 5.46 -8.12 -1.25
CA ILE A 79 4.41 -7.22 -0.82
C ILE A 79 3.04 -7.89 -0.92
N ILE A 80 2.05 -7.31 -0.25
CA ILE A 80 0.70 -7.85 -0.26
C ILE A 80 -0.35 -6.74 -0.33
N THR A 81 -1.37 -6.93 -1.16
CA THR A 81 -2.43 -5.95 -1.31
C THR A 81 -3.80 -6.59 -1.12
N GLN A 82 -4.71 -5.85 -0.48
CA GLN A 82 -6.05 -6.34 -0.24
C GLN A 82 -7.05 -5.18 -0.20
N GLY A 83 -8.29 -5.46 -0.61
CA GLY A 83 -9.32 -4.45 -0.60
C GLY A 83 -10.07 -4.37 0.71
N ALA A 84 -11.09 -3.52 0.77
CA ALA A 84 -11.90 -3.37 1.97
C ALA A 84 -13.38 -3.36 1.65
N ARG A 85 -14.21 -3.49 2.68
CA ARG A 85 -15.66 -3.50 2.50
C ARG A 85 -16.34 -2.54 3.47
N ASP A 86 -17.48 -2.01 3.05
CA ASP A 86 -18.23 -1.07 3.89
C ASP A 86 -19.53 -1.70 4.38
N PHE A 87 -19.41 -2.77 5.15
CA PHE A 87 -20.58 -3.47 5.68
C PHE A 87 -21.57 -3.79 4.57
N GLY A 88 -21.40 -4.94 3.94
CA GLY A 88 -22.29 -5.35 2.87
C GLY A 88 -21.73 -5.01 1.49
N HIS A 89 -21.33 -3.76 1.30
CA HIS A 89 -20.79 -3.32 0.03
C HIS A 89 -19.29 -3.62 -0.05
N ILE A 90 -18.91 -4.44 -1.02
CA ILE A 90 -17.52 -4.81 -1.21
C ILE A 90 -16.83 -3.88 -2.21
N GLN A 91 -15.73 -3.28 -1.78
CA GLN A 91 -14.98 -2.36 -2.63
C GLN A 91 -13.52 -2.82 -2.78
N TYR A 92 -12.89 -2.42 -3.88
CA TYR A 92 -11.51 -2.80 -4.14
C TYR A 92 -11.01 -2.17 -5.44
N VAL A 93 -9.75 -1.74 -5.43
CA VAL A 93 -9.15 -1.12 -6.62
C VAL A 93 -8.57 -2.17 -7.55
N ALA A 94 -8.61 -1.89 -8.85
CA ALA A 94 -8.08 -2.81 -9.84
C ALA A 94 -6.83 -2.24 -10.51
N SER A 95 -7.04 -1.30 -11.43
CA SER A 95 -5.93 -0.67 -12.14
C SER A 95 -5.29 0.43 -11.30
N TYR A 96 -3.98 0.32 -11.09
CA TYR A 96 -3.25 1.30 -10.30
C TYR A 96 -1.75 1.26 -10.62
N LYS A 97 -1.14 2.43 -10.74
CA LYS A 97 0.27 2.52 -11.05
C LYS A 97 1.10 2.67 -9.77
N VAL A 98 1.84 1.63 -9.43
CA VAL A 98 2.67 1.64 -8.23
C VAL A 98 4.15 1.77 -8.59
N ALA A 99 4.76 2.88 -8.18
CA ALA A 99 6.17 3.11 -8.45
C ALA A 99 6.97 3.25 -7.16
N HIS A 100 8.19 2.72 -7.16
CA HIS A 100 9.05 2.78 -6.00
C HIS A 100 10.33 3.56 -6.29
N SER A 101 10.78 4.32 -5.30
CA SER A 101 11.99 5.13 -5.47
C SER A 101 13.01 4.81 -4.37
N ASP A 102 14.16 4.31 -4.78
CA ASP A 102 15.21 3.95 -3.83
C ASP A 102 16.14 5.16 -3.57
N ASP A 103 16.38 5.93 -4.62
CA ASP A 103 17.25 7.10 -4.51
C ASP A 103 16.42 8.37 -4.30
N GLY A 104 15.11 8.24 -4.46
CA GLY A 104 14.22 9.38 -4.29
C GLY A 104 13.86 10.04 -5.60
N VAL A 105 14.75 9.95 -6.57
CA VAL A 105 14.53 10.55 -7.88
C VAL A 105 14.08 9.50 -8.90
N GLN A 106 14.62 8.28 -8.76
CA GLN A 106 14.29 7.20 -9.66
C GLN A 106 12.89 6.66 -9.37
N TRP A 107 12.14 6.36 -10.42
CA TRP A 107 10.78 5.84 -10.28
C TRP A 107 10.63 4.50 -11.00
N THR A 108 10.52 3.42 -10.21
CA THR A 108 10.38 2.08 -10.77
C THR A 108 8.93 1.63 -10.73
N VAL A 109 8.24 1.73 -11.86
CA VAL A 109 6.84 1.33 -11.95
C VAL A 109 6.71 -0.18 -12.10
N TYR A 110 7.85 -0.87 -12.12
CA TYR A 110 7.88 -2.32 -12.25
C TYR A 110 7.22 -2.75 -13.56
N GLU A 111 7.10 -1.81 -14.50
CA GLU A 111 6.49 -2.09 -15.79
C GLU A 111 5.34 -3.07 -15.65
N GLU A 112 5.08 -3.85 -16.70
CA GLU A 112 4.00 -4.83 -16.69
C GLU A 112 4.30 -5.98 -17.65
N GLN A 113 4.80 -5.64 -18.83
CA GLN A 113 5.14 -6.64 -19.83
C GLN A 113 5.92 -6.03 -20.98
N GLY A 114 6.98 -5.30 -20.65
CA GLY A 114 7.80 -4.67 -21.67
C GLY A 114 7.10 -3.50 -22.32
N SER A 115 5.95 -3.11 -21.78
CA SER A 115 5.18 -2.01 -22.32
C SER A 115 5.03 -0.89 -21.29
N SER A 116 5.46 -1.18 -20.06
CA SER A 116 5.36 -0.21 -18.97
C SER A 116 3.91 0.14 -18.66
N LYS A 117 3.15 -0.87 -18.23
CA LYS A 117 1.74 -0.67 -17.90
C LYS A 117 1.55 -0.52 -16.40
N VAL A 118 0.29 -0.55 -15.96
CA VAL A 118 -0.03 -0.41 -14.55
C VAL A 118 -0.29 -1.77 -13.91
N PHE A 119 -0.56 -1.76 -12.60
CA PHE A 119 -0.82 -2.99 -11.87
C PHE A 119 -2.31 -3.28 -11.81
N GLN A 120 -2.66 -4.55 -11.66
CA GLN A 120 -4.06 -4.96 -11.58
C GLN A 120 -4.36 -5.66 -10.25
N GLY A 121 -5.49 -5.31 -9.66
CA GLY A 121 -5.87 -5.90 -8.39
C GLY A 121 -6.96 -6.94 -8.54
N ASN A 122 -8.21 -6.51 -8.44
CA ASN A 122 -9.35 -7.41 -8.57
C ASN A 122 -9.35 -8.45 -7.45
N LEU A 123 -10.01 -9.57 -7.69
CA LEU A 123 -10.09 -10.64 -6.70
C LEU A 123 -10.93 -10.23 -5.51
N ASP A 124 -11.72 -9.17 -5.69
CA ASP A 124 -12.59 -8.68 -4.62
C ASP A 124 -11.77 -8.22 -3.42
N ASN A 125 -12.45 -7.95 -2.32
CA ASN A 125 -11.78 -7.50 -1.11
C ASN A 125 -11.42 -8.69 -0.21
N ASN A 126 -12.15 -9.78 -0.39
CA ASN A 126 -11.92 -10.99 0.40
C ASN A 126 -10.60 -11.65 0.02
N SER A 127 -10.42 -11.91 -1.27
CA SER A 127 -9.21 -12.54 -1.77
C SER A 127 -8.03 -11.57 -1.70
N HIS A 128 -6.88 -12.08 -1.27
CA HIS A 128 -5.67 -11.27 -1.15
C HIS A 128 -4.76 -11.48 -2.36
N LYS A 129 -3.88 -10.51 -2.60
CA LYS A 129 -2.95 -10.59 -3.71
C LYS A 129 -1.53 -10.24 -3.26
N LYS A 130 -0.74 -11.28 -2.98
CA LYS A 130 0.64 -11.08 -2.54
C LYS A 130 1.62 -11.50 -3.62
N ASN A 131 2.59 -10.64 -3.90
CA ASN A 131 3.61 -10.92 -4.92
C ASN A 131 4.96 -11.23 -4.28
N ILE A 132 5.57 -12.32 -4.72
CA ILE A 132 6.87 -12.73 -4.18
C ILE A 132 7.93 -11.66 -4.45
N PHE A 133 9.14 -11.89 -3.93
CA PHE A 133 10.23 -10.95 -4.11
C PHE A 133 10.26 -10.41 -5.54
N GLU A 134 10.21 -11.33 -6.51
CA GLU A 134 10.24 -10.95 -7.91
C GLU A 134 11.21 -9.79 -8.15
N LYS A 135 12.48 -10.02 -7.85
CA LYS A 135 13.51 -9.00 -8.02
C LYS A 135 13.40 -7.93 -6.95
N PRO A 136 13.94 -8.23 -5.76
CA PRO A 136 13.92 -7.29 -4.62
C PRO A 136 14.83 -6.09 -4.85
N PHE A 137 14.74 -5.12 -3.95
CA PHE A 137 15.55 -3.91 -4.04
C PHE A 137 15.23 -2.94 -2.91
N MET A 138 16.15 -2.02 -2.64
CA MET A 138 15.97 -1.05 -1.58
C MET A 138 14.97 0.03 -2.01
N ALA A 139 14.31 0.64 -1.03
CA ALA A 139 13.33 1.69 -1.29
C ALA A 139 13.25 2.66 -0.13
N ARG A 140 12.98 3.93 -0.45
CA ARG A 140 12.88 4.97 0.56
C ARG A 140 11.55 5.71 0.45
N TYR A 141 11.01 5.75 -0.76
CA TYR A 141 9.74 6.43 -1.01
C TYR A 141 9.06 5.88 -2.26
N VAL A 142 7.79 5.51 -2.12
CA VAL A 142 7.03 4.97 -3.24
C VAL A 142 5.76 5.77 -3.49
N ARG A 143 5.32 5.81 -4.73
CA ARG A 143 4.12 6.56 -5.10
C ARG A 143 3.13 5.66 -5.84
N VAL A 144 1.86 5.76 -5.47
CA VAL A 144 0.82 4.96 -6.10
C VAL A 144 -0.33 5.84 -6.59
N LEU A 145 -0.80 5.57 -7.81
CA LEU A 145 -1.91 6.33 -8.39
C LEU A 145 -2.90 5.40 -9.07
N PRO A 146 -4.02 5.12 -8.39
CA PRO A 146 -5.07 4.25 -8.92
C PRO A 146 -5.84 4.89 -10.06
N VAL A 147 -6.22 4.09 -11.05
CA VAL A 147 -6.96 4.58 -12.20
C VAL A 147 -8.32 3.90 -12.32
N SER A 148 -8.33 2.59 -12.15
CA SER A 148 -9.57 1.81 -12.24
C SER A 148 -9.84 1.07 -10.93
N TRP A 149 -11.00 1.33 -10.35
CA TRP A 149 -11.39 0.69 -9.09
C TRP A 149 -12.80 0.14 -9.17
N HIS A 150 -13.20 -0.60 -8.15
CA HIS A 150 -14.54 -1.18 -8.10
C HIS A 150 -15.30 -0.72 -6.86
N ASN A 151 -16.48 -0.15 -7.05
CA ASN A 151 -17.30 0.33 -5.95
C ASN A 151 -16.71 1.61 -5.36
N ARG A 152 -15.56 1.48 -4.71
CA ARG A 152 -14.89 2.62 -4.09
C ARG A 152 -13.42 2.31 -3.82
N ILE A 153 -12.57 3.33 -3.94
CA ILE A 153 -11.15 3.16 -3.71
C ILE A 153 -10.86 2.85 -2.24
N THR A 154 -10.95 1.56 -1.89
CA THR A 154 -10.70 1.12 -0.53
C THR A 154 -9.86 -0.15 -0.51
N LEU A 155 -8.58 0.00 -0.18
CA LEU A 155 -7.67 -1.13 -0.12
C LEU A 155 -6.46 -0.81 0.76
N ARG A 156 -5.46 -1.69 0.72
CA ARG A 156 -4.25 -1.50 1.51
C ARG A 156 -3.09 -2.31 0.93
N LEU A 157 -1.95 -1.66 0.79
CA LEU A 157 -0.76 -2.32 0.25
C LEU A 157 0.40 -2.28 1.25
N GLU A 158 0.85 -3.44 1.67
CA GLU A 158 1.95 -3.54 2.62
C GLU A 158 3.22 -4.03 1.95
N LEU A 159 4.37 -3.50 2.37
CA LEU A 159 5.65 -3.88 1.79
C LEU A 159 6.48 -4.66 2.81
N LEU A 160 7.12 -5.73 2.35
CA LEU A 160 7.95 -6.55 3.22
C LEU A 160 9.38 -6.66 2.67
N GLY A 161 10.34 -6.77 3.58
CA GLY A 161 11.73 -6.88 3.17
C GLY A 161 12.46 -8.00 3.87
N CYS A 162 13.65 -8.33 3.39
CA CYS A 162 14.45 -9.40 3.97
C CYS A 162 15.16 -8.93 5.24
N LEU A 163 15.28 -7.61 5.38
CA LEU A 163 15.93 -7.03 6.55
C LEU A 163 17.40 -7.44 6.62
N GLU A 164 17.97 -7.75 5.46
CA GLU A 164 19.37 -8.16 5.40
C GLU A 164 20.10 -7.40 4.29
N MET A 1 12.62 -9.55 18.85
CA MET A 1 12.42 -10.64 19.80
C MET A 1 12.25 -11.97 19.07
N LYS A 2 12.65 -13.05 19.72
CA LYS A 2 12.54 -14.39 19.14
C LYS A 2 13.37 -14.49 17.86
N SER A 3 13.48 -15.71 17.32
CA SER A 3 14.25 -15.93 16.11
C SER A 3 13.57 -16.97 15.23
N GLY A 4 14.27 -17.40 14.18
CA GLY A 4 13.71 -18.40 13.28
C GLY A 4 13.20 -17.78 11.99
N HIS A 5 12.47 -16.69 12.11
CA HIS A 5 11.92 -16.00 10.93
C HIS A 5 13.05 -15.49 10.04
N GLY A 6 12.81 -15.55 8.73
CA GLY A 6 13.82 -15.08 7.78
C GLY A 6 13.43 -13.77 7.14
N CYS A 7 13.17 -13.80 5.83
CA CYS A 7 12.80 -12.60 5.09
C CYS A 7 11.28 -12.44 5.07
N SER A 8 10.81 -11.51 4.24
CA SER A 8 9.38 -11.24 4.12
C SER A 8 8.82 -10.72 5.43
N GLU A 9 9.17 -9.48 5.77
CA GLU A 9 8.70 -8.86 7.00
C GLU A 9 8.07 -7.50 6.71
N PRO A 10 7.09 -7.11 7.56
CA PRO A 10 6.39 -5.83 7.42
C PRO A 10 7.29 -4.64 7.73
N LEU A 11 6.67 -3.48 7.88
CA LEU A 11 7.41 -2.25 8.18
C LEU A 11 7.12 -1.78 9.60
N GLY A 12 5.98 -2.21 10.15
CA GLY A 12 5.61 -1.82 11.50
C GLY A 12 4.57 -2.74 12.10
N LEU A 13 4.60 -4.01 11.71
CA LEU A 13 3.65 -4.99 12.21
C LEU A 13 4.36 -6.12 12.94
N LYS A 14 5.63 -5.89 13.29
CA LYS A 14 6.41 -6.90 13.99
C LYS A 14 7.04 -6.31 15.24
N ASN A 15 7.95 -5.36 15.06
CA ASN A 15 8.62 -4.71 16.18
C ASN A 15 8.68 -3.20 15.99
N ASN A 16 8.93 -2.78 14.75
CA ASN A 16 9.02 -1.36 14.43
C ASN A 16 7.77 -0.62 14.92
N THR A 17 6.61 -1.25 14.75
CA THR A 17 5.35 -0.65 15.16
C THR A 17 5.23 0.78 14.64
N ILE A 18 5.65 1.00 13.41
CA ILE A 18 5.59 2.32 12.80
C ILE A 18 4.18 2.91 12.92
N PRO A 19 4.11 4.18 13.33
CA PRO A 19 2.84 4.89 13.49
C PRO A 19 2.16 5.18 12.16
N ASP A 20 1.13 6.03 12.19
CA ASP A 20 0.40 6.38 10.98
C ASP A 20 1.09 7.54 10.26
N SER A 21 2.39 7.40 10.03
CA SER A 21 3.16 8.44 9.35
C SER A 21 3.98 7.85 8.20
N GLN A 22 3.70 6.59 7.88
CA GLN A 22 4.40 5.91 6.81
C GLN A 22 3.66 6.08 5.48
N MET A 23 2.34 5.97 5.53
CA MET A 23 1.51 6.11 4.34
C MET A 23 0.95 7.51 4.22
N SER A 24 0.81 7.99 2.99
CA SER A 24 0.28 9.33 2.75
C SER A 24 -0.26 9.45 1.33
N ALA A 25 -1.55 9.79 1.22
CA ALA A 25 -2.20 9.94 -0.08
C ALA A 25 -2.78 11.34 -0.24
N SER A 26 -3.25 11.63 -1.44
CA SER A 26 -3.84 12.93 -1.73
C SER A 26 -4.89 13.31 -0.69
N SER A 27 -5.87 12.43 -0.51
CA SER A 27 -6.94 12.67 0.46
C SER A 27 -7.68 11.38 0.77
N SER A 28 -8.13 11.26 2.01
CA SER A 28 -8.85 10.06 2.45
C SER A 28 -10.33 10.37 2.65
N TYR A 29 -11.14 9.31 2.75
CA TYR A 29 -12.57 9.47 2.94
C TYR A 29 -12.88 10.43 4.08
N LYS A 30 -14.00 11.12 3.99
CA LYS A 30 -14.41 12.08 5.01
C LYS A 30 -14.55 11.40 6.37
N THR A 31 -14.39 12.17 7.44
CA THR A 31 -14.49 11.65 8.79
C THR A 31 -15.85 11.96 9.39
N TRP A 32 -16.24 13.23 9.35
CA TRP A 32 -17.53 13.65 9.89
C TRP A 32 -18.42 14.24 8.80
N ASN A 33 -18.07 15.44 8.34
CA ASN A 33 -18.84 16.10 7.29
C ASN A 33 -18.11 17.34 6.80
N LEU A 34 -17.62 18.15 7.73
CA LEU A 34 -16.91 19.38 7.39
C LEU A 34 -15.56 19.42 8.09
N ARG A 35 -15.56 19.22 9.40
CA ARG A 35 -14.33 19.24 10.19
C ARG A 35 -13.57 17.93 10.04
N ALA A 36 -12.24 18.01 10.08
CA ALA A 36 -11.41 16.83 9.95
C ALA A 36 -11.70 16.07 8.66
N PHE A 37 -10.96 16.40 7.60
CA PHE A 37 -11.14 15.76 6.31
C PHE A 37 -10.76 14.28 6.38
N GLY A 38 -9.71 13.99 7.14
CA GLY A 38 -9.25 12.61 7.28
C GLY A 38 -7.74 12.50 7.17
N TRP A 39 -7.24 12.43 5.95
CA TRP A 39 -5.81 12.31 5.72
C TRP A 39 -5.15 11.43 6.78
N TYR A 40 -5.79 10.29 7.07
CA TYR A 40 -5.27 9.37 8.07
C TYR A 40 -5.17 7.96 7.51
N PRO A 41 -4.28 7.77 6.52
CA PRO A 41 -4.07 6.47 5.87
C PRO A 41 -3.41 5.46 6.80
N HIS A 42 -2.87 4.39 6.21
CA HIS A 42 -2.20 3.36 6.99
C HIS A 42 -3.21 2.51 7.74
N LEU A 43 -4.50 2.77 7.51
CA LEU A 43 -5.56 2.03 8.18
C LEU A 43 -5.39 0.53 7.95
N GLY A 44 -4.86 0.16 6.80
CA GLY A 44 -4.65 -1.25 6.49
C GLY A 44 -3.70 -1.92 7.46
N ARG A 45 -3.02 -1.12 8.28
CA ARG A 45 -2.08 -1.64 9.26
C ARG A 45 -2.63 -2.90 9.94
N LEU A 46 -1.74 -3.78 10.37
CA LEU A 46 -2.14 -5.01 11.05
C LEU A 46 -2.67 -4.72 12.44
N ASP A 47 -3.50 -5.62 12.95
CA ASP A 47 -4.08 -5.47 14.28
C ASP A 47 -5.01 -4.26 14.33
N ASN A 48 -5.56 -3.89 13.18
CA ASN A 48 -6.47 -2.76 13.08
C ASN A 48 -7.52 -2.82 14.19
N GLN A 49 -7.64 -1.72 14.94
CA GLN A 49 -8.61 -1.66 16.03
C GLN A 49 -9.82 -0.81 15.62
N GLY A 50 -9.60 0.14 14.73
CA GLY A 50 -10.67 1.00 14.28
C GLY A 50 -11.82 0.23 13.67
N LYS A 51 -11.83 0.14 12.34
CA LYS A 51 -12.87 -0.59 11.63
C LYS A 51 -12.63 -0.56 10.12
N ILE A 52 -12.02 0.52 9.65
CA ILE A 52 -11.73 0.67 8.23
C ILE A 52 -10.70 -0.37 7.77
N ASN A 53 -9.67 -0.57 8.59
CA ASN A 53 -8.61 -1.53 8.27
C ASN A 53 -8.24 -1.44 6.80
N ALA A 54 -8.20 -0.22 6.27
CA ALA A 54 -7.85 -0.01 4.87
C ALA A 54 -7.96 1.47 4.50
N TRP A 55 -6.99 1.96 3.74
CA TRP A 55 -6.97 3.35 3.32
C TRP A 55 -7.99 3.59 2.21
N THR A 56 -8.86 4.58 2.42
CA THR A 56 -9.88 4.92 1.44
C THR A 56 -9.61 6.28 0.81
N ALA A 57 -10.29 6.55 -0.30
CA ALA A 57 -10.13 7.82 -1.00
C ALA A 57 -11.09 8.87 -0.46
N GLN A 58 -10.85 10.13 -0.83
CA GLN A 58 -11.69 11.23 -0.37
C GLN A 58 -12.73 11.59 -1.44
N SER A 59 -12.26 11.90 -2.64
CA SER A 59 -13.14 12.27 -3.74
C SER A 59 -13.47 11.05 -4.59
N ASN A 60 -12.92 9.91 -4.22
CA ASN A 60 -13.16 8.67 -4.96
C ASN A 60 -13.17 8.92 -6.45
N SER A 61 -12.04 9.35 -6.98
CA SER A 61 -11.91 9.64 -8.41
C SER A 61 -10.69 8.94 -8.99
N ALA A 62 -10.35 9.28 -10.24
CA ALA A 62 -9.20 8.70 -10.90
C ALA A 62 -8.02 9.66 -10.93
N LYS A 63 -8.06 10.64 -10.04
CA LYS A 63 -6.99 11.63 -9.94
C LYS A 63 -6.28 11.54 -8.60
N GLU A 64 -6.67 10.56 -7.79
CA GLU A 64 -6.07 10.37 -6.48
C GLU A 64 -4.82 9.49 -6.57
N TRP A 65 -3.97 9.58 -5.56
CA TRP A 65 -2.74 8.80 -5.53
C TRP A 65 -2.23 8.65 -4.10
N LEU A 66 -1.77 7.44 -3.77
CA LEU A 66 -1.25 7.16 -2.43
C LEU A 66 0.23 6.82 -2.49
N GLN A 67 1.04 7.55 -1.71
CA GLN A 67 2.48 7.31 -1.68
C GLN A 67 2.93 7.00 -0.26
N VAL A 68 3.91 6.10 -0.14
CA VAL A 68 4.44 5.71 1.16
C VAL A 68 5.90 6.12 1.30
N ASP A 69 6.20 6.83 2.39
CA ASP A 69 7.57 7.28 2.65
C ASP A 69 8.06 6.76 4.00
N LEU A 70 9.21 6.09 3.98
CA LEU A 70 9.79 5.54 5.20
C LEU A 70 11.14 6.18 5.49
N GLY A 71 11.84 6.60 4.44
CA GLY A 71 13.13 7.24 4.61
C GLY A 71 14.08 6.40 5.44
N THR A 72 13.85 5.08 5.46
CA THR A 72 14.68 4.18 6.24
C THR A 72 15.57 3.33 5.32
N GLN A 73 15.31 3.41 4.02
CA GLN A 73 16.08 2.65 3.04
C GLN A 73 16.17 1.18 3.43
N ARG A 74 15.12 0.43 3.15
CA ARG A 74 15.07 -0.99 3.47
C ARG A 74 14.93 -1.84 2.21
N GLN A 75 15.56 -3.00 2.20
CA GLN A 75 15.49 -3.90 1.06
C GLN A 75 14.21 -4.72 1.08
N VAL A 76 13.38 -4.52 0.06
CA VAL A 76 12.12 -5.24 -0.05
C VAL A 76 12.29 -6.56 -0.79
N THR A 77 11.52 -7.57 -0.37
CA THR A 77 11.60 -8.89 -0.99
C THR A 77 10.21 -9.49 -1.17
N GLY A 78 9.20 -8.62 -1.24
CA GLY A 78 7.83 -9.09 -1.42
C GLY A 78 6.82 -7.99 -1.20
N ILE A 79 5.61 -8.20 -1.70
CA ILE A 79 4.54 -7.22 -1.57
C ILE A 79 3.20 -7.90 -1.30
N ILE A 80 2.25 -7.13 -0.77
CA ILE A 80 0.92 -7.65 -0.49
C ILE A 80 -0.12 -6.53 -0.47
N THR A 81 -1.28 -6.81 -1.07
CA THR A 81 -2.36 -5.83 -1.13
C THR A 81 -3.66 -6.43 -0.63
N GLN A 82 -4.47 -5.61 0.05
CA GLN A 82 -5.75 -6.05 0.58
C GLN A 82 -6.80 -4.95 0.47
N GLY A 83 -8.00 -5.33 0.07
CA GLY A 83 -9.07 -4.36 -0.08
C GLY A 83 -9.95 -4.28 1.16
N ALA A 84 -10.93 -3.39 1.13
CA ALA A 84 -11.84 -3.21 2.25
C ALA A 84 -13.30 -3.31 1.80
N ARG A 85 -14.15 -3.84 2.68
CA ARG A 85 -15.57 -3.99 2.37
C ARG A 85 -16.43 -3.32 3.45
N ASP A 86 -17.59 -2.84 3.04
CA ASP A 86 -18.51 -2.18 3.96
C ASP A 86 -19.77 -3.01 4.16
N PHE A 87 -19.60 -4.33 4.24
CA PHE A 87 -20.72 -5.24 4.43
C PHE A 87 -21.68 -5.17 3.25
N GLY A 88 -21.47 -6.04 2.26
CA GLY A 88 -22.33 -6.06 1.09
C GLY A 88 -21.82 -5.15 -0.02
N HIS A 89 -21.38 -3.95 0.35
CA HIS A 89 -20.86 -2.99 -0.62
C HIS A 89 -19.35 -3.11 -0.75
N ILE A 90 -18.84 -4.34 -0.69
CA ILE A 90 -17.41 -4.59 -0.80
C ILE A 90 -16.77 -3.63 -1.79
N GLN A 91 -15.63 -3.08 -1.41
CA GLN A 91 -14.90 -2.14 -2.27
C GLN A 91 -13.48 -2.62 -2.52
N TYR A 92 -12.90 -2.18 -3.63
CA TYR A 92 -11.55 -2.58 -3.99
C TYR A 92 -11.12 -1.93 -5.31
N VAL A 93 -9.82 -1.72 -5.47
CA VAL A 93 -9.28 -1.12 -6.68
C VAL A 93 -8.85 -2.18 -7.69
N ALA A 94 -8.84 -1.80 -8.96
CA ALA A 94 -8.44 -2.72 -10.02
C ALA A 94 -7.13 -2.28 -10.68
N SER A 95 -7.23 -1.26 -11.52
CA SER A 95 -6.06 -0.73 -12.22
C SER A 95 -5.38 0.36 -11.40
N TYR A 96 -4.08 0.20 -11.19
CA TYR A 96 -3.31 1.17 -10.43
C TYR A 96 -1.82 1.06 -10.74
N LYS A 97 -1.15 2.21 -10.78
CA LYS A 97 0.29 2.24 -11.06
C LYS A 97 1.09 2.40 -9.78
N VAL A 98 1.64 1.28 -9.29
CA VAL A 98 2.44 1.29 -8.08
C VAL A 98 3.93 1.19 -8.40
N ALA A 99 4.67 2.24 -8.05
CA ALA A 99 6.10 2.27 -8.29
C ALA A 99 6.88 2.51 -7.00
N HIS A 100 8.12 2.01 -6.96
CA HIS A 100 8.96 2.18 -5.78
C HIS A 100 10.18 3.04 -6.11
N SER A 101 10.57 3.88 -5.15
CA SER A 101 11.72 4.76 -5.33
C SER A 101 12.72 4.59 -4.21
N ASP A 102 13.96 4.24 -4.56
CA ASP A 102 15.01 4.04 -3.58
C ASP A 102 15.75 5.34 -3.30
N ASP A 103 15.92 6.15 -4.34
CA ASP A 103 16.61 7.43 -4.22
C ASP A 103 15.61 8.57 -3.99
N GLY A 104 14.36 8.32 -4.34
CA GLY A 104 13.33 9.33 -4.17
C GLY A 104 12.91 9.95 -5.48
N VAL A 105 13.83 10.02 -6.44
CA VAL A 105 13.54 10.58 -7.74
C VAL A 105 13.27 9.50 -8.78
N GLN A 106 13.97 8.37 -8.64
CA GLN A 106 13.80 7.25 -9.55
C GLN A 106 12.62 6.38 -9.15
N TRP A 107 11.51 6.54 -9.85
CA TRP A 107 10.30 5.77 -9.56
C TRP A 107 10.21 4.55 -10.47
N THR A 108 10.45 3.37 -9.88
CA THR A 108 10.40 2.13 -10.63
C THR A 108 8.98 1.58 -10.69
N VAL A 109 8.36 1.68 -11.86
CA VAL A 109 7.00 1.20 -12.05
C VAL A 109 6.97 -0.32 -12.25
N TYR A 110 5.79 -0.91 -12.17
CA TYR A 110 5.63 -2.35 -12.35
C TYR A 110 5.00 -2.67 -13.70
N GLU A 111 5.83 -2.73 -14.73
CA GLU A 111 5.36 -3.03 -16.08
C GLU A 111 4.51 -4.30 -16.08
N GLU A 112 3.51 -4.32 -16.97
CA GLU A 112 2.62 -5.48 -17.07
C GLU A 112 3.10 -6.44 -18.16
N GLN A 113 3.71 -5.89 -19.21
CA GLN A 113 4.22 -6.69 -20.31
C GLN A 113 5.72 -6.51 -20.47
N GLY A 114 6.12 -5.40 -21.09
CA GLY A 114 7.52 -5.12 -21.31
C GLY A 114 7.81 -3.64 -21.42
N SER A 115 6.83 -2.82 -21.04
CA SER A 115 6.99 -1.38 -21.10
C SER A 115 6.84 -0.75 -19.73
N SER A 116 5.59 -0.59 -19.29
CA SER A 116 5.30 0.00 -17.99
C SER A 116 3.80 0.14 -17.76
N LYS A 117 3.05 -0.83 -18.27
CA LYS A 117 1.60 -0.82 -18.13
C LYS A 117 1.19 -0.99 -16.67
N VAL A 118 0.21 -0.20 -16.24
CA VAL A 118 -0.27 -0.24 -14.87
C VAL A 118 -0.65 -1.67 -14.48
N PHE A 119 -0.92 -1.87 -13.19
CA PHE A 119 -1.29 -3.18 -12.69
C PHE A 119 -2.80 -3.27 -12.45
N GLN A 120 -3.44 -4.24 -13.09
CA GLN A 120 -4.88 -4.43 -12.94
C GLN A 120 -5.18 -5.63 -12.06
N GLY A 121 -6.18 -5.49 -11.19
CA GLY A 121 -6.56 -6.57 -10.30
C GLY A 121 -7.48 -6.12 -9.19
N ASN A 122 -8.68 -6.70 -9.14
CA ASN A 122 -9.66 -6.34 -8.12
C ASN A 122 -9.13 -6.65 -6.73
N LEU A 123 -8.68 -7.89 -6.53
CA LEU A 123 -8.14 -8.30 -5.24
C LEU A 123 -9.26 -8.53 -4.24
N ASP A 124 -10.14 -7.55 -4.09
CA ASP A 124 -11.26 -7.64 -3.17
C ASP A 124 -10.77 -7.72 -1.73
N ASN A 125 -11.67 -7.44 -0.79
CA ASN A 125 -11.32 -7.47 0.63
C ASN A 125 -11.26 -8.92 1.13
N ASN A 126 -12.15 -9.76 0.63
CA ASN A 126 -12.19 -11.16 1.04
C ASN A 126 -10.81 -11.80 0.91
N SER A 127 -10.27 -11.81 -0.30
CA SER A 127 -8.95 -12.39 -0.55
C SER A 127 -7.92 -11.31 -0.83
N HIS A 128 -6.66 -11.59 -0.50
CA HIS A 128 -5.58 -10.64 -0.70
C HIS A 128 -4.73 -11.05 -1.91
N LYS A 129 -3.67 -10.29 -2.17
CA LYS A 129 -2.78 -10.57 -3.28
C LYS A 129 -1.35 -10.15 -2.94
N LYS A 130 -0.45 -11.14 -2.90
CA LYS A 130 0.94 -10.88 -2.59
C LYS A 130 1.85 -11.33 -3.73
N ASN A 131 2.91 -10.56 -4.00
CA ASN A 131 3.84 -10.89 -5.06
C ASN A 131 5.19 -11.32 -4.48
N ILE A 132 5.83 -12.28 -5.15
CA ILE A 132 7.13 -12.78 -4.71
C ILE A 132 8.22 -11.75 -4.96
N PHE A 133 9.44 -12.08 -4.56
CA PHE A 133 10.58 -11.20 -4.74
C PHE A 133 11.04 -11.19 -6.19
N GLU A 134 10.17 -10.76 -7.08
CA GLU A 134 10.48 -10.71 -8.51
C GLU A 134 11.67 -9.78 -8.77
N LYS A 135 11.91 -8.86 -7.83
CA LYS A 135 13.01 -7.92 -7.96
C LYS A 135 13.21 -7.15 -6.66
N PRO A 136 13.83 -7.81 -5.66
CA PRO A 136 14.10 -7.19 -4.36
C PRO A 136 15.16 -6.11 -4.43
N PHE A 137 15.03 -5.09 -3.59
CA PHE A 137 15.99 -4.00 -3.56
C PHE A 137 15.63 -2.98 -2.47
N MET A 138 16.56 -2.10 -2.16
CA MET A 138 16.34 -1.08 -1.15
C MET A 138 15.34 -0.03 -1.62
N ALA A 139 14.49 0.42 -0.72
CA ALA A 139 13.49 1.43 -1.06
C ALA A 139 13.38 2.48 0.04
N ARG A 140 13.08 3.72 -0.36
CA ARG A 140 12.95 4.82 0.60
C ARG A 140 11.53 5.38 0.58
N TYR A 141 10.87 5.28 -0.57
CA TYR A 141 9.51 5.79 -0.71
C TYR A 141 8.89 5.31 -2.02
N VAL A 142 7.64 4.86 -1.94
CA VAL A 142 6.93 4.38 -3.12
C VAL A 142 5.73 5.26 -3.44
N ARG A 143 5.35 5.28 -4.72
CA ARG A 143 4.21 6.09 -5.16
C ARG A 143 3.19 5.23 -5.90
N VAL A 144 1.92 5.44 -5.59
CA VAL A 144 0.85 4.69 -6.23
C VAL A 144 -0.22 5.62 -6.78
N LEU A 145 -0.67 5.34 -8.00
CA LEU A 145 -1.70 6.16 -8.65
C LEU A 145 -2.76 5.28 -9.30
N PRO A 146 -3.85 5.04 -8.58
CA PRO A 146 -4.97 4.21 -9.08
C PRO A 146 -5.74 4.89 -10.20
N VAL A 147 -6.18 4.11 -11.18
CA VAL A 147 -6.92 4.63 -12.31
C VAL A 147 -8.31 4.01 -12.38
N SER A 148 -8.38 2.69 -12.21
CA SER A 148 -9.64 1.97 -12.27
C SER A 148 -9.91 1.26 -10.95
N TRP A 149 -11.03 1.62 -10.31
CA TRP A 149 -11.41 1.02 -9.04
C TRP A 149 -12.83 0.48 -9.10
N HIS A 150 -13.26 -0.18 -8.02
CA HIS A 150 -14.60 -0.74 -7.95
C HIS A 150 -15.29 -0.35 -6.64
N ASN A 151 -16.47 0.23 -6.76
CA ASN A 151 -17.24 0.65 -5.59
C ASN A 151 -16.63 1.92 -4.98
N ARG A 152 -15.39 1.82 -4.52
CA ARG A 152 -14.71 2.96 -3.92
C ARG A 152 -13.27 2.60 -3.56
N ILE A 153 -12.35 3.50 -3.88
CA ILE A 153 -10.93 3.27 -3.59
C ILE A 153 -10.71 2.98 -2.11
N THR A 154 -10.64 1.70 -1.77
CA THR A 154 -10.43 1.29 -0.39
C THR A 154 -9.59 0.01 -0.32
N LEU A 155 -8.32 0.16 0.02
CA LEU A 155 -7.42 -0.97 0.12
C LEU A 155 -6.15 -0.59 0.89
N ARG A 156 -5.15 -1.46 0.82
CA ARG A 156 -3.88 -1.22 1.51
C ARG A 156 -2.73 -1.90 0.77
N LEU A 157 -1.65 -1.15 0.55
CA LEU A 157 -0.49 -1.68 -0.14
C LEU A 157 0.65 -1.94 0.84
N GLU A 158 0.69 -3.14 1.40
CA GLU A 158 1.73 -3.51 2.36
C GLU A 158 2.99 -3.99 1.63
N LEU A 159 4.14 -3.65 2.19
CA LEU A 159 5.41 -4.05 1.61
C LEU A 159 6.16 -5.03 2.52
N LEU A 160 6.90 -5.94 1.90
CA LEU A 160 7.66 -6.93 2.65
C LEU A 160 9.15 -6.84 2.33
N GLY A 161 9.98 -7.10 3.33
CA GLY A 161 11.42 -7.04 3.13
C GLY A 161 12.14 -8.18 3.84
N CYS A 162 13.43 -8.33 3.53
CA CYS A 162 14.24 -9.38 4.12
C CYS A 162 14.94 -8.88 5.38
N LEU A 163 14.97 -7.56 5.55
CA LEU A 163 15.61 -6.94 6.71
C LEU A 163 17.10 -7.23 6.71
N GLU A 164 17.66 -7.48 5.54
CA GLU A 164 19.09 -7.77 5.41
C GLU A 164 19.64 -7.23 4.10
N MET A 1 31.32 -8.16 7.53
CA MET A 1 30.80 -9.48 7.90
C MET A 1 29.46 -9.35 8.60
N LYS A 2 28.38 -9.57 7.85
CA LYS A 2 27.03 -9.49 8.39
C LYS A 2 26.07 -10.37 7.60
N SER A 3 25.13 -10.99 8.31
CA SER A 3 24.15 -11.86 7.66
C SER A 3 22.93 -12.05 8.55
N GLY A 4 21.88 -12.65 8.00
CA GLY A 4 20.66 -12.88 8.76
C GLY A 4 19.57 -13.53 7.93
N HIS A 5 19.20 -14.75 8.30
CA HIS A 5 18.15 -15.48 7.58
C HIS A 5 16.77 -14.93 7.92
N GLY A 6 15.76 -15.41 7.21
CA GLY A 6 14.40 -14.95 7.44
C GLY A 6 14.03 -13.76 6.59
N CYS A 7 13.18 -13.98 5.59
CA CYS A 7 12.75 -12.92 4.70
C CYS A 7 11.25 -12.67 4.83
N SER A 8 10.73 -11.76 4.01
CA SER A 8 9.31 -11.43 4.03
C SER A 8 8.91 -10.86 5.40
N GLU A 9 9.45 -9.69 5.72
CA GLU A 9 9.15 -9.05 7.00
C GLU A 9 8.38 -7.75 6.78
N PRO A 10 7.59 -7.35 7.80
CA PRO A 10 6.79 -6.12 7.74
C PRO A 10 7.65 -4.86 7.78
N LEU A 11 7.01 -3.72 7.96
CA LEU A 11 7.71 -2.44 8.02
C LEU A 11 7.40 -1.71 9.33
N GLY A 12 6.54 -2.29 10.14
CA GLY A 12 6.19 -1.69 11.41
C GLY A 12 5.27 -2.57 12.24
N LEU A 13 5.44 -3.88 12.11
CA LEU A 13 4.63 -4.83 12.86
C LEU A 13 5.50 -5.89 13.53
N LYS A 14 6.79 -5.57 13.69
CA LYS A 14 7.72 -6.50 14.32
C LYS A 14 8.47 -5.81 15.46
N ASN A 15 9.41 -4.94 15.12
CA ASN A 15 10.19 -4.22 16.12
C ASN A 15 10.14 -2.72 15.88
N ASN A 16 10.15 -2.32 14.61
CA ASN A 16 10.10 -0.92 14.25
C ASN A 16 8.82 -0.27 14.78
N THR A 17 7.69 -0.94 14.61
CA THR A 17 6.41 -0.43 15.08
C THR A 17 6.19 1.00 14.60
N ILE A 18 6.57 1.27 13.36
CA ILE A 18 6.42 2.61 12.79
C ILE A 18 4.98 3.11 12.96
N PRO A 19 4.84 4.36 13.41
CA PRO A 19 3.53 4.99 13.62
C PRO A 19 2.81 5.28 12.30
N ASP A 20 1.74 6.05 12.38
CA ASP A 20 0.96 6.40 11.20
C ASP A 20 1.55 7.63 10.51
N SER A 21 2.85 7.59 10.25
CA SER A 21 3.54 8.70 9.60
C SER A 21 4.35 8.21 8.41
N GLN A 22 4.15 6.95 8.04
CA GLN A 22 4.87 6.36 6.92
C GLN A 22 4.05 6.46 5.63
N MET A 23 2.73 6.29 5.76
CA MET A 23 1.84 6.36 4.60
C MET A 23 1.14 7.71 4.55
N SER A 24 1.02 8.28 3.35
CA SER A 24 0.37 9.58 3.17
C SER A 24 -0.15 9.72 1.75
N ALA A 25 -1.46 9.84 1.61
CA ALA A 25 -2.09 10.00 0.30
C ALA A 25 -2.72 11.38 0.16
N SER A 26 -3.23 11.66 -1.04
CA SER A 26 -3.86 12.95 -1.31
C SER A 26 -4.92 13.27 -0.26
N SER A 27 -5.85 12.35 -0.05
CA SER A 27 -6.92 12.53 0.92
C SER A 27 -7.61 11.21 1.24
N SER A 28 -8.38 11.19 2.31
CA SER A 28 -9.10 9.99 2.73
C SER A 28 -10.60 10.21 2.68
N TYR A 29 -11.34 9.12 2.50
CA TYR A 29 -12.80 9.19 2.43
C TYR A 29 -13.35 9.95 3.64
N LYS A 30 -14.25 10.90 3.38
CA LYS A 30 -14.86 11.69 4.44
C LYS A 30 -15.51 10.80 5.49
N THR A 31 -16.59 10.13 5.10
CA THR A 31 -17.31 9.24 6.00
C THR A 31 -17.82 9.98 7.22
N TRP A 32 -17.99 11.29 7.08
CA TRP A 32 -18.48 12.12 8.18
C TRP A 32 -18.61 13.58 7.74
N ASN A 33 -17.48 14.26 7.62
CA ASN A 33 -17.47 15.66 7.20
C ASN A 33 -16.04 16.19 7.11
N LEU A 34 -15.35 16.20 8.26
CA LEU A 34 -13.97 16.68 8.31
C LEU A 34 -13.25 16.14 9.54
N ARG A 35 -12.12 15.49 9.32
CA ARG A 35 -11.34 14.93 10.42
C ARG A 35 -12.13 13.84 11.14
N ALA A 36 -11.42 13.00 11.89
CA ALA A 36 -12.05 11.93 12.65
C ALA A 36 -11.03 11.16 13.46
N PHE A 37 -11.52 10.20 14.27
CA PHE A 37 -10.64 9.40 15.10
C PHE A 37 -9.60 8.65 14.25
N GLY A 38 -10.05 8.13 13.11
CA GLY A 38 -9.16 7.42 12.22
C GLY A 38 -9.27 7.87 10.78
N TRP A 39 -9.11 9.17 10.56
CA TRP A 39 -9.20 9.72 9.21
C TRP A 39 -7.82 9.86 8.58
N TYR A 40 -6.95 8.89 8.87
CA TYR A 40 -5.60 8.90 8.34
C TYR A 40 -5.24 7.57 7.69
N PRO A 41 -4.22 7.57 6.83
CA PRO A 41 -3.77 6.35 6.13
C PRO A 41 -3.10 5.36 7.07
N HIS A 42 -2.41 4.39 6.50
CA HIS A 42 -1.71 3.37 7.29
C HIS A 42 -2.72 2.51 8.05
N LEU A 43 -3.58 1.82 7.32
CA LEU A 43 -4.59 0.95 7.92
C LEU A 43 -4.28 -0.51 7.65
N GLY A 44 -3.54 -0.78 6.57
CA GLY A 44 -3.18 -2.14 6.22
C GLY A 44 -2.43 -2.85 7.33
N ARG A 45 -1.91 -2.07 8.28
CA ARG A 45 -1.17 -2.63 9.40
C ARG A 45 -1.91 -3.81 10.01
N LEU A 46 -1.17 -4.82 10.46
CA LEU A 46 -1.76 -6.00 11.06
C LEU A 46 -2.46 -5.65 12.37
N ASP A 47 -3.60 -6.28 12.62
CA ASP A 47 -4.36 -6.04 13.83
C ASP A 47 -4.85 -4.59 13.89
N ASN A 48 -5.86 -4.27 13.09
CA ASN A 48 -6.41 -2.93 13.05
C ASN A 48 -6.94 -2.51 14.42
N GLN A 49 -7.64 -1.38 14.47
CA GLN A 49 -8.19 -0.88 15.72
C GLN A 49 -9.71 -0.96 15.71
N GLY A 50 -10.30 -0.84 14.53
CA GLY A 50 -11.74 -0.91 14.40
C GLY A 50 -12.20 -2.03 13.50
N LYS A 51 -11.89 -1.91 12.21
CA LYS A 51 -12.28 -2.93 11.24
C LYS A 51 -11.84 -2.52 9.83
N ILE A 52 -11.72 -1.21 9.61
CA ILE A 52 -11.31 -0.69 8.31
C ILE A 52 -10.16 -1.50 7.74
N ASN A 53 -8.99 -1.38 8.35
CA ASN A 53 -7.81 -2.10 7.90
C ASN A 53 -7.57 -1.88 6.41
N ALA A 54 -7.83 -0.65 5.96
CA ALA A 54 -7.64 -0.30 4.55
C ALA A 54 -7.84 1.20 4.33
N TRP A 55 -6.91 1.80 3.59
CA TRP A 55 -6.99 3.23 3.30
C TRP A 55 -7.96 3.51 2.15
N THR A 56 -8.82 4.50 2.33
CA THR A 56 -9.79 4.86 1.31
C THR A 56 -9.48 6.23 0.71
N ALA A 57 -10.04 6.50 -0.46
CA ALA A 57 -9.82 7.78 -1.13
C ALA A 57 -10.89 8.79 -0.74
N GLN A 58 -10.62 10.06 -1.00
CA GLN A 58 -11.56 11.13 -0.68
C GLN A 58 -12.24 11.66 -1.94
N SER A 59 -11.43 11.98 -2.95
CA SER A 59 -11.95 12.50 -4.21
C SER A 59 -12.63 11.40 -5.01
N ASN A 60 -12.50 10.17 -4.54
CA ASN A 60 -13.09 9.02 -5.22
C ASN A 60 -12.92 9.13 -6.73
N SER A 61 -11.76 9.61 -7.15
CA SER A 61 -11.46 9.77 -8.57
C SER A 61 -10.12 9.13 -8.92
N ALA A 62 -9.89 8.91 -10.21
CA ALA A 62 -8.65 8.31 -10.68
C ALA A 62 -7.46 9.22 -10.40
N LYS A 63 -7.74 10.50 -10.21
CA LYS A 63 -6.69 11.48 -9.93
C LYS A 63 -6.04 11.20 -8.58
N GLU A 64 -6.72 10.43 -7.75
CA GLU A 64 -6.21 10.08 -6.42
C GLU A 64 -4.82 9.45 -6.52
N TRP A 65 -4.13 9.38 -5.39
CA TRP A 65 -2.79 8.79 -5.35
C TRP A 65 -2.27 8.72 -3.92
N LEU A 66 -1.58 7.63 -3.60
CA LEU A 66 -1.03 7.44 -2.27
C LEU A 66 0.50 7.41 -2.31
N GLN A 67 1.13 8.10 -1.37
CA GLN A 67 2.58 8.15 -1.30
C GLN A 67 3.08 7.64 0.05
N VAL A 68 4.07 6.76 0.02
CA VAL A 68 4.64 6.19 1.24
C VAL A 68 6.14 6.46 1.33
N ASP A 69 6.56 7.07 2.43
CA ASP A 69 7.96 7.38 2.64
C ASP A 69 8.46 6.83 3.97
N LEU A 70 9.63 6.23 3.96
CA LEU A 70 10.22 5.65 5.17
C LEU A 70 11.56 6.28 5.49
N GLY A 71 12.29 6.67 4.43
CA GLY A 71 13.59 7.29 4.62
C GLY A 71 14.54 6.42 5.42
N THR A 72 14.25 5.12 5.45
CA THR A 72 15.09 4.17 6.19
C THR A 72 15.90 3.30 5.24
N GLN A 73 15.62 3.43 3.95
CA GLN A 73 16.33 2.64 2.94
C GLN A 73 16.31 1.16 3.29
N ARG A 74 15.22 0.48 2.95
CA ARG A 74 15.08 -0.94 3.22
C ARG A 74 14.92 -1.74 1.93
N GLN A 75 15.48 -2.94 1.90
CA GLN A 75 15.39 -3.80 0.73
C GLN A 75 14.08 -4.59 0.72
N VAL A 76 13.25 -4.34 -0.29
CA VAL A 76 11.97 -5.02 -0.41
C VAL A 76 12.13 -6.36 -1.13
N THR A 77 11.49 -7.40 -0.59
CA THR A 77 11.55 -8.72 -1.19
C THR A 77 10.17 -9.35 -1.28
N GLY A 78 9.14 -8.52 -1.26
CA GLY A 78 7.78 -9.02 -1.34
C GLY A 78 6.75 -7.91 -1.23
N ILE A 79 5.52 -8.21 -1.65
CA ILE A 79 4.44 -7.23 -1.59
C ILE A 79 3.09 -7.91 -1.42
N ILE A 80 2.10 -7.14 -0.97
CA ILE A 80 0.76 -7.67 -0.76
C ILE A 80 -0.27 -6.55 -0.69
N THR A 81 -1.39 -6.74 -1.38
CA THR A 81 -2.45 -5.74 -1.39
C THR A 81 -3.81 -6.38 -1.08
N GLN A 82 -4.65 -5.65 -0.35
CA GLN A 82 -5.97 -6.14 0.01
C GLN A 82 -7.00 -5.01 -0.01
N GLY A 83 -8.25 -5.37 -0.25
CA GLY A 83 -9.31 -4.37 -0.31
C GLY A 83 -10.09 -4.29 0.99
N ALA A 84 -11.09 -3.43 1.02
CA ALA A 84 -11.92 -3.26 2.22
C ALA A 84 -13.40 -3.27 1.86
N ARG A 85 -14.23 -3.74 2.79
CA ARG A 85 -15.66 -3.80 2.57
C ARG A 85 -16.42 -3.05 3.66
N ASP A 86 -17.58 -2.52 3.31
CA ASP A 86 -18.40 -1.76 4.26
C ASP A 86 -19.67 -2.52 4.60
N PHE A 87 -19.58 -3.85 4.63
CA PHE A 87 -20.72 -4.69 4.94
C PHE A 87 -21.82 -4.54 3.88
N GLY A 88 -21.72 -5.34 2.82
CA GLY A 88 -22.70 -5.27 1.76
C GLY A 88 -22.17 -4.57 0.52
N HIS A 89 -21.68 -3.35 0.71
CA HIS A 89 -21.14 -2.56 -0.39
C HIS A 89 -19.64 -2.78 -0.53
N ILE A 90 -19.19 -4.02 -0.31
CA ILE A 90 -17.78 -4.35 -0.41
C ILE A 90 -17.10 -3.53 -1.49
N GLN A 91 -15.90 -3.03 -1.18
CA GLN A 91 -15.14 -2.21 -2.12
C GLN A 91 -13.77 -2.84 -2.40
N TYR A 92 -13.16 -2.43 -3.50
CA TYR A 92 -11.85 -2.95 -3.87
C TYR A 92 -11.36 -2.32 -5.17
N VAL A 93 -10.05 -2.10 -5.26
CA VAL A 93 -9.46 -1.49 -6.45
C VAL A 93 -8.94 -2.56 -7.40
N ALA A 94 -8.94 -2.23 -8.69
CA ALA A 94 -8.47 -3.17 -9.72
C ALA A 94 -7.12 -2.72 -10.28
N SER A 95 -7.16 -1.72 -11.16
CA SER A 95 -5.95 -1.21 -11.79
C SER A 95 -5.25 -0.21 -10.86
N TYR A 96 -4.00 -0.51 -10.52
CA TYR A 96 -3.23 0.37 -9.64
C TYR A 96 -1.77 0.43 -10.08
N LYS A 97 -1.18 1.62 -9.97
CA LYS A 97 0.21 1.82 -10.36
C LYS A 97 1.14 1.73 -9.15
N VAL A 98 2.11 0.83 -9.22
CA VAL A 98 3.06 0.65 -8.13
C VAL A 98 4.45 1.15 -8.52
N ALA A 99 4.88 2.23 -7.89
CA ALA A 99 6.18 2.82 -8.17
C ALA A 99 7.01 2.93 -6.91
N HIS A 100 8.32 2.69 -7.02
CA HIS A 100 9.22 2.78 -5.88
C HIS A 100 10.38 3.72 -6.18
N SER A 101 10.77 4.49 -5.17
CA SER A 101 11.87 5.45 -5.32
C SER A 101 12.91 5.25 -4.23
N ASP A 102 14.16 5.08 -4.64
CA ASP A 102 15.26 4.89 -3.69
C ASP A 102 15.91 6.22 -3.33
N ASP A 103 16.02 7.10 -4.32
CA ASP A 103 16.63 8.41 -4.11
C ASP A 103 15.56 9.46 -3.80
N GLY A 104 14.30 9.09 -4.02
CA GLY A 104 13.21 10.02 -3.77
C GLY A 104 12.75 10.74 -5.02
N VAL A 105 13.69 10.99 -5.93
CA VAL A 105 13.37 11.68 -7.18
C VAL A 105 13.22 10.69 -8.33
N GLN A 106 13.82 9.52 -8.18
CA GLN A 106 13.76 8.48 -9.21
C GLN A 106 12.61 7.51 -8.93
N TRP A 107 11.50 7.71 -9.63
CA TRP A 107 10.33 6.85 -9.45
C TRP A 107 10.36 5.67 -10.42
N THR A 108 10.68 4.48 -9.90
CA THR A 108 10.75 3.28 -10.72
C THR A 108 9.41 2.55 -10.74
N VAL A 109 8.92 2.26 -11.94
CA VAL A 109 7.65 1.56 -12.08
C VAL A 109 7.87 0.08 -12.38
N TYR A 110 7.16 -0.77 -11.65
CA TYR A 110 7.28 -2.21 -11.84
C TYR A 110 6.68 -2.64 -13.17
N GLU A 111 7.48 -2.56 -14.23
CA GLU A 111 7.04 -2.94 -15.56
C GLU A 111 7.44 -4.37 -15.89
N GLU A 112 6.64 -5.03 -16.71
CA GLU A 112 6.92 -6.41 -17.09
C GLU A 112 6.64 -6.63 -18.58
N GLN A 113 7.36 -5.89 -19.43
CA GLN A 113 7.20 -6.00 -20.87
C GLN A 113 8.12 -5.03 -21.59
N GLY A 114 8.32 -3.86 -21.01
CA GLY A 114 9.18 -2.85 -21.62
C GLY A 114 8.59 -1.46 -21.52
N SER A 115 7.39 -1.36 -20.99
CA SER A 115 6.72 -0.07 -20.85
C SER A 115 6.37 0.21 -19.39
N SER A 116 5.15 -0.15 -19.01
CA SER A 116 4.68 0.06 -17.64
C SER A 116 3.20 -0.27 -17.51
N LYS A 117 2.91 -1.51 -17.12
CA LYS A 117 1.52 -1.96 -16.95
C LYS A 117 1.12 -1.92 -15.48
N VAL A 118 -0.01 -1.29 -15.20
CA VAL A 118 -0.51 -1.19 -13.84
C VAL A 118 -1.00 -2.54 -13.33
N PHE A 119 -0.78 -2.80 -12.04
CA PHE A 119 -1.19 -4.06 -11.43
C PHE A 119 -2.72 -4.16 -11.38
N GLN A 120 -3.22 -5.38 -11.55
CA GLN A 120 -4.66 -5.62 -11.52
C GLN A 120 -5.06 -6.41 -10.28
N GLY A 121 -6.15 -5.99 -9.65
CA GLY A 121 -6.62 -6.66 -8.45
C GLY A 121 -7.70 -7.70 -8.75
N ASN A 122 -8.69 -7.77 -7.88
CA ASN A 122 -9.79 -8.72 -8.05
C ASN A 122 -11.14 -8.04 -7.91
N LEU A 123 -12.20 -8.82 -7.83
CA LEU A 123 -13.54 -8.30 -7.69
C LEU A 123 -14.14 -8.67 -6.34
N ASP A 124 -13.32 -8.63 -5.30
CA ASP A 124 -13.76 -8.97 -3.96
C ASP A 124 -12.80 -8.42 -2.91
N ASN A 125 -13.33 -8.11 -1.73
CA ASN A 125 -12.52 -7.57 -0.64
C ASN A 125 -11.44 -8.56 -0.23
N ASN A 126 -11.62 -9.82 -0.60
CA ASN A 126 -10.65 -10.86 -0.27
C ASN A 126 -9.63 -11.04 -1.40
N SER A 127 -9.39 -9.97 -2.14
CA SER A 127 -8.44 -10.00 -3.25
C SER A 127 -7.01 -9.99 -2.74
N HIS A 128 -6.63 -11.03 -2.00
CA HIS A 128 -5.28 -11.13 -1.46
C HIS A 128 -4.25 -11.27 -2.57
N LYS A 129 -3.73 -10.14 -3.03
CA LYS A 129 -2.74 -10.13 -4.08
C LYS A 129 -1.34 -9.87 -3.52
N LYS A 130 -0.56 -10.95 -3.38
CA LYS A 130 0.79 -10.85 -2.84
C LYS A 130 1.80 -11.34 -3.87
N ASN A 131 2.92 -10.62 -3.98
CA ASN A 131 3.97 -10.98 -4.92
C ASN A 131 5.25 -11.38 -4.19
N ILE A 132 6.09 -12.16 -4.85
CA ILE A 132 7.34 -12.61 -4.26
C ILE A 132 8.45 -11.58 -4.47
N PHE A 133 9.67 -11.94 -4.09
CA PHE A 133 10.81 -11.05 -4.24
C PHE A 133 10.78 -10.34 -5.59
N GLU A 134 10.51 -11.12 -6.64
CA GLU A 134 10.45 -10.56 -8.00
C GLU A 134 11.48 -9.44 -8.17
N LYS A 135 12.74 -9.76 -7.93
CA LYS A 135 13.81 -8.78 -8.07
C LYS A 135 13.72 -7.73 -6.96
N PRO A 136 14.25 -8.09 -5.77
CA PRO A 136 14.24 -7.18 -4.61
C PRO A 136 15.20 -6.01 -4.79
N PHE A 137 15.10 -5.03 -3.89
CA PHE A 137 15.94 -3.85 -3.95
C PHE A 137 15.61 -2.88 -2.82
N MET A 138 16.55 -2.00 -2.51
CA MET A 138 16.35 -1.01 -1.46
C MET A 138 15.39 0.09 -1.91
N ALA A 139 14.65 0.65 -0.95
CA ALA A 139 13.69 1.71 -1.25
C ALA A 139 13.63 2.73 -0.12
N ARG A 140 13.40 3.98 -0.47
CA ARG A 140 13.31 5.05 0.52
C ARG A 140 11.91 5.68 0.54
N TYR A 141 11.26 5.68 -0.63
CA TYR A 141 9.93 6.25 -0.75
C TYR A 141 9.23 5.72 -2.00
N VAL A 142 8.10 5.04 -1.80
CA VAL A 142 7.33 4.50 -2.92
C VAL A 142 6.03 5.25 -3.11
N ARG A 143 5.61 5.38 -4.36
CA ARG A 143 4.37 6.08 -4.68
C ARG A 143 3.44 5.21 -5.52
N VAL A 144 2.14 5.31 -5.28
CA VAL A 144 1.16 4.53 -6.01
C VAL A 144 0.03 5.43 -6.53
N LEU A 145 -0.57 5.01 -7.65
CA LEU A 145 -1.66 5.77 -8.24
C LEU A 145 -2.70 4.83 -8.87
N PRO A 146 -3.94 4.89 -8.37
CA PRO A 146 -5.03 4.06 -8.88
C PRO A 146 -5.48 4.46 -10.27
N VAL A 147 -5.95 3.49 -11.05
CA VAL A 147 -6.42 3.76 -12.41
C VAL A 147 -7.84 3.25 -12.61
N SER A 148 -8.14 2.09 -12.00
CA SER A 148 -9.46 1.49 -12.13
C SER A 148 -9.86 0.80 -10.83
N TRP A 149 -10.84 1.38 -10.13
CA TRP A 149 -11.31 0.82 -8.88
C TRP A 149 -12.72 0.25 -9.03
N HIS A 150 -13.20 -0.41 -7.98
CA HIS A 150 -14.54 -1.00 -8.00
C HIS A 150 -15.32 -0.63 -6.73
N ASN A 151 -16.49 -0.05 -6.91
CA ASN A 151 -17.32 0.36 -5.78
C ASN A 151 -16.77 1.61 -5.12
N ARG A 152 -15.54 1.51 -4.62
CA ARG A 152 -14.90 2.64 -3.94
C ARG A 152 -13.43 2.36 -3.71
N ILE A 153 -12.61 3.41 -3.81
CA ILE A 153 -11.17 3.27 -3.61
C ILE A 153 -10.85 2.95 -2.15
N THR A 154 -11.01 1.69 -1.79
CA THR A 154 -10.73 1.24 -0.42
C THR A 154 -9.86 -0.01 -0.41
N LEU A 155 -8.57 0.17 -0.18
CA LEU A 155 -7.64 -0.95 -0.14
C LEU A 155 -6.39 -0.60 0.66
N ARG A 156 -5.42 -1.49 0.66
CA ARG A 156 -4.18 -1.28 1.38
C ARG A 156 -3.01 -1.96 0.68
N LEU A 157 -1.96 -1.18 0.38
CA LEU A 157 -0.78 -1.72 -0.28
C LEU A 157 0.43 -1.71 0.65
N GLU A 158 0.84 -2.90 1.08
CA GLU A 158 1.98 -3.03 1.98
C GLU A 158 3.07 -3.91 1.35
N LEU A 159 4.32 -3.56 1.60
CA LEU A 159 5.45 -4.31 1.07
C LEU A 159 6.26 -4.95 2.19
N LEU A 160 6.99 -6.00 1.85
CA LEU A 160 7.81 -6.70 2.83
C LEU A 160 9.28 -6.74 2.39
N GLY A 161 10.18 -6.85 3.35
CA GLY A 161 11.60 -6.90 3.04
C GLY A 161 12.29 -8.07 3.69
N CYS A 162 13.51 -8.36 3.24
CA CYS A 162 14.28 -9.48 3.78
C CYS A 162 14.96 -9.07 5.10
N LEU A 163 15.15 -7.78 5.29
CA LEU A 163 15.78 -7.26 6.50
C LEU A 163 17.22 -7.75 6.60
N GLU A 164 17.82 -8.07 5.46
CA GLU A 164 19.19 -8.55 5.42
C GLU A 164 20.18 -7.38 5.45
N MET A 1 26.77 -12.61 6.80
CA MET A 1 25.66 -12.02 7.53
C MET A 1 24.36 -12.76 7.22
N LYS A 2 23.82 -13.43 8.23
CA LYS A 2 22.56 -14.17 8.06
C LYS A 2 21.78 -14.19 9.37
N SER A 3 20.97 -13.16 9.58
CA SER A 3 20.15 -13.07 10.79
C SER A 3 18.68 -12.98 10.45
N GLY A 4 17.84 -13.56 11.31
CA GLY A 4 16.41 -13.55 11.08
C GLY A 4 15.99 -14.52 10.01
N HIS A 5 15.56 -15.71 10.42
CA HIS A 5 15.12 -16.74 9.48
C HIS A 5 13.94 -16.26 8.64
N GLY A 6 13.98 -16.54 7.35
CA GLY A 6 12.90 -16.13 6.47
C GLY A 6 13.23 -14.84 5.72
N CYS A 7 12.60 -14.66 4.56
CA CYS A 7 12.83 -13.48 3.75
C CYS A 7 11.55 -12.65 3.61
N SER A 8 10.64 -12.81 4.58
CA SER A 8 9.38 -12.09 4.56
C SER A 8 9.15 -11.37 5.89
N GLU A 9 9.64 -10.13 5.97
CA GLU A 9 9.49 -9.33 7.18
C GLU A 9 8.52 -8.17 6.94
N PRO A 10 7.88 -7.71 8.03
CA PRO A 10 6.93 -6.60 7.96
C PRO A 10 7.61 -5.26 7.69
N LEU A 11 6.86 -4.17 7.84
CA LEU A 11 7.40 -2.84 7.62
C LEU A 11 7.49 -2.05 8.92
N GLY A 12 6.87 -2.59 9.97
CA GLY A 12 6.89 -1.93 11.27
C GLY A 12 6.26 -2.77 12.36
N LEU A 13 6.56 -4.06 12.36
CA LEU A 13 6.01 -4.97 13.37
C LEU A 13 7.13 -5.77 14.04
N LYS A 14 8.37 -5.50 13.65
CA LYS A 14 9.51 -6.18 14.23
C LYS A 14 10.47 -5.19 14.89
N ASN A 15 11.22 -4.47 14.06
CA ASN A 15 12.17 -3.48 14.56
C ASN A 15 11.83 -2.08 14.05
N ASN A 16 11.25 -2.02 12.85
CA ASN A 16 10.88 -0.75 12.25
C ASN A 16 9.84 -0.03 13.11
N THR A 17 8.85 -0.78 13.58
CA THR A 17 7.78 -0.22 14.41
C THR A 17 7.42 1.19 13.95
N ILE A 18 7.28 1.36 12.65
CA ILE A 18 6.93 2.66 12.08
C ILE A 18 5.42 2.87 12.09
N PRO A 19 4.99 4.07 12.54
CA PRO A 19 3.57 4.42 12.62
C PRO A 19 2.94 4.60 11.24
N ASP A 20 1.73 5.14 11.21
CA ASP A 20 1.03 5.38 9.96
C ASP A 20 1.61 6.59 9.23
N SER A 21 2.53 7.29 9.88
CA SER A 21 3.15 8.47 9.30
C SER A 21 3.88 8.11 8.02
N GLN A 22 4.17 6.82 7.83
CA GLN A 22 4.87 6.36 6.64
C GLN A 22 3.99 6.48 5.41
N MET A 23 2.72 6.07 5.55
CA MET A 23 1.77 6.15 4.44
C MET A 23 0.97 7.44 4.49
N SER A 24 0.68 8.00 3.33
CA SER A 24 -0.07 9.25 3.24
C SER A 24 -0.60 9.47 1.83
N ALA A 25 -1.91 9.64 1.71
CA ALA A 25 -2.54 9.86 0.41
C ALA A 25 -3.18 11.24 0.34
N SER A 26 -3.68 11.60 -0.83
CA SER A 26 -4.32 12.89 -1.03
C SER A 26 -5.38 13.15 0.03
N SER A 27 -6.21 12.14 0.29
CA SER A 27 -7.27 12.25 1.28
C SER A 27 -7.84 10.87 1.62
N SER A 28 -8.87 10.86 2.45
CA SER A 28 -9.52 9.62 2.86
C SER A 28 -11.03 9.72 2.77
N TYR A 29 -11.70 8.58 2.75
CA TYR A 29 -13.16 8.54 2.67
C TYR A 29 -13.79 9.30 3.83
N LYS A 30 -13.01 9.48 4.90
CA LYS A 30 -13.49 10.20 6.08
C LYS A 30 -14.12 11.53 5.69
N THR A 31 -14.80 12.16 6.65
CA THR A 31 -15.45 13.43 6.41
C THR A 31 -15.02 14.47 7.45
N TRP A 32 -13.98 15.24 7.11
CA TRP A 32 -13.47 16.26 8.01
C TRP A 32 -13.57 17.65 7.38
N ASN A 33 -13.54 18.68 8.20
CA ASN A 33 -13.63 20.05 7.72
C ASN A 33 -12.30 20.52 7.14
N LEU A 34 -11.21 20.02 7.71
CA LEU A 34 -9.87 20.37 7.24
C LEU A 34 -8.99 19.13 7.10
N ARG A 35 -7.72 19.35 6.79
CA ARG A 35 -6.77 18.25 6.62
C ARG A 35 -5.91 18.09 7.86
N ALA A 36 -4.95 17.16 7.79
CA ALA A 36 -4.05 16.90 8.91
C ALA A 36 -2.87 16.05 8.46
N PHE A 37 -3.14 15.03 7.67
CA PHE A 37 -2.11 14.13 7.18
C PHE A 37 -1.34 13.49 8.34
N GLY A 38 -2.07 13.13 9.38
CA GLY A 38 -1.45 12.52 10.55
C GLY A 38 -1.71 11.02 10.62
N TRP A 39 -2.63 10.62 11.49
CA TRP A 39 -2.96 9.22 11.65
C TRP A 39 -4.25 8.87 10.91
N TYR A 40 -4.17 7.84 10.08
CA TYR A 40 -5.33 7.41 9.30
C TYR A 40 -4.98 6.23 8.41
N PRO A 41 -4.03 6.45 7.49
CA PRO A 41 -3.58 5.41 6.55
C PRO A 41 -2.80 4.31 7.25
N HIS A 42 -2.15 3.45 6.46
CA HIS A 42 -1.36 2.36 7.00
C HIS A 42 -2.25 1.34 7.70
N LEU A 43 -3.17 0.73 6.94
CA LEU A 43 -4.09 -0.25 7.48
C LEU A 43 -3.82 -1.63 6.89
N GLY A 44 -3.10 -1.66 5.78
CA GLY A 44 -2.78 -2.92 5.13
C GLY A 44 -2.09 -3.89 6.06
N ARG A 45 -1.50 -3.37 7.14
CA ARG A 45 -0.80 -4.20 8.11
C ARG A 45 -1.65 -5.39 8.52
N LEU A 46 -0.99 -6.52 8.78
CA LEU A 46 -1.69 -7.73 9.18
C LEU A 46 -2.11 -7.67 10.66
N ASP A 47 -2.97 -8.58 11.07
CA ASP A 47 -3.44 -8.62 12.44
C ASP A 47 -4.23 -7.36 12.79
N ASN A 48 -4.99 -6.86 11.83
CA ASN A 48 -5.79 -5.66 12.03
C ASN A 48 -6.65 -5.78 13.29
N GLN A 49 -6.52 -4.79 14.18
CA GLN A 49 -7.30 -4.79 15.41
C GLN A 49 -8.71 -4.29 15.18
N GLY A 50 -8.85 -3.25 14.35
CA GLY A 50 -10.15 -2.70 14.06
C GLY A 50 -10.97 -3.58 13.15
N LYS A 51 -10.90 -3.31 11.84
CA LYS A 51 -11.63 -4.10 10.86
C LYS A 51 -11.35 -3.60 9.45
N ILE A 52 -11.09 -2.30 9.32
CA ILE A 52 -10.80 -1.70 8.02
C ILE A 52 -9.71 -2.47 7.30
N ASN A 53 -8.51 -2.48 7.87
CA ASN A 53 -7.38 -3.19 7.27
C ASN A 53 -7.21 -2.78 5.81
N ALA A 54 -7.41 -1.51 5.53
CA ALA A 54 -7.27 -1.00 4.17
C ALA A 54 -7.52 0.50 4.12
N TRP A 55 -6.66 1.22 3.40
CA TRP A 55 -6.79 2.67 3.27
C TRP A 55 -7.84 3.03 2.23
N THR A 56 -8.65 4.05 2.54
CA THR A 56 -9.69 4.50 1.63
C THR A 56 -9.39 5.88 1.07
N ALA A 57 -9.89 6.16 -0.13
CA ALA A 57 -9.67 7.45 -0.77
C ALA A 57 -10.85 8.38 -0.54
N GLN A 58 -10.68 9.64 -0.92
CA GLN A 58 -11.74 10.64 -0.74
C GLN A 58 -12.31 11.07 -2.08
N SER A 59 -11.43 11.19 -3.09
CA SER A 59 -11.85 11.60 -4.42
C SER A 59 -12.55 10.46 -5.14
N ASN A 60 -12.00 9.26 -5.01
CA ASN A 60 -12.57 8.08 -5.65
C ASN A 60 -12.81 8.33 -7.14
N SER A 61 -11.86 9.01 -7.76
CA SER A 61 -11.96 9.32 -9.19
C SER A 61 -10.64 9.03 -9.91
N ALA A 62 -9.86 8.11 -9.34
CA ALA A 62 -8.57 7.74 -9.92
C ALA A 62 -7.53 8.80 -9.64
N LYS A 63 -7.88 10.06 -9.88
CA LYS A 63 -6.96 11.17 -9.66
C LYS A 63 -6.23 11.01 -8.33
N GLU A 64 -6.91 10.43 -7.35
CA GLU A 64 -6.33 10.22 -6.03
C GLU A 64 -4.94 9.60 -6.14
N TRP A 65 -4.03 10.07 -5.31
CA TRP A 65 -2.66 9.56 -5.31
C TRP A 65 -2.20 9.22 -3.89
N LEU A 66 -1.51 8.09 -3.76
CA LEU A 66 -1.02 7.66 -2.45
C LEU A 66 0.51 7.64 -2.43
N GLN A 67 1.10 8.32 -1.46
CA GLN A 67 2.54 8.38 -1.33
C GLN A 67 2.99 7.85 0.03
N VAL A 68 4.10 7.11 0.04
CA VAL A 68 4.63 6.55 1.27
C VAL A 68 6.11 6.93 1.47
N ASP A 69 6.38 7.68 2.52
CA ASP A 69 7.74 8.11 2.82
C ASP A 69 8.33 7.28 3.96
N LEU A 70 9.49 6.67 3.71
CA LEU A 70 10.16 5.85 4.71
C LEU A 70 11.40 6.55 5.24
N GLY A 71 12.32 6.89 4.35
CA GLY A 71 13.53 7.57 4.75
C GLY A 71 14.42 6.69 5.61
N THR A 72 14.10 5.40 5.68
CA THR A 72 14.88 4.47 6.47
C THR A 72 15.70 3.53 5.58
N GLN A 73 15.46 3.62 4.27
CA GLN A 73 16.18 2.80 3.31
C GLN A 73 16.12 1.33 3.71
N ARG A 74 15.04 0.66 3.32
CA ARG A 74 14.86 -0.76 3.63
C ARG A 74 14.78 -1.59 2.36
N GLN A 75 15.36 -2.78 2.40
CA GLN A 75 15.35 -3.68 1.25
C GLN A 75 14.09 -4.54 1.25
N VAL A 76 13.28 -4.39 0.20
CA VAL A 76 12.05 -5.15 0.07
C VAL A 76 12.27 -6.42 -0.75
N THR A 77 11.52 -7.48 -0.41
CA THR A 77 11.64 -8.74 -1.12
C THR A 77 10.28 -9.40 -1.30
N GLY A 78 9.24 -8.58 -1.30
CA GLY A 78 7.89 -9.09 -1.46
C GLY A 78 6.82 -8.04 -1.21
N ILE A 79 5.62 -8.28 -1.72
CA ILE A 79 4.52 -7.35 -1.54
C ILE A 79 3.17 -8.07 -1.57
N ILE A 80 2.12 -7.35 -1.22
CA ILE A 80 0.78 -7.92 -1.21
C ILE A 80 -0.29 -6.83 -1.23
N THR A 81 -1.41 -7.11 -1.90
CA THR A 81 -2.50 -6.15 -1.99
C THR A 81 -3.81 -6.77 -1.52
N GLN A 82 -4.65 -5.95 -0.88
CA GLN A 82 -5.93 -6.42 -0.39
C GLN A 82 -6.93 -5.28 -0.29
N GLY A 83 -8.20 -5.56 -0.59
CA GLY A 83 -9.23 -4.55 -0.53
C GLY A 83 -9.97 -4.55 0.79
N ALA A 84 -11.05 -3.77 0.86
CA ALA A 84 -11.84 -3.68 2.09
C ALA A 84 -13.30 -3.38 1.77
N ARG A 85 -14.12 -3.30 2.81
CA ARG A 85 -15.55 -3.02 2.64
C ARG A 85 -16.00 -1.94 3.61
N ASP A 86 -17.21 -1.42 3.39
CA ASP A 86 -17.76 -0.38 4.24
C ASP A 86 -18.84 -0.95 5.17
N PHE A 87 -19.52 -1.99 4.70
CA PHE A 87 -20.57 -2.62 5.49
C PHE A 87 -21.31 -3.67 4.66
N GLY A 88 -21.34 -3.46 3.34
CA GLY A 88 -22.02 -4.39 2.45
C GLY A 88 -21.63 -4.20 1.01
N HIS A 89 -21.27 -2.97 0.65
CA HIS A 89 -20.88 -2.65 -0.72
C HIS A 89 -19.40 -2.97 -0.95
N ILE A 90 -18.94 -4.07 -0.36
CA ILE A 90 -17.55 -4.48 -0.49
C ILE A 90 -16.86 -3.70 -1.61
N GLN A 91 -15.84 -2.93 -1.23
CA GLN A 91 -15.09 -2.14 -2.20
C GLN A 91 -13.81 -2.85 -2.61
N TYR A 92 -13.25 -2.46 -3.75
CA TYR A 92 -12.02 -3.06 -4.26
C TYR A 92 -11.54 -2.33 -5.50
N VAL A 93 -10.22 -2.17 -5.62
CA VAL A 93 -9.63 -1.49 -6.76
C VAL A 93 -9.28 -2.49 -7.86
N ALA A 94 -9.35 -2.03 -9.11
CA ALA A 94 -9.04 -2.88 -10.25
C ALA A 94 -7.64 -2.58 -10.78
N SER A 95 -7.48 -1.41 -11.38
CA SER A 95 -6.18 -1.01 -11.94
C SER A 95 -5.49 0.00 -11.03
N TYR A 96 -4.16 -0.09 -10.95
CA TYR A 96 -3.39 0.81 -10.11
C TYR A 96 -1.89 0.64 -10.38
N LYS A 97 -1.15 1.74 -10.33
CA LYS A 97 0.29 1.71 -10.57
C LYS A 97 1.05 1.94 -9.27
N VAL A 98 1.85 0.97 -8.88
CA VAL A 98 2.64 1.07 -7.66
C VAL A 98 4.13 0.93 -7.94
N ALA A 99 4.86 2.02 -7.74
CA ALA A 99 6.31 2.02 -7.99
C ALA A 99 7.08 2.43 -6.72
N HIS A 100 8.27 1.88 -6.57
CA HIS A 100 9.11 2.19 -5.41
C HIS A 100 10.35 2.97 -5.82
N SER A 101 10.74 3.94 -5.00
CA SER A 101 11.91 4.76 -5.29
C SER A 101 12.87 4.76 -4.11
N ASP A 102 14.16 4.66 -4.41
CA ASP A 102 15.19 4.65 -3.37
C ASP A 102 15.79 6.04 -3.18
N ASP A 103 16.03 6.73 -4.28
CA ASP A 103 16.60 8.08 -4.24
C ASP A 103 15.50 9.13 -4.29
N GLY A 104 14.33 8.74 -4.79
CA GLY A 104 13.21 9.66 -4.88
C GLY A 104 12.90 10.04 -6.31
N VAL A 105 13.89 9.93 -7.19
CA VAL A 105 13.71 10.25 -8.60
C VAL A 105 13.50 9.00 -9.44
N GLN A 106 14.15 7.92 -9.05
CA GLN A 106 14.04 6.65 -9.76
C GLN A 106 12.84 5.85 -9.25
N TRP A 107 11.75 5.88 -10.01
CA TRP A 107 10.54 5.15 -9.64
C TRP A 107 10.47 3.81 -10.35
N THR A 108 10.73 2.74 -9.60
CA THR A 108 10.71 1.39 -10.17
C THR A 108 9.29 0.82 -10.15
N VAL A 109 8.69 0.70 -11.33
CA VAL A 109 7.34 0.17 -11.45
C VAL A 109 7.36 -1.34 -11.71
N TYR A 110 6.24 -1.99 -11.43
CA TYR A 110 6.13 -3.43 -11.62
C TYR A 110 5.86 -3.77 -13.08
N GLU A 111 6.76 -3.34 -13.96
CA GLU A 111 6.62 -3.58 -15.39
C GLU A 111 6.53 -5.08 -15.67
N GLU A 112 5.86 -5.43 -16.77
CA GLU A 112 5.70 -6.83 -17.15
C GLU A 112 6.88 -7.30 -17.99
N GLN A 113 7.53 -6.37 -18.67
CA GLN A 113 8.68 -6.68 -19.52
C GLN A 113 9.31 -5.41 -20.08
N GLY A 114 9.30 -4.35 -19.29
CA GLY A 114 9.86 -3.09 -19.74
C GLY A 114 8.81 -2.09 -20.17
N SER A 115 7.60 -2.59 -20.45
CA SER A 115 6.51 -1.74 -20.88
C SER A 115 6.05 -0.83 -19.75
N SER A 116 6.12 -1.33 -18.52
CA SER A 116 5.71 -0.57 -17.34
C SER A 116 4.24 -0.16 -17.45
N LYS A 117 3.36 -1.14 -17.28
CA LYS A 117 1.93 -0.88 -17.35
C LYS A 117 1.32 -0.74 -15.96
N VAL A 118 0.00 -0.72 -15.89
CA VAL A 118 -0.70 -0.58 -14.61
C VAL A 118 -1.18 -1.95 -14.11
N PHE A 119 -1.06 -2.16 -12.81
CA PHE A 119 -1.48 -3.41 -12.20
C PHE A 119 -2.99 -3.52 -12.16
N GLN A 120 -3.56 -4.32 -13.07
CA GLN A 120 -4.99 -4.50 -13.14
C GLN A 120 -5.38 -5.93 -12.75
N GLY A 121 -6.46 -6.05 -11.97
CA GLY A 121 -6.90 -7.36 -11.53
C GLY A 121 -6.91 -7.49 -10.03
N ASN A 122 -8.10 -7.70 -9.45
CA ASN A 122 -8.24 -7.84 -8.01
C ASN A 122 -9.24 -8.95 -7.68
N LEU A 123 -8.73 -10.05 -7.13
CA LEU A 123 -9.58 -11.18 -6.76
C LEU A 123 -10.80 -10.71 -5.97
N ASP A 124 -10.56 -9.81 -5.02
CA ASP A 124 -11.64 -9.29 -4.18
C ASP A 124 -11.08 -8.43 -3.06
N ASN A 125 -11.96 -8.03 -2.13
CA ASN A 125 -11.56 -7.22 -1.00
C ASN A 125 -10.89 -8.07 0.08
N ASN A 126 -11.33 -9.31 0.20
CA ASN A 126 -10.78 -10.24 1.18
C ASN A 126 -9.61 -11.01 0.61
N SER A 127 -9.77 -11.51 -0.62
CA SER A 127 -8.72 -12.27 -1.29
C SER A 127 -7.41 -11.51 -1.29
N HIS A 128 -6.39 -12.11 -0.68
CA HIS A 128 -5.06 -11.49 -0.61
C HIS A 128 -4.25 -11.81 -1.85
N LYS A 129 -3.59 -10.81 -2.40
CA LYS A 129 -2.77 -10.98 -3.60
C LYS A 129 -1.31 -10.66 -3.30
N LYS A 130 -0.56 -11.66 -2.85
CA LYS A 130 0.85 -11.49 -2.53
C LYS A 130 1.71 -11.73 -3.76
N ASN A 131 2.56 -10.75 -4.09
CA ASN A 131 3.45 -10.86 -5.23
C ASN A 131 4.87 -11.14 -4.79
N ILE A 132 5.52 -12.09 -5.48
CA ILE A 132 6.89 -12.44 -5.16
C ILE A 132 7.84 -11.28 -5.37
N PHE A 133 9.11 -11.47 -5.04
CA PHE A 133 10.11 -10.43 -5.19
C PHE A 133 10.45 -10.21 -6.66
N GLU A 134 9.54 -9.54 -7.38
CA GLU A 134 9.75 -9.26 -8.80
C GLU A 134 10.92 -8.31 -9.00
N LYS A 135 11.29 -7.59 -7.95
CA LYS A 135 12.39 -6.64 -8.01
C LYS A 135 12.79 -6.17 -6.63
N PRO A 136 13.43 -7.05 -5.85
CA PRO A 136 13.87 -6.74 -4.49
C PRO A 136 15.02 -5.73 -4.47
N PHE A 137 14.99 -4.83 -3.49
CA PHE A 137 16.03 -3.81 -3.36
C PHE A 137 15.65 -2.79 -2.29
N MET A 138 16.59 -1.91 -1.98
CA MET A 138 16.36 -0.88 -0.97
C MET A 138 15.37 0.16 -1.47
N ALA A 139 14.63 0.76 -0.54
CA ALA A 139 13.64 1.77 -0.89
C ALA A 139 13.54 2.83 0.20
N ARG A 140 13.26 4.07 -0.21
CA ARG A 140 13.14 5.18 0.74
C ARG A 140 11.77 5.84 0.62
N TYR A 141 11.21 5.83 -0.59
CA TYR A 141 9.91 6.43 -0.83
C TYR A 141 9.24 5.81 -2.06
N VAL A 142 7.98 5.43 -1.90
CA VAL A 142 7.23 4.83 -3.00
C VAL A 142 6.01 5.67 -3.37
N ARG A 143 5.59 5.58 -4.62
CA ARG A 143 4.43 6.33 -5.10
C ARG A 143 3.40 5.41 -5.73
N VAL A 144 2.13 5.68 -5.45
CA VAL A 144 1.04 4.87 -6.00
C VAL A 144 -0.03 5.74 -6.62
N LEU A 145 -0.66 5.24 -7.67
CA LEU A 145 -1.72 5.98 -8.37
C LEU A 145 -2.70 5.03 -9.04
N PRO A 146 -3.86 4.82 -8.40
CA PRO A 146 -4.91 3.94 -8.93
C PRO A 146 -5.57 4.50 -10.18
N VAL A 147 -5.89 3.62 -11.13
CA VAL A 147 -6.53 4.03 -12.37
C VAL A 147 -7.97 3.57 -12.42
N SER A 148 -8.19 2.30 -12.09
CA SER A 148 -9.53 1.72 -12.11
C SER A 148 -9.90 1.18 -10.73
N TRP A 149 -11.11 1.52 -10.28
CA TRP A 149 -11.58 1.06 -8.97
C TRP A 149 -13.01 0.50 -9.08
N HIS A 150 -13.48 -0.09 -7.98
CA HIS A 150 -14.82 -0.67 -7.96
C HIS A 150 -15.54 -0.28 -6.67
N ASN A 151 -16.67 0.41 -6.82
CA ASN A 151 -17.46 0.84 -5.67
C ASN A 151 -16.79 2.03 -4.97
N ARG A 152 -15.66 1.77 -4.33
CA ARG A 152 -14.92 2.82 -3.62
C ARG A 152 -13.47 2.39 -3.39
N ILE A 153 -12.58 3.38 -3.38
CA ILE A 153 -11.16 3.12 -3.17
C ILE A 153 -10.90 2.60 -1.75
N THR A 154 -10.90 1.29 -1.60
CA THR A 154 -10.66 0.67 -0.30
C THR A 154 -9.73 -0.53 -0.42
N LEU A 155 -8.44 -0.30 -0.20
CA LEU A 155 -7.44 -1.36 -0.28
C LEU A 155 -6.12 -0.93 0.33
N ARG A 156 -5.10 -1.75 0.20
CA ARG A 156 -3.78 -1.45 0.74
C ARG A 156 -2.73 -2.39 0.16
N LEU A 157 -1.54 -1.86 -0.09
CA LEU A 157 -0.44 -2.65 -0.63
C LEU A 157 0.68 -2.82 0.38
N GLU A 158 0.62 -3.90 1.15
CA GLU A 158 1.63 -4.18 2.17
C GLU A 158 2.97 -4.50 1.52
N LEU A 159 4.05 -4.07 2.16
CA LEU A 159 5.39 -4.32 1.64
C LEU A 159 6.17 -5.23 2.58
N LEU A 160 6.91 -6.17 2.01
CA LEU A 160 7.71 -7.12 2.79
C LEU A 160 9.18 -7.03 2.42
N GLY A 161 10.04 -7.29 3.38
CA GLY A 161 11.48 -7.23 3.14
C GLY A 161 12.20 -8.47 3.65
N CYS A 162 13.52 -8.49 3.47
CA CYS A 162 14.33 -9.62 3.91
C CYS A 162 15.03 -9.30 5.23
N LEU A 163 15.24 -8.01 5.48
CA LEU A 163 15.90 -7.57 6.71
C LEU A 163 17.22 -8.30 6.91
N GLU A 164 17.90 -8.59 5.80
CA GLU A 164 19.18 -9.29 5.85
C GLU A 164 20.33 -8.32 5.55
N MET A 1 12.79 -21.62 20.35
CA MET A 1 11.49 -20.99 20.23
C MET A 1 11.53 -19.84 19.21
N LYS A 2 10.39 -19.58 18.58
CA LYS A 2 10.29 -18.52 17.59
C LYS A 2 11.28 -18.75 16.46
N SER A 3 10.85 -19.51 15.45
CA SER A 3 11.71 -19.80 14.31
C SER A 3 10.90 -19.74 13.01
N GLY A 4 11.22 -18.76 12.17
CA GLY A 4 10.52 -18.61 10.91
C GLY A 4 11.04 -17.44 10.10
N HIS A 5 12.11 -17.67 9.34
CA HIS A 5 12.71 -16.62 8.52
C HIS A 5 12.19 -16.71 7.08
N GLY A 6 12.58 -15.72 6.27
CA GLY A 6 12.15 -15.71 4.88
C GLY A 6 12.56 -14.44 4.16
N CYS A 7 12.04 -14.25 2.95
CA CYS A 7 12.37 -13.07 2.16
C CYS A 7 11.15 -12.18 2.00
N SER A 8 10.22 -12.27 2.94
CA SER A 8 9.00 -11.47 2.90
C SER A 8 8.56 -11.07 4.31
N GLU A 9 8.97 -9.89 4.74
CA GLU A 9 8.63 -9.39 6.06
C GLU A 9 7.91 -8.04 5.97
N PRO A 10 7.08 -7.74 6.98
CA PRO A 10 6.33 -6.48 7.03
C PRO A 10 7.23 -5.28 7.29
N LEU A 11 6.62 -4.15 7.61
CA LEU A 11 7.36 -2.92 7.89
C LEU A 11 7.01 -2.37 9.27
N GLY A 12 6.07 -3.02 9.94
CA GLY A 12 5.67 -2.59 11.27
C GLY A 12 4.80 -3.60 11.97
N LEU A 13 4.97 -4.87 11.61
CA LEU A 13 4.18 -5.94 12.23
C LEU A 13 5.08 -6.97 12.88
N LYS A 14 6.33 -6.59 13.13
CA LYS A 14 7.30 -7.48 13.75
C LYS A 14 8.05 -6.77 14.86
N ASN A 15 8.96 -5.87 14.47
CA ASN A 15 9.75 -5.12 15.44
C ASN A 15 9.57 -3.61 15.24
N ASN A 16 9.48 -3.20 13.98
CA ASN A 16 9.30 -1.79 13.66
C ASN A 16 8.09 -1.21 14.39
N THR A 17 6.96 -1.90 14.29
CA THR A 17 5.73 -1.46 14.94
C THR A 17 5.44 0.00 14.62
N ILE A 18 5.63 0.37 13.36
CA ILE A 18 5.38 1.75 12.92
C ILE A 18 3.88 2.04 12.86
N PRO A 19 3.48 3.20 13.40
CA PRO A 19 2.08 3.62 13.42
C PRO A 19 1.58 3.99 12.04
N ASP A 20 0.43 4.66 11.99
CA ASP A 20 -0.17 5.07 10.72
C ASP A 20 0.42 6.39 10.25
N SER A 21 1.75 6.47 10.22
CA SER A 21 2.43 7.68 9.80
C SER A 21 3.42 7.38 8.66
N GLN A 22 3.33 6.17 8.12
CA GLN A 22 4.21 5.76 7.03
C GLN A 22 3.55 6.01 5.69
N MET A 23 2.25 5.76 5.60
CA MET A 23 1.52 5.96 4.36
C MET A 23 0.86 7.34 4.34
N SER A 24 0.45 7.77 3.15
CA SER A 24 -0.19 9.08 2.99
C SER A 24 -0.67 9.27 1.56
N ALA A 25 -1.98 9.42 1.39
CA ALA A 25 -2.57 9.61 0.08
C ALA A 25 -3.19 10.99 -0.04
N SER A 26 -3.73 11.30 -1.22
CA SER A 26 -4.34 12.60 -1.47
C SER A 26 -5.37 12.92 -0.39
N SER A 27 -6.48 12.18 -0.40
CA SER A 27 -7.54 12.39 0.57
C SER A 27 -8.41 11.14 0.70
N SER A 28 -9.13 11.04 1.81
CA SER A 28 -10.00 9.90 2.07
C SER A 28 -11.46 10.26 1.82
N TYR A 29 -12.31 9.25 1.72
CA TYR A 29 -13.74 9.46 1.50
C TYR A 29 -14.30 10.46 2.49
N LYS A 30 -15.24 11.29 2.03
CA LYS A 30 -15.86 12.30 2.87
C LYS A 30 -16.92 11.67 3.77
N THR A 31 -17.14 12.27 4.94
CA THR A 31 -18.11 11.78 5.89
C THR A 31 -18.65 12.91 6.76
N TRP A 32 -19.85 12.70 7.30
CA TRP A 32 -20.48 13.70 8.16
C TRP A 32 -19.63 13.97 9.40
N ASN A 33 -19.54 15.24 9.78
CA ASN A 33 -18.75 15.63 10.95
C ASN A 33 -17.32 15.12 10.84
N LEU A 34 -16.46 15.92 10.21
CA LEU A 34 -15.06 15.55 10.04
C LEU A 34 -14.43 15.14 11.37
N ARG A 35 -14.67 15.95 12.40
CA ARG A 35 -14.13 15.67 13.73
C ARG A 35 -12.60 15.67 13.70
N ALA A 36 -12.02 16.76 14.19
CA ALA A 36 -10.57 16.89 14.23
C ALA A 36 -9.98 16.88 12.82
N PHE A 37 -8.65 16.80 12.73
CA PHE A 37 -7.96 16.77 11.45
C PHE A 37 -8.55 15.70 10.54
N GLY A 38 -8.78 14.52 11.10
CA GLY A 38 -9.34 13.43 10.32
C GLY A 38 -8.64 12.12 10.58
N TRP A 39 -9.04 11.08 9.85
CA TRP A 39 -8.45 9.75 10.01
C TRP A 39 -7.09 9.68 9.34
N TYR A 40 -6.37 8.58 9.57
CA TYR A 40 -5.05 8.39 8.97
C TYR A 40 -5.00 7.10 8.16
N PRO A 41 -4.02 7.01 7.26
CA PRO A 41 -3.83 5.84 6.40
C PRO A 41 -3.36 4.62 7.19
N HIS A 42 -2.96 3.57 6.46
CA HIS A 42 -2.48 2.35 7.09
C HIS A 42 -3.60 1.67 7.88
N LEU A 43 -4.82 1.73 7.34
CA LEU A 43 -5.97 1.12 7.99
C LEU A 43 -5.90 -0.40 7.92
N GLY A 44 -5.39 -0.91 6.81
CA GLY A 44 -5.27 -2.35 6.64
C GLY A 44 -3.98 -2.89 7.21
N ARG A 45 -3.34 -2.10 8.06
CA ARG A 45 -2.07 -2.50 8.67
C ARG A 45 -2.15 -3.95 9.17
N LEU A 46 -3.28 -4.31 9.74
CA LEU A 46 -3.49 -5.66 10.26
C LEU A 46 -4.96 -5.92 10.55
N ASP A 47 -5.76 -6.00 9.49
CA ASP A 47 -7.19 -6.25 9.63
C ASP A 47 -7.76 -5.48 10.81
N ASN A 48 -7.52 -4.17 10.83
CA ASN A 48 -8.01 -3.31 11.90
C ASN A 48 -9.47 -3.61 12.20
N GLN A 49 -9.86 -3.44 13.46
CA GLN A 49 -11.23 -3.68 13.88
C GLN A 49 -12.21 -2.78 13.12
N GLY A 50 -13.46 -2.77 13.56
CA GLY A 50 -14.46 -1.95 12.91
C GLY A 50 -14.96 -2.55 11.61
N LYS A 51 -14.32 -2.18 10.50
CA LYS A 51 -14.70 -2.68 9.19
C LYS A 51 -13.85 -2.05 8.10
N ILE A 52 -13.25 -0.90 8.41
CA ILE A 52 -12.41 -0.20 7.45
C ILE A 52 -11.25 -1.08 7.00
N ASN A 53 -10.29 -1.29 7.89
CA ASN A 53 -9.13 -2.11 7.58
C ASN A 53 -8.62 -1.84 6.17
N ALA A 54 -8.71 -0.58 5.75
CA ALA A 54 -8.27 -0.19 4.42
C ALA A 54 -8.53 1.29 4.18
N TRP A 55 -7.64 1.94 3.44
CA TRP A 55 -7.77 3.35 3.13
C TRP A 55 -8.66 3.56 1.90
N THR A 56 -9.53 4.57 1.97
CA THR A 56 -10.44 4.87 0.88
C THR A 56 -10.06 6.19 0.20
N ALA A 57 -10.63 6.42 -0.98
CA ALA A 57 -10.35 7.64 -1.74
C ALA A 57 -11.38 8.72 -1.41
N GLN A 58 -11.04 9.96 -1.74
CA GLN A 58 -11.93 11.09 -1.48
C GLN A 58 -12.81 11.37 -2.69
N SER A 59 -12.18 11.62 -3.84
CA SER A 59 -12.91 11.91 -5.07
C SER A 59 -13.31 10.62 -5.77
N ASN A 60 -13.04 9.49 -5.13
CA ASN A 60 -13.38 8.19 -5.69
C ASN A 60 -13.06 8.14 -7.18
N SER A 61 -11.95 8.75 -7.56
CA SER A 61 -11.52 8.79 -8.96
C SER A 61 -10.07 8.34 -9.10
N ALA A 62 -9.52 8.50 -10.30
CA ALA A 62 -8.15 8.12 -10.57
C ALA A 62 -7.18 9.23 -10.19
N LYS A 63 -7.73 10.38 -9.82
CA LYS A 63 -6.91 11.53 -9.44
C LYS A 63 -6.28 11.31 -8.06
N GLU A 64 -6.70 10.25 -7.39
CA GLU A 64 -6.17 9.93 -6.07
C GLU A 64 -4.84 9.18 -6.17
N TRP A 65 -3.99 9.36 -5.17
CA TRP A 65 -2.69 8.70 -5.16
C TRP A 65 -2.22 8.46 -3.73
N LEU A 66 -1.58 7.32 -3.50
CA LEU A 66 -1.08 6.96 -2.18
C LEU A 66 0.44 6.85 -2.18
N GLN A 67 1.09 7.54 -1.24
CA GLN A 67 2.54 7.51 -1.14
C GLN A 67 2.98 6.99 0.23
N VAL A 68 4.09 6.28 0.26
CA VAL A 68 4.63 5.73 1.51
C VAL A 68 6.08 6.12 1.70
N ASP A 69 6.37 6.82 2.79
CA ASP A 69 7.72 7.25 3.10
C ASP A 69 8.30 6.45 4.27
N LEU A 70 9.45 5.84 4.04
CA LEU A 70 10.11 5.04 5.07
C LEU A 70 11.29 5.79 5.67
N GLY A 71 12.21 6.23 4.80
CA GLY A 71 13.38 6.96 5.27
C GLY A 71 14.32 6.09 6.07
N THR A 72 14.06 4.79 6.08
CA THR A 72 14.90 3.85 6.81
C THR A 72 15.74 3.01 5.86
N GLN A 73 15.57 3.24 4.57
CA GLN A 73 16.31 2.50 3.55
C GLN A 73 16.22 1.00 3.79
N ARG A 74 15.09 0.42 3.39
CA ARG A 74 14.87 -1.02 3.56
C ARG A 74 14.81 -1.73 2.21
N GLN A 75 15.20 -3.00 2.20
CA GLN A 75 15.19 -3.79 0.97
C GLN A 75 13.84 -4.50 0.79
N VAL A 76 13.14 -4.14 -0.28
CA VAL A 76 11.84 -4.74 -0.57
C VAL A 76 11.99 -5.98 -1.46
N THR A 77 11.04 -6.90 -1.35
CA THR A 77 11.06 -8.12 -2.15
C THR A 77 9.66 -8.55 -2.53
N GLY A 78 8.71 -7.61 -2.49
CA GLY A 78 7.34 -7.91 -2.83
C GLY A 78 6.35 -6.99 -2.15
N ILE A 79 5.09 -7.07 -2.56
CA ILE A 79 4.04 -6.25 -1.98
C ILE A 79 2.70 -6.97 -1.95
N ILE A 80 1.84 -6.57 -1.03
CA ILE A 80 0.52 -7.19 -0.91
C ILE A 80 -0.56 -6.14 -0.62
N THR A 81 -1.73 -6.31 -1.22
CA THR A 81 -2.83 -5.39 -1.02
C THR A 81 -4.11 -6.13 -0.65
N GLN A 82 -5.05 -5.41 -0.04
CA GLN A 82 -6.32 -6.00 0.37
C GLN A 82 -7.44 -4.97 0.32
N GLY A 83 -8.58 -5.37 -0.24
CA GLY A 83 -9.71 -4.47 -0.33
C GLY A 83 -10.53 -4.41 0.94
N ALA A 84 -11.52 -3.54 0.98
CA ALA A 84 -12.39 -3.39 2.15
C ALA A 84 -13.84 -3.19 1.74
N ARG A 85 -14.75 -3.37 2.69
CA ARG A 85 -16.17 -3.20 2.43
C ARG A 85 -16.71 -1.96 3.13
N ASP A 86 -17.86 -1.49 2.68
CA ASP A 86 -18.49 -0.31 3.27
C ASP A 86 -19.77 -0.68 4.02
N PHE A 87 -19.60 -1.18 5.25
CA PHE A 87 -20.75 -1.58 6.06
C PHE A 87 -21.67 -2.50 5.29
N GLY A 88 -21.10 -3.55 4.69
CA GLY A 88 -21.89 -4.49 3.93
C GLY A 88 -21.37 -4.67 2.51
N HIS A 89 -21.67 -3.70 1.65
CA HIS A 89 -21.24 -3.75 0.26
C HIS A 89 -19.72 -3.84 0.17
N ILE A 90 -19.22 -4.91 -0.42
CA ILE A 90 -17.79 -5.12 -0.56
C ILE A 90 -17.24 -4.30 -1.73
N GLN A 91 -16.20 -3.51 -1.45
CA GLN A 91 -15.58 -2.68 -2.47
C GLN A 91 -14.10 -3.01 -2.62
N TYR A 92 -13.52 -2.62 -3.74
CA TYR A 92 -12.11 -2.88 -4.01
C TYR A 92 -11.73 -2.43 -5.42
N VAL A 93 -10.44 -2.17 -5.62
CA VAL A 93 -9.94 -1.73 -6.93
C VAL A 93 -9.43 -2.90 -7.74
N ALA A 94 -8.82 -2.60 -8.89
CA ALA A 94 -8.29 -3.65 -9.77
C ALA A 94 -6.91 -3.26 -10.27
N SER A 95 -6.84 -2.20 -11.07
CA SER A 95 -5.59 -1.73 -11.64
C SER A 95 -4.93 -0.70 -10.72
N TYR A 96 -3.69 -0.98 -10.31
CA TYR A 96 -2.95 -0.08 -9.43
C TYR A 96 -1.50 0.05 -9.88
N LYS A 97 -0.91 1.21 -9.62
CA LYS A 97 0.47 1.45 -9.99
C LYS A 97 1.39 1.34 -8.78
N VAL A 98 2.46 0.56 -8.91
CA VAL A 98 3.41 0.37 -7.83
C VAL A 98 4.81 0.84 -8.23
N ALA A 99 5.25 1.95 -7.64
CA ALA A 99 6.57 2.49 -7.95
C ALA A 99 7.41 2.65 -6.68
N HIS A 100 8.69 2.35 -6.78
CA HIS A 100 9.60 2.45 -5.65
C HIS A 100 10.78 3.36 -5.97
N SER A 101 11.19 4.18 -5.00
CA SER A 101 12.30 5.10 -5.19
C SER A 101 13.33 4.93 -4.08
N ASP A 102 14.54 4.53 -4.45
CA ASP A 102 15.61 4.34 -3.48
C ASP A 102 16.37 5.64 -3.25
N ASP A 103 16.88 6.23 -4.33
CA ASP A 103 17.63 7.47 -4.23
C ASP A 103 16.72 8.67 -4.51
N GLY A 104 15.49 8.40 -4.91
CA GLY A 104 14.54 9.45 -5.20
C GLY A 104 14.49 9.80 -6.68
N VAL A 105 15.57 9.48 -7.40
CA VAL A 105 15.65 9.77 -8.82
C VAL A 105 15.35 8.52 -9.64
N GLN A 106 15.60 7.36 -9.05
CA GLN A 106 15.35 6.09 -9.73
C GLN A 106 13.98 5.53 -9.38
N TRP A 107 13.01 5.75 -10.26
CA TRP A 107 11.65 5.28 -10.04
C TRP A 107 11.46 3.89 -10.63
N THR A 108 11.50 2.87 -9.78
CA THR A 108 11.34 1.48 -10.21
C THR A 108 9.86 1.12 -10.33
N VAL A 109 9.38 1.00 -11.56
CA VAL A 109 7.99 0.65 -11.81
C VAL A 109 7.83 -0.84 -12.07
N TYR A 110 6.61 -1.26 -12.37
CA TYR A 110 6.33 -2.67 -12.63
C TYR A 110 5.91 -2.87 -14.09
N GLU A 111 6.88 -2.84 -14.99
CA GLU A 111 6.61 -3.03 -16.40
C GLU A 111 6.17 -4.46 -16.69
N GLU A 112 5.27 -4.61 -17.67
CA GLU A 112 4.76 -5.92 -18.04
C GLU A 112 4.69 -6.06 -19.56
N GLN A 113 5.57 -5.36 -20.26
CA GLN A 113 5.59 -5.40 -21.72
C GLN A 113 6.77 -4.60 -22.26
N GLY A 114 7.09 -3.49 -21.60
CA GLY A 114 8.19 -2.65 -22.03
C GLY A 114 7.85 -1.18 -21.98
N SER A 115 6.59 -0.87 -21.69
CA SER A 115 6.14 0.52 -21.61
C SER A 115 5.89 0.92 -20.15
N SER A 116 6.37 0.10 -19.23
CA SER A 116 6.19 0.37 -17.80
C SER A 116 4.75 0.78 -17.50
N LYS A 117 3.85 -0.19 -17.50
CA LYS A 117 2.44 0.06 -17.22
C LYS A 117 2.11 -0.26 -15.76
N VAL A 118 0.81 -0.26 -15.46
CA VAL A 118 0.36 -0.56 -14.10
C VAL A 118 0.03 -2.04 -13.94
N PHE A 119 -0.08 -2.48 -12.70
CA PHE A 119 -0.38 -3.88 -12.40
C PHE A 119 -1.80 -4.03 -11.87
N GLN A 120 -2.62 -4.77 -12.59
CA GLN A 120 -4.01 -4.99 -12.20
C GLN A 120 -4.24 -6.46 -11.80
N GLY A 121 -5.19 -6.67 -10.90
CA GLY A 121 -5.49 -8.03 -10.46
C GLY A 121 -5.99 -8.07 -9.03
N ASN A 122 -7.21 -7.60 -8.80
CA ASN A 122 -7.80 -7.59 -7.47
C ASN A 122 -9.32 -7.62 -7.55
N LEU A 123 -9.89 -8.82 -7.43
CA LEU A 123 -11.34 -8.99 -7.49
C LEU A 123 -11.86 -9.56 -6.18
N ASP A 124 -11.23 -9.19 -5.07
CA ASP A 124 -11.64 -9.66 -3.75
C ASP A 124 -11.12 -8.75 -2.66
N ASN A 125 -11.92 -8.56 -1.62
CA ASN A 125 -11.54 -7.71 -0.50
C ASN A 125 -10.97 -8.54 0.65
N ASN A 126 -11.36 -9.80 0.72
CA ASN A 126 -10.88 -10.70 1.76
C ASN A 126 -9.46 -11.17 1.47
N SER A 127 -9.32 -11.99 0.44
CA SER A 127 -8.02 -12.51 0.06
C SER A 127 -6.99 -11.39 -0.06
N HIS A 128 -5.82 -11.62 0.52
CA HIS A 128 -4.75 -10.62 0.48
C HIS A 128 -3.66 -11.04 -0.52
N LYS A 129 -3.22 -10.09 -1.33
CA LYS A 129 -2.18 -10.36 -2.33
C LYS A 129 -2.00 -9.16 -3.25
N LYS A 130 -0.96 -9.22 -4.08
CA LYS A 130 -0.67 -8.14 -5.02
C LYS A 130 0.34 -8.59 -6.07
N ASN A 131 1.58 -8.79 -5.62
CA ASN A 131 2.66 -9.23 -6.52
C ASN A 131 3.84 -9.75 -5.72
N ILE A 132 4.52 -10.74 -6.28
CA ILE A 132 5.68 -11.33 -5.62
C ILE A 132 6.97 -10.57 -5.97
N PHE A 133 8.08 -10.98 -5.38
CA PHE A 133 9.36 -10.35 -5.63
C PHE A 133 9.57 -10.12 -7.12
N GLU A 134 9.63 -8.85 -7.52
CA GLU A 134 9.82 -8.50 -8.93
C GLU A 134 11.05 -7.59 -9.09
N LYS A 135 11.59 -7.14 -7.98
CA LYS A 135 12.76 -6.27 -8.00
C LYS A 135 13.29 -6.04 -6.59
N PRO A 136 14.04 -7.03 -6.06
CA PRO A 136 14.62 -6.96 -4.72
C PRO A 136 15.75 -5.94 -4.63
N PHE A 137 15.60 -4.97 -3.74
CA PHE A 137 16.60 -3.94 -3.56
C PHE A 137 16.17 -2.93 -2.50
N MET A 138 17.11 -2.12 -2.04
CA MET A 138 16.83 -1.11 -1.02
C MET A 138 15.89 -0.04 -1.55
N ALA A 139 15.22 0.66 -0.65
CA ALA A 139 14.28 1.71 -1.04
C ALA A 139 14.04 2.68 0.11
N ARG A 140 13.81 3.94 -0.23
CA ARG A 140 13.57 4.98 0.78
C ARG A 140 12.08 5.29 0.89
N TYR A 141 11.41 5.38 -0.26
CA TYR A 141 9.98 5.68 -0.28
C TYR A 141 9.36 5.18 -1.58
N VAL A 142 8.15 4.63 -1.47
CA VAL A 142 7.44 4.12 -2.64
C VAL A 142 6.12 4.88 -2.85
N ARG A 143 5.75 5.05 -4.12
CA ARG A 143 4.52 5.75 -4.46
C ARG A 143 3.63 4.89 -5.35
N VAL A 144 2.34 4.89 -5.07
CA VAL A 144 1.37 4.12 -5.85
C VAL A 144 0.22 4.99 -6.32
N LEU A 145 -0.41 4.57 -7.41
CA LEU A 145 -1.54 5.31 -7.97
C LEU A 145 -2.53 4.37 -8.66
N PRO A 146 -3.79 4.40 -8.20
CA PRO A 146 -4.85 3.55 -8.76
C PRO A 146 -5.24 3.99 -10.17
N VAL A 147 -5.56 3.01 -11.02
CA VAL A 147 -5.96 3.29 -12.38
C VAL A 147 -7.37 2.78 -12.66
N SER A 148 -7.66 1.58 -12.17
CA SER A 148 -8.98 0.97 -12.36
C SER A 148 -9.52 0.39 -11.06
N TRP A 149 -10.53 1.04 -10.50
CA TRP A 149 -11.14 0.59 -9.25
C TRP A 149 -12.50 -0.05 -9.50
N HIS A 150 -13.06 -0.64 -8.46
CA HIS A 150 -14.36 -1.30 -8.56
C HIS A 150 -15.24 -0.94 -7.38
N ASN A 151 -16.40 -0.34 -7.67
CA ASN A 151 -17.34 0.05 -6.63
C ASN A 151 -16.87 1.32 -5.92
N ARG A 152 -15.68 1.26 -5.33
CA ARG A 152 -15.12 2.41 -4.62
C ARG A 152 -13.68 2.13 -4.19
N ILE A 153 -12.81 3.10 -4.41
CA ILE A 153 -11.40 2.95 -4.04
C ILE A 153 -11.24 2.72 -2.54
N THR A 154 -11.29 1.46 -2.14
CA THR A 154 -11.15 1.10 -0.73
C THR A 154 -10.29 -0.15 -0.56
N LEU A 155 -9.03 0.05 -0.17
CA LEU A 155 -8.11 -1.06 0.02
C LEU A 155 -6.87 -0.60 0.79
N ARG A 156 -5.95 -1.53 1.01
CA ARG A 156 -4.71 -1.23 1.72
C ARG A 156 -3.49 -1.68 0.93
N LEU A 157 -2.44 -0.87 0.95
CA LEU A 157 -1.21 -1.20 0.24
C LEU A 157 -0.05 -1.39 1.21
N GLU A 158 0.48 -2.60 1.24
CA GLU A 158 1.60 -2.91 2.12
C GLU A 158 2.79 -3.45 1.33
N LEU A 159 4.00 -3.08 1.76
CA LEU A 159 5.21 -3.52 1.08
C LEU A 159 6.00 -4.50 1.96
N LEU A 160 6.52 -5.55 1.34
CA LEU A 160 7.29 -6.56 2.07
C LEU A 160 8.73 -6.59 1.57
N GLY A 161 9.65 -6.94 2.46
CA GLY A 161 11.06 -7.01 2.10
C GLY A 161 11.69 -8.32 2.49
N CYS A 162 12.97 -8.50 2.16
CA CYS A 162 13.69 -9.72 2.48
C CYS A 162 14.16 -9.70 3.94
N LEU A 163 14.36 -8.51 4.48
CA LEU A 163 14.81 -8.36 5.85
C LEU A 163 16.04 -9.21 6.12
N GLU A 164 16.89 -9.35 5.11
CA GLU A 164 18.11 -10.14 5.23
C GLU A 164 19.31 -9.40 4.65
N MET A 1 18.34 -11.43 23.84
CA MET A 1 19.05 -12.03 22.70
C MET A 1 18.13 -12.91 21.88
N LYS A 2 17.85 -12.50 20.65
CA LYS A 2 16.98 -13.25 19.76
C LYS A 2 17.39 -13.05 18.31
N SER A 3 16.77 -13.83 17.42
CA SER A 3 17.06 -13.74 15.99
C SER A 3 15.93 -14.31 15.16
N GLY A 4 15.93 -14.01 13.86
CA GLY A 4 14.89 -14.48 12.98
C GLY A 4 15.20 -14.24 11.51
N HIS A 5 16.04 -15.08 10.93
CA HIS A 5 16.42 -14.95 9.54
C HIS A 5 15.27 -15.34 8.62
N GLY A 6 15.25 -14.77 7.42
CA GLY A 6 14.19 -15.07 6.47
C GLY A 6 13.74 -13.85 5.70
N CYS A 7 13.22 -14.08 4.49
CA CYS A 7 12.75 -12.98 3.65
C CYS A 7 11.25 -12.76 3.84
N SER A 8 10.68 -11.88 3.03
CA SER A 8 9.26 -11.58 3.10
C SER A 8 8.86 -11.19 4.53
N GLU A 9 9.21 -9.97 4.93
CA GLU A 9 8.88 -9.49 6.27
C GLU A 9 8.04 -8.22 6.20
N PRO A 10 7.25 -7.99 7.25
CA PRO A 10 6.36 -6.81 7.34
C PRO A 10 7.15 -5.52 7.52
N LEU A 11 6.44 -4.46 7.89
CA LEU A 11 7.07 -3.16 8.09
C LEU A 11 6.85 -2.66 9.52
N GLY A 12 6.84 -3.60 10.47
CA GLY A 12 6.65 -3.24 11.86
C GLY A 12 6.15 -4.40 12.69
N LEU A 13 5.56 -5.39 12.03
CA LEU A 13 5.02 -6.56 12.72
C LEU A 13 6.13 -7.58 12.98
N LYS A 14 7.32 -7.30 12.46
CA LYS A 14 8.46 -8.19 12.64
C LYS A 14 9.24 -7.83 13.90
N ASN A 15 9.78 -6.60 13.92
CA ASN A 15 10.55 -6.14 15.06
C ASN A 15 10.93 -4.66 14.89
N ASN A 16 10.09 -3.92 14.18
CA ASN A 16 10.33 -2.50 13.95
C ASN A 16 9.24 -1.65 14.58
N THR A 17 8.06 -2.20 14.72
CA THR A 17 6.93 -1.49 15.31
C THR A 17 6.80 -0.09 14.73
N ILE A 18 6.51 -0.02 13.43
CA ILE A 18 6.36 1.26 12.76
C ILE A 18 4.92 1.78 12.87
N PRO A 19 4.78 3.07 13.22
CA PRO A 19 3.47 3.71 13.38
C PRO A 19 2.77 3.90 12.04
N ASP A 20 1.68 4.66 12.06
CA ASP A 20 0.91 4.92 10.85
C ASP A 20 1.35 6.24 10.20
N SER A 21 2.58 6.65 10.49
CA SER A 21 3.12 7.90 9.94
C SER A 21 4.04 7.62 8.76
N GLN A 22 3.81 6.48 8.10
CA GLN A 22 4.64 6.09 6.96
C GLN A 22 3.89 6.34 5.64
N MET A 23 2.61 6.00 5.63
CA MET A 23 1.79 6.19 4.44
C MET A 23 1.08 7.53 4.47
N SER A 24 0.70 8.03 3.30
CA SER A 24 0.02 9.31 3.20
C SER A 24 -0.46 9.57 1.77
N ALA A 25 -1.78 9.68 1.61
CA ALA A 25 -2.37 9.92 0.29
C ALA A 25 -3.04 11.29 0.23
N SER A 26 -3.56 11.63 -0.94
CA SER A 26 -4.22 12.92 -1.13
C SER A 26 -5.24 13.17 -0.02
N SER A 27 -6.16 12.23 0.16
CA SER A 27 -7.19 12.36 1.19
C SER A 27 -8.06 11.11 1.23
N SER A 28 -8.78 10.94 2.34
CA SER A 28 -9.67 9.78 2.50
C SER A 28 -11.12 10.18 2.27
N TYR A 29 -11.99 9.18 2.16
CA TYR A 29 -13.40 9.41 1.93
C TYR A 29 -13.96 10.41 2.94
N LYS A 30 -14.69 11.41 2.44
CA LYS A 30 -15.28 12.43 3.29
C LYS A 30 -16.12 11.79 4.40
N THR A 31 -15.84 12.18 5.65
CA THR A 31 -16.57 11.66 6.79
C THR A 31 -17.82 12.50 7.09
N TRP A 32 -17.74 13.79 6.78
CA TRP A 32 -18.86 14.70 7.01
C TRP A 32 -19.12 15.56 5.78
N ASN A 33 -18.14 16.38 5.42
CA ASN A 33 -18.25 17.26 4.26
C ASN A 33 -16.91 17.85 3.89
N LEU A 34 -16.66 17.97 2.58
CA LEU A 34 -15.40 18.52 2.10
C LEU A 34 -14.23 17.65 2.51
N ARG A 35 -13.01 18.15 2.27
CA ARG A 35 -11.80 17.43 2.62
C ARG A 35 -11.55 17.49 4.13
N ALA A 36 -10.90 16.45 4.65
CA ALA A 36 -10.60 16.39 6.08
C ALA A 36 -9.13 16.72 6.33
N PHE A 37 -8.84 17.27 7.52
CA PHE A 37 -7.48 17.63 7.89
C PHE A 37 -6.86 16.57 8.79
N GLY A 38 -7.25 15.31 8.57
CA GLY A 38 -6.72 14.22 9.37
C GLY A 38 -6.75 12.89 8.64
N TRP A 39 -5.61 12.48 8.10
CA TRP A 39 -5.52 11.22 7.36
C TRP A 39 -4.82 10.16 8.20
N TYR A 40 -5.48 9.02 8.38
CA TYR A 40 -4.92 7.93 9.16
C TYR A 40 -4.73 6.68 8.30
N PRO A 41 -3.77 6.77 7.36
CA PRO A 41 -3.46 5.66 6.45
C PRO A 41 -2.79 4.49 7.16
N HIS A 42 -2.34 3.51 6.39
CA HIS A 42 -1.68 2.34 6.96
C HIS A 42 -2.64 1.54 7.83
N LEU A 43 -3.83 1.28 7.31
CA LEU A 43 -4.84 0.53 8.05
C LEU A 43 -4.77 -0.96 7.71
N GLY A 44 -4.19 -1.27 6.56
CA GLY A 44 -4.06 -2.65 6.14
C GLY A 44 -2.83 -3.33 6.71
N ARG A 45 -2.19 -2.67 7.67
CA ARG A 45 -0.99 -3.21 8.29
C ARG A 45 -1.14 -4.71 8.56
N LEU A 46 -1.81 -5.05 9.65
CA LEU A 46 -2.02 -6.45 10.02
C LEU A 46 -2.80 -6.55 11.32
N ASP A 47 -3.91 -7.29 11.29
CA ASP A 47 -4.74 -7.48 12.47
C ASP A 47 -5.34 -6.15 12.92
N ASN A 48 -5.95 -5.44 11.99
CA ASN A 48 -6.57 -4.14 12.30
C ASN A 48 -7.46 -4.25 13.54
N GLN A 49 -7.34 -3.27 14.43
CA GLN A 49 -8.13 -3.25 15.65
C GLN A 49 -9.53 -2.70 15.39
N GLY A 50 -9.59 -1.64 14.58
CA GLY A 50 -10.87 -1.03 14.26
C GLY A 50 -11.78 -1.96 13.48
N LYS A 51 -11.74 -1.86 12.17
CA LYS A 51 -12.56 -2.70 11.31
C LYS A 51 -12.29 -2.41 9.83
N ILE A 52 -11.93 -1.17 9.54
CA ILE A 52 -11.63 -0.77 8.17
C ILE A 52 -10.63 -1.71 7.53
N ASN A 53 -9.39 -1.66 8.00
CA ASN A 53 -8.32 -2.52 7.47
C ASN A 53 -8.07 -2.21 6.00
N ALA A 54 -8.24 -0.95 5.62
CA ALA A 54 -8.02 -0.53 4.24
C ALA A 54 -8.29 0.97 4.08
N TRP A 55 -7.34 1.67 3.48
CA TRP A 55 -7.47 3.10 3.26
C TRP A 55 -8.40 3.39 2.08
N THR A 56 -9.23 4.42 2.22
CA THR A 56 -10.16 4.79 1.16
C THR A 56 -9.77 6.13 0.55
N ALA A 57 -10.32 6.41 -0.64
CA ALA A 57 -10.03 7.65 -1.34
C ALA A 57 -11.04 8.74 -0.95
N GLN A 58 -10.65 10.00 -1.17
CA GLN A 58 -11.52 11.12 -0.84
C GLN A 58 -12.46 11.44 -2.00
N SER A 59 -11.88 11.73 -3.16
CA SER A 59 -12.68 12.04 -4.35
C SER A 59 -13.08 10.78 -5.10
N ASN A 60 -12.78 9.62 -4.49
CA ASN A 60 -13.11 8.35 -5.10
C ASN A 60 -12.80 8.35 -6.60
N SER A 61 -11.71 9.02 -6.96
CA SER A 61 -11.30 9.10 -8.36
C SER A 61 -9.83 8.71 -8.52
N ALA A 62 -9.45 8.40 -9.75
CA ALA A 62 -8.08 8.00 -10.05
C ALA A 62 -7.10 9.14 -9.76
N LYS A 63 -7.63 10.35 -9.65
CA LYS A 63 -6.81 11.52 -9.36
C LYS A 63 -6.12 11.39 -8.02
N GLU A 64 -6.62 10.49 -7.18
CA GLU A 64 -6.05 10.27 -5.86
C GLU A 64 -4.77 9.42 -5.96
N TRP A 65 -3.87 9.63 -5.00
CA TRP A 65 -2.61 8.89 -4.98
C TRP A 65 -2.09 8.74 -3.55
N LEU A 66 -1.44 7.62 -3.28
CA LEU A 66 -0.90 7.35 -1.96
C LEU A 66 0.62 7.24 -2.00
N GLN A 67 1.29 7.92 -1.08
CA GLN A 67 2.75 7.90 -1.02
C GLN A 67 3.22 7.40 0.34
N VAL A 68 4.34 6.68 0.33
CA VAL A 68 4.90 6.14 1.57
C VAL A 68 6.37 6.50 1.71
N ASP A 69 6.70 7.18 2.82
CA ASP A 69 8.07 7.60 3.08
C ASP A 69 8.57 7.04 4.41
N LEU A 70 9.69 6.32 4.36
CA LEU A 70 10.26 5.73 5.56
C LEU A 70 11.67 6.26 5.80
N GLY A 71 12.36 6.62 4.73
CA GLY A 71 13.71 7.15 4.85
C GLY A 71 14.63 6.22 5.62
N THR A 72 14.28 4.93 5.64
CA THR A 72 15.08 3.94 6.35
C THR A 72 15.94 3.14 5.39
N GLN A 73 15.73 3.35 4.08
CA GLN A 73 16.48 2.65 3.06
C GLN A 73 16.48 1.14 3.31
N ARG A 74 15.36 0.50 3.02
CA ARG A 74 15.22 -0.93 3.21
C ARG A 74 15.02 -1.65 1.88
N GLN A 75 15.52 -2.88 1.79
CA GLN A 75 15.38 -3.67 0.57
C GLN A 75 14.10 -4.49 0.59
N VAL A 76 13.22 -4.23 -0.36
CA VAL A 76 11.95 -4.94 -0.46
C VAL A 76 12.12 -6.25 -1.23
N THR A 77 11.32 -7.25 -0.87
CA THR A 77 11.39 -8.55 -1.52
C THR A 77 10.01 -9.17 -1.63
N GLY A 78 8.98 -8.33 -1.75
CA GLY A 78 7.62 -8.82 -1.86
C GLY A 78 6.60 -7.73 -1.65
N ILE A 79 5.34 -8.02 -2.00
CA ILE A 79 4.26 -7.04 -1.84
C ILE A 79 2.92 -7.75 -1.70
N ILE A 80 2.01 -7.13 -0.96
CA ILE A 80 0.68 -7.68 -0.75
C ILE A 80 -0.36 -6.58 -0.58
N THR A 81 -1.52 -6.76 -1.20
CA THR A 81 -2.60 -5.78 -1.12
C THR A 81 -3.92 -6.45 -0.74
N GLN A 82 -4.85 -5.65 -0.26
CA GLN A 82 -6.16 -6.16 0.14
C GLN A 82 -7.22 -5.07 0.06
N GLY A 83 -8.42 -5.45 -0.39
CA GLY A 83 -9.50 -4.48 -0.50
C GLY A 83 -10.31 -4.37 0.77
N ALA A 84 -11.31 -3.50 0.76
CA ALA A 84 -12.16 -3.29 1.92
C ALA A 84 -13.64 -3.46 1.56
N ARG A 85 -14.51 -3.27 2.54
CA ARG A 85 -15.95 -3.41 2.34
C ARG A 85 -16.70 -2.27 3.01
N ASP A 86 -17.87 -1.93 2.48
CA ASP A 86 -18.69 -0.86 3.03
C ASP A 86 -19.96 -1.42 3.66
N PHE A 87 -19.79 -2.38 4.56
CA PHE A 87 -20.93 -3.00 5.23
C PHE A 87 -21.98 -3.47 4.23
N GLY A 88 -21.76 -4.64 3.65
CA GLY A 88 -22.69 -5.18 2.67
C GLY A 88 -22.14 -5.13 1.26
N HIS A 89 -21.70 -3.94 0.84
CA HIS A 89 -21.15 -3.77 -0.50
C HIS A 89 -19.63 -3.74 -0.47
N ILE A 90 -19.01 -4.70 -1.15
CA ILE A 90 -17.56 -4.78 -1.19
C ILE A 90 -16.98 -3.78 -2.18
N GLN A 91 -15.95 -3.05 -1.75
CA GLN A 91 -15.31 -2.06 -2.60
C GLN A 91 -13.81 -2.33 -2.72
N TYR A 92 -13.23 -1.94 -3.86
CA TYR A 92 -11.81 -2.15 -4.09
C TYR A 92 -11.42 -1.65 -5.49
N VAL A 93 -10.11 -1.49 -5.70
CA VAL A 93 -9.60 -1.01 -6.98
C VAL A 93 -9.22 -2.18 -7.88
N ALA A 94 -9.51 -2.05 -9.17
CA ALA A 94 -9.19 -3.10 -10.13
C ALA A 94 -7.78 -2.91 -10.70
N SER A 95 -7.43 -1.67 -11.02
CA SER A 95 -6.12 -1.35 -11.57
C SER A 95 -5.40 -0.32 -10.71
N TYR A 96 -4.09 -0.48 -10.59
CA TYR A 96 -3.28 0.43 -9.79
C TYR A 96 -1.81 0.38 -10.20
N LYS A 97 -1.05 1.40 -9.82
CA LYS A 97 0.36 1.46 -10.15
C LYS A 97 1.22 1.50 -8.88
N VAL A 98 2.26 0.66 -8.86
CA VAL A 98 3.15 0.61 -7.71
C VAL A 98 4.59 0.92 -8.12
N ALA A 99 5.09 2.05 -7.64
CA ALA A 99 6.46 2.47 -7.96
C ALA A 99 7.27 2.70 -6.67
N HIS A 100 8.54 2.32 -6.71
CA HIS A 100 9.42 2.49 -5.56
C HIS A 100 10.58 3.42 -5.89
N SER A 101 10.97 4.23 -4.91
CA SER A 101 12.06 5.19 -5.10
C SER A 101 13.14 4.99 -4.04
N ASP A 102 14.37 4.81 -4.48
CA ASP A 102 15.49 4.62 -3.56
C ASP A 102 16.17 5.96 -3.24
N ASP A 103 16.22 6.84 -4.24
CA ASP A 103 16.83 8.15 -4.07
C ASP A 103 15.79 9.20 -3.72
N GLY A 104 14.53 8.90 -4.00
CA GLY A 104 13.45 9.83 -3.71
C GLY A 104 12.90 10.48 -4.96
N VAL A 105 13.77 10.69 -5.94
CA VAL A 105 13.35 11.32 -7.20
C VAL A 105 13.15 10.27 -8.29
N GLN A 106 13.91 9.18 -8.21
CA GLN A 106 13.81 8.11 -9.19
C GLN A 106 12.71 7.13 -8.80
N TRP A 107 11.57 7.23 -9.49
CA TRP A 107 10.44 6.35 -9.21
C TRP A 107 10.43 5.16 -10.18
N THR A 108 10.81 4.00 -9.67
CA THR A 108 10.84 2.78 -10.48
C THR A 108 9.49 2.08 -10.48
N VAL A 109 8.85 2.05 -11.64
CA VAL A 109 7.55 1.40 -11.78
C VAL A 109 7.70 -0.01 -12.37
N TYR A 110 7.09 -0.97 -11.69
CA TYR A 110 7.16 -2.36 -12.14
C TYR A 110 6.17 -2.61 -13.28
N GLU A 111 6.66 -2.53 -14.50
CA GLU A 111 5.82 -2.75 -15.67
C GLU A 111 5.15 -4.13 -15.63
N GLU A 112 4.38 -4.44 -16.66
CA GLU A 112 3.70 -5.73 -16.74
C GLU A 112 3.97 -6.41 -18.07
N GLN A 113 3.43 -5.84 -19.15
CA GLN A 113 3.60 -6.40 -20.48
C GLN A 113 4.07 -5.33 -21.45
N GLY A 114 3.39 -4.17 -21.43
CA GLY A 114 3.76 -3.10 -22.32
C GLY A 114 4.98 -2.32 -21.84
N SER A 115 5.95 -3.04 -21.30
CA SER A 115 7.17 -2.42 -20.79
C SER A 115 6.83 -1.18 -19.96
N SER A 116 5.64 -1.16 -19.38
CA SER A 116 5.20 -0.04 -18.56
C SER A 116 3.69 -0.12 -18.30
N LYS A 117 3.21 -1.33 -18.05
CA LYS A 117 1.79 -1.55 -17.77
C LYS A 117 1.54 -1.66 -16.27
N VAL A 118 0.50 -0.99 -15.80
CA VAL A 118 0.15 -1.02 -14.38
C VAL A 118 -0.26 -2.42 -13.95
N PHE A 119 -0.53 -2.58 -12.66
CA PHE A 119 -0.93 -3.87 -12.11
C PHE A 119 -2.41 -3.85 -11.73
N GLN A 120 -3.18 -4.75 -12.35
CA GLN A 120 -4.61 -4.84 -12.08
C GLN A 120 -5.01 -6.28 -11.79
N GLY A 121 -6.17 -6.45 -11.15
CA GLY A 121 -6.65 -7.78 -10.83
C GLY A 121 -6.71 -8.03 -9.33
N ASN A 122 -7.92 -7.97 -8.78
CA ASN A 122 -8.10 -8.19 -7.35
C ASN A 122 -9.13 -9.28 -7.09
N LEU A 123 -8.66 -10.42 -6.58
CA LEU A 123 -9.55 -11.54 -6.29
C LEU A 123 -10.75 -11.09 -5.47
N ASP A 124 -10.51 -10.17 -4.54
CA ASP A 124 -11.58 -9.66 -3.69
C ASP A 124 -11.02 -8.70 -2.64
N ASN A 125 -11.86 -8.33 -1.67
CA ASN A 125 -11.45 -7.43 -0.61
C ASN A 125 -10.87 -8.20 0.57
N ASN A 126 -11.33 -9.43 0.76
CA ASN A 126 -10.85 -10.27 1.85
C ASN A 126 -9.50 -10.90 1.50
N SER A 127 -9.49 -11.70 0.43
CA SER A 127 -8.27 -12.37 -0.01
C SER A 127 -7.13 -11.37 -0.15
N HIS A 128 -6.00 -11.69 0.48
CA HIS A 128 -4.82 -10.83 0.42
C HIS A 128 -3.77 -11.40 -0.53
N LYS A 129 -3.21 -10.53 -1.38
CA LYS A 129 -2.20 -10.95 -2.33
C LYS A 129 -1.79 -9.78 -3.23
N LYS A 130 -0.74 -9.99 -4.02
CA LYS A 130 -0.25 -8.96 -4.92
C LYS A 130 0.89 -9.49 -5.79
N ASN A 131 2.03 -9.76 -5.16
CA ASN A 131 3.19 -10.27 -5.88
C ASN A 131 4.31 -10.62 -4.90
N ILE A 132 5.25 -11.45 -5.36
CA ILE A 132 6.37 -11.86 -4.53
C ILE A 132 7.63 -11.06 -4.86
N PHE A 133 8.80 -11.65 -4.63
CA PHE A 133 10.06 -10.99 -4.90
C PHE A 133 10.36 -10.98 -6.39
N GLU A 134 9.41 -10.46 -7.17
CA GLU A 134 9.57 -10.39 -8.63
C GLU A 134 10.77 -9.52 -9.00
N LYS A 135 11.14 -8.61 -8.10
CA LYS A 135 12.26 -7.72 -8.33
C LYS A 135 12.58 -6.91 -7.08
N PRO A 136 13.31 -7.53 -6.14
CA PRO A 136 13.69 -6.88 -4.87
C PRO A 136 14.73 -5.79 -5.09
N PHE A 137 14.79 -4.85 -4.15
CA PHE A 137 15.75 -3.75 -4.23
C PHE A 137 15.55 -2.78 -3.07
N MET A 138 16.54 -1.92 -2.85
CA MET A 138 16.48 -0.94 -1.77
C MET A 138 15.51 0.18 -2.11
N ALA A 139 14.89 0.75 -1.08
CA ALA A 139 13.93 1.83 -1.28
C ALA A 139 13.71 2.61 0.01
N ARG A 140 13.47 3.91 -0.10
CA ARG A 140 13.24 4.75 1.06
C ARG A 140 11.90 5.47 0.96
N TYR A 141 11.33 5.48 -0.25
CA TYR A 141 10.06 6.13 -0.49
C TYR A 141 9.39 5.59 -1.75
N VAL A 142 8.18 5.05 -1.59
CA VAL A 142 7.43 4.51 -2.72
C VAL A 142 6.11 5.25 -2.92
N ARG A 143 5.68 5.34 -4.18
CA ARG A 143 4.42 6.01 -4.50
C ARG A 143 3.51 5.10 -5.31
N VAL A 144 2.22 5.20 -5.05
CA VAL A 144 1.22 4.39 -5.75
C VAL A 144 0.08 5.24 -6.28
N LEU A 145 -0.44 4.87 -7.45
CA LEU A 145 -1.54 5.61 -8.06
C LEU A 145 -2.52 4.66 -8.75
N PRO A 146 -3.76 4.61 -8.23
CA PRO A 146 -4.81 3.74 -8.77
C PRO A 146 -5.29 4.21 -10.14
N VAL A 147 -5.56 3.26 -11.02
CA VAL A 147 -6.03 3.57 -12.36
C VAL A 147 -7.51 3.20 -12.53
N SER A 148 -7.88 2.02 -12.06
CA SER A 148 -9.25 1.57 -12.16
C SER A 148 -9.82 1.23 -10.78
N TRP A 149 -10.98 1.81 -10.47
CA TRP A 149 -11.62 1.57 -9.18
C TRP A 149 -12.96 0.86 -9.37
N HIS A 150 -13.36 0.08 -8.36
CA HIS A 150 -14.61 -0.65 -8.41
C HIS A 150 -15.47 -0.35 -7.17
N ASN A 151 -16.60 0.30 -7.39
CA ASN A 151 -17.50 0.64 -6.29
C ASN A 151 -16.97 1.84 -5.52
N ARG A 152 -15.76 1.71 -5.00
CA ARG A 152 -15.13 2.78 -4.23
C ARG A 152 -13.69 2.43 -3.88
N ILE A 153 -12.78 3.36 -4.15
CA ILE A 153 -11.36 3.15 -3.86
C ILE A 153 -11.14 2.83 -2.39
N THR A 154 -11.15 1.54 -2.06
CA THR A 154 -10.95 1.11 -0.68
C THR A 154 -10.10 -0.15 -0.62
N LEU A 155 -8.83 0.02 -0.27
CA LEU A 155 -7.90 -1.11 -0.18
C LEU A 155 -6.65 -0.72 0.60
N ARG A 156 -5.65 -1.58 0.55
CA ARG A 156 -4.38 -1.33 1.25
C ARG A 156 -3.21 -1.91 0.48
N LEU A 157 -2.15 -1.12 0.32
CA LEU A 157 -0.96 -1.56 -0.39
C LEU A 157 0.21 -1.77 0.56
N GLU A 158 0.39 -3.00 1.02
CA GLU A 158 1.48 -3.32 1.94
C GLU A 158 2.67 -3.92 1.18
N LEU A 159 3.87 -3.59 1.63
CA LEU A 159 5.08 -4.09 1.01
C LEU A 159 5.86 -4.99 1.97
N LEU A 160 6.66 -5.90 1.41
CA LEU A 160 7.45 -6.82 2.22
C LEU A 160 8.94 -6.69 1.88
N GLY A 161 9.78 -6.92 2.87
CA GLY A 161 11.22 -6.84 2.67
C GLY A 161 11.98 -7.94 3.37
N CYS A 162 13.21 -8.18 2.93
CA CYS A 162 14.04 -9.22 3.51
C CYS A 162 14.54 -8.81 4.90
N LEU A 163 14.63 -7.50 5.12
CA LEU A 163 15.09 -6.97 6.39
C LEU A 163 16.54 -7.39 6.67
N GLU A 164 17.29 -7.66 5.60
CA GLU A 164 18.67 -8.07 5.73
C GLU A 164 19.61 -7.03 5.10
N MET A 1 25.85 -8.36 12.28
CA MET A 1 24.76 -9.09 11.65
C MET A 1 25.17 -10.53 11.35
N LYS A 2 24.32 -11.48 11.72
CA LYS A 2 24.59 -12.89 11.50
C LYS A 2 23.35 -13.61 10.99
N SER A 3 23.30 -13.83 9.68
CA SER A 3 22.16 -14.51 9.06
C SER A 3 20.85 -13.82 9.43
N GLY A 4 19.74 -14.44 9.04
CA GLY A 4 18.44 -13.87 9.34
C GLY A 4 17.36 -14.92 9.47
N HIS A 5 16.36 -14.65 10.30
CA HIS A 5 15.26 -15.58 10.51
C HIS A 5 14.56 -15.91 9.19
N GLY A 6 14.34 -14.88 8.38
CA GLY A 6 13.68 -15.07 7.10
C GLY A 6 13.27 -13.76 6.46
N CYS A 7 13.28 -13.73 5.13
CA CYS A 7 12.90 -12.53 4.39
C CYS A 7 11.39 -12.43 4.23
N SER A 8 10.94 -11.46 3.44
CA SER A 8 9.52 -11.26 3.21
C SER A 8 8.80 -10.89 4.51
N GLU A 9 9.15 -9.72 5.06
CA GLU A 9 8.54 -9.25 6.29
C GLU A 9 7.63 -8.05 6.03
N PRO A 10 6.62 -7.88 6.91
CA PRO A 10 5.66 -6.78 6.79
C PRO A 10 6.29 -5.42 7.07
N LEU A 11 6.30 -5.03 8.35
CA LEU A 11 6.87 -3.75 8.75
C LEU A 11 6.84 -3.61 10.28
N GLY A 12 5.67 -3.80 10.87
CA GLY A 12 5.52 -3.68 12.30
C GLY A 12 4.63 -4.75 12.88
N LEU A 13 4.58 -5.90 12.23
CA LEU A 13 3.75 -7.01 12.69
C LEU A 13 4.61 -8.15 13.21
N LYS A 14 5.92 -7.93 13.27
CA LYS A 14 6.86 -8.94 13.74
C LYS A 14 7.40 -8.57 15.12
N ASN A 15 7.68 -7.28 15.31
CA ASN A 15 8.21 -6.79 16.58
C ASN A 15 8.44 -5.29 16.52
N ASN A 16 8.77 -4.78 15.34
CA ASN A 16 9.02 -3.36 15.15
C ASN A 16 7.81 -2.53 15.60
N THR A 17 6.63 -3.12 15.49
CA THR A 17 5.40 -2.44 15.89
C THR A 17 5.32 -1.05 15.26
N ILE A 18 5.88 -0.91 14.06
CA ILE A 18 5.87 0.36 13.36
C ILE A 18 4.47 0.96 13.31
N PRO A 19 4.37 2.25 13.63
CA PRO A 19 3.08 2.97 13.64
C PRO A 19 2.52 3.16 12.23
N ASP A 20 1.48 3.99 12.11
CA ASP A 20 0.86 4.25 10.82
C ASP A 20 1.43 5.52 10.20
N SER A 21 2.65 5.88 10.61
CA SER A 21 3.31 7.08 10.10
C SER A 21 4.24 6.72 8.93
N GLN A 22 3.78 5.83 8.07
CA GLN A 22 4.57 5.40 6.92
C GLN A 22 3.84 5.71 5.62
N MET A 23 2.56 5.33 5.55
CA MET A 23 1.75 5.57 4.36
C MET A 23 1.08 6.94 4.43
N SER A 24 0.68 7.45 3.27
CA SER A 24 0.02 8.75 3.20
C SER A 24 -0.46 9.03 1.78
N ALA A 25 -1.77 9.27 1.64
CA ALA A 25 -2.36 9.56 0.34
C ALA A 25 -2.79 11.01 0.24
N SER A 26 -3.10 11.46 -0.97
CA SER A 26 -3.52 12.84 -1.19
C SER A 26 -4.66 13.21 -0.24
N SER A 27 -5.61 12.31 -0.08
CA SER A 27 -6.75 12.54 0.80
C SER A 27 -7.63 11.31 0.90
N SER A 28 -8.44 11.24 1.95
CA SER A 28 -9.33 10.11 2.16
C SER A 28 -10.79 10.52 1.99
N TYR A 29 -11.68 9.54 1.96
CA TYR A 29 -13.11 9.81 1.79
C TYR A 29 -13.59 10.85 2.80
N LYS A 30 -14.54 11.66 2.39
CA LYS A 30 -15.10 12.70 3.25
C LYS A 30 -15.99 12.09 4.33
N THR A 31 -16.29 12.88 5.36
CA THR A 31 -17.12 12.41 6.45
C THR A 31 -17.32 13.50 7.51
N TRP A 32 -18.57 13.81 7.82
CA TRP A 32 -18.88 14.83 8.82
C TRP A 32 -18.67 14.30 10.22
N ASN A 33 -17.46 14.49 10.74
CA ASN A 33 -17.13 14.03 12.10
C ASN A 33 -16.04 14.91 12.71
N LEU A 34 -15.89 14.81 14.02
CA LEU A 34 -14.89 15.59 14.74
C LEU A 34 -13.77 14.69 15.26
N ARG A 35 -14.14 13.71 16.09
CA ARG A 35 -13.18 12.79 16.65
C ARG A 35 -12.40 12.06 15.56
N ALA A 36 -11.12 11.81 15.80
CA ALA A 36 -10.28 11.12 14.83
C ALA A 36 -10.75 9.68 14.64
N PHE A 37 -10.70 8.90 15.71
CA PHE A 37 -11.11 7.50 15.65
C PHE A 37 -10.30 6.74 14.61
N GLY A 38 -8.99 6.97 14.60
CA GLY A 38 -8.12 6.29 13.64
C GLY A 38 -8.46 6.65 12.22
N TRP A 39 -7.96 7.79 11.75
CA TRP A 39 -8.21 8.24 10.39
C TRP A 39 -6.97 8.05 9.52
N TYR A 40 -5.80 8.04 10.15
CA TYR A 40 -4.55 7.86 9.43
C TYR A 40 -4.58 6.60 8.58
N PRO A 41 -3.68 6.54 7.58
CA PRO A 41 -3.59 5.39 6.68
C PRO A 41 -3.04 4.15 7.37
N HIS A 42 -2.66 3.15 6.58
CA HIS A 42 -2.12 1.91 7.12
C HIS A 42 -3.18 1.16 7.93
N LEU A 43 -4.38 1.06 7.37
CA LEU A 43 -5.48 0.37 8.05
C LEU A 43 -5.55 -1.09 7.62
N GLY A 44 -5.12 -1.36 6.40
CA GLY A 44 -5.14 -2.73 5.89
C GLY A 44 -4.20 -3.64 6.65
N ARG A 45 -3.34 -3.05 7.47
CA ARG A 45 -2.38 -3.81 8.25
C ARG A 45 -3.05 -4.97 8.97
N LEU A 46 -2.26 -5.93 9.42
CA LEU A 46 -2.78 -7.09 10.13
C LEU A 46 -2.92 -6.81 11.62
N ASP A 47 -3.86 -5.93 11.96
CA ASP A 47 -4.09 -5.57 13.36
C ASP A 47 -5.17 -4.50 13.47
N ASN A 48 -6.16 -4.57 12.57
CA ASN A 48 -7.26 -3.61 12.58
C ASN A 48 -8.33 -4.01 13.58
N GLN A 49 -8.82 -3.02 14.32
CA GLN A 49 -9.86 -3.27 15.33
C GLN A 49 -11.13 -2.52 14.99
N GLY A 50 -11.01 -1.50 14.13
CA GLY A 50 -12.17 -0.72 13.75
C GLY A 50 -13.10 -1.48 12.83
N LYS A 51 -12.92 -1.32 11.52
CA LYS A 51 -13.76 -2.00 10.55
C LYS A 51 -13.32 -1.66 9.13
N ILE A 52 -12.75 -0.47 8.95
CA ILE A 52 -12.28 -0.03 7.64
C ILE A 52 -11.18 -0.94 7.12
N ASN A 53 -10.19 -1.21 7.97
CA ASN A 53 -9.07 -2.07 7.60
C ASN A 53 -8.62 -1.78 6.17
N ALA A 54 -8.60 -0.49 5.81
CA ALA A 54 -8.18 -0.09 4.47
C ALA A 54 -8.33 1.43 4.29
N TRP A 55 -7.48 2.00 3.45
CA TRP A 55 -7.51 3.43 3.19
C TRP A 55 -8.38 3.74 1.98
N THR A 56 -9.32 4.68 2.16
CA THR A 56 -10.23 5.07 1.08
C THR A 56 -9.78 6.37 0.43
N ALA A 57 -10.28 6.64 -0.76
CA ALA A 57 -9.93 7.85 -1.49
C ALA A 57 -10.89 8.99 -1.14
N GLN A 58 -10.45 10.22 -1.41
CA GLN A 58 -11.27 11.39 -1.12
C GLN A 58 -12.17 11.73 -2.31
N SER A 59 -11.56 11.96 -3.47
CA SER A 59 -12.30 12.29 -4.67
C SER A 59 -12.78 11.03 -5.37
N ASN A 60 -12.54 9.88 -4.76
CA ASN A 60 -12.94 8.60 -5.33
C ASN A 60 -12.68 8.57 -6.83
N SER A 61 -11.56 9.15 -7.24
CA SER A 61 -11.20 9.19 -8.66
C SER A 61 -9.76 8.69 -8.86
N ALA A 62 -9.35 8.63 -10.12
CA ALA A 62 -8.00 8.18 -10.46
C ALA A 62 -6.97 9.24 -10.12
N LYS A 63 -7.43 10.47 -9.90
CA LYS A 63 -6.55 11.58 -9.57
C LYS A 63 -5.91 11.37 -8.20
N GLU A 64 -6.44 10.42 -7.44
CA GLU A 64 -5.92 10.13 -6.11
C GLU A 64 -4.65 9.29 -6.20
N TRP A 65 -3.75 9.46 -5.23
CA TRP A 65 -2.51 8.71 -5.20
C TRP A 65 -2.04 8.49 -3.77
N LEU A 66 -1.44 7.32 -3.53
CA LEU A 66 -0.95 6.98 -2.20
C LEU A 66 0.57 6.84 -2.19
N GLN A 67 1.22 7.54 -1.27
CA GLN A 67 2.67 7.49 -1.16
C GLN A 67 3.10 7.01 0.22
N VAL A 68 4.19 6.23 0.26
CA VAL A 68 4.69 5.70 1.52
C VAL A 68 6.18 6.02 1.69
N ASP A 69 6.51 6.74 2.75
CA ASP A 69 7.89 7.11 3.02
C ASP A 69 8.35 6.54 4.36
N LEU A 70 9.47 5.84 4.35
CA LEU A 70 10.02 5.24 5.56
C LEU A 70 11.39 5.82 5.89
N GLY A 71 12.09 6.29 4.85
CA GLY A 71 13.41 6.87 5.05
C GLY A 71 14.33 5.95 5.83
N THR A 72 14.08 4.65 5.75
CA THR A 72 14.90 3.67 6.45
C THR A 72 15.79 2.90 5.49
N GLN A 73 15.58 3.13 4.19
CA GLN A 73 16.38 2.45 3.17
C GLN A 73 16.39 0.95 3.40
N ARG A 74 15.27 0.29 3.15
CA ARG A 74 15.16 -1.15 3.32
C ARG A 74 14.98 -1.85 1.98
N GLN A 75 15.45 -3.09 1.91
CA GLN A 75 15.34 -3.88 0.68
C GLN A 75 14.02 -4.64 0.63
N VAL A 76 13.19 -4.32 -0.35
CA VAL A 76 11.90 -4.97 -0.51
C VAL A 76 12.04 -6.29 -1.26
N THR A 77 11.20 -7.26 -0.90
CA THR A 77 11.23 -8.58 -1.54
C THR A 77 9.82 -9.13 -1.73
N GLY A 78 8.85 -8.23 -1.90
CA GLY A 78 7.48 -8.64 -2.08
C GLY A 78 6.49 -7.52 -1.84
N ILE A 79 5.24 -7.73 -2.23
CA ILE A 79 4.20 -6.73 -2.04
C ILE A 79 2.82 -7.38 -1.96
N ILE A 80 1.93 -6.75 -1.20
CA ILE A 80 0.57 -7.26 -1.04
C ILE A 80 -0.41 -6.13 -0.73
N THR A 81 -1.63 -6.27 -1.24
CA THR A 81 -2.66 -5.27 -1.02
C THR A 81 -3.95 -5.90 -0.50
N GLN A 82 -4.77 -5.10 0.19
CA GLN A 82 -6.03 -5.58 0.74
C GLN A 82 -7.13 -4.55 0.55
N GLY A 83 -8.29 -5.02 0.10
CA GLY A 83 -9.42 -4.12 -0.11
C GLY A 83 -10.29 -3.98 1.11
N ALA A 84 -11.33 -3.16 1.01
CA ALA A 84 -12.23 -2.93 2.13
C ALA A 84 -13.69 -3.06 1.68
N ARG A 85 -14.57 -3.34 2.64
CA ARG A 85 -15.99 -3.50 2.34
C ARG A 85 -16.84 -2.68 3.32
N ASP A 86 -17.99 -2.22 2.84
CA ASP A 86 -18.89 -1.43 3.68
C ASP A 86 -20.18 -2.19 3.95
N PHE A 87 -20.07 -3.49 4.17
CA PHE A 87 -21.23 -4.34 4.43
C PHE A 87 -22.17 -4.35 3.24
N GLY A 88 -21.99 -5.33 2.35
CA GLY A 88 -22.83 -5.44 1.17
C GLY A 88 -22.27 -4.69 -0.01
N HIS A 89 -21.74 -3.49 0.24
CA HIS A 89 -21.17 -2.68 -0.82
C HIS A 89 -19.66 -2.89 -0.91
N ILE A 90 -19.22 -4.13 -0.70
CA ILE A 90 -17.81 -4.46 -0.77
C ILE A 90 -17.12 -3.72 -1.90
N GLN A 91 -16.00 -3.07 -1.58
CA GLN A 91 -15.24 -2.31 -2.57
C GLN A 91 -13.84 -2.88 -2.72
N TYR A 92 -13.16 -2.50 -3.80
CA TYR A 92 -11.81 -2.96 -4.06
C TYR A 92 -11.26 -2.35 -5.35
N VAL A 93 -9.94 -2.22 -5.42
CA VAL A 93 -9.29 -1.65 -6.60
C VAL A 93 -8.84 -2.75 -7.54
N ALA A 94 -8.96 -2.49 -8.84
CA ALA A 94 -8.57 -3.45 -9.86
C ALA A 94 -7.18 -3.13 -10.42
N SER A 95 -7.10 -2.01 -11.14
CA SER A 95 -5.83 -1.58 -11.74
C SER A 95 -5.11 -0.61 -10.82
N TYR A 96 -3.86 -0.94 -10.49
CA TYR A 96 -3.05 -0.09 -9.62
C TYR A 96 -1.60 -0.06 -10.08
N LYS A 97 -0.97 1.11 -9.94
CA LYS A 97 0.41 1.27 -10.33
C LYS A 97 1.35 1.24 -9.13
N VAL A 98 2.35 0.37 -9.17
CA VAL A 98 3.30 0.24 -8.08
C VAL A 98 4.64 0.86 -8.45
N ALA A 99 5.03 1.90 -7.72
CA ALA A 99 6.29 2.59 -7.97
C ALA A 99 7.16 2.61 -6.72
N HIS A 100 8.46 2.45 -6.90
CA HIS A 100 9.40 2.47 -5.78
C HIS A 100 10.50 3.50 -6.00
N SER A 101 10.90 4.17 -4.92
CA SER A 101 11.95 5.19 -5.00
C SER A 101 13.06 4.91 -4.00
N ASP A 102 14.25 4.62 -4.52
CA ASP A 102 15.40 4.33 -3.67
C ASP A 102 16.11 5.62 -3.26
N ASP A 103 16.16 6.58 -4.18
CA ASP A 103 16.82 7.86 -3.92
C ASP A 103 15.81 8.90 -3.46
N GLY A 104 14.53 8.62 -3.68
CA GLY A 104 13.48 9.54 -3.29
C GLY A 104 12.98 10.38 -4.45
N VAL A 105 13.87 10.66 -5.41
CA VAL A 105 13.51 11.46 -6.57
C VAL A 105 13.24 10.57 -7.79
N GLN A 106 13.82 9.37 -7.77
CA GLN A 106 13.63 8.43 -8.87
C GLN A 106 12.47 7.48 -8.59
N TRP A 107 11.31 7.77 -9.17
CA TRP A 107 10.13 6.94 -8.98
C TRP A 107 10.00 5.90 -10.09
N THR A 108 10.47 4.69 -9.83
CA THR A 108 10.41 3.61 -10.80
C THR A 108 9.07 2.88 -10.73
N VAL A 109 8.20 3.13 -11.69
CA VAL A 109 6.89 2.49 -11.73
C VAL A 109 6.95 1.16 -12.48
N TYR A 110 8.06 0.94 -13.18
CA TYR A 110 8.25 -0.30 -13.94
C TYR A 110 7.16 -0.44 -15.00
N GLU A 111 7.47 0.02 -16.21
CA GLU A 111 6.52 -0.06 -17.32
C GLU A 111 7.09 -0.89 -18.47
N GLU A 112 6.20 -1.44 -19.29
CA GLU A 112 6.61 -2.26 -20.43
C GLU A 112 7.32 -1.41 -21.49
N GLN A 113 6.65 -0.34 -21.91
CA GLN A 113 7.20 0.56 -22.92
C GLN A 113 6.48 1.90 -22.90
N GLY A 114 5.16 1.86 -22.96
CA GLY A 114 4.38 3.08 -22.95
C GLY A 114 2.91 2.84 -22.63
N SER A 115 2.63 1.68 -22.04
CA SER A 115 1.26 1.31 -21.69
C SER A 115 1.15 1.03 -20.19
N SER A 116 2.29 0.91 -19.54
CA SER A 116 2.33 0.63 -18.10
C SER A 116 1.77 -0.75 -17.80
N LYS A 117 2.53 -1.54 -17.04
CA LYS A 117 2.11 -2.88 -16.67
C LYS A 117 1.28 -2.87 -15.39
N VAL A 118 0.73 -1.70 -15.06
CA VAL A 118 -0.08 -1.56 -13.86
C VAL A 118 -0.75 -2.88 -13.49
N PHE A 119 -0.69 -3.22 -12.20
CA PHE A 119 -1.28 -4.46 -11.71
C PHE A 119 -2.80 -4.39 -11.74
N GLN A 120 -3.41 -5.24 -12.57
CA GLN A 120 -4.86 -5.26 -12.70
C GLN A 120 -5.44 -6.51 -12.05
N GLY A 121 -6.57 -6.35 -11.36
CA GLY A 121 -7.20 -7.48 -10.70
C GLY A 121 -6.85 -7.57 -9.23
N ASN A 122 -7.82 -7.94 -8.40
CA ASN A 122 -7.61 -8.06 -6.97
C ASN A 122 -8.42 -9.22 -6.40
N LEU A 123 -8.08 -9.62 -5.18
CA LEU A 123 -8.78 -10.72 -4.51
C LEU A 123 -9.87 -10.19 -3.59
N ASP A 124 -10.42 -9.03 -3.93
CA ASP A 124 -11.47 -8.42 -3.14
C ASP A 124 -10.96 -8.04 -1.75
N ASN A 125 -11.88 -7.69 -0.86
CA ASN A 125 -11.52 -7.31 0.50
C ASN A 125 -11.44 -8.53 1.41
N ASN A 126 -11.71 -9.71 0.84
CA ASN A 126 -11.66 -10.95 1.60
C ASN A 126 -10.23 -11.45 1.73
N SER A 127 -9.48 -11.43 0.64
CA SER A 127 -8.10 -11.88 0.64
C SER A 127 -7.17 -10.79 0.09
N HIS A 128 -5.89 -10.88 0.44
CA HIS A 128 -4.91 -9.91 -0.02
C HIS A 128 -4.03 -10.51 -1.11
N LYS A 129 -3.37 -9.65 -1.87
CA LYS A 129 -2.50 -10.08 -2.95
C LYS A 129 -1.95 -8.89 -3.73
N LYS A 130 -0.91 -9.13 -4.52
CA LYS A 130 -0.30 -8.09 -5.33
C LYS A 130 0.81 -8.64 -6.20
N ASN A 131 1.90 -9.09 -5.56
CA ASN A 131 3.03 -9.65 -6.29
C ASN A 131 4.09 -10.17 -5.32
N ILE A 132 4.98 -11.02 -5.83
CA ILE A 132 6.04 -11.58 -5.01
C ILE A 132 7.32 -10.77 -5.13
N PHE A 133 8.43 -11.35 -4.65
CA PHE A 133 9.72 -10.68 -4.71
C PHE A 133 9.95 -10.06 -6.08
N GLU A 134 9.76 -10.87 -7.12
CA GLU A 134 9.96 -10.41 -8.50
C GLU A 134 11.32 -9.74 -8.65
N LYS A 135 11.40 -8.46 -8.28
CA LYS A 135 12.63 -7.70 -8.39
C LYS A 135 12.90 -6.93 -7.11
N PRO A 136 13.49 -7.61 -6.11
CA PRO A 136 13.82 -7.00 -4.82
C PRO A 136 14.95 -5.97 -4.93
N PHE A 137 14.97 -5.02 -4.00
CA PHE A 137 16.00 -3.98 -3.99
C PHE A 137 15.74 -2.98 -2.87
N MET A 138 16.75 -2.16 -2.58
CA MET A 138 16.62 -1.15 -1.54
C MET A 138 15.60 -0.08 -1.92
N ALA A 139 14.98 0.53 -0.92
CA ALA A 139 13.98 1.56 -1.15
C ALA A 139 13.80 2.43 0.09
N ARG A 140 13.50 3.71 -0.13
CA ARG A 140 13.29 4.64 0.96
C ARG A 140 11.86 5.18 0.97
N TYR A 141 11.22 5.14 -0.20
CA TYR A 141 9.84 5.62 -0.32
C TYR A 141 9.22 5.11 -1.61
N VAL A 142 8.03 4.51 -1.49
CA VAL A 142 7.31 3.99 -2.66
C VAL A 142 6.04 4.79 -2.93
N ARG A 143 5.69 4.91 -4.20
CA ARG A 143 4.50 5.65 -4.59
C ARG A 143 3.59 4.79 -5.47
N VAL A 144 2.29 4.84 -5.20
CA VAL A 144 1.32 4.06 -5.96
C VAL A 144 0.19 4.95 -6.46
N LEU A 145 -0.40 4.58 -7.61
CA LEU A 145 -1.49 5.33 -8.19
C LEU A 145 -2.51 4.41 -8.86
N PRO A 146 -3.74 4.43 -8.36
CA PRO A 146 -4.83 3.59 -8.90
C PRO A 146 -5.27 4.04 -10.29
N VAL A 147 -5.60 3.08 -11.14
CA VAL A 147 -6.04 3.37 -12.50
C VAL A 147 -7.48 2.92 -12.73
N SER A 148 -7.85 1.81 -12.09
CA SER A 148 -9.20 1.28 -12.22
C SER A 148 -9.67 0.66 -10.90
N TRP A 149 -10.65 1.29 -10.28
CA TRP A 149 -11.19 0.82 -9.01
C TRP A 149 -12.57 0.21 -9.20
N HIS A 150 -13.11 -0.39 -8.14
CA HIS A 150 -14.43 -1.01 -8.19
C HIS A 150 -15.26 -0.61 -6.99
N ASN A 151 -16.42 -0.02 -7.25
CA ASN A 151 -17.31 0.42 -6.18
C ASN A 151 -16.81 1.69 -5.52
N ARG A 152 -15.60 1.64 -4.99
CA ARG A 152 -15.00 2.80 -4.33
C ARG A 152 -13.56 2.50 -3.92
N ILE A 153 -12.66 3.42 -4.20
CA ILE A 153 -11.24 3.27 -3.86
C ILE A 153 -11.08 3.01 -2.37
N THR A 154 -11.03 1.74 -1.98
CA THR A 154 -10.87 1.36 -0.59
C THR A 154 -9.96 0.14 -0.45
N LEU A 155 -8.69 0.39 -0.14
CA LEU A 155 -7.72 -0.69 0.02
C LEU A 155 -6.44 -0.18 0.64
N ARG A 156 -5.50 -1.09 0.89
CA ARG A 156 -4.23 -0.73 1.49
C ARG A 156 -3.07 -1.37 0.74
N LEU A 157 -2.06 -0.58 0.41
CA LEU A 157 -0.89 -1.07 -0.32
C LEU A 157 0.29 -1.26 0.62
N GLU A 158 0.59 -2.52 0.95
CA GLU A 158 1.70 -2.83 1.84
C GLU A 158 2.85 -3.48 1.08
N LEU A 159 4.07 -3.15 1.47
CA LEU A 159 5.26 -3.72 0.82
C LEU A 159 6.04 -4.59 1.78
N LEU A 160 6.55 -5.71 1.27
CA LEU A 160 7.32 -6.64 2.09
C LEU A 160 8.81 -6.54 1.77
N GLY A 161 9.64 -6.78 2.76
CA GLY A 161 11.08 -6.72 2.58
C GLY A 161 11.83 -7.77 3.36
N CYS A 162 13.00 -8.16 2.88
CA CYS A 162 13.81 -9.17 3.55
C CYS A 162 14.30 -8.66 4.91
N LEU A 163 14.37 -7.34 5.04
CA LEU A 163 14.82 -6.73 6.29
C LEU A 163 16.27 -7.10 6.59
N GLU A 164 17.01 -7.46 5.54
CA GLU A 164 18.41 -7.83 5.69
C GLU A 164 19.18 -7.60 4.40
N MET A 1 16.10 -14.55 21.50
CA MET A 1 17.54 -14.52 21.28
C MET A 1 18.02 -15.80 20.61
N LYS A 2 19.10 -15.70 19.85
CA LYS A 2 19.66 -16.85 19.15
C LYS A 2 18.65 -17.42 18.15
N SER A 3 18.57 -16.78 16.99
CA SER A 3 17.64 -17.22 15.94
C SER A 3 17.89 -16.46 14.65
N GLY A 4 17.13 -16.81 13.61
CA GLY A 4 17.29 -16.15 12.33
C GLY A 4 16.11 -16.39 11.41
N HIS A 5 15.14 -15.48 11.44
CA HIS A 5 13.95 -15.59 10.60
C HIS A 5 14.33 -15.65 9.12
N GLY A 6 13.32 -15.80 8.26
CA GLY A 6 13.57 -15.86 6.84
C GLY A 6 13.20 -14.58 6.12
N CYS A 7 12.76 -14.70 4.87
CA CYS A 7 12.38 -13.55 4.08
C CYS A 7 10.91 -13.19 4.30
N SER A 8 10.43 -12.19 3.58
CA SER A 8 9.04 -11.75 3.71
C SER A 8 8.76 -11.22 5.11
N GLU A 9 9.45 -10.14 5.46
CA GLU A 9 9.27 -9.52 6.78
C GLU A 9 8.45 -8.24 6.68
N PRO A 10 7.77 -7.89 7.78
CA PRO A 10 6.94 -6.69 7.84
C PRO A 10 7.76 -5.40 7.81
N LEU A 11 7.13 -4.29 8.17
CA LEU A 11 7.80 -3.00 8.18
C LEU A 11 7.44 -2.22 9.44
N GLY A 12 6.67 -2.84 10.33
CA GLY A 12 6.27 -2.19 11.55
C GLY A 12 5.37 -3.06 12.41
N LEU A 13 5.59 -4.37 12.35
CA LEU A 13 4.79 -5.32 13.13
C LEU A 13 5.69 -6.32 13.84
N LYS A 14 6.97 -5.98 13.96
CA LYS A 14 7.92 -6.86 14.64
C LYS A 14 8.80 -6.07 15.60
N ASN A 15 9.74 -5.31 15.06
CA ASN A 15 10.64 -4.52 15.89
C ASN A 15 10.57 -3.04 15.49
N ASN A 16 10.47 -2.79 14.19
CA ASN A 16 10.39 -1.42 13.68
C ASN A 16 9.23 -0.67 14.32
N THR A 17 8.06 -1.27 14.30
CA THR A 17 6.86 -0.67 14.88
C THR A 17 6.69 0.77 14.39
N ILE A 18 6.94 0.99 13.11
CA ILE A 18 6.82 2.32 12.52
C ILE A 18 5.45 2.93 12.84
N PRO A 19 5.48 4.20 13.26
CA PRO A 19 4.25 4.93 13.61
C PRO A 19 3.40 5.26 12.39
N ASP A 20 2.42 6.14 12.56
CA ASP A 20 1.54 6.53 11.47
C ASP A 20 2.16 7.65 10.64
N SER A 21 3.39 7.43 10.19
CA SER A 21 4.11 8.42 9.39
C SER A 21 4.77 7.77 8.19
N GLN A 22 4.26 6.60 7.80
CA GLN A 22 4.82 5.88 6.66
C GLN A 22 3.93 6.04 5.43
N MET A 23 2.63 5.82 5.61
CA MET A 23 1.68 5.95 4.52
C MET A 23 1.09 7.36 4.47
N SER A 24 0.65 7.77 3.28
CA SER A 24 0.07 9.09 3.10
C SER A 24 -0.50 9.25 1.69
N ALA A 25 -1.83 9.36 1.60
CA ALA A 25 -2.49 9.51 0.31
C ALA A 25 -3.13 10.89 0.19
N SER A 26 -3.69 11.18 -0.99
CA SER A 26 -4.32 12.46 -1.25
C SER A 26 -5.32 12.80 -0.14
N SER A 27 -6.43 12.07 -0.11
CA SER A 27 -7.46 12.29 0.89
C SER A 27 -8.40 11.08 0.99
N SER A 28 -9.04 10.93 2.14
CA SER A 28 -9.95 9.82 2.36
C SER A 28 -11.39 10.22 2.06
N TYR A 29 -12.27 9.24 1.96
CA TYR A 29 -13.68 9.50 1.66
C TYR A 29 -14.24 10.56 2.60
N LYS A 30 -13.71 10.60 3.82
CA LYS A 30 -14.16 11.57 4.81
C LYS A 30 -14.15 12.99 4.24
N THR A 31 -15.24 13.72 4.45
CA THR A 31 -15.36 15.08 3.96
C THR A 31 -15.22 16.09 5.08
N TRP A 32 -15.53 15.65 6.30
CA TRP A 32 -15.44 16.52 7.47
C TRP A 32 -15.33 15.70 8.75
N ASN A 33 -16.32 14.86 9.00
CA ASN A 33 -16.34 14.01 10.19
C ASN A 33 -17.27 12.82 10.01
N LEU A 34 -16.84 11.67 10.49
CA LEU A 34 -17.64 10.45 10.39
C LEU A 34 -17.70 9.71 11.72
N ARG A 35 -18.49 8.64 11.76
CA ARG A 35 -18.63 7.86 12.99
C ARG A 35 -17.80 6.58 12.90
N ALA A 36 -16.48 6.72 13.03
CA ALA A 36 -15.58 5.59 12.97
C ALA A 36 -14.21 5.94 13.53
N PHE A 37 -13.34 4.95 13.62
CA PHE A 37 -11.98 5.16 14.13
C PHE A 37 -10.94 4.81 13.08
N GLY A 38 -11.29 5.04 11.81
CA GLY A 38 -10.37 4.73 10.73
C GLY A 38 -9.76 5.98 10.12
N TRP A 39 -9.79 7.07 10.87
CA TRP A 39 -9.23 8.34 10.40
C TRP A 39 -7.77 8.18 10.00
N TYR A 40 -7.35 8.92 8.98
CA TYR A 40 -5.97 8.86 8.51
C TYR A 40 -5.64 7.46 7.98
N PRO A 41 -4.58 7.38 7.17
CA PRO A 41 -4.13 6.11 6.58
C PRO A 41 -3.53 5.17 7.62
N HIS A 42 -2.82 4.16 7.15
CA HIS A 42 -2.19 3.19 8.04
C HIS A 42 -3.22 2.22 8.60
N LEU A 43 -4.31 2.02 7.88
CA LEU A 43 -5.38 1.13 8.30
C LEU A 43 -4.97 -0.33 8.10
N GLY A 44 -4.18 -0.58 7.07
CA GLY A 44 -3.74 -1.94 6.78
C GLY A 44 -2.71 -2.43 7.78
N ARG A 45 -2.28 -1.54 8.68
CA ARG A 45 -1.30 -1.89 9.70
C ARG A 45 -1.71 -3.16 10.44
N LEU A 46 -0.79 -3.70 11.22
CA LEU A 46 -1.06 -4.91 12.00
C LEU A 46 -2.23 -4.70 12.93
N ASP A 47 -2.96 -5.78 13.21
CA ASP A 47 -4.11 -5.72 14.10
C ASP A 47 -5.31 -5.08 13.41
N ASN A 48 -5.12 -3.85 12.95
CA ASN A 48 -6.18 -3.13 12.26
C ASN A 48 -7.54 -3.44 12.88
N GLN A 49 -7.58 -3.48 14.21
CA GLN A 49 -8.82 -3.77 14.92
C GLN A 49 -9.93 -2.83 14.47
N GLY A 50 -11.14 -3.39 14.31
CA GLY A 50 -12.27 -2.60 13.88
C GLY A 50 -13.08 -3.28 12.79
N LYS A 51 -12.83 -2.89 11.55
CA LYS A 51 -13.54 -3.46 10.41
C LYS A 51 -13.04 -2.88 9.10
N ILE A 52 -12.61 -1.62 9.15
CA ILE A 52 -12.10 -0.94 7.96
C ILE A 52 -10.79 -1.57 7.49
N ASN A 53 -9.77 -1.46 8.33
CA ASN A 53 -8.46 -2.01 7.99
C ASN A 53 -8.11 -1.76 6.53
N ALA A 54 -8.46 -0.58 6.04
CA ALA A 54 -8.18 -0.21 4.66
C ALA A 54 -8.47 1.27 4.41
N TRP A 55 -7.52 1.95 3.78
CA TRP A 55 -7.67 3.37 3.49
C TRP A 55 -8.51 3.59 2.24
N THR A 56 -9.42 4.55 2.29
CA THR A 56 -10.29 4.84 1.17
C THR A 56 -9.89 6.16 0.49
N ALA A 57 -10.43 6.41 -0.68
CA ALA A 57 -10.14 7.63 -1.43
C ALA A 57 -11.17 8.72 -1.13
N GLN A 58 -10.82 9.96 -1.43
CA GLN A 58 -11.71 11.09 -1.19
C GLN A 58 -12.55 11.39 -2.43
N SER A 59 -11.87 11.72 -3.53
CA SER A 59 -12.55 12.04 -4.77
C SER A 59 -13.13 10.78 -5.42
N ASN A 60 -12.77 9.62 -4.87
CA ASN A 60 -13.24 8.34 -5.39
C ASN A 60 -13.03 8.26 -6.89
N SER A 61 -11.95 8.87 -7.36
CA SER A 61 -11.63 8.86 -8.79
C SER A 61 -10.19 8.41 -9.03
N ALA A 62 -9.77 8.40 -10.28
CA ALA A 62 -8.43 8.00 -10.64
C ALA A 62 -7.41 9.09 -10.31
N LYS A 63 -7.92 10.30 -10.07
CA LYS A 63 -7.06 11.43 -9.74
C LYS A 63 -6.39 11.23 -8.38
N GLU A 64 -6.90 10.27 -7.61
CA GLU A 64 -6.35 9.97 -6.30
C GLU A 64 -5.04 9.21 -6.41
N TRP A 65 -4.31 9.12 -5.30
CA TRP A 65 -3.04 8.41 -5.28
C TRP A 65 -2.52 8.25 -3.85
N LEU A 66 -1.80 7.17 -3.61
CA LEU A 66 -1.25 6.91 -2.28
C LEU A 66 0.26 6.88 -2.31
N GLN A 67 0.88 7.59 -1.36
CA GLN A 67 2.33 7.66 -1.29
C GLN A 67 2.83 7.15 0.06
N VAL A 68 3.91 6.37 0.04
CA VAL A 68 4.48 5.82 1.27
C VAL A 68 5.97 6.12 1.35
N ASP A 69 6.39 6.70 2.48
CA ASP A 69 7.79 7.04 2.69
C ASP A 69 8.27 6.52 4.04
N LEU A 70 9.44 5.91 4.05
CA LEU A 70 10.02 5.37 5.27
C LEU A 70 11.35 6.04 5.60
N GLY A 71 12.08 6.43 4.55
CA GLY A 71 13.36 7.08 4.74
C GLY A 71 14.33 6.24 5.55
N THR A 72 14.07 4.94 5.61
CA THR A 72 14.92 4.02 6.36
C THR A 72 15.75 3.15 5.43
N GLN A 73 15.53 3.31 4.13
CA GLN A 73 16.25 2.53 3.13
C GLN A 73 16.20 1.04 3.45
N ARG A 74 15.09 0.41 3.07
CA ARG A 74 14.92 -1.02 3.32
C ARG A 74 14.77 -1.78 2.00
N GLN A 75 15.24 -3.03 2.00
CA GLN A 75 15.17 -3.86 0.80
C GLN A 75 13.85 -4.64 0.76
N VAL A 76 13.05 -4.37 -0.26
CA VAL A 76 11.76 -5.05 -0.41
C VAL A 76 11.90 -6.32 -1.24
N THR A 77 11.16 -7.35 -0.85
CA THR A 77 11.20 -8.63 -1.55
C THR A 77 9.82 -9.25 -1.65
N GLY A 78 8.79 -8.42 -1.52
CA GLY A 78 7.43 -8.90 -1.59
C GLY A 78 6.41 -7.83 -1.25
N ILE A 79 5.19 -7.99 -1.73
CA ILE A 79 4.12 -7.04 -1.48
C ILE A 79 2.76 -7.71 -1.52
N ILE A 80 1.80 -7.16 -0.77
CA ILE A 80 0.45 -7.70 -0.72
C ILE A 80 -0.56 -6.62 -0.41
N THR A 81 -1.74 -6.71 -1.04
CA THR A 81 -2.80 -5.73 -0.83
C THR A 81 -4.12 -6.43 -0.50
N GLN A 82 -5.07 -5.65 0.01
CA GLN A 82 -6.38 -6.19 0.37
C GLN A 82 -7.44 -5.10 0.32
N GLY A 83 -8.60 -5.43 -0.25
CA GLY A 83 -9.68 -4.48 -0.35
C GLY A 83 -10.53 -4.41 0.91
N ALA A 84 -11.48 -3.49 0.94
CA ALA A 84 -12.36 -3.33 2.09
C ALA A 84 -13.79 -3.09 1.66
N ARG A 85 -14.73 -3.22 2.61
CA ARG A 85 -16.14 -3.02 2.32
C ARG A 85 -16.67 -1.78 3.06
N ASP A 86 -17.83 -1.31 2.63
CA ASP A 86 -18.45 -0.13 3.24
C ASP A 86 -19.72 -0.53 4.00
N PHE A 87 -19.54 -0.97 5.24
CA PHE A 87 -20.68 -1.38 6.07
C PHE A 87 -21.74 -2.08 5.22
N GLY A 88 -21.29 -2.99 4.36
CA GLY A 88 -22.22 -3.72 3.51
C GLY A 88 -21.66 -3.95 2.11
N HIS A 89 -21.76 -2.93 1.27
CA HIS A 89 -21.26 -3.03 -0.09
C HIS A 89 -19.75 -3.26 -0.12
N ILE A 90 -19.33 -4.39 -0.68
CA ILE A 90 -17.92 -4.73 -0.76
C ILE A 90 -17.23 -3.93 -1.86
N GLN A 91 -16.10 -3.30 -1.51
CA GLN A 91 -15.35 -2.51 -2.46
C GLN A 91 -13.92 -3.04 -2.60
N TYR A 92 -13.24 -2.63 -3.67
CA TYR A 92 -11.88 -3.07 -3.92
C TYR A 92 -11.35 -2.50 -5.23
N VAL A 93 -10.04 -2.30 -5.30
CA VAL A 93 -9.40 -1.76 -6.49
C VAL A 93 -8.91 -2.88 -7.41
N ALA A 94 -8.75 -2.56 -8.69
CA ALA A 94 -8.27 -3.53 -9.66
C ALA A 94 -6.94 -3.10 -10.26
N SER A 95 -6.98 -2.09 -11.13
CA SER A 95 -5.78 -1.59 -11.77
C SER A 95 -5.07 -0.56 -10.89
N TYR A 96 -3.82 -0.84 -10.55
CA TYR A 96 -3.04 0.07 -9.72
C TYR A 96 -1.60 0.16 -10.22
N LYS A 97 -0.94 1.26 -9.86
CA LYS A 97 0.44 1.49 -10.28
C LYS A 97 1.39 1.44 -9.08
N VAL A 98 2.44 0.64 -9.20
CA VAL A 98 3.43 0.51 -8.12
C VAL A 98 4.75 1.15 -8.51
N ALA A 99 5.13 2.21 -7.79
CA ALA A 99 6.38 2.90 -8.05
C ALA A 99 7.24 2.97 -6.81
N HIS A 100 8.56 2.81 -6.98
CA HIS A 100 9.49 2.85 -5.87
C HIS A 100 10.60 3.88 -6.12
N SER A 101 10.98 4.59 -5.08
CA SER A 101 12.02 5.60 -5.18
C SER A 101 13.12 5.38 -4.16
N ASP A 102 14.34 5.19 -4.63
CA ASP A 102 15.49 4.94 -3.75
C ASP A 102 16.10 6.27 -3.30
N ASP A 103 16.14 7.24 -4.20
CA ASP A 103 16.70 8.55 -3.90
C ASP A 103 15.60 9.53 -3.48
N GLY A 104 14.37 9.23 -3.87
CA GLY A 104 13.26 10.09 -3.52
C GLY A 104 12.69 10.82 -4.73
N VAL A 105 13.57 11.13 -5.68
CA VAL A 105 13.16 11.84 -6.89
C VAL A 105 12.98 10.88 -8.06
N GLN A 106 13.74 9.78 -8.04
CA GLN A 106 13.66 8.78 -9.10
C GLN A 106 12.55 7.78 -8.81
N TRP A 107 11.42 7.95 -9.49
CA TRP A 107 10.28 7.05 -9.32
C TRP A 107 10.32 5.92 -10.34
N THR A 108 10.62 4.72 -9.87
CA THR A 108 10.68 3.56 -10.74
C THR A 108 9.42 2.71 -10.63
N VAL A 109 8.66 2.64 -11.72
CA VAL A 109 7.42 1.86 -11.74
C VAL A 109 7.64 0.50 -12.37
N TYR A 110 7.09 -0.54 -11.75
CA TYR A 110 7.22 -1.89 -12.26
C TYR A 110 6.64 -2.02 -13.67
N GLU A 111 7.49 -1.90 -14.67
CA GLU A 111 7.06 -2.00 -16.06
C GLU A 111 6.52 -3.40 -16.36
N GLU A 112 5.47 -3.46 -17.18
CA GLU A 112 4.85 -4.73 -17.54
C GLU A 112 5.60 -5.36 -18.72
N GLN A 113 6.26 -4.54 -19.51
CA GLN A 113 7.01 -5.02 -20.67
C GLN A 113 7.77 -3.89 -21.33
N GLY A 114 8.49 -3.10 -20.53
CA GLY A 114 9.26 -2.00 -21.07
C GLY A 114 8.38 -0.79 -21.39
N SER A 115 7.23 -0.72 -20.74
CA SER A 115 6.30 0.39 -20.96
C SER A 115 6.15 1.23 -19.69
N SER A 116 6.44 0.63 -18.54
CA SER A 116 6.34 1.32 -17.27
C SER A 116 4.90 1.72 -16.98
N LYS A 117 3.97 0.81 -17.26
CA LYS A 117 2.55 1.07 -17.04
C LYS A 117 2.08 0.44 -15.73
N VAL A 118 0.78 0.52 -15.47
CA VAL A 118 0.20 -0.04 -14.26
C VAL A 118 -0.05 -1.54 -14.40
N PHE A 119 -0.69 -2.12 -13.40
CA PHE A 119 -1.00 -3.55 -13.42
C PHE A 119 -2.44 -3.81 -12.99
N GLN A 120 -3.17 -4.55 -13.81
CA GLN A 120 -4.56 -4.87 -13.52
C GLN A 120 -4.66 -6.01 -12.51
N GLY A 121 -5.57 -5.87 -11.55
CA GLY A 121 -5.74 -6.90 -10.54
C GLY A 121 -7.11 -6.84 -9.89
N ASN A 122 -7.21 -7.36 -8.68
CA ASN A 122 -8.47 -7.37 -7.94
C ASN A 122 -8.32 -8.11 -6.61
N LEU A 123 -8.37 -9.44 -6.67
CA LEU A 123 -8.25 -10.26 -5.48
C LEU A 123 -9.40 -10.00 -4.51
N ASP A 124 -10.44 -9.34 -5.01
CA ASP A 124 -11.61 -9.03 -4.20
C ASP A 124 -11.20 -8.40 -2.87
N ASN A 125 -12.16 -8.30 -1.94
CA ASN A 125 -11.89 -7.71 -0.65
C ASN A 125 -11.50 -8.79 0.37
N ASN A 126 -11.57 -10.04 -0.05
CA ASN A 126 -11.22 -11.16 0.82
C ASN A 126 -9.80 -11.65 0.53
N SER A 127 -9.59 -12.16 -0.68
CA SER A 127 -8.29 -12.67 -1.09
C SER A 127 -7.23 -11.57 -1.00
N HIS A 128 -6.15 -11.84 -0.26
CA HIS A 128 -5.08 -10.88 -0.11
C HIS A 128 -3.85 -11.29 -0.93
N LYS A 129 -3.31 -10.33 -1.67
CA LYS A 129 -2.14 -10.58 -2.51
C LYS A 129 -1.76 -9.35 -3.30
N LYS A 130 -0.69 -9.46 -4.10
CA LYS A 130 -0.22 -8.34 -4.91
C LYS A 130 0.93 -8.78 -5.81
N ASN A 131 2.04 -9.18 -5.19
CA ASN A 131 3.21 -9.61 -5.94
C ASN A 131 4.25 -10.24 -5.00
N ILE A 132 5.16 -11.02 -5.58
CA ILE A 132 6.21 -11.67 -4.79
C ILE A 132 7.52 -10.90 -4.89
N PHE A 133 8.63 -11.61 -4.72
CA PHE A 133 9.94 -10.99 -4.78
C PHE A 133 10.33 -10.68 -6.23
N GLU A 134 9.50 -9.88 -6.89
CA GLU A 134 9.75 -9.51 -8.28
C GLU A 134 10.85 -8.46 -8.37
N LYS A 135 12.10 -8.92 -8.29
CA LYS A 135 13.25 -8.02 -8.36
C LYS A 135 13.34 -7.14 -7.12
N PRO A 136 13.81 -7.72 -6.01
CA PRO A 136 13.95 -7.02 -4.74
C PRO A 136 15.06 -5.97 -4.78
N PHE A 137 15.00 -5.00 -3.88
CA PHE A 137 15.99 -3.94 -3.81
C PHE A 137 15.65 -2.94 -2.72
N MET A 138 16.62 -2.11 -2.36
CA MET A 138 16.42 -1.10 -1.32
C MET A 138 15.49 0.01 -1.81
N ALA A 139 14.77 0.61 -0.88
CA ALA A 139 13.83 1.68 -1.22
C ALA A 139 13.70 2.68 -0.07
N ARG A 140 13.47 3.95 -0.41
CA ARG A 140 13.33 5.00 0.58
C ARG A 140 11.90 5.53 0.63
N TYR A 141 11.29 5.63 -0.54
CA TYR A 141 9.91 6.12 -0.64
C TYR A 141 9.23 5.59 -1.90
N VAL A 142 8.12 4.88 -1.71
CA VAL A 142 7.38 4.30 -2.82
C VAL A 142 6.04 5.02 -3.00
N ARG A 143 5.64 5.21 -4.25
CA ARG A 143 4.39 5.87 -4.57
C ARG A 143 3.52 5.00 -5.48
N VAL A 144 2.21 5.03 -5.24
CA VAL A 144 1.28 4.24 -6.05
C VAL A 144 0.12 5.10 -6.53
N LEU A 145 -0.45 4.73 -7.67
CA LEU A 145 -1.57 5.47 -8.24
C LEU A 145 -2.58 4.51 -8.87
N PRO A 146 -3.84 4.59 -8.42
CA PRO A 146 -4.92 3.74 -8.94
C PRO A 146 -5.31 4.10 -10.38
N VAL A 147 -5.83 3.13 -11.11
CA VAL A 147 -6.24 3.34 -12.49
C VAL A 147 -7.65 2.79 -12.74
N SER A 148 -7.95 1.65 -12.12
CA SER A 148 -9.24 1.02 -12.28
C SER A 148 -9.70 0.37 -10.98
N TRP A 149 -10.67 0.99 -10.31
CA TRP A 149 -11.19 0.48 -9.05
C TRP A 149 -12.57 -0.13 -9.25
N HIS A 150 -13.12 -0.71 -8.18
CA HIS A 150 -14.44 -1.33 -8.23
C HIS A 150 -15.26 -0.94 -7.01
N ASN A 151 -16.44 -0.38 -7.26
CA ASN A 151 -17.34 0.04 -6.18
C ASN A 151 -16.82 1.31 -5.53
N ARG A 152 -15.62 1.24 -4.96
CA ARG A 152 -15.02 2.39 -4.29
C ARG A 152 -13.56 2.12 -3.96
N ILE A 153 -12.72 3.14 -4.10
CA ILE A 153 -11.30 3.01 -3.80
C ILE A 153 -11.07 2.77 -2.32
N THR A 154 -11.18 1.51 -1.90
CA THR A 154 -10.98 1.15 -0.51
C THR A 154 -10.13 -0.11 -0.38
N LEU A 155 -8.89 0.06 0.08
CA LEU A 155 -7.97 -1.07 0.25
C LEU A 155 -6.73 -0.65 1.01
N ARG A 156 -5.77 -1.56 1.12
CA ARG A 156 -4.52 -1.28 1.82
C ARG A 156 -3.36 -2.05 1.20
N LEU A 157 -2.22 -1.38 1.03
CA LEU A 157 -1.05 -1.99 0.45
C LEU A 157 0.04 -2.21 1.50
N GLU A 158 0.61 -3.41 1.52
CA GLU A 158 1.66 -3.73 2.48
C GLU A 158 2.96 -4.10 1.76
N LEU A 159 4.08 -3.68 2.33
CA LEU A 159 5.39 -3.96 1.75
C LEU A 159 6.17 -4.94 2.62
N LEU A 160 6.81 -5.90 1.97
CA LEU A 160 7.60 -6.91 2.68
C LEU A 160 9.05 -6.91 2.19
N GLY A 161 9.98 -7.25 3.09
CA GLY A 161 11.38 -7.30 2.72
C GLY A 161 12.03 -8.62 3.08
N CYS A 162 13.31 -8.76 2.76
CA CYS A 162 14.05 -9.98 3.04
C CYS A 162 14.93 -9.80 4.27
N LEU A 163 15.18 -8.55 4.64
CA LEU A 163 16.01 -8.24 5.80
C LEU A 163 17.33 -9.00 5.73
N GLU A 164 17.85 -9.19 4.52
CA GLU A 164 19.11 -9.89 4.33
C GLU A 164 20.22 -8.92 3.94
N MET A 1 28.41 -15.20 13.98
CA MET A 1 26.96 -15.22 14.12
C MET A 1 26.29 -15.05 12.76
N LYS A 2 25.08 -15.57 12.64
CA LYS A 2 24.31 -15.47 11.40
C LYS A 2 22.88 -15.05 11.67
N SER A 3 22.31 -14.28 10.74
CA SER A 3 20.93 -13.81 10.87
C SER A 3 20.10 -14.20 9.67
N GLY A 4 18.89 -13.65 9.58
CA GLY A 4 18.01 -13.96 8.47
C GLY A 4 17.52 -15.39 8.49
N HIS A 5 16.44 -15.63 9.24
CA HIS A 5 15.88 -16.97 9.34
C HIS A 5 14.77 -17.17 8.31
N GLY A 6 14.01 -16.11 8.04
CA GLY A 6 12.94 -16.19 7.07
C GLY A 6 12.70 -14.88 6.35
N CYS A 7 12.25 -14.98 5.10
CA CYS A 7 12.00 -13.80 4.29
C CYS A 7 10.58 -13.29 4.51
N SER A 8 10.20 -12.25 3.76
CA SER A 8 8.88 -11.66 3.87
C SER A 8 8.69 -11.03 5.24
N GLU A 9 9.38 -9.91 5.47
CA GLU A 9 9.29 -9.21 6.74
C GLU A 9 8.47 -7.94 6.59
N PRO A 10 7.88 -7.47 7.71
CA PRO A 10 7.05 -6.26 7.73
C PRO A 10 7.89 -4.99 7.52
N LEU A 11 7.26 -3.84 7.75
CA LEU A 11 7.93 -2.56 7.57
C LEU A 11 8.15 -1.88 8.92
N GLY A 12 7.35 -2.25 9.91
CA GLY A 12 7.48 -1.68 11.23
C GLY A 12 6.81 -2.51 12.30
N LEU A 13 7.04 -3.82 12.25
CA LEU A 13 6.46 -4.74 13.23
C LEU A 13 7.52 -5.65 13.83
N LYS A 14 8.77 -5.42 13.45
CA LYS A 14 9.88 -6.22 13.95
C LYS A 14 10.88 -5.34 14.71
N ASN A 15 11.65 -4.56 13.96
CA ASN A 15 12.65 -3.68 14.57
C ASN A 15 12.35 -2.22 14.23
N ASN A 16 11.87 -1.99 13.01
CA ASN A 16 11.55 -0.63 12.55
C ASN A 16 10.50 0.00 13.45
N THR A 17 9.46 -0.75 13.76
CA THR A 17 8.39 -0.26 14.62
C THR A 17 7.89 1.10 14.13
N ILE A 18 7.86 1.28 12.81
CA ILE A 18 7.40 2.53 12.23
C ILE A 18 5.96 2.84 12.65
N PRO A 19 5.74 4.07 13.11
CA PRO A 19 4.41 4.52 13.56
C PRO A 19 3.44 4.68 12.39
N ASP A 20 2.33 5.35 12.65
CA ASP A 20 1.31 5.58 11.63
C ASP A 20 1.84 6.50 10.53
N SER A 21 2.98 7.13 10.80
CA SER A 21 3.59 8.05 9.85
C SER A 21 4.32 7.29 8.74
N GLN A 22 3.61 6.36 8.10
CA GLN A 22 4.19 5.56 7.03
C GLN A 22 3.42 5.74 5.74
N MET A 23 2.10 5.61 5.82
CA MET A 23 1.24 5.75 4.64
C MET A 23 0.74 7.18 4.51
N SER A 24 0.31 7.55 3.30
CA SER A 24 -0.19 8.89 3.05
C SER A 24 -0.61 9.04 1.59
N ALA A 25 -1.87 9.41 1.38
CA ALA A 25 -2.39 9.58 0.03
C ALA A 25 -2.77 11.04 -0.22
N SER A 26 -3.05 11.36 -1.48
CA SER A 26 -3.41 12.73 -1.86
C SER A 26 -4.56 13.24 -0.99
N SER A 27 -5.50 12.36 -0.69
CA SER A 27 -6.65 12.73 0.13
C SER A 27 -7.56 11.52 0.36
N SER A 28 -7.91 11.28 1.62
CA SER A 28 -8.77 10.16 1.97
C SER A 28 -10.22 10.60 2.06
N TYR A 29 -11.13 9.62 2.11
CA TYR A 29 -12.56 9.92 2.20
C TYR A 29 -12.84 10.93 3.29
N LYS A 30 -13.94 11.67 3.13
CA LYS A 30 -14.33 12.68 4.10
C LYS A 30 -14.36 12.10 5.51
N THR A 31 -14.15 12.97 6.51
CA THR A 31 -14.15 12.54 7.90
C THR A 31 -14.45 13.71 8.83
N TRP A 32 -14.70 13.40 10.10
CA TRP A 32 -15.00 14.42 11.10
C TRP A 32 -13.81 15.35 11.29
N ASN A 33 -12.62 14.86 10.96
CA ASN A 33 -11.41 15.65 11.10
C ASN A 33 -11.56 17.02 10.45
N LEU A 34 -10.61 17.91 10.70
CA LEU A 34 -10.64 19.25 10.13
C LEU A 34 -9.65 19.37 8.97
N ARG A 35 -9.38 18.25 8.31
CA ARG A 35 -8.46 18.24 7.19
C ARG A 35 -7.05 18.63 7.62
N ALA A 36 -6.20 17.64 7.84
CA ALA A 36 -4.83 17.89 8.27
C ALA A 36 -3.89 17.97 7.07
N PHE A 37 -2.58 17.98 7.33
CA PHE A 37 -1.58 18.07 6.28
C PHE A 37 -0.46 17.08 6.53
N GLY A 38 -0.81 15.79 6.62
CA GLY A 38 0.19 14.77 6.86
C GLY A 38 -0.40 13.38 6.91
N TRP A 39 -0.45 12.81 8.11
CA TRP A 39 -1.00 11.47 8.30
C TRP A 39 -2.51 11.47 8.08
N TYR A 40 -3.07 10.28 7.87
CA TYR A 40 -4.50 10.14 7.64
C TYR A 40 -4.88 8.68 7.41
N PRO A 41 -4.32 8.08 6.36
CA PRO A 41 -4.58 6.68 6.01
C PRO A 41 -3.97 5.71 7.02
N HIS A 42 -2.76 5.24 6.72
CA HIS A 42 -2.06 4.30 7.60
C HIS A 42 -3.04 3.29 8.20
N LEU A 43 -3.93 2.76 7.36
CA LEU A 43 -4.92 1.79 7.81
C LEU A 43 -4.43 0.37 7.55
N GLY A 44 -3.59 0.21 6.54
CA GLY A 44 -3.06 -1.10 6.21
C GLY A 44 -2.21 -1.68 7.31
N ARG A 45 -1.87 -0.85 8.29
CA ARG A 45 -1.05 -1.29 9.42
C ARG A 45 -1.53 -2.64 9.94
N LEU A 46 -0.62 -3.40 10.53
CA LEU A 46 -0.94 -4.71 11.08
C LEU A 46 -1.78 -4.58 12.34
N ASP A 47 -2.58 -5.59 12.64
CA ASP A 47 -3.43 -5.60 13.82
C ASP A 47 -4.29 -4.34 13.87
N ASN A 48 -5.14 -4.18 12.87
CA ASN A 48 -6.03 -3.03 12.79
C ASN A 48 -6.83 -2.88 14.07
N GLN A 49 -6.78 -1.69 14.67
CA GLN A 49 -7.50 -1.42 15.91
C GLN A 49 -8.99 -1.23 15.64
N GLY A 50 -9.31 -0.72 14.44
CA GLY A 50 -10.70 -0.50 14.07
C GLY A 50 -11.29 -1.66 13.31
N LYS A 51 -11.22 -1.60 11.99
CA LYS A 51 -11.77 -2.66 11.14
C LYS A 51 -11.54 -2.35 9.67
N ILE A 52 -11.51 -1.07 9.34
CA ILE A 52 -11.30 -0.65 7.95
C ILE A 52 -10.10 -1.38 7.34
N ASN A 53 -8.94 -1.22 7.94
CA ASN A 53 -7.73 -1.86 7.45
C ASN A 53 -7.51 -1.56 5.96
N ALA A 54 -7.87 -0.36 5.56
CA ALA A 54 -7.72 0.06 4.17
C ALA A 54 -8.11 1.52 3.99
N TRP A 55 -7.18 2.31 3.47
CA TRP A 55 -7.42 3.74 3.23
C TRP A 55 -8.31 3.95 2.01
N THR A 56 -9.28 4.85 2.13
CA THR A 56 -10.19 5.15 1.03
C THR A 56 -9.80 6.45 0.33
N ALA A 57 -10.41 6.69 -0.82
CA ALA A 57 -10.13 7.90 -1.59
C ALA A 57 -11.00 9.05 -1.12
N GLN A 58 -10.63 10.28 -1.50
CA GLN A 58 -11.37 11.46 -1.12
C GLN A 58 -12.44 11.79 -2.15
N SER A 59 -12.06 11.77 -3.43
CA SER A 59 -12.98 12.06 -4.51
C SER A 59 -13.43 10.78 -5.22
N ASN A 60 -13.17 9.65 -4.59
CA ASN A 60 -13.53 8.35 -5.15
C ASN A 60 -13.25 8.32 -6.65
N SER A 61 -12.10 8.84 -7.04
CA SER A 61 -11.72 8.87 -8.46
C SER A 61 -10.32 8.28 -8.65
N ALA A 62 -9.82 8.37 -9.87
CA ALA A 62 -8.50 7.85 -10.20
C ALA A 62 -7.42 8.92 -10.00
N LYS A 63 -7.84 10.18 -9.95
CA LYS A 63 -6.91 11.29 -9.76
C LYS A 63 -6.14 11.13 -8.46
N GLU A 64 -6.72 10.41 -7.51
CA GLU A 64 -6.08 10.18 -6.21
C GLU A 64 -4.87 9.26 -6.37
N TRP A 65 -4.06 9.18 -5.31
CA TRP A 65 -2.87 8.34 -5.33
C TRP A 65 -2.42 8.02 -3.91
N LEU A 66 -1.86 6.82 -3.73
CA LEU A 66 -1.38 6.39 -2.42
C LEU A 66 0.13 6.40 -2.36
N GLN A 67 0.68 7.11 -1.38
CA GLN A 67 2.13 7.19 -1.21
C GLN A 67 2.55 6.69 0.16
N VAL A 68 3.68 6.00 0.21
CA VAL A 68 4.20 5.47 1.46
C VAL A 68 5.65 5.88 1.70
N ASP A 69 5.88 6.62 2.79
CA ASP A 69 7.22 7.08 3.13
C ASP A 69 7.83 6.24 4.24
N LEU A 70 9.00 5.68 3.98
CA LEU A 70 9.68 4.85 4.96
C LEU A 70 10.85 5.61 5.60
N GLY A 71 11.76 6.10 4.76
CA GLY A 71 12.91 6.83 5.25
C GLY A 71 13.92 5.94 5.93
N THR A 72 13.68 4.63 5.89
CA THR A 72 14.58 3.67 6.50
C THR A 72 15.39 2.91 5.45
N GLN A 73 14.97 3.03 4.20
CA GLN A 73 15.66 2.35 3.10
C GLN A 73 15.84 0.87 3.40
N ARG A 74 14.81 0.08 3.09
CA ARG A 74 14.86 -1.35 3.33
C ARG A 74 14.71 -2.13 2.02
N GLN A 75 15.27 -3.32 1.97
CA GLN A 75 15.21 -4.16 0.79
C GLN A 75 13.89 -4.92 0.73
N VAL A 76 13.09 -4.65 -0.31
CA VAL A 76 11.80 -5.31 -0.47
C VAL A 76 11.93 -6.55 -1.36
N THR A 77 11.24 -7.62 -0.95
CA THR A 77 11.28 -8.86 -1.71
C THR A 77 9.87 -9.33 -2.07
N GLY A 78 8.89 -8.47 -1.83
CA GLY A 78 7.51 -8.81 -2.13
C GLY A 78 6.53 -7.75 -1.66
N ILE A 79 5.44 -7.59 -2.40
CA ILE A 79 4.43 -6.60 -2.06
C ILE A 79 3.04 -7.23 -1.98
N ILE A 80 2.20 -6.68 -1.12
CA ILE A 80 0.84 -7.19 -0.95
C ILE A 80 -0.14 -6.06 -0.64
N THR A 81 -1.35 -6.18 -1.17
CA THR A 81 -2.38 -5.17 -0.95
C THR A 81 -3.67 -5.80 -0.46
N GLN A 82 -4.50 -5.00 0.22
CA GLN A 82 -5.76 -5.48 0.75
C GLN A 82 -6.85 -4.42 0.61
N GLY A 83 -8.03 -4.84 0.18
CA GLY A 83 -9.14 -3.91 0.02
C GLY A 83 -10.01 -3.83 1.25
N ALA A 84 -11.01 -2.95 1.21
CA ALA A 84 -11.92 -2.78 2.33
C ALA A 84 -13.37 -2.92 1.89
N ARG A 85 -14.21 -3.44 2.78
CA ARG A 85 -15.63 -3.64 2.48
C ARG A 85 -16.50 -2.94 3.52
N ASP A 86 -17.68 -2.50 3.10
CA ASP A 86 -18.61 -1.82 3.99
C ASP A 86 -19.86 -2.67 4.22
N PHE A 87 -19.66 -3.98 4.35
CA PHE A 87 -20.77 -4.89 4.57
C PHE A 87 -21.73 -4.89 3.37
N GLY A 88 -21.47 -5.76 2.41
CA GLY A 88 -22.32 -5.84 1.23
C GLY A 88 -21.81 -4.98 0.09
N HIS A 89 -21.36 -3.77 0.42
CA HIS A 89 -20.85 -2.85 -0.59
C HIS A 89 -19.33 -2.97 -0.72
N ILE A 90 -18.84 -4.20 -0.61
CA ILE A 90 -17.40 -4.45 -0.71
C ILE A 90 -16.76 -3.54 -1.76
N GLN A 91 -15.64 -2.93 -1.39
CA GLN A 91 -14.92 -2.03 -2.29
C GLN A 91 -13.49 -2.50 -2.48
N TYR A 92 -12.90 -2.17 -3.63
CA TYR A 92 -11.54 -2.54 -3.94
C TYR A 92 -11.12 -2.04 -5.32
N VAL A 93 -9.85 -1.72 -5.47
CA VAL A 93 -9.32 -1.23 -6.73
C VAL A 93 -8.75 -2.36 -7.58
N ALA A 94 -8.69 -2.15 -8.89
CA ALA A 94 -8.16 -3.15 -9.80
C ALA A 94 -6.89 -2.68 -10.49
N SER A 95 -7.04 -1.80 -11.48
CA SER A 95 -5.90 -1.28 -12.21
C SER A 95 -5.27 -0.11 -11.45
N TYR A 96 -3.97 -0.22 -11.19
CA TYR A 96 -3.25 0.83 -10.48
C TYR A 96 -1.75 0.79 -10.83
N LYS A 97 -1.09 1.93 -10.69
CA LYS A 97 0.33 2.03 -10.98
C LYS A 97 1.16 1.90 -9.71
N VAL A 98 2.14 1.01 -9.73
CA VAL A 98 3.01 0.79 -8.60
C VAL A 98 4.43 1.26 -8.87
N ALA A 99 4.83 2.34 -8.20
CA ALA A 99 6.16 2.90 -8.37
C ALA A 99 6.94 2.91 -7.05
N HIS A 100 8.23 2.63 -7.13
CA HIS A 100 9.08 2.62 -5.95
C HIS A 100 10.24 3.60 -6.09
N SER A 101 10.59 4.24 -4.98
CA SER A 101 11.68 5.22 -4.99
C SER A 101 12.72 4.87 -3.92
N ASP A 102 13.95 4.63 -4.36
CA ASP A 102 15.04 4.29 -3.45
C ASP A 102 15.73 5.55 -2.94
N ASP A 103 15.75 6.58 -3.77
CA ASP A 103 16.39 7.85 -3.40
C ASP A 103 15.35 8.83 -2.85
N GLY A 104 14.08 8.57 -3.14
CA GLY A 104 13.02 9.44 -2.68
C GLY A 104 12.46 10.31 -3.78
N VAL A 105 13.33 10.76 -4.68
CA VAL A 105 12.92 11.61 -5.79
C VAL A 105 12.78 10.81 -7.08
N GLN A 106 13.55 9.73 -7.18
CA GLN A 106 13.51 8.87 -8.36
C GLN A 106 12.41 7.82 -8.23
N TRP A 107 11.33 8.00 -8.98
CA TRP A 107 10.21 7.06 -8.95
C TRP A 107 10.32 6.05 -10.08
N THR A 108 10.45 4.78 -9.71
CA THR A 108 10.56 3.70 -10.69
C THR A 108 9.23 2.97 -10.87
N VAL A 109 8.60 3.20 -12.01
CA VAL A 109 7.32 2.56 -12.30
C VAL A 109 7.51 1.23 -13.03
N TYR A 110 6.41 0.65 -13.50
CA TYR A 110 6.47 -0.62 -14.20
C TYR A 110 5.77 -0.52 -15.56
N GLU A 111 6.47 0.05 -16.53
CA GLU A 111 5.92 0.20 -17.87
C GLU A 111 6.50 -0.84 -18.82
N GLU A 112 6.13 -0.74 -20.10
CA GLU A 112 6.61 -1.68 -21.11
C GLU A 112 7.29 -0.94 -22.25
N GLN A 113 6.69 0.17 -22.68
CA GLN A 113 7.25 0.95 -23.77
C GLN A 113 6.66 2.36 -23.78
N GLY A 114 6.81 3.07 -22.66
CA GLY A 114 6.29 4.41 -22.55
C GLY A 114 4.77 4.45 -22.59
N SER A 115 4.15 3.32 -22.31
CA SER A 115 2.69 3.23 -22.31
C SER A 115 2.16 2.96 -20.90
N SER A 116 3.01 2.41 -20.05
CA SER A 116 2.63 2.11 -18.67
C SER A 116 1.48 1.10 -18.64
N LYS A 117 1.82 -0.16 -18.41
CA LYS A 117 0.83 -1.22 -18.34
C LYS A 117 0.31 -1.40 -16.93
N VAL A 118 0.63 -0.45 -16.05
CA VAL A 118 0.19 -0.50 -14.66
C VAL A 118 0.09 -1.94 -14.17
N PHE A 119 -0.72 -2.15 -13.14
CA PHE A 119 -0.91 -3.48 -12.57
C PHE A 119 -2.35 -3.69 -12.14
N GLN A 120 -2.81 -4.93 -12.19
CA GLN A 120 -4.17 -5.27 -11.80
C GLN A 120 -4.21 -5.90 -10.41
N GLY A 121 -5.31 -5.69 -9.70
CA GLY A 121 -5.45 -6.25 -8.37
C GLY A 121 -6.36 -7.47 -8.33
N ASN A 122 -7.28 -7.49 -7.38
CA ASN A 122 -8.20 -8.60 -7.23
C ASN A 122 -9.62 -8.10 -6.96
N LEU A 123 -10.56 -9.04 -6.79
CA LEU A 123 -11.94 -8.69 -6.52
C LEU A 123 -12.37 -9.21 -5.15
N ASP A 124 -11.49 -9.09 -4.17
CA ASP A 124 -11.77 -9.56 -2.82
C ASP A 124 -11.11 -8.65 -1.78
N ASN A 125 -11.91 -8.13 -0.86
CA ASN A 125 -11.41 -7.24 0.18
C ASN A 125 -10.72 -8.04 1.28
N ASN A 126 -11.22 -9.24 1.55
CA ASN A 126 -10.67 -10.10 2.58
C ASN A 126 -9.33 -10.69 2.13
N SER A 127 -9.34 -11.31 0.95
CA SER A 127 -8.12 -11.92 0.40
C SER A 127 -7.03 -10.87 0.22
N HIS A 128 -5.88 -11.11 0.84
CA HIS A 128 -4.76 -10.19 0.73
C HIS A 128 -3.68 -10.75 -0.19
N LYS A 129 -3.17 -9.90 -1.09
CA LYS A 129 -2.14 -10.31 -2.03
C LYS A 129 -1.86 -9.20 -3.04
N LYS A 130 -0.90 -9.43 -3.92
CA LYS A 130 -0.53 -8.46 -4.94
C LYS A 130 0.48 -9.05 -5.92
N ASN A 131 1.70 -9.27 -5.43
CA ASN A 131 2.76 -9.83 -6.26
C ASN A 131 4.05 -10.00 -5.45
N ILE A 132 4.85 -10.98 -5.83
CA ILE A 132 6.12 -11.25 -5.15
C ILE A 132 7.29 -10.66 -5.92
N PHE A 133 8.32 -10.23 -5.18
CA PHE A 133 9.50 -9.64 -5.80
C PHE A 133 10.64 -10.66 -5.86
N GLU A 134 10.69 -11.41 -6.96
CA GLU A 134 11.73 -12.42 -7.14
C GLU A 134 13.11 -11.84 -6.84
N LYS A 135 13.27 -10.56 -7.11
CA LYS A 135 14.55 -9.88 -6.87
C LYS A 135 14.39 -8.76 -5.85
N PRO A 136 15.30 -8.71 -4.87
CA PRO A 136 15.28 -7.69 -3.82
C PRO A 136 15.63 -6.30 -4.35
N PHE A 137 15.01 -5.28 -3.77
CA PHE A 137 15.25 -3.90 -4.18
C PHE A 137 15.01 -2.94 -3.03
N MET A 138 16.07 -2.24 -2.62
CA MET A 138 15.99 -1.29 -1.52
C MET A 138 15.11 -0.10 -1.91
N ALA A 139 14.25 0.32 -0.98
CA ALA A 139 13.36 1.44 -1.22
C ALA A 139 13.14 2.25 0.06
N ARG A 140 12.94 3.55 -0.10
CA ARG A 140 12.73 4.44 1.04
C ARG A 140 11.35 5.10 0.97
N TYR A 141 10.75 5.06 -0.23
CA TYR A 141 9.42 5.66 -0.42
C TYR A 141 8.82 5.19 -1.75
N VAL A 142 7.62 4.63 -1.67
CA VAL A 142 6.92 4.15 -2.85
C VAL A 142 5.60 4.89 -3.06
N ARG A 143 5.28 5.17 -4.31
CA ARG A 143 4.04 5.87 -4.65
C ARG A 143 3.24 5.09 -5.69
N VAL A 144 1.92 5.12 -5.56
CA VAL A 144 1.04 4.43 -6.48
C VAL A 144 -0.09 5.34 -6.95
N LEU A 145 -0.57 5.09 -8.17
CA LEU A 145 -1.65 5.88 -8.75
C LEU A 145 -2.69 4.99 -9.41
N PRO A 146 -3.80 4.75 -8.69
CA PRO A 146 -4.89 3.91 -9.20
C PRO A 146 -5.65 4.57 -10.33
N VAL A 147 -6.09 3.77 -11.30
CA VAL A 147 -6.82 4.28 -12.45
C VAL A 147 -8.19 3.61 -12.56
N SER A 148 -8.23 2.29 -12.41
CA SER A 148 -9.46 1.53 -12.49
C SER A 148 -9.75 0.82 -11.18
N TRP A 149 -10.87 1.18 -10.54
CA TRP A 149 -11.26 0.57 -9.28
C TRP A 149 -12.68 0.03 -9.35
N HIS A 150 -13.13 -0.60 -8.26
CA HIS A 150 -14.48 -1.16 -8.21
C HIS A 150 -15.19 -0.73 -6.93
N ASN A 151 -16.40 -0.21 -7.07
CA ASN A 151 -17.18 0.24 -5.92
C ASN A 151 -16.65 1.55 -5.38
N ARG A 152 -15.39 1.53 -4.92
CA ARG A 152 -14.76 2.73 -4.38
C ARG A 152 -13.32 2.44 -3.97
N ILE A 153 -12.43 3.39 -4.27
CA ILE A 153 -11.01 3.24 -3.95
C ILE A 153 -10.82 3.06 -2.45
N THR A 154 -10.72 1.81 -2.01
CA THR A 154 -10.53 1.50 -0.60
C THR A 154 -9.65 0.27 -0.43
N LEU A 155 -8.38 0.50 -0.08
CA LEU A 155 -7.43 -0.60 0.11
C LEU A 155 -6.18 -0.10 0.82
N ARG A 156 -5.17 -0.96 0.89
CA ARG A 156 -3.90 -0.61 1.53
C ARG A 156 -2.74 -1.39 0.93
N LEU A 157 -1.72 -0.68 0.49
CA LEU A 157 -0.54 -1.31 -0.11
C LEU A 157 0.57 -1.48 0.92
N GLU A 158 1.04 -2.71 1.08
CA GLU A 158 2.10 -3.00 2.04
C GLU A 158 3.30 -3.65 1.33
N LEU A 159 4.50 -3.30 1.79
CA LEU A 159 5.71 -3.85 1.20
C LEU A 159 6.47 -4.71 2.22
N LEU A 160 6.99 -5.83 1.75
CA LEU A 160 7.73 -6.74 2.61
C LEU A 160 9.15 -6.94 2.10
N GLY A 161 10.08 -7.20 3.02
CA GLY A 161 11.47 -7.40 2.64
C GLY A 161 11.98 -8.77 3.05
N CYS A 162 13.28 -8.98 2.89
CA CYS A 162 13.90 -10.25 3.24
C CYS A 162 14.84 -10.09 4.43
N LEU A 163 15.22 -8.86 4.72
CA LEU A 163 16.12 -8.56 5.83
C LEU A 163 17.37 -9.42 5.76
N GLU A 164 17.81 -9.71 4.54
CA GLU A 164 19.01 -10.53 4.33
C GLU A 164 20.22 -9.65 3.98
N MET A 1 24.22 0.20 14.35
CA MET A 1 23.90 -0.72 15.44
C MET A 1 22.50 -1.29 15.26
N LYS A 2 22.28 -2.00 14.16
CA LYS A 2 20.99 -2.60 13.87
C LYS A 2 21.16 -3.95 13.18
N SER A 3 20.20 -4.84 13.40
CA SER A 3 20.25 -6.18 12.81
C SER A 3 18.88 -6.85 12.90
N GLY A 4 18.49 -7.50 11.80
CA GLY A 4 17.20 -8.19 11.77
C GLY A 4 17.22 -9.40 10.87
N HIS A 5 17.18 -10.58 11.48
CA HIS A 5 17.19 -11.83 10.72
C HIS A 5 15.78 -12.19 10.24
N GLY A 6 15.70 -12.78 9.05
CA GLY A 6 14.41 -13.17 8.50
C GLY A 6 13.95 -12.23 7.41
N CYS A 7 13.38 -12.80 6.35
CA CYS A 7 12.91 -12.01 5.23
C CYS A 7 11.39 -11.81 5.31
N SER A 8 10.82 -11.22 4.26
CA SER A 8 9.38 -10.97 4.21
C SER A 8 8.92 -10.26 5.49
N GLU A 9 9.49 -9.09 5.76
CA GLU A 9 9.12 -8.33 6.94
C GLU A 9 8.05 -7.29 6.61
N PRO A 10 7.24 -6.94 7.63
CA PRO A 10 6.16 -5.96 7.47
C PRO A 10 6.69 -4.54 7.27
N LEU A 11 6.88 -3.83 8.37
CA LEU A 11 7.38 -2.46 8.33
C LEU A 11 7.51 -1.89 9.73
N GLY A 12 6.45 -2.01 10.52
CA GLY A 12 6.48 -1.49 11.88
C GLY A 12 5.83 -2.43 12.87
N LEU A 13 6.05 -3.73 12.68
CA LEU A 13 5.48 -4.74 13.57
C LEU A 13 6.58 -5.59 14.21
N LYS A 14 7.83 -5.30 13.85
CA LYS A 14 8.97 -6.03 14.39
C LYS A 14 9.70 -5.20 15.44
N ASN A 15 10.34 -4.12 15.00
CA ASN A 15 11.07 -3.23 15.90
C ASN A 15 10.76 -1.77 15.60
N ASN A 16 10.65 -1.44 14.32
CA ASN A 16 10.36 -0.08 13.90
C ASN A 16 9.13 0.46 14.63
N THR A 17 8.14 -0.40 14.81
CA THR A 17 6.91 -0.02 15.50
C THR A 17 6.34 1.28 14.92
N ILE A 18 6.43 1.41 13.60
CA ILE A 18 5.93 2.60 12.92
C ILE A 18 4.53 2.95 13.40
N PRO A 19 4.42 4.02 14.20
CA PRO A 19 3.15 4.50 14.75
C PRO A 19 2.24 5.09 13.67
N ASP A 20 2.81 5.32 12.48
CA ASP A 20 2.05 5.88 11.38
C ASP A 20 2.99 6.34 10.26
N SER A 21 4.27 6.48 10.59
CA SER A 21 5.26 6.91 9.61
C SER A 21 5.59 5.80 8.63
N GLN A 22 4.58 5.35 7.90
CA GLN A 22 4.75 4.29 6.92
C GLN A 22 4.03 4.62 5.61
N MET A 23 2.73 4.91 5.72
CA MET A 23 1.93 5.24 4.55
C MET A 23 1.63 6.73 4.50
N SER A 24 1.13 7.20 3.36
CA SER A 24 0.81 8.61 3.18
C SER A 24 0.24 8.87 1.79
N ALA A 25 -1.04 9.22 1.74
CA ALA A 25 -1.71 9.51 0.48
C ALA A 25 -2.13 10.97 0.39
N SER A 26 -2.45 11.42 -0.82
CA SER A 26 -2.85 12.80 -1.04
C SER A 26 -4.00 13.18 -0.09
N SER A 27 -4.94 12.27 0.08
CA SER A 27 -6.08 12.51 0.96
C SER A 27 -6.97 11.28 1.06
N SER A 28 -7.49 11.02 2.26
CA SER A 28 -8.34 9.86 2.48
C SER A 28 -9.79 10.29 2.68
N TYR A 29 -10.69 9.32 2.72
CA TYR A 29 -12.11 9.59 2.90
C TYR A 29 -12.35 10.48 4.11
N LYS A 30 -11.52 10.28 5.14
CA LYS A 30 -11.64 11.07 6.37
C LYS A 30 -11.62 12.57 6.07
N THR A 31 -12.67 13.26 6.48
CA THR A 31 -12.79 14.69 6.25
C THR A 31 -12.84 15.01 4.76
N TRP A 32 -14.04 14.92 4.19
CA TRP A 32 -14.24 15.19 2.77
C TRP A 32 -14.67 16.64 2.55
N ASN A 33 -14.04 17.31 1.60
CA ASN A 33 -14.36 18.70 1.29
C ASN A 33 -13.62 19.17 0.03
N LEU A 34 -13.95 20.37 -0.41
CA LEU A 34 -13.31 20.94 -1.60
C LEU A 34 -11.80 20.92 -1.47
N ARG A 35 -11.30 21.38 -0.33
CA ARG A 35 -9.86 21.42 -0.07
C ARG A 35 -9.55 20.94 1.34
N ALA A 36 -10.15 19.83 1.73
CA ALA A 36 -9.93 19.27 3.06
C ALA A 36 -8.53 18.69 3.19
N PHE A 37 -8.21 18.18 4.38
CA PHE A 37 -6.90 17.59 4.63
C PHE A 37 -6.91 16.76 5.91
N GLY A 38 -8.06 16.14 6.20
CA GLY A 38 -8.18 15.34 7.40
C GLY A 38 -7.96 13.86 7.12
N TRP A 39 -7.07 13.56 6.18
CA TRP A 39 -6.76 12.19 5.83
C TRP A 39 -6.42 11.37 7.06
N TYR A 40 -6.72 10.07 7.01
CA TYR A 40 -6.44 9.19 8.14
C TYR A 40 -6.01 7.81 7.64
N PRO A 41 -4.86 7.75 6.96
CA PRO A 41 -4.31 6.51 6.42
C PRO A 41 -3.82 5.56 7.51
N HIS A 42 -3.04 4.57 7.13
CA HIS A 42 -2.50 3.60 8.08
C HIS A 42 -3.62 2.72 8.65
N LEU A 43 -4.30 1.99 7.77
CA LEU A 43 -5.38 1.11 8.19
C LEU A 43 -5.04 -0.34 7.92
N GLY A 44 -4.13 -0.57 6.97
CA GLY A 44 -3.72 -1.92 6.64
C GLY A 44 -2.50 -2.37 7.42
N ARG A 45 -2.33 -1.82 8.62
CA ARG A 45 -1.20 -2.18 9.47
C ARG A 45 -1.00 -3.69 9.52
N LEU A 46 -1.85 -4.36 10.29
CA LEU A 46 -1.77 -5.81 10.44
C LEU A 46 -2.86 -6.33 11.36
N ASP A 47 -2.92 -5.75 12.57
CA ASP A 47 -3.92 -6.16 13.55
C ASP A 47 -5.15 -5.27 13.46
N ASN A 48 -5.32 -4.61 12.32
CA ASN A 48 -6.46 -3.72 12.11
C ASN A 48 -7.76 -4.43 12.46
N GLN A 49 -8.56 -3.81 13.31
CA GLN A 49 -9.84 -4.38 13.72
C GLN A 49 -11.00 -3.58 13.16
N GLY A 50 -12.22 -3.95 13.54
CA GLY A 50 -13.40 -3.25 13.06
C GLY A 50 -13.94 -3.83 11.77
N LYS A 51 -13.45 -3.32 10.64
CA LYS A 51 -13.88 -3.79 9.34
C LYS A 51 -13.14 -3.06 8.22
N ILE A 52 -12.76 -1.81 8.49
CA ILE A 52 -12.06 -1.00 7.51
C ILE A 52 -10.76 -1.68 7.07
N ASN A 53 -9.79 -1.73 7.97
CA ASN A 53 -8.51 -2.36 7.68
C ASN A 53 -8.04 -2.03 6.26
N ALA A 54 -8.26 -0.77 5.86
CA ALA A 54 -7.86 -0.33 4.52
C ALA A 54 -8.08 1.17 4.37
N TRP A 55 -7.14 1.84 3.71
CA TRP A 55 -7.23 3.28 3.49
C TRP A 55 -8.11 3.59 2.29
N THR A 56 -9.02 4.55 2.47
CA THR A 56 -9.93 4.95 1.40
C THR A 56 -9.53 6.29 0.80
N ALA A 57 -10.11 6.62 -0.34
CA ALA A 57 -9.82 7.88 -1.02
C ALA A 57 -10.65 9.01 -0.44
N GLN A 58 -10.17 10.24 -0.63
CA GLN A 58 -10.86 11.42 -0.13
C GLN A 58 -12.02 11.80 -1.05
N SER A 59 -11.79 11.72 -2.35
CA SER A 59 -12.81 12.05 -3.34
C SER A 59 -13.12 10.85 -4.23
N ASN A 60 -12.36 9.78 -4.05
CA ASN A 60 -12.56 8.58 -4.85
C ASN A 60 -12.87 8.91 -6.30
N SER A 61 -11.91 9.56 -6.97
CA SER A 61 -12.08 9.95 -8.36
C SER A 61 -10.87 9.53 -9.20
N ALA A 62 -10.16 8.52 -8.71
CA ALA A 62 -8.98 8.02 -9.41
C ALA A 62 -7.79 8.95 -9.23
N LYS A 63 -8.02 10.24 -9.43
CA LYS A 63 -6.96 11.24 -9.27
C LYS A 63 -6.15 10.98 -8.01
N GLU A 64 -6.83 10.63 -6.93
CA GLU A 64 -6.17 10.36 -5.66
C GLU A 64 -5.02 9.38 -5.84
N TRP A 65 -4.00 9.52 -5.01
CA TRP A 65 -2.83 8.65 -5.08
C TRP A 65 -2.31 8.32 -3.68
N LEU A 66 -1.85 7.08 -3.51
CA LEU A 66 -1.33 6.64 -2.22
C LEU A 66 0.17 6.33 -2.32
N GLN A 67 0.95 6.95 -1.44
CA GLN A 67 2.39 6.73 -1.42
C GLN A 67 2.84 6.21 -0.06
N VAL A 68 3.93 5.44 -0.07
CA VAL A 68 4.47 4.88 1.16
C VAL A 68 5.81 5.51 1.51
N ASP A 69 5.89 6.14 2.68
CA ASP A 69 7.12 6.78 3.13
C ASP A 69 7.86 5.89 4.13
N LEU A 70 9.11 5.59 3.84
CA LEU A 70 9.93 4.76 4.71
C LEU A 70 11.05 5.57 5.34
N GLY A 71 11.90 6.15 4.51
CA GLY A 71 13.01 6.94 5.01
C GLY A 71 14.05 6.10 5.71
N THR A 72 13.89 4.78 5.66
CA THR A 72 14.83 3.87 6.30
C THR A 72 15.68 3.14 5.28
N GLN A 73 15.37 3.34 4.00
CA GLN A 73 16.11 2.70 2.92
C GLN A 73 16.24 1.20 3.16
N ARG A 74 15.16 0.47 2.89
CA ARG A 74 15.15 -0.97 3.08
C ARG A 74 14.92 -1.70 1.76
N GLN A 75 15.44 -2.91 1.65
CA GLN A 75 15.29 -3.70 0.44
C GLN A 75 13.98 -4.48 0.45
N VAL A 76 13.11 -4.18 -0.51
CA VAL A 76 11.82 -4.85 -0.61
C VAL A 76 11.96 -6.24 -1.22
N THR A 77 11.21 -7.20 -0.70
CA THR A 77 11.26 -8.56 -1.20
C THR A 77 9.85 -9.13 -1.39
N GLY A 78 8.88 -8.24 -1.60
CA GLY A 78 7.51 -8.67 -1.79
C GLY A 78 6.52 -7.58 -1.47
N ILE A 79 5.25 -7.81 -1.82
CA ILE A 79 4.20 -6.83 -1.57
C ILE A 79 2.85 -7.51 -1.39
N ILE A 80 1.99 -6.90 -0.59
CA ILE A 80 0.65 -7.46 -0.33
C ILE A 80 -0.40 -6.37 -0.35
N THR A 81 -1.56 -6.68 -0.92
CA THR A 81 -2.66 -5.72 -1.01
C THR A 81 -3.95 -6.32 -0.48
N GLN A 82 -4.75 -5.50 0.18
CA GLN A 82 -6.03 -5.96 0.74
C GLN A 82 -7.12 -4.91 0.54
N GLY A 83 -8.30 -5.36 0.14
CA GLY A 83 -9.41 -4.46 -0.08
C GLY A 83 -10.29 -4.30 1.14
N ALA A 84 -11.16 -3.31 1.12
CA ALA A 84 -12.08 -3.05 2.23
C ALA A 84 -13.53 -3.11 1.77
N ARG A 85 -14.38 -3.72 2.60
CA ARG A 85 -15.79 -3.84 2.28
C ARG A 85 -16.66 -3.18 3.35
N ASP A 86 -17.82 -2.68 2.96
CA ASP A 86 -18.73 -2.03 3.88
C ASP A 86 -20.00 -2.85 4.06
N PHE A 87 -19.86 -4.17 4.03
CA PHE A 87 -21.00 -5.07 4.18
C PHE A 87 -21.97 -4.92 3.03
N GLY A 88 -21.72 -5.68 1.96
CA GLY A 88 -22.58 -5.61 0.78
C GLY A 88 -21.99 -4.76 -0.32
N HIS A 89 -21.54 -3.57 0.04
CA HIS A 89 -20.94 -2.65 -0.93
C HIS A 89 -19.43 -2.82 -1.00
N ILE A 90 -18.98 -4.06 -0.90
CA ILE A 90 -17.56 -4.36 -0.95
C ILE A 90 -16.83 -3.44 -1.92
N GLN A 91 -15.70 -2.89 -1.49
CA GLN A 91 -14.91 -2.00 -2.32
C GLN A 91 -13.49 -2.51 -2.50
N TYR A 92 -12.87 -2.18 -3.62
CA TYR A 92 -11.51 -2.61 -3.91
C TYR A 92 -11.02 -2.04 -5.22
N VAL A 93 -9.71 -1.77 -5.29
CA VAL A 93 -9.11 -1.20 -6.49
C VAL A 93 -8.59 -2.30 -7.40
N ALA A 94 -8.51 -2.00 -8.70
CA ALA A 94 -8.02 -2.96 -9.68
C ALA A 94 -6.75 -2.46 -10.36
N SER A 95 -6.90 -1.54 -11.31
CA SER A 95 -5.77 -0.99 -12.03
C SER A 95 -5.14 0.17 -11.26
N TYR A 96 -3.84 0.06 -11.01
CA TYR A 96 -3.12 1.10 -10.29
C TYR A 96 -1.63 1.05 -10.59
N LYS A 97 -1.04 2.20 -10.84
CA LYS A 97 0.39 2.30 -11.14
C LYS A 97 1.21 2.44 -9.87
N VAL A 98 1.85 1.35 -9.45
CA VAL A 98 2.67 1.36 -8.25
C VAL A 98 4.16 1.42 -8.60
N ALA A 99 4.81 2.49 -8.18
CA ALA A 99 6.23 2.67 -8.45
C ALA A 99 7.01 2.87 -7.15
N HIS A 100 8.24 2.35 -7.11
CA HIS A 100 9.09 2.48 -5.93
C HIS A 100 10.26 3.40 -6.20
N SER A 101 10.61 4.21 -5.21
CA SER A 101 11.71 5.16 -5.34
C SER A 101 12.70 5.01 -4.19
N ASP A 102 13.97 4.90 -4.54
CA ASP A 102 15.03 4.74 -3.53
C ASP A 102 15.60 6.09 -3.14
N ASP A 103 15.77 6.97 -4.11
CA ASP A 103 16.31 8.30 -3.86
C ASP A 103 15.19 9.32 -3.68
N GLY A 104 14.00 8.98 -4.17
CA GLY A 104 12.87 9.87 -4.05
C GLY A 104 12.49 10.50 -5.38
N VAL A 105 13.45 10.60 -6.28
CA VAL A 105 13.21 11.19 -7.59
C VAL A 105 13.02 10.11 -8.65
N GLN A 106 13.76 9.02 -8.50
CA GLN A 106 13.68 7.91 -9.45
C GLN A 106 12.53 6.97 -9.08
N TRP A 107 11.41 7.10 -9.80
CA TRP A 107 10.25 6.25 -9.55
C TRP A 107 10.23 5.06 -10.50
N THR A 108 10.58 3.89 -9.97
CA THR A 108 10.61 2.67 -10.77
C THR A 108 9.22 2.04 -10.86
N VAL A 109 8.61 2.12 -12.03
CA VAL A 109 7.28 1.55 -12.25
C VAL A 109 7.36 0.12 -12.77
N TYR A 110 6.39 -0.70 -12.41
CA TYR A 110 6.35 -2.09 -12.85
C TYR A 110 5.62 -2.23 -14.18
N GLU A 111 6.38 -2.18 -15.27
CA GLU A 111 5.82 -2.30 -16.60
C GLU A 111 5.19 -3.68 -16.81
N GLU A 112 4.29 -3.77 -17.78
CA GLU A 112 3.62 -5.03 -18.08
C GLU A 112 4.05 -5.58 -19.45
N GLN A 113 3.70 -4.84 -20.50
CA GLN A 113 4.05 -5.25 -21.86
C GLN A 113 5.22 -4.42 -22.39
N GLY A 114 5.99 -3.85 -21.47
CA GLY A 114 7.14 -3.04 -21.86
C GLY A 114 6.77 -1.58 -22.06
N SER A 115 5.48 -1.30 -22.16
CA SER A 115 5.01 0.07 -22.37
C SER A 115 4.63 0.71 -21.04
N SER A 116 5.20 0.18 -19.95
CA SER A 116 4.91 0.70 -18.62
C SER A 116 3.41 0.79 -18.37
N LYS A 117 2.77 -0.37 -18.24
CA LYS A 117 1.34 -0.44 -18.00
C LYS A 117 1.04 -0.63 -16.52
N VAL A 118 -0.02 0.02 -16.04
CA VAL A 118 -0.41 -0.09 -14.64
C VAL A 118 -0.55 -1.54 -14.21
N PHE A 119 -0.61 -1.77 -12.90
CA PHE A 119 -0.74 -3.11 -12.37
C PHE A 119 -2.18 -3.40 -11.95
N GLN A 120 -2.73 -4.48 -12.46
CA GLN A 120 -4.11 -4.87 -12.14
C GLN A 120 -4.16 -5.77 -10.91
N GLY A 121 -5.19 -5.59 -10.09
CA GLY A 121 -5.33 -6.40 -8.89
C GLY A 121 -6.37 -7.48 -9.04
N ASN A 122 -7.21 -7.61 -8.02
CA ASN A 122 -8.28 -8.63 -8.04
C ASN A 122 -9.61 -8.01 -7.65
N LEU A 123 -10.60 -8.87 -7.42
CA LEU A 123 -11.94 -8.41 -7.03
C LEU A 123 -12.35 -9.00 -5.68
N ASP A 124 -11.36 -9.16 -4.80
CA ASP A 124 -11.63 -9.69 -3.47
C ASP A 124 -11.05 -8.79 -2.39
N ASN A 125 -11.91 -8.31 -1.49
CA ASN A 125 -11.49 -7.43 -0.42
C ASN A 125 -10.90 -8.23 0.74
N ASN A 126 -11.25 -9.51 0.81
CA ASN A 126 -10.76 -10.39 1.87
C ASN A 126 -9.39 -10.95 1.52
N SER A 127 -9.32 -11.70 0.42
CA SER A 127 -8.06 -12.30 -0.02
C SER A 127 -6.96 -11.25 -0.10
N HIS A 128 -5.88 -11.49 0.65
CA HIS A 128 -4.75 -10.57 0.66
C HIS A 128 -3.59 -11.12 -0.15
N LYS A 129 -3.03 -10.28 -1.03
CA LYS A 129 -1.91 -10.69 -1.87
C LYS A 129 -1.55 -9.59 -2.86
N LYS A 130 -0.47 -9.81 -3.61
CA LYS A 130 -0.02 -8.85 -4.61
C LYS A 130 1.11 -9.41 -5.45
N ASN A 131 2.28 -9.55 -4.85
CA ASN A 131 3.44 -10.09 -5.54
C ASN A 131 4.44 -10.68 -4.56
N ILE A 132 5.29 -11.58 -5.04
CA ILE A 132 6.29 -12.23 -4.21
C ILE A 132 7.65 -11.56 -4.36
N PHE A 133 8.68 -12.17 -3.78
CA PHE A 133 10.03 -11.64 -3.85
C PHE A 133 10.58 -11.74 -5.27
N GLU A 134 9.94 -11.05 -6.21
CA GLU A 134 10.37 -11.07 -7.60
C GLU A 134 11.40 -9.96 -7.87
N LYS A 135 12.66 -10.26 -7.57
CA LYS A 135 13.73 -9.29 -7.77
C LYS A 135 13.63 -8.14 -6.78
N PRO A 136 14.17 -8.36 -5.58
CA PRO A 136 14.16 -7.34 -4.52
C PRO A 136 15.07 -6.16 -4.83
N PHE A 137 14.95 -5.09 -4.04
CA PHE A 137 15.76 -3.90 -4.23
C PHE A 137 15.50 -2.88 -3.13
N MET A 138 16.48 -2.01 -2.89
CA MET A 138 16.35 -0.99 -1.86
C MET A 138 15.25 0.00 -2.20
N ALA A 139 14.66 0.61 -1.18
CA ALA A 139 13.58 1.57 -1.37
C ALA A 139 13.47 2.51 -0.17
N ARG A 140 13.10 3.75 -0.44
CA ARG A 140 12.94 4.75 0.62
C ARG A 140 11.54 5.36 0.59
N TYR A 141 10.95 5.43 -0.60
CA TYR A 141 9.62 5.99 -0.75
C TYR A 141 8.99 5.55 -2.07
N VAL A 142 7.78 5.00 -1.98
CA VAL A 142 7.07 4.53 -3.17
C VAL A 142 5.79 5.32 -3.39
N ARG A 143 5.36 5.43 -4.65
CA ARG A 143 4.15 6.16 -5.00
C ARG A 143 3.21 5.29 -5.80
N VAL A 144 1.91 5.41 -5.53
CA VAL A 144 0.91 4.63 -6.24
C VAL A 144 -0.24 5.52 -6.72
N LEU A 145 -0.65 5.30 -7.97
CA LEU A 145 -1.73 6.09 -8.57
C LEU A 145 -2.77 5.17 -9.22
N PRO A 146 -3.87 4.91 -8.49
CA PRO A 146 -4.95 4.05 -8.98
C PRO A 146 -5.74 4.72 -10.11
N VAL A 147 -6.15 3.90 -11.08
CA VAL A 147 -6.92 4.41 -12.21
C VAL A 147 -8.26 3.69 -12.33
N SER A 148 -8.24 2.38 -12.15
CA SER A 148 -9.46 1.57 -12.24
C SER A 148 -9.75 0.88 -10.91
N TRP A 149 -10.87 1.23 -10.31
CA TRP A 149 -11.27 0.65 -9.03
C TRP A 149 -12.69 0.08 -9.11
N HIS A 150 -13.18 -0.41 -7.99
CA HIS A 150 -14.52 -0.99 -7.93
C HIS A 150 -15.27 -0.51 -6.68
N ASN A 151 -16.43 0.10 -6.90
CA ASN A 151 -17.24 0.60 -5.79
C ASN A 151 -16.65 1.89 -5.23
N ARG A 152 -15.41 1.81 -4.74
CA ARG A 152 -14.74 2.96 -4.17
C ARG A 152 -13.29 2.62 -3.81
N ILE A 153 -12.40 3.61 -3.96
CA ILE A 153 -10.99 3.41 -3.66
C ILE A 153 -10.78 3.11 -2.17
N THR A 154 -10.88 1.84 -1.81
CA THR A 154 -10.71 1.43 -0.42
C THR A 154 -9.88 0.15 -0.33
N LEU A 155 -8.60 0.31 0.00
CA LEU A 155 -7.70 -0.84 0.12
C LEU A 155 -6.42 -0.46 0.86
N ARG A 156 -5.54 -1.42 1.05
CA ARG A 156 -4.28 -1.18 1.74
C ARG A 156 -3.11 -1.81 0.97
N LEU A 157 -2.17 -0.97 0.57
CA LEU A 157 -1.00 -1.44 -0.17
C LEU A 157 0.22 -1.55 0.74
N GLU A 158 0.44 -2.74 1.28
CA GLU A 158 1.58 -2.97 2.17
C GLU A 158 2.74 -3.61 1.41
N LEU A 159 3.96 -3.22 1.78
CA LEU A 159 5.16 -3.76 1.12
C LEU A 159 5.99 -4.57 2.12
N LEU A 160 6.61 -5.63 1.62
CA LEU A 160 7.45 -6.50 2.47
C LEU A 160 8.91 -6.40 2.04
N GLY A 161 9.80 -6.56 3.02
CA GLY A 161 11.23 -6.49 2.74
C GLY A 161 11.98 -7.67 3.32
N CYS A 162 13.30 -7.63 3.19
CA CYS A 162 14.15 -8.70 3.71
C CYS A 162 14.92 -8.24 4.94
N LEU A 163 15.03 -6.93 5.11
CA LEU A 163 15.74 -6.35 6.25
C LEU A 163 17.20 -6.79 6.25
N GLU A 164 17.74 -7.05 5.07
CA GLU A 164 19.13 -7.48 4.93
C GLU A 164 19.89 -6.56 3.97
N MET A 1 28.75 -13.88 15.40
CA MET A 1 28.20 -14.99 16.16
C MET A 1 26.72 -14.78 16.45
N LYS A 2 25.95 -14.53 15.39
CA LYS A 2 24.51 -14.31 15.53
C LYS A 2 23.76 -14.88 14.33
N SER A 3 22.47 -15.12 14.51
CA SER A 3 21.63 -15.67 13.44
C SER A 3 20.25 -15.03 13.45
N GLY A 4 19.56 -15.11 12.32
CA GLY A 4 18.23 -14.54 12.21
C GLY A 4 17.78 -14.38 10.77
N HIS A 5 17.83 -15.46 10.02
CA HIS A 5 17.43 -15.44 8.62
C HIS A 5 15.91 -15.41 8.50
N GLY A 6 15.42 -15.11 7.29
CA GLY A 6 13.98 -15.06 7.07
C GLY A 6 13.57 -13.79 6.33
N CYS A 7 13.14 -13.95 5.09
CA CYS A 7 12.72 -12.82 4.27
C CYS A 7 11.20 -12.61 4.38
N SER A 8 10.69 -11.64 3.63
CA SER A 8 9.27 -11.33 3.65
C SER A 8 8.84 -10.84 5.03
N GLU A 9 9.16 -9.58 5.32
CA GLU A 9 8.81 -8.99 6.61
C GLU A 9 8.16 -7.62 6.42
N PRO A 10 7.32 -7.22 7.39
CA PRO A 10 6.63 -5.93 7.35
C PRO A 10 7.57 -4.76 7.55
N LEU A 11 7.01 -3.59 7.81
CA LEU A 11 7.79 -2.38 8.03
C LEU A 11 7.49 -1.76 9.40
N GLY A 12 6.53 -2.35 10.10
CA GLY A 12 6.16 -1.85 11.41
C GLY A 12 5.16 -2.76 12.12
N LEU A 13 5.36 -4.06 11.99
CA LEU A 13 4.49 -5.04 12.63
C LEU A 13 5.29 -6.09 13.38
N LYS A 14 6.60 -5.86 13.49
CA LYS A 14 7.48 -6.79 14.19
C LYS A 14 8.11 -6.12 15.41
N ASN A 15 9.06 -5.23 15.16
CA ASN A 15 9.74 -4.51 16.24
C ASN A 15 9.65 -3.01 16.04
N ASN A 16 9.78 -2.57 14.80
CA ASN A 16 9.71 -1.16 14.47
C ASN A 16 8.38 -0.56 14.94
N THR A 17 7.30 -1.30 14.72
CA THR A 17 5.97 -0.84 15.12
C THR A 17 5.70 0.56 14.60
N ILE A 18 6.16 0.85 13.39
CA ILE A 18 5.96 2.16 12.78
C ILE A 18 4.49 2.58 12.84
N PRO A 19 4.26 3.83 13.26
CA PRO A 19 2.90 4.38 13.37
C PRO A 19 2.26 4.61 12.01
N ASP A 20 1.13 5.31 12.00
CA ASP A 20 0.41 5.60 10.76
C ASP A 20 0.97 6.85 10.09
N SER A 21 2.29 6.90 9.94
CA SER A 21 2.94 8.06 9.32
C SER A 21 3.66 7.64 8.05
N GLN A 22 4.01 6.37 7.95
CA GLN A 22 4.69 5.84 6.77
C GLN A 22 3.87 6.08 5.51
N MET A 23 2.59 5.76 5.59
CA MET A 23 1.69 5.92 4.44
C MET A 23 1.05 7.31 4.46
N SER A 24 0.84 7.87 3.28
CA SER A 24 0.25 9.20 3.15
C SER A 24 -0.25 9.44 1.73
N ALA A 25 -1.57 9.51 1.57
CA ALA A 25 -2.18 9.73 0.27
C ALA A 25 -2.76 11.13 0.17
N SER A 26 -3.18 11.51 -1.03
CA SER A 26 -3.76 12.84 -1.25
C SER A 26 -4.87 13.13 -0.24
N SER A 27 -5.70 12.13 0.01
CA SER A 27 -6.80 12.28 0.95
C SER A 27 -7.57 10.97 1.11
N SER A 28 -8.32 10.85 2.19
CA SER A 28 -9.11 9.65 2.46
C SER A 28 -10.60 9.94 2.35
N TYR A 29 -11.39 8.89 2.22
CA TYR A 29 -12.85 9.02 2.10
C TYR A 29 -13.40 9.84 3.26
N LYS A 30 -14.70 10.13 3.19
CA LYS A 30 -15.36 10.90 4.23
C LYS A 30 -14.46 12.03 4.73
N THR A 31 -13.66 12.58 3.83
CA THR A 31 -12.76 13.67 4.18
C THR A 31 -13.49 14.79 4.90
N TRP A 32 -12.78 15.50 5.77
CA TRP A 32 -13.36 16.59 6.53
C TRP A 32 -12.93 17.94 5.96
N ASN A 33 -11.64 18.07 5.66
CA ASN A 33 -11.10 19.31 5.10
C ASN A 33 -11.37 20.49 6.04
N LEU A 34 -10.69 20.50 7.18
CA LEU A 34 -10.86 21.56 8.15
C LEU A 34 -9.54 21.89 8.84
N ARG A 35 -8.98 20.91 9.54
CA ARG A 35 -7.72 21.09 10.24
C ARG A 35 -7.20 19.76 10.79
N ALA A 36 -7.04 18.79 9.90
CA ALA A 36 -6.56 17.47 10.29
C ALA A 36 -5.08 17.52 10.66
N PHE A 37 -4.57 16.40 11.18
CA PHE A 37 -3.17 16.33 11.58
C PHE A 37 -2.37 15.51 10.57
N GLY A 38 -3.00 14.50 10.00
CA GLY A 38 -2.34 13.65 9.02
C GLY A 38 -2.79 12.21 9.09
N TRP A 39 -3.19 11.77 10.27
CA TRP A 39 -3.65 10.40 10.47
C TRP A 39 -4.79 10.07 9.51
N TYR A 40 -4.71 8.90 8.89
CA TYR A 40 -5.72 8.47 7.94
C TYR A 40 -5.38 7.11 7.35
N PRO A 41 -4.24 7.03 6.66
CA PRO A 41 -3.76 5.79 6.04
C PRO A 41 -3.33 4.75 7.07
N HIS A 42 -2.72 3.67 6.59
CA HIS A 42 -2.25 2.61 7.47
C HIS A 42 -3.40 2.05 8.31
N LEU A 43 -4.35 1.41 7.63
CA LEU A 43 -5.51 0.83 8.31
C LEU A 43 -5.48 -0.70 8.20
N GLY A 44 -4.97 -1.20 7.09
CA GLY A 44 -4.89 -2.64 6.89
C GLY A 44 -3.61 -3.23 7.42
N ARG A 45 -3.10 -2.67 8.51
CA ARG A 45 -1.86 -3.15 9.12
C ARG A 45 -2.06 -4.54 9.72
N LEU A 46 -1.07 -4.98 10.49
CA LEU A 46 -1.13 -6.29 11.12
C LEU A 46 -2.25 -6.34 12.18
N ASP A 47 -2.29 -5.31 13.02
CA ASP A 47 -3.30 -5.24 14.07
C ASP A 47 -4.40 -4.26 13.69
N ASN A 48 -4.86 -4.34 12.44
CA ASN A 48 -5.91 -3.45 11.95
C ASN A 48 -7.11 -3.45 12.90
N GLN A 49 -7.51 -2.27 13.33
CA GLN A 49 -8.65 -2.13 14.23
C GLN A 49 -9.82 -1.43 13.54
N GLY A 50 -10.89 -1.18 14.31
CA GLY A 50 -12.05 -0.52 13.75
C GLY A 50 -12.91 -1.45 12.93
N LYS A 51 -12.70 -1.45 11.61
CA LYS A 51 -13.46 -2.31 10.71
C LYS A 51 -12.99 -2.14 9.27
N ILE A 52 -12.56 -0.93 8.94
CA ILE A 52 -12.07 -0.64 7.59
C ILE A 52 -10.91 -1.56 7.22
N ASN A 53 -9.90 -1.61 8.07
CA ASN A 53 -8.73 -2.45 7.83
C ASN A 53 -8.16 -2.19 6.43
N ALA A 54 -8.23 -0.95 5.99
CA ALA A 54 -7.72 -0.57 4.69
C ALA A 54 -7.87 0.93 4.44
N TRP A 55 -7.08 1.46 3.53
CA TRP A 55 -7.12 2.89 3.21
C TRP A 55 -8.05 3.15 2.02
N THR A 56 -8.89 4.17 2.15
CA THR A 56 -9.82 4.52 1.09
C THR A 56 -9.46 5.85 0.45
N ALA A 57 -10.05 6.13 -0.71
CA ALA A 57 -9.78 7.37 -1.42
C ALA A 57 -10.78 8.46 -1.02
N GLN A 58 -10.45 9.70 -1.32
CA GLN A 58 -11.30 10.83 -0.99
C GLN A 58 -12.17 11.23 -2.19
N SER A 59 -11.52 11.43 -3.33
CA SER A 59 -12.23 11.81 -4.55
C SER A 59 -12.87 10.59 -5.22
N ASN A 60 -12.68 9.43 -4.61
CA ASN A 60 -13.23 8.19 -5.14
C ASN A 60 -13.05 8.12 -6.65
N SER A 61 -11.93 8.66 -7.13
CA SER A 61 -11.64 8.66 -8.56
C SER A 61 -10.24 8.12 -8.82
N ALA A 62 -9.77 8.27 -10.06
CA ALA A 62 -8.44 7.81 -10.45
C ALA A 62 -7.40 8.89 -10.21
N LYS A 63 -7.85 10.13 -10.07
CA LYS A 63 -6.95 11.26 -9.84
C LYS A 63 -6.26 11.13 -8.49
N GLU A 64 -6.76 10.24 -7.65
CA GLU A 64 -6.19 10.03 -6.32
C GLU A 64 -4.86 9.29 -6.43
N TRP A 65 -4.09 9.31 -5.34
CA TRP A 65 -2.79 8.65 -5.30
C TRP A 65 -2.29 8.52 -3.87
N LEU A 66 -1.56 7.44 -3.61
CA LEU A 66 -1.02 7.19 -2.28
C LEU A 66 0.50 7.20 -2.29
N GLN A 67 1.11 7.92 -1.36
CA GLN A 67 2.55 8.00 -1.27
C GLN A 67 3.05 7.52 0.09
N VAL A 68 4.06 6.66 0.08
CA VAL A 68 4.62 6.11 1.30
C VAL A 68 6.10 6.44 1.42
N ASP A 69 6.47 7.07 2.54
CA ASP A 69 7.87 7.44 2.77
C ASP A 69 8.43 6.69 3.97
N LEU A 70 9.59 6.05 3.78
CA LEU A 70 10.24 5.30 4.85
C LEU A 70 11.34 6.13 5.51
N GLY A 71 12.28 6.59 4.69
CA GLY A 71 13.38 7.39 5.21
C GLY A 71 14.47 6.54 5.84
N THR A 72 14.23 5.23 5.89
CA THR A 72 15.21 4.31 6.48
C THR A 72 15.89 3.48 5.39
N GLN A 73 15.47 3.67 4.15
CA GLN A 73 16.05 2.94 3.02
C GLN A 73 16.03 1.43 3.29
N ARG A 74 14.94 0.79 2.89
CA ARG A 74 14.79 -0.65 3.08
C ARG A 74 14.63 -1.36 1.74
N GLN A 75 15.07 -2.62 1.69
CA GLN A 75 14.97 -3.40 0.47
C GLN A 75 13.73 -4.29 0.49
N VAL A 76 12.83 -4.07 -0.46
CA VAL A 76 11.60 -4.85 -0.54
C VAL A 76 11.80 -6.10 -1.39
N THR A 77 11.10 -7.17 -1.02
CA THR A 77 11.21 -8.44 -1.74
C THR A 77 9.83 -9.05 -1.99
N GLY A 78 8.80 -8.22 -1.87
CA GLY A 78 7.45 -8.69 -2.09
C GLY A 78 6.40 -7.72 -1.56
N ILE A 79 5.16 -7.89 -2.01
CA ILE A 79 4.07 -7.02 -1.59
C ILE A 79 2.74 -7.76 -1.61
N ILE A 80 1.68 -7.09 -1.16
CA ILE A 80 0.35 -7.68 -1.14
C ILE A 80 -0.72 -6.61 -1.06
N THR A 81 -1.86 -6.87 -1.71
CA THR A 81 -2.96 -5.91 -1.72
C THR A 81 -4.26 -6.58 -1.26
N GLN A 82 -4.94 -5.95 -0.31
CA GLN A 82 -6.20 -6.48 0.22
C GLN A 82 -7.32 -5.46 0.08
N GLY A 83 -8.49 -5.93 -0.38
CA GLY A 83 -9.62 -5.05 -0.54
C GLY A 83 -10.35 -4.77 0.76
N ALA A 84 -11.22 -3.76 0.75
CA ALA A 84 -11.97 -3.39 1.95
C ALA A 84 -13.44 -3.17 1.61
N ARG A 85 -14.29 -3.21 2.63
CA ARG A 85 -15.72 -3.00 2.44
C ARG A 85 -16.20 -1.79 3.24
N ASP A 86 -17.31 -1.20 2.80
CA ASP A 86 -17.88 -0.05 3.48
C ASP A 86 -19.20 -0.40 4.15
N PHE A 87 -19.13 -1.25 5.17
CA PHE A 87 -20.33 -1.66 5.89
C PHE A 87 -21.40 -2.18 4.93
N GLY A 88 -21.22 -3.41 4.45
CA GLY A 88 -22.17 -4.00 3.53
C GLY A 88 -21.65 -4.04 2.11
N HIS A 89 -21.42 -2.87 1.52
CA HIS A 89 -20.92 -2.78 0.16
C HIS A 89 -19.43 -3.12 0.10
N ILE A 90 -19.10 -4.18 -0.63
CA ILE A 90 -17.72 -4.61 -0.76
C ILE A 90 -17.02 -3.88 -1.90
N GLN A 91 -15.88 -3.26 -1.60
CA GLN A 91 -15.12 -2.53 -2.60
C GLN A 91 -13.71 -3.09 -2.73
N TYR A 92 -13.02 -2.71 -3.81
CA TYR A 92 -11.66 -3.18 -4.06
C TYR A 92 -11.08 -2.53 -5.31
N VAL A 93 -9.76 -2.39 -5.33
CA VAL A 93 -9.08 -1.78 -6.47
C VAL A 93 -8.59 -2.85 -7.43
N ALA A 94 -8.47 -2.48 -8.70
CA ALA A 94 -8.00 -3.40 -9.73
C ALA A 94 -6.63 -2.99 -10.27
N SER A 95 -6.62 -1.91 -11.06
CA SER A 95 -5.39 -1.42 -11.65
C SER A 95 -4.71 -0.41 -10.72
N TYR A 96 -3.44 -0.67 -10.39
CA TYR A 96 -2.69 0.21 -9.51
C TYR A 96 -1.24 0.31 -9.96
N LYS A 97 -0.67 1.50 -9.83
CA LYS A 97 0.72 1.75 -10.21
C LYS A 97 1.63 1.68 -9.00
N VAL A 98 2.67 0.84 -9.10
CA VAL A 98 3.63 0.69 -8.02
C VAL A 98 5.00 1.23 -8.41
N ALA A 99 5.37 2.36 -7.82
CA ALA A 99 6.66 2.98 -8.10
C ALA A 99 7.48 3.18 -6.83
N HIS A 100 8.79 2.98 -6.94
CA HIS A 100 9.67 3.15 -5.78
C HIS A 100 10.72 4.22 -6.05
N SER A 101 11.01 5.02 -5.03
CA SER A 101 11.99 6.09 -5.15
C SER A 101 13.05 5.99 -4.06
N ASP A 102 14.29 6.27 -4.42
CA ASP A 102 15.41 6.21 -3.48
C ASP A 102 15.76 7.60 -2.97
N ASP A 103 15.71 8.59 -3.86
CA ASP A 103 16.03 9.96 -3.50
C ASP A 103 14.77 10.75 -3.19
N GLY A 104 13.63 10.22 -3.64
CA GLY A 104 12.36 10.88 -3.41
C GLY A 104 11.78 11.51 -4.66
N VAL A 105 12.67 11.94 -5.56
CA VAL A 105 12.24 12.55 -6.81
C VAL A 105 12.31 11.56 -7.96
N GLN A 106 13.16 10.55 -7.82
CA GLN A 106 13.31 9.53 -8.84
C GLN A 106 12.32 8.39 -8.64
N TRP A 107 11.22 8.43 -9.36
CA TRP A 107 10.20 7.39 -9.25
C TRP A 107 10.45 6.27 -10.25
N THR A 108 10.78 5.08 -9.75
CA THR A 108 11.05 3.94 -10.60
C THR A 108 9.85 2.99 -10.64
N VAL A 109 9.44 2.60 -11.84
CA VAL A 109 8.31 1.71 -12.02
C VAL A 109 8.78 0.28 -12.28
N TYR A 110 8.21 -0.67 -11.55
CA TYR A 110 8.58 -2.07 -11.70
C TYR A 110 7.92 -2.68 -12.93
N GLU A 111 8.46 -2.35 -14.11
CA GLU A 111 7.92 -2.85 -15.36
C GLU A 111 8.37 -4.29 -15.61
N GLU A 112 7.54 -5.07 -16.29
CA GLU A 112 7.86 -6.46 -16.59
C GLU A 112 8.66 -6.56 -17.88
N GLN A 113 8.24 -5.82 -18.89
CA GLN A 113 8.92 -5.83 -20.18
C GLN A 113 9.59 -4.48 -20.46
N GLY A 114 8.78 -3.48 -20.77
CA GLY A 114 9.30 -2.15 -21.05
C GLY A 114 8.21 -1.15 -21.35
N SER A 115 7.00 -1.43 -20.88
CA SER A 115 5.86 -0.55 -21.11
C SER A 115 5.22 -0.14 -19.79
N SER A 116 5.91 -0.42 -18.69
CA SER A 116 5.41 -0.09 -17.37
C SER A 116 3.92 -0.38 -17.27
N LYS A 117 3.58 -1.62 -16.92
CA LYS A 117 2.20 -2.03 -16.79
C LYS A 117 1.76 -2.03 -15.32
N VAL A 118 0.65 -1.38 -15.03
CA VAL A 118 0.13 -1.30 -13.68
C VAL A 118 -0.28 -2.68 -13.18
N PHE A 119 -0.10 -2.91 -11.88
CA PHE A 119 -0.45 -4.19 -11.27
C PHE A 119 -1.97 -4.37 -11.22
N GLN A 120 -2.41 -5.63 -11.16
CA GLN A 120 -3.84 -5.94 -11.11
C GLN A 120 -4.23 -6.48 -9.75
N GLY A 121 -5.46 -6.21 -9.33
CA GLY A 121 -5.94 -6.69 -8.05
C GLY A 121 -7.11 -7.65 -8.18
N ASN A 122 -8.32 -7.11 -8.13
CA ASN A 122 -9.53 -7.92 -8.25
C ASN A 122 -9.64 -8.90 -7.08
N LEU A 123 -10.39 -9.97 -7.28
CA LEU A 123 -10.58 -10.98 -6.25
C LEU A 123 -11.41 -10.43 -5.08
N ASP A 124 -12.00 -9.26 -5.30
CA ASP A 124 -12.83 -8.64 -4.27
C ASP A 124 -12.07 -8.52 -2.95
N ASN A 125 -12.76 -8.11 -1.90
CA ASN A 125 -12.15 -7.97 -0.59
C ASN A 125 -11.89 -9.34 0.05
N ASN A 126 -12.75 -10.29 -0.26
CA ASN A 126 -12.61 -11.65 0.28
C ASN A 126 -11.22 -12.20 -0.01
N SER A 127 -10.85 -12.19 -1.29
CA SER A 127 -9.54 -12.70 -1.71
C SER A 127 -8.57 -11.55 -1.99
N HIS A 128 -7.33 -11.71 -1.52
CA HIS A 128 -6.31 -10.70 -1.72
C HIS A 128 -5.33 -11.11 -2.82
N LYS A 129 -4.28 -10.32 -2.99
CA LYS A 129 -3.27 -10.61 -4.01
C LYS A 129 -1.87 -10.31 -3.48
N LYS A 130 -1.12 -11.36 -3.17
CA LYS A 130 0.24 -11.21 -2.66
C LYS A 130 1.26 -11.60 -3.72
N ASN A 131 2.12 -10.65 -4.08
CA ASN A 131 3.15 -10.88 -5.09
C ASN A 131 4.48 -11.18 -4.43
N ILE A 132 5.31 -11.98 -5.10
CA ILE A 132 6.62 -12.34 -4.59
C ILE A 132 7.66 -11.30 -4.98
N PHE A 133 8.94 -11.68 -4.88
CA PHE A 133 10.04 -10.78 -5.23
C PHE A 133 10.16 -10.64 -6.73
N GLU A 134 9.10 -10.17 -7.38
CA GLU A 134 9.10 -9.99 -8.82
C GLU A 134 10.15 -8.97 -9.25
N LYS A 135 10.53 -8.10 -8.31
CA LYS A 135 11.53 -7.08 -8.58
C LYS A 135 11.95 -6.37 -7.30
N PRO A 136 12.76 -7.06 -6.48
CA PRO A 136 13.25 -6.52 -5.21
C PRO A 136 14.25 -5.39 -5.41
N PHE A 137 14.38 -4.53 -4.41
CA PHE A 137 15.31 -3.41 -4.47
C PHE A 137 15.17 -2.52 -3.25
N MET A 138 16.18 -1.70 -3.00
CA MET A 138 16.17 -0.79 -1.87
C MET A 138 15.58 0.56 -2.24
N ALA A 139 14.70 1.07 -1.39
CA ALA A 139 14.05 2.36 -1.63
C ALA A 139 13.83 3.12 -0.34
N ARG A 140 13.71 4.44 -0.44
CA ARG A 140 13.49 5.29 0.73
C ARG A 140 12.06 5.83 0.75
N TYR A 141 11.48 6.00 -0.43
CA TYR A 141 10.12 6.52 -0.54
C TYR A 141 9.44 5.97 -1.79
N VAL A 142 8.38 5.18 -1.58
CA VAL A 142 7.64 4.59 -2.68
C VAL A 142 6.30 5.30 -2.89
N ARG A 143 5.91 5.45 -4.14
CA ARG A 143 4.64 6.11 -4.47
C ARG A 143 3.78 5.22 -5.36
N VAL A 144 2.47 5.27 -5.13
CA VAL A 144 1.53 4.47 -5.91
C VAL A 144 0.38 5.32 -6.43
N LEU A 145 -0.18 4.92 -7.56
CA LEU A 145 -1.29 5.65 -8.16
C LEU A 145 -2.30 4.69 -8.79
N PRO A 146 -3.53 4.70 -8.27
CA PRO A 146 -4.61 3.83 -8.76
C PRO A 146 -5.09 4.25 -10.15
N VAL A 147 -5.43 3.26 -10.97
CA VAL A 147 -5.91 3.51 -12.32
C VAL A 147 -7.31 2.96 -12.53
N SER A 148 -7.59 1.82 -11.90
CA SER A 148 -8.89 1.18 -12.02
C SER A 148 -9.29 0.52 -10.70
N TRP A 149 -10.55 0.69 -10.32
CA TRP A 149 -11.07 0.12 -9.09
C TRP A 149 -12.49 -0.40 -9.27
N HIS A 150 -13.10 -0.84 -8.18
CA HIS A 150 -14.46 -1.35 -8.22
C HIS A 150 -15.24 -0.94 -6.97
N ASN A 151 -16.39 -0.31 -7.19
CA ASN A 151 -17.23 0.14 -6.08
C ASN A 151 -16.64 1.40 -5.43
N ARG A 152 -15.43 1.26 -4.90
CA ARG A 152 -14.76 2.38 -4.25
C ARG A 152 -13.30 2.04 -3.96
N ILE A 153 -12.42 3.03 -4.12
CA ILE A 153 -11.00 2.84 -3.88
C ILE A 153 -10.73 2.55 -2.40
N THR A 154 -10.85 1.28 -2.02
CA THR A 154 -10.62 0.87 -0.64
C THR A 154 -9.82 -0.42 -0.57
N LEU A 155 -8.53 -0.30 -0.24
CA LEU A 155 -7.67 -1.47 -0.13
C LEU A 155 -6.43 -1.16 0.71
N ARG A 156 -5.60 -2.17 0.93
CA ARG A 156 -4.38 -1.99 1.72
C ARG A 156 -3.18 -2.59 0.99
N LEU A 157 -2.26 -1.73 0.58
CA LEU A 157 -1.06 -2.17 -0.12
C LEU A 157 0.10 -2.40 0.84
N GLU A 158 0.20 -3.61 1.36
CA GLU A 158 1.26 -3.97 2.30
C GLU A 158 2.56 -4.25 1.56
N LEU A 159 3.68 -3.85 2.18
CA LEU A 159 4.99 -4.07 1.58
C LEU A 159 5.81 -5.06 2.40
N LEU A 160 6.55 -5.92 1.72
CA LEU A 160 7.38 -6.92 2.39
C LEU A 160 8.84 -6.79 1.96
N GLY A 161 9.74 -7.09 2.89
CA GLY A 161 11.16 -7.00 2.58
C GLY A 161 11.95 -8.19 3.13
N CYS A 162 13.22 -8.28 2.75
CA CYS A 162 14.07 -9.37 3.19
C CYS A 162 14.69 -9.05 4.54
N LEU A 163 14.85 -7.76 4.84
CA LEU A 163 15.43 -7.33 6.10
C LEU A 163 16.81 -7.95 6.30
N GLU A 164 17.48 -8.28 5.20
CA GLU A 164 18.81 -8.88 5.26
C GLU A 164 19.89 -7.82 5.05
N MET A 1 22.63 -2.45 8.47
CA MET A 1 21.54 -3.42 8.54
C MET A 1 21.70 -4.31 9.77
N LYS A 2 20.78 -5.26 9.93
CA LYS A 2 20.81 -6.18 11.05
C LYS A 2 20.71 -7.63 10.58
N SER A 3 21.65 -8.47 11.03
CA SER A 3 21.66 -9.87 10.65
C SER A 3 20.53 -10.63 11.31
N GLY A 4 20.53 -11.94 11.16
CA GLY A 4 19.49 -12.77 11.76
C GLY A 4 18.66 -13.50 10.71
N HIS A 5 18.21 -14.69 11.06
CA HIS A 5 17.40 -15.50 10.14
C HIS A 5 15.93 -15.13 10.25
N GLY A 6 15.26 -15.06 9.09
CA GLY A 6 13.86 -14.72 9.07
C GLY A 6 13.56 -13.50 8.21
N CYS A 7 13.28 -13.73 6.94
CA CYS A 7 12.99 -12.65 6.00
C CYS A 7 11.48 -12.39 5.93
N SER A 8 11.10 -11.47 5.05
CA SER A 8 9.69 -11.12 4.88
C SER A 8 9.14 -10.47 6.14
N GLU A 9 9.61 -9.25 6.43
CA GLU A 9 9.16 -8.52 7.60
C GLU A 9 8.12 -7.47 7.22
N PRO A 10 7.17 -7.21 8.15
CA PRO A 10 6.11 -6.23 7.94
C PRO A 10 6.63 -4.80 7.93
N LEU A 11 6.67 -4.19 9.12
CA LEU A 11 7.16 -2.82 9.26
C LEU A 11 7.19 -2.40 10.72
N GLY A 12 6.09 -2.66 11.43
CA GLY A 12 6.01 -2.31 12.84
C GLY A 12 5.26 -3.34 13.66
N LEU A 13 5.31 -4.59 13.21
CA LEU A 13 4.63 -5.68 13.91
C LEU A 13 5.63 -6.63 14.54
N LYS A 14 6.90 -6.23 14.54
CA LYS A 14 7.96 -7.04 15.12
C LYS A 14 8.57 -6.37 16.34
N ASN A 15 8.74 -5.05 16.26
CA ASN A 15 9.31 -4.28 17.36
C ASN A 15 9.32 -2.79 17.04
N ASN A 16 9.48 -2.47 15.76
CA ASN A 16 9.50 -1.08 15.30
C ASN A 16 8.27 -0.33 15.80
N THR A 17 7.13 -1.00 15.78
CA THR A 17 5.87 -0.41 16.22
C THR A 17 5.67 0.97 15.60
N ILE A 18 5.83 1.04 14.27
CA ILE A 18 5.66 2.30 13.55
C ILE A 18 4.36 2.98 13.94
N PRO A 19 4.44 4.30 14.22
CA PRO A 19 3.27 5.09 14.60
C PRO A 19 2.30 5.30 13.45
N ASP A 20 2.44 4.48 12.40
CA ASP A 20 1.58 4.58 11.24
C ASP A 20 1.94 5.80 10.39
N SER A 21 2.95 6.54 10.83
CA SER A 21 3.39 7.74 10.11
C SER A 21 4.32 7.37 8.96
N GLN A 22 3.85 6.49 8.08
CA GLN A 22 4.64 6.06 6.94
C GLN A 22 3.89 6.30 5.64
N MET A 23 2.60 5.97 5.63
CA MET A 23 1.77 6.16 4.44
C MET A 23 1.12 7.54 4.44
N SER A 24 0.92 8.08 3.25
CA SER A 24 0.32 9.40 3.10
C SER A 24 -0.30 9.57 1.71
N ALA A 25 -1.63 9.68 1.67
CA ALA A 25 -2.33 9.85 0.41
C ALA A 25 -3.03 11.20 0.35
N SER A 26 -3.62 11.52 -0.80
CA SER A 26 -4.32 12.79 -0.99
C SER A 26 -5.33 13.02 0.13
N SER A 27 -6.16 12.01 0.38
CA SER A 27 -7.17 12.10 1.43
C SER A 27 -7.92 10.78 1.58
N SER A 28 -8.68 10.66 2.67
CA SER A 28 -9.44 9.45 2.93
C SER A 28 -10.94 9.75 3.03
N TYR A 29 -11.76 8.71 2.98
CA TYR A 29 -13.20 8.85 3.05
C TYR A 29 -13.60 9.72 4.26
N LYS A 30 -12.79 9.65 5.31
CA LYS A 30 -13.05 10.42 6.52
C LYS A 30 -12.48 11.83 6.40
N THR A 31 -13.25 12.81 6.85
CA THR A 31 -12.82 14.20 6.79
C THR A 31 -12.96 14.88 8.15
N TRP A 32 -12.09 14.50 9.09
CA TRP A 32 -12.12 15.08 10.43
C TRP A 32 -10.94 16.01 10.64
N ASN A 33 -10.43 16.56 9.55
CA ASN A 33 -9.30 17.48 9.62
C ASN A 33 -9.02 18.10 8.26
N LEU A 34 -7.88 18.79 8.15
CA LEU A 34 -7.49 19.43 6.89
C LEU A 34 -5.98 19.64 6.84
N ARG A 35 -5.23 18.62 7.24
CA ARG A 35 -3.78 18.68 7.23
C ARG A 35 -3.17 17.37 7.73
N ALA A 36 -1.86 17.38 7.95
CA ALA A 36 -1.16 16.20 8.42
C ALA A 36 -1.11 15.13 7.34
N PHE A 37 -2.22 14.43 7.15
CA PHE A 37 -2.31 13.38 6.15
C PHE A 37 -1.33 12.25 6.46
N GLY A 38 -1.32 11.81 7.72
CA GLY A 38 -0.42 10.74 8.14
C GLY A 38 -1.15 9.65 8.89
N TRP A 39 -2.05 10.04 9.78
CA TRP A 39 -2.81 9.07 10.58
C TRP A 39 -3.95 8.48 9.77
N TYR A 40 -4.41 9.24 8.77
CA TYR A 40 -5.51 8.80 7.92
C TYR A 40 -5.23 7.40 7.36
N PRO A 41 -4.14 7.28 6.60
CA PRO A 41 -3.74 6.01 5.98
C PRO A 41 -3.25 5.00 7.02
N HIS A 42 -2.66 3.91 6.53
CA HIS A 42 -2.16 2.87 7.42
C HIS A 42 -3.29 2.20 8.19
N LEU A 43 -4.22 1.58 7.47
CA LEU A 43 -5.36 0.91 8.09
C LEU A 43 -5.17 -0.60 8.08
N GLY A 44 -4.49 -1.11 7.05
CA GLY A 44 -4.25 -2.53 6.96
C GLY A 44 -3.44 -3.07 8.12
N ARG A 45 -2.34 -2.39 8.44
CA ARG A 45 -1.48 -2.81 9.53
C ARG A 45 -1.46 -4.32 9.67
N LEU A 46 -2.26 -4.85 10.59
CA LEU A 46 -2.33 -6.28 10.82
C LEU A 46 -3.32 -6.60 11.94
N ASP A 47 -4.40 -7.27 11.59
CA ASP A 47 -5.42 -7.65 12.56
C ASP A 47 -6.07 -6.42 13.17
N ASN A 48 -6.81 -5.67 12.35
CA ASN A 48 -7.49 -4.47 12.80
C ASN A 48 -8.32 -4.75 14.05
N GLN A 49 -8.83 -3.69 14.67
CA GLN A 49 -9.64 -3.82 15.87
C GLN A 49 -11.05 -3.29 15.64
N GLY A 50 -11.21 -2.50 14.57
CA GLY A 50 -12.51 -1.94 14.25
C GLY A 50 -13.22 -2.69 13.15
N LYS A 51 -12.79 -2.45 11.91
CA LYS A 51 -13.39 -3.11 10.75
C LYS A 51 -12.80 -2.55 9.45
N ILE A 52 -12.26 -1.35 9.52
CA ILE A 52 -11.67 -0.71 8.35
C ILE A 52 -10.62 -1.61 7.70
N ASN A 53 -9.51 -1.80 8.40
CA ASN A 53 -8.43 -2.64 7.89
C ASN A 53 -8.19 -2.38 6.41
N ALA A 54 -8.38 -1.14 5.99
CA ALA A 54 -8.17 -0.77 4.60
C ALA A 54 -8.43 0.73 4.39
N TRP A 55 -7.47 1.41 3.78
CA TRP A 55 -7.58 2.84 3.53
C TRP A 55 -8.55 3.10 2.37
N THR A 56 -9.43 4.07 2.55
CA THR A 56 -10.41 4.42 1.52
C THR A 56 -10.13 5.80 0.95
N ALA A 57 -10.75 6.11 -0.19
CA ALA A 57 -10.57 7.40 -0.84
C ALA A 57 -11.51 8.45 -0.24
N GLN A 58 -11.15 9.72 -0.43
CA GLN A 58 -11.97 10.81 0.07
C GLN A 58 -13.09 11.17 -0.90
N SER A 59 -12.71 11.52 -2.12
CA SER A 59 -13.69 11.89 -3.14
C SER A 59 -14.02 10.69 -4.03
N ASN A 60 -13.54 9.52 -3.63
CA ASN A 60 -13.77 8.29 -4.39
C ASN A 60 -13.66 8.55 -5.89
N SER A 61 -12.53 9.12 -6.29
CA SER A 61 -12.29 9.42 -7.70
C SER A 61 -10.94 8.89 -8.15
N ALA A 62 -10.51 9.29 -9.34
CA ALA A 62 -9.23 8.85 -9.89
C ALA A 62 -8.13 9.87 -9.60
N LYS A 63 -8.51 10.96 -8.94
CA LYS A 63 -7.55 12.02 -8.60
C LYS A 63 -6.85 11.71 -7.28
N GLU A 64 -7.12 10.53 -6.74
CA GLU A 64 -6.50 10.12 -5.48
C GLU A 64 -5.16 9.45 -5.72
N TRP A 65 -4.31 9.46 -4.70
CA TRP A 65 -2.98 8.85 -4.79
C TRP A 65 -2.41 8.59 -3.41
N LEU A 66 -1.72 7.46 -3.27
CA LEU A 66 -1.11 7.09 -1.99
C LEU A 66 0.41 7.04 -2.10
N GLN A 67 1.09 7.77 -1.23
CA GLN A 67 2.54 7.82 -1.24
C GLN A 67 3.10 7.37 0.10
N VAL A 68 4.08 6.47 0.06
CA VAL A 68 4.69 5.95 1.28
C VAL A 68 6.15 6.41 1.38
N ASP A 69 6.47 7.06 2.49
CA ASP A 69 7.81 7.56 2.73
C ASP A 69 8.50 6.77 3.85
N LEU A 70 9.66 6.21 3.54
CA LEU A 70 10.42 5.43 4.52
C LEU A 70 11.63 6.21 5.02
N GLY A 71 12.51 6.58 4.10
CA GLY A 71 13.70 7.33 4.46
C GLY A 71 14.69 6.50 5.23
N THR A 72 14.42 5.19 5.34
CA THR A 72 15.30 4.28 6.06
C THR A 72 16.05 3.37 5.09
N GLN A 73 15.71 3.46 3.81
CA GLN A 73 16.36 2.65 2.78
C GLN A 73 16.35 1.17 3.18
N ARG A 74 15.23 0.51 2.93
CA ARG A 74 15.09 -0.91 3.27
C ARG A 74 14.89 -1.74 2.01
N GLN A 75 15.40 -2.97 2.04
CA GLN A 75 15.26 -3.87 0.89
C GLN A 75 13.97 -4.67 0.98
N VAL A 76 13.10 -4.47 -0.01
CA VAL A 76 11.82 -5.18 -0.06
C VAL A 76 11.98 -6.56 -0.66
N THR A 77 11.26 -7.53 -0.10
CA THR A 77 11.32 -8.91 -0.58
C THR A 77 9.93 -9.43 -0.92
N GLY A 78 8.97 -8.52 -1.02
CA GLY A 78 7.61 -8.91 -1.34
C GLY A 78 6.58 -7.97 -0.74
N ILE A 79 5.50 -7.73 -1.49
CA ILE A 79 4.44 -6.84 -1.03
C ILE A 79 3.09 -7.56 -1.04
N ILE A 80 2.20 -7.13 -0.15
CA ILE A 80 0.88 -7.71 -0.05
C ILE A 80 -0.21 -6.64 0.04
N THR A 81 -1.29 -6.85 -0.70
CA THR A 81 -2.39 -5.90 -0.71
C THR A 81 -3.73 -6.59 -0.43
N GLN A 82 -4.66 -5.86 0.16
CA GLN A 82 -5.97 -6.41 0.49
C GLN A 82 -7.07 -5.38 0.21
N GLY A 83 -8.29 -5.88 0.02
CA GLY A 83 -9.41 -4.99 -0.25
C GLY A 83 -10.36 -4.89 0.94
N ALA A 84 -11.28 -3.93 0.86
CA ALA A 84 -12.25 -3.72 1.93
C ALA A 84 -13.67 -3.69 1.38
N ARG A 85 -14.65 -3.59 2.28
CA ARG A 85 -16.05 -3.56 1.88
C ARG A 85 -16.80 -2.48 2.65
N ASP A 86 -17.85 -1.94 2.03
CA ASP A 86 -18.65 -0.89 2.66
C ASP A 86 -19.73 -1.50 3.53
N PHE A 87 -19.33 -2.13 4.63
CA PHE A 87 -20.26 -2.77 5.55
C PHE A 87 -21.03 -3.89 4.86
N GLY A 88 -20.44 -4.46 3.82
CA GLY A 88 -21.08 -5.53 3.08
C GLY A 88 -20.71 -5.54 1.62
N HIS A 89 -20.83 -4.38 0.97
CA HIS A 89 -20.51 -4.26 -0.44
C HIS A 89 -19.00 -4.36 -0.67
N ILE A 90 -18.59 -5.36 -1.43
CA ILE A 90 -17.17 -5.57 -1.72
C ILE A 90 -16.63 -4.47 -2.62
N GLN A 91 -15.67 -3.71 -2.10
CA GLN A 91 -15.06 -2.62 -2.86
C GLN A 91 -13.57 -2.84 -3.02
N TYR A 92 -13.02 -2.35 -4.13
CA TYR A 92 -11.59 -2.50 -4.42
C TYR A 92 -11.22 -1.79 -5.71
N VAL A 93 -9.94 -1.49 -5.87
CA VAL A 93 -9.44 -0.81 -7.06
C VAL A 93 -8.91 -1.81 -8.08
N ALA A 94 -9.21 -1.57 -9.35
CA ALA A 94 -8.76 -2.46 -10.42
C ALA A 94 -7.46 -1.96 -11.04
N SER A 95 -7.52 -0.79 -11.67
CA SER A 95 -6.34 -0.20 -12.31
C SER A 95 -5.62 0.75 -11.34
N TYR A 96 -4.31 0.59 -11.25
CA TYR A 96 -3.50 1.43 -10.36
C TYR A 96 -2.03 1.31 -10.69
N LYS A 97 -1.31 2.42 -10.58
CA LYS A 97 0.13 2.46 -10.87
C LYS A 97 0.93 2.64 -9.59
N VAL A 98 1.64 1.59 -9.18
CA VAL A 98 2.46 1.64 -7.98
C VAL A 98 3.93 1.42 -8.31
N ALA A 99 4.74 2.44 -8.02
CA ALA A 99 6.17 2.37 -8.29
C ALA A 99 6.98 2.61 -7.01
N HIS A 100 8.18 2.04 -6.96
CA HIS A 100 9.04 2.19 -5.79
C HIS A 100 10.32 2.96 -6.15
N SER A 101 10.76 3.83 -5.26
CA SER A 101 11.96 4.63 -5.48
C SER A 101 12.94 4.46 -4.34
N ASP A 102 14.23 4.36 -4.68
CA ASP A 102 15.27 4.21 -3.68
C ASP A 102 15.93 5.54 -3.35
N ASP A 103 16.21 6.32 -4.40
CA ASP A 103 16.84 7.63 -4.23
C ASP A 103 15.78 8.73 -4.20
N GLY A 104 14.58 8.42 -4.66
CA GLY A 104 13.51 9.39 -4.67
C GLY A 104 13.22 9.92 -6.07
N VAL A 105 14.21 9.82 -6.95
CA VAL A 105 14.06 10.30 -8.32
C VAL A 105 13.77 9.14 -9.27
N GLN A 106 14.36 7.98 -8.97
CA GLN A 106 14.17 6.79 -9.80
C GLN A 106 12.94 6.01 -9.36
N TRP A 107 11.83 6.20 -10.08
CA TRP A 107 10.59 5.51 -9.76
C TRP A 107 10.44 4.24 -10.60
N THR A 108 10.60 3.09 -9.95
CA THR A 108 10.48 1.81 -10.65
C THR A 108 9.04 1.32 -10.66
N VAL A 109 8.40 1.40 -11.82
CA VAL A 109 7.02 0.97 -11.97
C VAL A 109 6.94 -0.48 -12.40
N TYR A 110 5.73 -0.95 -12.64
CA TYR A 110 5.51 -2.34 -13.07
C TYR A 110 4.89 -2.39 -14.46
N GLU A 111 5.75 -2.36 -15.48
CA GLU A 111 5.28 -2.41 -16.87
C GLU A 111 4.57 -3.72 -17.16
N GLU A 112 4.05 -3.85 -18.38
CA GLU A 112 3.35 -5.06 -18.78
C GLU A 112 3.23 -5.13 -20.30
N GLN A 113 2.49 -4.18 -20.87
CA GLN A 113 2.30 -4.14 -22.33
C GLN A 113 3.63 -4.20 -23.06
N GLY A 114 4.68 -3.70 -22.42
CA GLY A 114 5.99 -3.70 -23.03
C GLY A 114 6.72 -2.38 -22.88
N SER A 115 5.97 -1.33 -22.56
CA SER A 115 6.54 0.01 -22.40
C SER A 115 6.46 0.45 -20.95
N SER A 116 5.22 0.66 -20.46
CA SER A 116 5.01 1.09 -19.09
C SER A 116 3.52 1.25 -18.80
N LYS A 117 2.83 0.12 -18.65
CA LYS A 117 1.40 0.13 -18.37
C LYS A 117 1.14 -0.07 -16.89
N VAL A 118 -0.03 0.36 -16.43
CA VAL A 118 -0.41 0.22 -15.02
C VAL A 118 -0.88 -1.19 -14.72
N PHE A 119 -1.21 -1.44 -13.46
CA PHE A 119 -1.67 -2.75 -13.03
C PHE A 119 -3.19 -2.78 -12.89
N GLN A 120 -3.84 -3.55 -13.76
CA GLN A 120 -5.29 -3.67 -13.74
C GLN A 120 -5.73 -5.04 -13.25
N GLY A 121 -6.70 -5.06 -12.34
CA GLY A 121 -7.18 -6.33 -11.81
C GLY A 121 -7.51 -6.25 -10.33
N ASN A 122 -8.69 -6.72 -9.96
CA ASN A 122 -9.12 -6.70 -8.57
C ASN A 122 -8.85 -8.04 -7.90
N LEU A 123 -8.74 -8.01 -6.57
CA LEU A 123 -8.47 -9.23 -5.80
C LEU A 123 -9.46 -9.36 -4.64
N ASP A 124 -10.63 -8.77 -4.80
CA ASP A 124 -11.66 -8.82 -3.77
C ASP A 124 -11.10 -8.39 -2.42
N ASN A 125 -11.87 -8.62 -1.36
CA ASN A 125 -11.45 -8.26 -0.01
C ASN A 125 -10.99 -9.49 0.77
N ASN A 126 -11.39 -10.66 0.30
CA ASN A 126 -11.03 -11.91 0.96
C ASN A 126 -9.84 -12.56 0.26
N SER A 127 -9.01 -11.75 -0.38
CA SER A 127 -7.84 -12.24 -1.08
C SER A 127 -6.66 -11.27 -0.94
N HIS A 128 -5.63 -11.70 -0.23
CA HIS A 128 -4.45 -10.87 -0.02
C HIS A 128 -3.28 -11.37 -0.88
N LYS A 129 -2.63 -10.44 -1.58
CA LYS A 129 -1.50 -10.77 -2.43
C LYS A 129 -1.00 -9.54 -3.18
N LYS A 130 0.07 -9.71 -3.94
CA LYS A 130 0.65 -8.61 -4.71
C LYS A 130 1.88 -9.08 -5.47
N ASN A 131 3.00 -9.22 -4.76
CA ASN A 131 4.24 -9.66 -5.37
C ASN A 131 5.12 -10.41 -4.36
N ILE A 132 5.87 -11.38 -4.85
CA ILE A 132 6.74 -12.17 -3.99
C ILE A 132 8.19 -11.69 -4.09
N PHE A 133 9.09 -12.42 -3.44
CA PHE A 133 10.52 -12.07 -3.46
C PHE A 133 11.16 -12.47 -4.78
N GLU A 134 10.37 -12.43 -5.85
CA GLU A 134 10.87 -12.80 -7.18
C GLU A 134 12.04 -11.91 -7.57
N LYS A 135 12.14 -10.74 -6.95
CA LYS A 135 13.22 -9.80 -7.24
C LYS A 135 13.20 -8.64 -6.25
N PRO A 136 13.85 -8.84 -5.09
CA PRO A 136 13.93 -7.82 -4.04
C PRO A 136 14.82 -6.64 -4.45
N PHE A 137 14.78 -5.58 -3.65
CA PHE A 137 15.57 -4.39 -3.92
C PHE A 137 15.35 -3.33 -2.84
N MET A 138 16.32 -2.43 -2.70
CA MET A 138 16.24 -1.37 -1.71
C MET A 138 15.19 -0.33 -2.11
N ALA A 139 14.63 0.36 -1.12
CA ALA A 139 13.62 1.38 -1.38
C ALA A 139 13.61 2.41 -0.26
N ARG A 140 13.31 3.65 -0.62
CA ARG A 140 13.26 4.74 0.35
C ARG A 140 11.88 5.42 0.34
N TYR A 141 11.23 5.38 -0.81
CA TYR A 141 9.91 5.99 -0.95
C TYR A 141 9.19 5.46 -2.20
N VAL A 142 7.93 5.09 -2.03
CA VAL A 142 7.14 4.57 -3.14
C VAL A 142 5.94 5.47 -3.42
N ARG A 143 5.49 5.47 -4.68
CA ARG A 143 4.35 6.28 -5.07
C ARG A 143 3.28 5.43 -5.75
N VAL A 144 2.02 5.64 -5.38
CA VAL A 144 0.91 4.90 -5.95
C VAL A 144 -0.21 5.83 -6.38
N LEU A 145 -0.83 5.51 -7.52
CA LEU A 145 -1.93 6.32 -8.05
C LEU A 145 -2.92 5.46 -8.81
N PRO A 146 -4.08 5.19 -8.19
CA PRO A 146 -5.15 4.39 -8.79
C PRO A 146 -5.82 5.09 -9.96
N VAL A 147 -6.18 4.32 -10.98
CA VAL A 147 -6.83 4.87 -12.16
C VAL A 147 -8.26 4.37 -12.28
N SER A 148 -8.45 3.07 -12.08
CA SER A 148 -9.77 2.46 -12.16
C SER A 148 -10.11 1.70 -10.89
N TRP A 149 -11.30 1.94 -10.36
CA TRP A 149 -11.74 1.27 -9.14
C TRP A 149 -13.17 0.76 -9.28
N HIS A 150 -13.58 -0.10 -8.36
CA HIS A 150 -14.93 -0.67 -8.38
C HIS A 150 -15.62 -0.48 -7.04
N ASN A 151 -16.82 0.08 -7.08
CA ASN A 151 -17.59 0.32 -5.87
C ASN A 151 -17.06 1.53 -5.11
N ARG A 152 -15.80 1.46 -4.72
CA ARG A 152 -15.16 2.56 -3.98
C ARG A 152 -13.72 2.20 -3.62
N ILE A 153 -12.81 3.13 -3.89
CA ILE A 153 -11.40 2.92 -3.60
C ILE A 153 -11.19 2.55 -2.13
N THR A 154 -11.10 1.24 -1.86
CA THR A 154 -10.90 0.76 -0.51
C THR A 154 -9.98 -0.46 -0.49
N LEU A 155 -8.74 -0.25 -0.10
CA LEU A 155 -7.75 -1.33 -0.04
C LEU A 155 -6.63 -1.00 0.93
N ARG A 156 -5.66 -1.90 1.05
CA ARG A 156 -4.54 -1.70 1.94
C ARG A 156 -3.26 -2.30 1.35
N LEU A 157 -2.35 -1.44 0.91
CA LEU A 157 -1.09 -1.89 0.34
C LEU A 157 0.01 -1.95 1.39
N GLU A 158 0.62 -3.11 1.54
CA GLU A 158 1.69 -3.30 2.52
C GLU A 158 2.95 -3.83 1.84
N LEU A 159 4.10 -3.36 2.31
CA LEU A 159 5.38 -3.78 1.75
C LEU A 159 6.19 -4.57 2.78
N LEU A 160 6.82 -5.64 2.32
CA LEU A 160 7.64 -6.48 3.21
C LEU A 160 9.08 -6.54 2.73
N GLY A 161 10.01 -6.67 3.67
CA GLY A 161 11.42 -6.74 3.32
C GLY A 161 12.11 -7.93 3.95
N CYS A 162 13.44 -7.96 3.84
CA CYS A 162 14.22 -9.06 4.40
C CYS A 162 14.86 -8.65 5.72
N LEU A 163 14.93 -7.36 5.96
CA LEU A 163 15.53 -6.84 7.19
C LEU A 163 16.91 -7.44 7.43
N GLU A 164 17.59 -7.76 6.34
CA GLU A 164 18.93 -8.34 6.44
C GLU A 164 19.97 -7.26 6.74
N MET A 1 22.83 -10.56 21.09
CA MET A 1 21.56 -10.95 20.49
C MET A 1 21.26 -12.42 20.79
N LYS A 2 20.06 -12.86 20.42
CA LYS A 2 19.65 -14.25 20.64
C LYS A 2 18.35 -14.56 19.89
N SER A 3 18.35 -14.29 18.60
CA SER A 3 17.17 -14.54 17.77
C SER A 3 17.57 -14.92 16.35
N GLY A 4 16.58 -15.27 15.53
CA GLY A 4 16.84 -15.66 14.16
C GLY A 4 16.36 -14.62 13.16
N HIS A 5 17.09 -14.47 12.07
CA HIS A 5 16.74 -13.51 11.03
C HIS A 5 15.66 -14.08 10.11
N GLY A 6 14.83 -13.20 9.56
CA GLY A 6 13.78 -13.63 8.66
C GLY A 6 13.39 -12.56 7.67
N CYS A 7 12.94 -12.98 6.49
CA CYS A 7 12.55 -12.05 5.44
C CYS A 7 11.05 -11.75 5.53
N SER A 8 10.55 -10.97 4.57
CA SER A 8 9.14 -10.61 4.54
C SER A 8 8.76 -9.80 5.77
N GLU A 9 9.55 -8.78 6.07
CA GLU A 9 9.30 -7.93 7.22
C GLU A 9 8.50 -6.69 6.82
N PRO A 10 7.38 -6.45 7.52
CA PRO A 10 6.50 -5.30 7.26
C PRO A 10 7.15 -3.99 7.65
N LEU A 11 6.97 -3.60 8.91
CA LEU A 11 7.54 -2.35 9.42
C LEU A 11 8.06 -2.54 10.84
N GLY A 12 7.14 -2.56 11.81
CA GLY A 12 7.54 -2.73 13.19
C GLY A 12 6.83 -3.90 13.85
N LEU A 13 5.88 -4.49 13.15
CA LEU A 13 5.13 -5.63 13.67
C LEU A 13 6.02 -6.87 13.79
N LYS A 14 7.21 -6.78 13.22
CA LYS A 14 8.16 -7.89 13.27
C LYS A 14 8.76 -8.03 14.66
N ASN A 15 9.19 -6.92 15.23
CA ASN A 15 9.78 -6.92 16.57
C ASN A 15 10.19 -5.50 16.98
N ASN A 16 9.43 -4.51 16.53
CA ASN A 16 9.70 -3.12 16.86
C ASN A 16 8.42 -2.39 17.25
N THR A 17 8.04 -1.39 16.46
CA THR A 17 6.84 -0.62 16.73
C THR A 17 6.78 0.63 15.86
N ILE A 18 6.39 0.45 14.60
CA ILE A 18 6.30 1.57 13.67
C ILE A 18 4.92 2.21 13.71
N PRO A 19 4.89 3.54 13.82
CA PRO A 19 3.63 4.31 13.89
C PRO A 19 2.89 4.30 12.56
N ASP A 20 1.87 5.14 12.45
CA ASP A 20 1.08 5.23 11.24
C ASP A 20 1.57 6.37 10.34
N SER A 21 2.82 6.78 10.56
CA SER A 21 3.42 7.86 9.78
C SER A 21 4.20 7.30 8.59
N GLN A 22 3.61 6.31 7.92
CA GLN A 22 4.25 5.70 6.77
C GLN A 22 3.43 5.94 5.50
N MET A 23 2.12 5.73 5.60
CA MET A 23 1.23 5.94 4.47
C MET A 23 0.78 7.39 4.37
N SER A 24 0.71 7.91 3.15
CA SER A 24 0.29 9.30 2.94
C SER A 24 -0.19 9.50 1.50
N ALA A 25 -1.50 9.70 1.35
CA ALA A 25 -2.09 9.90 0.03
C ALA A 25 -2.62 11.32 -0.11
N SER A 26 -3.05 11.66 -1.32
CA SER A 26 -3.57 13.00 -1.60
C SER A 26 -4.64 13.38 -0.58
N SER A 27 -5.60 12.49 -0.38
CA SER A 27 -6.69 12.74 0.56
C SER A 27 -7.43 11.44 0.89
N SER A 28 -8.23 11.48 1.95
CA SER A 28 -9.00 10.31 2.38
C SER A 28 -10.49 10.58 2.31
N TYR A 29 -11.28 9.52 2.25
CA TYR A 29 -12.73 9.64 2.18
C TYR A 29 -13.25 10.57 3.26
N LYS A 30 -14.37 11.24 2.99
CA LYS A 30 -14.96 12.16 3.94
C LYS A 30 -15.76 11.40 5.00
N THR A 31 -16.28 12.14 5.98
CA THR A 31 -17.07 11.54 7.05
C THR A 31 -18.51 12.01 6.99
N TRP A 32 -18.71 13.31 6.80
CA TRP A 32 -20.05 13.88 6.74
C TRP A 32 -20.01 15.31 6.19
N ASN A 33 -19.10 15.54 5.25
CA ASN A 33 -18.95 16.87 4.65
C ASN A 33 -18.19 16.78 3.32
N LEU A 34 -18.59 17.62 2.37
CA LEU A 34 -17.95 17.64 1.06
C LEU A 34 -16.43 17.77 1.19
N ARG A 35 -16.00 18.58 2.16
CA ARG A 35 -14.57 18.80 2.40
C ARG A 35 -14.20 18.43 3.82
N ALA A 36 -13.74 17.20 4.02
CA ALA A 36 -13.34 16.73 5.33
C ALA A 36 -11.84 16.44 5.38
N PHE A 37 -11.40 15.86 6.49
CA PHE A 37 -9.98 15.53 6.66
C PHE A 37 -9.78 14.03 6.76
N GLY A 38 -10.80 13.31 7.20
CA GLY A 38 -10.72 11.88 7.33
C GLY A 38 -9.93 11.45 8.56
N TRP A 39 -9.66 10.15 8.67
CA TRP A 39 -8.91 9.62 9.80
C TRP A 39 -7.49 9.26 9.39
N TYR A 40 -7.00 9.90 8.33
CA TYR A 40 -5.65 9.65 7.84
C TYR A 40 -5.50 8.21 7.38
N PRO A 41 -4.47 7.95 6.56
CA PRO A 41 -4.19 6.61 6.03
C PRO A 41 -3.69 5.66 7.11
N HIS A 42 -3.22 4.49 6.70
CA HIS A 42 -2.70 3.49 7.62
C HIS A 42 -3.82 2.96 8.52
N LEU A 43 -4.82 2.34 7.90
CA LEU A 43 -5.95 1.78 8.64
C LEU A 43 -5.95 0.26 8.57
N GLY A 44 -5.37 -0.28 7.50
CA GLY A 44 -5.31 -1.72 7.33
C GLY A 44 -4.52 -2.40 8.43
N ARG A 45 -3.81 -1.60 9.22
CA ARG A 45 -3.00 -2.13 10.31
C ARG A 45 -3.74 -3.24 11.05
N LEU A 46 -2.99 -4.16 11.64
CA LEU A 46 -3.57 -5.27 12.38
C LEU A 46 -4.58 -4.77 13.41
N ASP A 47 -5.47 -5.66 13.83
CA ASP A 47 -6.50 -5.31 14.81
C ASP A 47 -7.60 -4.48 14.17
N ASN A 48 -7.24 -3.37 13.55
CA ASN A 48 -8.20 -2.50 12.90
C ASN A 48 -9.52 -2.47 13.67
N GLN A 49 -9.42 -2.37 15.00
CA GLN A 49 -10.60 -2.34 15.85
C GLN A 49 -11.60 -1.30 15.35
N GLY A 50 -11.10 -0.29 14.65
CA GLY A 50 -11.97 0.75 14.12
C GLY A 50 -13.13 0.19 13.32
N LYS A 51 -12.97 0.15 12.00
CA LYS A 51 -14.01 -0.37 11.12
C LYS A 51 -13.56 -0.31 9.66
N ILE A 52 -12.76 0.70 9.33
CA ILE A 52 -12.26 0.86 7.97
C ILE A 52 -11.26 -0.23 7.62
N ASN A 53 -10.27 -0.42 8.47
CA ASN A 53 -9.24 -1.43 8.25
C ASN A 53 -8.65 -1.31 6.85
N ALA A 54 -8.54 -0.07 6.37
CA ALA A 54 -7.98 0.18 5.04
C ALA A 54 -8.02 1.67 4.70
N TRP A 55 -7.17 2.08 3.77
CA TRP A 55 -7.10 3.48 3.36
C TRP A 55 -8.03 3.75 2.19
N THR A 56 -8.89 4.75 2.33
CA THR A 56 -9.84 5.11 1.28
C THR A 56 -9.47 6.45 0.65
N ALA A 57 -9.98 6.69 -0.56
CA ALA A 57 -9.71 7.92 -1.27
C ALA A 57 -10.75 8.99 -0.94
N GLN A 58 -10.44 10.24 -1.28
CA GLN A 58 -11.36 11.35 -1.01
C GLN A 58 -12.11 11.74 -2.27
N SER A 59 -11.37 11.96 -3.36
CA SER A 59 -11.97 12.35 -4.62
C SER A 59 -12.63 11.15 -5.31
N ASN A 60 -12.46 9.98 -4.72
CA ASN A 60 -13.03 8.76 -5.27
C ASN A 60 -12.89 8.72 -6.79
N SER A 61 -11.72 9.14 -7.28
CA SER A 61 -11.45 9.16 -8.71
C SER A 61 -10.14 8.45 -9.03
N ALA A 62 -9.68 8.59 -10.27
CA ALA A 62 -8.45 7.96 -10.70
C ALA A 62 -7.26 8.89 -10.53
N LYS A 63 -7.54 10.18 -10.43
CA LYS A 63 -6.50 11.20 -10.25
C LYS A 63 -5.85 11.07 -8.88
N GLU A 64 -6.50 10.33 -7.99
CA GLU A 64 -5.98 10.15 -6.64
C GLU A 64 -4.70 9.31 -6.66
N TRP A 65 -3.84 9.53 -5.67
CA TRP A 65 -2.57 8.80 -5.58
C TRP A 65 -2.14 8.65 -4.13
N LEU A 66 -1.60 7.49 -3.79
CA LEU A 66 -1.14 7.21 -2.44
C LEU A 66 0.37 6.98 -2.42
N GLN A 67 1.06 7.69 -1.51
CA GLN A 67 2.50 7.56 -1.39
C GLN A 67 2.89 7.12 0.02
N VAL A 68 3.78 6.15 0.11
CA VAL A 68 4.23 5.63 1.41
C VAL A 68 5.71 5.94 1.62
N ASP A 69 5.99 6.77 2.62
CA ASP A 69 7.37 7.14 2.95
C ASP A 69 7.85 6.44 4.21
N LEU A 70 8.93 5.68 4.10
CA LEU A 70 9.48 4.96 5.24
C LEU A 70 10.75 5.63 5.75
N GLY A 71 11.53 6.20 4.83
CA GLY A 71 12.77 6.86 5.20
C GLY A 71 13.76 5.93 5.86
N THR A 72 13.56 4.63 5.67
CA THR A 72 14.43 3.62 6.25
C THR A 72 15.46 3.13 5.24
N GLN A 73 15.09 3.21 3.96
CA GLN A 73 15.98 2.76 2.89
C GLN A 73 16.38 1.30 3.08
N ARG A 74 15.41 0.40 2.91
CA ARG A 74 15.65 -1.02 3.06
C ARG A 74 15.36 -1.77 1.76
N GLN A 75 15.85 -3.01 1.68
CA GLN A 75 15.63 -3.82 0.49
C GLN A 75 14.32 -4.57 0.57
N VAL A 76 13.42 -4.28 -0.38
CA VAL A 76 12.11 -4.93 -0.42
C VAL A 76 12.19 -6.27 -1.14
N THR A 77 11.37 -7.22 -0.69
CA THR A 77 11.35 -8.55 -1.30
C THR A 77 9.93 -8.94 -1.71
N GLY A 78 9.01 -7.98 -1.61
CA GLY A 78 7.63 -8.24 -1.98
C GLY A 78 6.66 -7.36 -1.23
N ILE A 79 5.42 -7.30 -1.73
CA ILE A 79 4.39 -6.48 -1.10
C ILE A 79 3.02 -7.14 -1.22
N ILE A 80 2.15 -6.86 -0.25
CA ILE A 80 0.80 -7.43 -0.25
C ILE A 80 -0.25 -6.34 -0.02
N THR A 81 -1.36 -6.44 -0.73
CA THR A 81 -2.44 -5.47 -0.60
C THR A 81 -3.78 -6.17 -0.36
N GLN A 82 -4.69 -5.48 0.32
CA GLN A 82 -6.00 -6.03 0.62
C GLN A 82 -7.08 -4.96 0.52
N GLY A 83 -8.22 -5.33 -0.05
CA GLY A 83 -9.31 -4.39 -0.20
C GLY A 83 -10.13 -4.26 1.06
N ALA A 84 -11.02 -3.26 1.09
CA ALA A 84 -11.87 -3.02 2.25
C ALA A 84 -13.35 -3.08 1.86
N ARG A 85 -14.16 -3.67 2.73
CA ARG A 85 -15.59 -3.80 2.49
C ARG A 85 -16.39 -3.16 3.62
N ASP A 86 -17.56 -2.63 3.28
CA ASP A 86 -18.43 -1.98 4.26
C ASP A 86 -19.72 -2.76 4.43
N PHE A 87 -19.62 -4.09 4.39
CA PHE A 87 -20.79 -4.95 4.55
C PHE A 87 -21.76 -4.75 3.39
N GLY A 88 -21.63 -5.61 2.37
CA GLY A 88 -22.50 -5.51 1.21
C GLY A 88 -21.93 -4.61 0.13
N HIS A 89 -21.39 -3.47 0.54
CA HIS A 89 -20.82 -2.52 -0.40
C HIS A 89 -19.31 -2.74 -0.55
N ILE A 90 -18.90 -4.01 -0.54
CA ILE A 90 -17.49 -4.36 -0.66
C ILE A 90 -16.80 -3.48 -1.71
N GLN A 91 -15.66 -2.92 -1.34
CA GLN A 91 -14.90 -2.06 -2.24
C GLN A 91 -13.48 -2.57 -2.42
N TYR A 92 -12.86 -2.23 -3.55
CA TYR A 92 -11.50 -2.66 -3.83
C TYR A 92 -11.04 -2.13 -5.19
N VAL A 93 -9.77 -1.77 -5.27
CA VAL A 93 -9.20 -1.24 -6.51
C VAL A 93 -8.65 -2.37 -7.38
N ALA A 94 -8.51 -2.10 -8.67
CA ALA A 94 -7.99 -3.09 -9.60
C ALA A 94 -6.76 -2.57 -10.34
N SER A 95 -6.98 -1.73 -11.35
CA SER A 95 -5.90 -1.16 -12.12
C SER A 95 -5.24 -0.01 -11.38
N TYR A 96 -3.97 -0.19 -11.02
CA TYR A 96 -3.22 0.84 -10.30
C TYR A 96 -1.73 0.71 -10.57
N LYS A 97 -1.04 1.85 -10.60
CA LYS A 97 0.40 1.87 -10.85
C LYS A 97 1.16 2.14 -9.56
N VAL A 98 1.66 1.07 -8.94
CA VAL A 98 2.41 1.19 -7.69
C VAL A 98 3.89 0.87 -7.92
N ALA A 99 4.75 1.87 -7.75
CA ALA A 99 6.18 1.69 -7.92
C ALA A 99 6.94 2.10 -6.67
N HIS A 100 8.11 1.50 -6.47
CA HIS A 100 8.94 1.81 -5.30
C HIS A 100 10.20 2.56 -5.71
N SER A 101 10.56 3.57 -4.92
CA SER A 101 11.74 4.37 -5.21
C SER A 101 12.66 4.45 -3.99
N ASP A 102 13.97 4.36 -4.23
CA ASP A 102 14.94 4.43 -3.15
C ASP A 102 15.56 5.83 -3.06
N ASP A 103 16.02 6.33 -4.20
CA ASP A 103 16.64 7.65 -4.24
C ASP A 103 15.64 8.71 -4.69
N GLY A 104 14.48 8.25 -5.17
CA GLY A 104 13.45 9.17 -5.62
C GLY A 104 13.44 9.33 -7.12
N VAL A 105 14.51 8.90 -7.79
CA VAL A 105 14.62 8.99 -9.23
C VAL A 105 14.31 7.66 -9.89
N GLN A 106 14.69 6.58 -9.23
CA GLN A 106 14.45 5.23 -9.76
C GLN A 106 13.11 4.69 -9.29
N TRP A 107 12.11 4.77 -10.17
CA TRP A 107 10.78 4.28 -9.85
C TRP A 107 10.57 2.86 -10.35
N THR A 108 10.67 1.89 -9.44
CA THR A 108 10.50 0.49 -9.79
C THR A 108 9.03 0.14 -9.95
N VAL A 109 8.56 0.16 -11.19
CA VAL A 109 7.16 -0.16 -11.48
C VAL A 109 7.00 -1.64 -11.85
N TYR A 110 5.79 -2.01 -12.26
CA TYR A 110 5.50 -3.38 -12.63
C TYR A 110 4.84 -3.44 -14.01
N GLU A 111 5.59 -3.05 -15.04
CA GLU A 111 5.08 -3.06 -16.40
C GLU A 111 4.42 -4.39 -16.74
N GLU A 112 3.35 -4.35 -17.52
CA GLU A 112 2.63 -5.56 -17.91
C GLU A 112 2.54 -5.68 -19.43
N GLN A 113 2.37 -4.53 -20.09
CA GLN A 113 2.27 -4.52 -21.55
C GLN A 113 3.57 -4.04 -22.17
N GLY A 114 4.35 -3.29 -21.41
CA GLY A 114 5.62 -2.79 -21.91
C GLY A 114 5.73 -1.28 -21.83
N SER A 115 4.76 -0.65 -21.16
CA SER A 115 4.73 0.79 -21.01
C SER A 115 4.80 1.19 -19.55
N SER A 116 5.09 0.21 -18.69
CA SER A 116 5.18 0.46 -17.25
C SER A 116 4.00 1.29 -16.76
N LYS A 117 2.79 0.91 -17.22
CA LYS A 117 1.58 1.62 -16.83
C LYS A 117 0.84 0.86 -15.73
N VAL A 118 -0.29 1.41 -15.31
CA VAL A 118 -1.10 0.79 -14.27
C VAL A 118 -1.37 -0.68 -14.58
N PHE A 119 -1.49 -1.50 -13.53
CA PHE A 119 -1.75 -2.92 -13.70
C PHE A 119 -2.91 -3.37 -12.80
N GLN A 120 -3.75 -4.24 -13.35
CA GLN A 120 -4.90 -4.75 -12.60
C GLN A 120 -4.45 -5.62 -11.44
N GLY A 121 -5.18 -5.55 -10.32
CA GLY A 121 -4.84 -6.34 -9.16
C GLY A 121 -5.67 -7.60 -9.04
N ASN A 122 -6.63 -7.59 -8.14
CA ASN A 122 -7.50 -8.74 -7.93
C ASN A 122 -8.97 -8.35 -8.01
N LEU A 123 -9.85 -9.26 -7.63
CA LEU A 123 -11.29 -9.01 -7.67
C LEU A 123 -11.94 -9.37 -6.34
N ASP A 124 -11.19 -9.19 -5.25
CA ASP A 124 -11.69 -9.50 -3.91
C ASP A 124 -11.06 -8.57 -2.88
N ASN A 125 -11.87 -8.11 -1.93
CA ASN A 125 -11.39 -7.22 -0.88
C ASN A 125 -10.72 -8.01 0.23
N ASN A 126 -11.24 -9.21 0.50
CA ASN A 126 -10.68 -10.07 1.54
C ASN A 126 -9.44 -10.79 1.05
N SER A 127 -9.30 -10.90 -0.27
CA SER A 127 -8.17 -11.58 -0.87
C SER A 127 -6.92 -10.70 -0.82
N HIS A 128 -5.82 -11.26 -0.31
CA HIS A 128 -4.57 -10.52 -0.20
C HIS A 128 -3.58 -10.97 -1.27
N LYS A 129 -2.91 -10.00 -1.90
CA LYS A 129 -1.94 -10.30 -2.95
C LYS A 129 -1.37 -9.01 -3.54
N LYS A 130 -0.36 -9.15 -4.38
CA LYS A 130 0.27 -8.00 -5.02
C LYS A 130 1.46 -8.44 -5.86
N ASN A 131 2.57 -8.76 -5.20
CA ASN A 131 3.78 -9.19 -5.88
C ASN A 131 4.77 -9.82 -4.90
N ILE A 132 5.59 -10.74 -5.40
CA ILE A 132 6.57 -11.41 -4.57
C ILE A 132 7.96 -10.82 -4.78
N PHE A 133 8.99 -11.62 -4.50
CA PHE A 133 10.37 -11.17 -4.66
C PHE A 133 10.82 -11.31 -6.11
N GLU A 134 9.92 -11.00 -7.04
CA GLU A 134 10.23 -11.10 -8.47
C GLU A 134 11.44 -10.24 -8.81
N LYS A 135 11.74 -9.26 -7.96
CA LYS A 135 12.86 -8.36 -8.19
C LYS A 135 13.05 -7.43 -6.99
N PRO A 136 13.70 -7.95 -5.93
CA PRO A 136 13.96 -7.18 -4.71
C PRO A 136 15.00 -6.09 -4.93
N PHE A 137 15.00 -5.10 -4.05
CA PHE A 137 15.95 -3.99 -4.15
C PHE A 137 15.70 -2.95 -3.06
N MET A 138 16.67 -2.08 -2.84
CA MET A 138 16.55 -1.04 -1.81
C MET A 138 15.41 -0.09 -2.15
N ALA A 139 14.90 0.59 -1.12
CA ALA A 139 13.79 1.53 -1.31
C ALA A 139 13.52 2.30 -0.02
N ARG A 140 13.09 3.55 -0.17
CA ARG A 140 12.79 4.39 0.98
C ARG A 140 11.31 4.79 0.98
N TYR A 141 10.75 4.99 -0.21
CA TYR A 141 9.36 5.39 -0.34
C TYR A 141 8.73 4.75 -1.58
N VAL A 142 7.41 4.64 -1.57
CA VAL A 142 6.69 4.05 -2.69
C VAL A 142 5.55 4.97 -3.16
N ARG A 143 5.27 4.93 -4.45
CA ARG A 143 4.21 5.77 -5.03
C ARG A 143 3.18 4.90 -5.75
N VAL A 144 1.91 5.19 -5.52
CA VAL A 144 0.83 4.45 -6.15
C VAL A 144 -0.19 5.39 -6.80
N LEU A 145 -0.67 5.01 -7.98
CA LEU A 145 -1.65 5.82 -8.70
C LEU A 145 -2.72 4.95 -9.33
N PRO A 146 -3.81 4.72 -8.57
CA PRO A 146 -4.93 3.90 -9.04
C PRO A 146 -5.73 4.58 -10.15
N VAL A 147 -6.19 3.78 -11.10
CA VAL A 147 -6.97 4.30 -12.23
C VAL A 147 -8.32 3.60 -12.34
N SER A 148 -8.30 2.28 -12.24
CA SER A 148 -9.53 1.49 -12.33
C SER A 148 -9.80 0.74 -11.02
N TRP A 149 -10.85 1.14 -10.32
CA TRP A 149 -11.21 0.52 -9.06
C TRP A 149 -12.65 0.01 -9.10
N HIS A 150 -13.09 -0.61 -8.01
CA HIS A 150 -14.44 -1.15 -7.92
C HIS A 150 -15.17 -0.59 -6.70
N ASN A 151 -16.33 0.02 -6.93
CA ASN A 151 -17.13 0.59 -5.86
C ASN A 151 -16.51 1.90 -5.36
N ARG A 152 -15.34 1.79 -4.73
CA ARG A 152 -14.64 2.96 -4.20
C ARG A 152 -13.21 2.60 -3.82
N ILE A 153 -12.30 3.55 -4.01
CA ILE A 153 -10.90 3.34 -3.68
C ILE A 153 -10.72 3.08 -2.19
N THR A 154 -10.75 1.81 -1.81
CA THR A 154 -10.59 1.42 -0.41
C THR A 154 -9.77 0.14 -0.29
N LEU A 155 -8.53 0.28 0.17
CA LEU A 155 -7.64 -0.87 0.33
C LEU A 155 -6.40 -0.49 1.12
N ARG A 156 -5.58 -1.48 1.46
CA ARG A 156 -4.36 -1.24 2.21
C ARG A 156 -3.17 -1.94 1.54
N LEU A 157 -2.20 -1.15 1.09
CA LEU A 157 -1.01 -1.68 0.44
C LEU A 157 0.20 -1.63 1.37
N GLU A 158 0.73 -2.80 1.71
CA GLU A 158 1.88 -2.89 2.60
C GLU A 158 3.07 -3.50 1.87
N LEU A 159 4.26 -3.00 2.17
CA LEU A 159 5.49 -3.50 1.54
C LEU A 159 6.33 -4.28 2.55
N LEU A 160 6.91 -5.38 2.10
CA LEU A 160 7.75 -6.21 2.95
C LEU A 160 9.15 -6.33 2.37
N GLY A 161 10.14 -6.45 3.26
CA GLY A 161 11.52 -6.58 2.83
C GLY A 161 12.22 -7.76 3.46
N CYS A 162 13.48 -7.96 3.10
CA CYS A 162 14.26 -9.08 3.64
C CYS A 162 15.07 -8.63 4.85
N LEU A 163 15.12 -7.33 5.08
CA LEU A 163 15.86 -6.77 6.21
C LEU A 163 17.34 -7.13 6.13
N GLU A 164 17.81 -7.38 4.92
CA GLU A 164 19.21 -7.74 4.70
C GLU A 164 19.82 -6.90 3.58
N MET A 1 28.44 -8.48 5.28
CA MET A 1 29.08 -8.84 6.54
C MET A 1 28.66 -10.23 6.99
N LYS A 2 27.38 -10.38 7.30
CA LYS A 2 26.84 -11.66 7.74
C LYS A 2 25.65 -12.08 6.88
N SER A 3 25.00 -13.18 7.27
CA SER A 3 23.86 -13.68 6.53
C SER A 3 22.82 -14.28 7.48
N GLY A 4 21.62 -14.53 6.97
CA GLY A 4 20.56 -15.09 7.78
C GLY A 4 19.29 -15.35 6.99
N HIS A 5 18.60 -16.43 7.33
CA HIS A 5 17.37 -16.80 6.64
C HIS A 5 16.15 -16.16 7.32
N GLY A 6 15.16 -15.78 6.53
CA GLY A 6 13.96 -15.18 7.07
C GLY A 6 13.55 -13.93 6.32
N CYS A 7 12.88 -14.12 5.19
CA CYS A 7 12.44 -12.99 4.37
C CYS A 7 10.94 -12.72 4.59
N SER A 8 10.41 -11.77 3.83
CA SER A 8 9.00 -11.42 3.95
C SER A 8 8.69 -10.83 5.32
N GLU A 9 9.21 -9.64 5.58
CA GLU A 9 9.00 -8.97 6.86
C GLU A 9 8.41 -7.59 6.66
N PRO A 10 7.68 -7.09 7.68
CA PRO A 10 7.05 -5.78 7.64
C PRO A 10 8.07 -4.64 7.68
N LEU A 11 7.59 -3.44 7.98
CA LEU A 11 8.46 -2.26 8.05
C LEU A 11 8.44 -1.66 9.45
N GLY A 12 7.64 -2.24 10.33
CA GLY A 12 7.54 -1.74 11.69
C GLY A 12 6.51 -2.50 12.51
N LEU A 13 6.47 -3.82 12.35
CA LEU A 13 5.53 -4.65 13.08
C LEU A 13 6.13 -6.03 13.35
N LYS A 14 7.45 -6.12 13.35
CA LYS A 14 8.14 -7.38 13.60
C LYS A 14 9.62 -7.14 13.86
N ASN A 15 10.20 -6.17 13.15
CA ASN A 15 11.61 -5.85 13.31
C ASN A 15 11.80 -4.51 14.02
N ASN A 16 10.76 -3.68 13.96
CA ASN A 16 10.81 -2.37 14.59
C ASN A 16 9.50 -2.08 15.33
N THR A 17 8.80 -1.04 14.89
CA THR A 17 7.53 -0.65 15.50
C THR A 17 7.05 0.69 14.99
N ILE A 18 7.32 0.96 13.72
CA ILE A 18 6.92 2.22 13.09
C ILE A 18 5.40 2.39 13.14
N PRO A 19 4.95 3.59 13.55
CA PRO A 19 3.53 3.90 13.64
C PRO A 19 2.87 4.01 12.27
N ASP A 20 1.64 4.53 12.25
CA ASP A 20 0.90 4.69 11.01
C ASP A 20 1.15 6.05 10.40
N SER A 21 2.43 6.46 10.35
CA SER A 21 2.79 7.76 9.80
C SER A 21 3.73 7.58 8.61
N GLN A 22 3.78 6.37 8.07
CA GLN A 22 4.64 6.07 6.93
C GLN A 22 3.91 6.34 5.62
N MET A 23 2.63 5.98 5.57
CA MET A 23 1.82 6.20 4.38
C MET A 23 1.06 7.52 4.46
N SER A 24 0.65 8.03 3.30
CA SER A 24 -0.09 9.29 3.24
C SER A 24 -0.61 9.55 1.83
N ALA A 25 -1.92 9.53 1.68
CA ALA A 25 -2.55 9.76 0.38
C ALA A 25 -3.22 11.13 0.33
N SER A 26 -3.72 11.49 -0.84
CA SER A 26 -4.39 12.78 -1.01
C SER A 26 -5.46 12.98 0.05
N SER A 27 -6.26 11.95 0.29
CA SER A 27 -7.33 12.02 1.27
C SER A 27 -8.08 10.69 1.35
N SER A 28 -8.54 10.35 2.55
CA SER A 28 -9.27 9.11 2.77
C SER A 28 -10.77 9.36 2.87
N TYR A 29 -11.55 8.29 2.83
CA TYR A 29 -13.00 8.41 2.91
C TYR A 29 -13.42 9.26 4.10
N LYS A 30 -14.42 10.11 3.88
CA LYS A 30 -14.92 10.99 4.94
C LYS A 30 -15.55 10.18 6.06
N THR A 31 -15.60 10.77 7.25
CA THR A 31 -16.19 10.11 8.41
C THR A 31 -16.54 11.12 9.50
N TRP A 32 -17.00 10.62 10.64
CA TRP A 32 -17.39 11.47 11.76
C TRP A 32 -16.23 12.38 12.16
N ASN A 33 -16.39 13.68 11.92
CA ASN A 33 -15.36 14.65 12.25
C ASN A 33 -15.85 16.08 12.00
N LEU A 34 -15.02 17.05 12.35
CA LEU A 34 -15.37 18.46 12.16
C LEU A 34 -14.26 19.20 11.43
N ARG A 35 -13.02 18.97 11.86
CA ARG A 35 -11.87 19.62 11.25
C ARG A 35 -10.57 19.09 11.84
N ALA A 36 -10.24 17.85 11.50
CA ALA A 36 -9.02 17.22 11.98
C ALA A 36 -8.58 16.07 11.08
N PHE A 37 -7.32 16.09 10.67
CA PHE A 37 -6.78 15.06 9.80
C PHE A 37 -6.43 13.80 10.60
N GLY A 38 -5.42 13.93 11.46
CA GLY A 38 -5.01 12.79 12.26
C GLY A 38 -4.69 11.57 11.43
N TRP A 39 -4.56 10.43 12.09
CA TRP A 39 -4.26 9.17 11.40
C TRP A 39 -5.39 8.79 10.45
N TYR A 40 -5.15 7.77 9.63
CA TYR A 40 -6.15 7.31 8.68
C TYR A 40 -5.61 6.15 7.85
N PRO A 41 -4.53 6.39 7.10
CA PRO A 41 -3.90 5.38 6.26
C PRO A 41 -3.21 4.30 7.08
N HIS A 42 -2.48 3.41 6.39
CA HIS A 42 -1.76 2.33 7.05
C HIS A 42 -2.73 1.41 7.78
N LEU A 43 -3.61 0.76 7.02
CA LEU A 43 -4.60 -0.16 7.59
C LEU A 43 -4.38 -1.58 7.07
N GLY A 44 -3.65 -1.69 5.97
CA GLY A 44 -3.38 -3.00 5.40
C GLY A 44 -2.52 -3.86 6.30
N ARG A 45 -1.93 -3.25 7.31
CA ARG A 45 -1.08 -3.97 8.25
C ARG A 45 -1.79 -5.21 8.79
N LEU A 46 -1.04 -6.06 9.48
CA LEU A 46 -1.60 -7.29 10.06
C LEU A 46 -2.24 -7.00 11.41
N ASP A 47 -3.33 -7.70 11.70
CA ASP A 47 -4.04 -7.54 12.96
C ASP A 47 -4.63 -6.13 13.07
N ASN A 48 -5.70 -5.88 12.33
CA ASN A 48 -6.35 -4.58 12.35
C ASN A 48 -7.27 -4.44 13.56
N GLN A 49 -7.07 -3.37 14.33
CA GLN A 49 -7.89 -3.12 15.52
C GLN A 49 -9.31 -2.75 15.13
N GLY A 50 -9.45 -1.87 14.14
CA GLY A 50 -10.76 -1.45 13.70
C GLY A 50 -11.48 -2.53 12.93
N LYS A 51 -11.90 -2.19 11.70
CA LYS A 51 -12.61 -3.15 10.85
C LYS A 51 -12.49 -2.76 9.38
N ILE A 52 -11.53 -1.90 9.09
CA ILE A 52 -11.30 -1.45 7.71
C ILE A 52 -10.21 -2.27 7.03
N ASN A 53 -9.10 -2.47 7.75
CA ASN A 53 -7.98 -3.24 7.22
C ASN A 53 -7.71 -2.88 5.77
N ALA A 54 -7.87 -1.59 5.44
CA ALA A 54 -7.64 -1.12 4.08
C ALA A 54 -7.86 0.38 3.99
N TRP A 55 -6.98 1.06 3.25
CA TRP A 55 -7.08 2.51 3.09
C TRP A 55 -8.03 2.86 1.95
N THR A 56 -8.95 3.79 2.21
CA THR A 56 -9.92 4.21 1.21
C THR A 56 -9.58 5.58 0.67
N ALA A 57 -10.21 5.94 -0.45
CA ALA A 57 -9.98 7.25 -1.08
C ALA A 57 -11.15 8.19 -0.82
N GLN A 58 -10.83 9.41 -0.37
CA GLN A 58 -11.85 10.40 -0.09
C GLN A 58 -12.87 10.49 -1.23
N SER A 59 -12.41 10.16 -2.43
CA SER A 59 -13.28 10.20 -3.61
C SER A 59 -13.08 8.96 -4.48
N ASN A 60 -13.48 9.05 -5.73
CA ASN A 60 -13.35 7.94 -6.67
C ASN A 60 -13.32 8.43 -8.11
N SER A 61 -12.20 9.04 -8.50
CA SER A 61 -12.05 9.56 -9.85
C SER A 61 -10.71 9.16 -10.43
N ALA A 62 -10.01 8.27 -9.74
CA ALA A 62 -8.70 7.79 -10.19
C ALA A 62 -7.66 8.91 -10.10
N LYS A 63 -8.04 10.02 -9.50
CA LYS A 63 -7.13 11.16 -9.35
C LYS A 63 -6.33 11.04 -8.07
N GLU A 64 -6.93 10.46 -7.03
CA GLU A 64 -6.26 10.30 -5.75
C GLU A 64 -4.92 9.58 -5.92
N TRP A 65 -4.19 9.45 -4.83
CA TRP A 65 -2.88 8.79 -4.86
C TRP A 65 -2.33 8.61 -3.44
N LEU A 66 -1.66 7.49 -3.22
CA LEU A 66 -1.09 7.18 -1.92
C LEU A 66 0.43 7.10 -2.00
N GLN A 67 1.12 7.87 -1.16
CA GLN A 67 2.57 7.89 -1.14
C GLN A 67 3.10 7.41 0.22
N VAL A 68 4.24 6.75 0.19
CA VAL A 68 4.86 6.25 1.42
C VAL A 68 6.30 6.71 1.54
N ASP A 69 6.62 7.33 2.67
CA ASP A 69 7.98 7.82 2.91
C ASP A 69 8.57 7.16 4.16
N LEU A 70 9.74 6.54 3.98
CA LEU A 70 10.42 5.88 5.09
C LEU A 70 11.72 6.60 5.45
N GLY A 71 12.52 6.90 4.43
CA GLY A 71 13.77 7.59 4.67
C GLY A 71 14.81 6.71 5.33
N THR A 72 14.49 5.43 5.48
CA THR A 72 15.40 4.47 6.10
C THR A 72 16.07 3.59 5.06
N GLN A 73 15.51 3.57 3.86
CA GLN A 73 16.05 2.76 2.77
C GLN A 73 15.98 1.28 3.10
N ARG A 74 14.79 0.72 3.01
CA ARG A 74 14.57 -0.71 3.30
C ARG A 74 14.48 -1.52 2.02
N GLN A 75 15.05 -2.72 2.04
CA GLN A 75 15.03 -3.59 0.88
C GLN A 75 13.76 -4.43 0.85
N VAL A 76 12.95 -4.24 -0.21
CA VAL A 76 11.70 -4.98 -0.36
C VAL A 76 11.91 -6.26 -1.16
N THR A 77 11.28 -7.34 -0.72
CA THR A 77 11.39 -8.62 -1.41
C THR A 77 10.03 -9.28 -1.58
N GLY A 78 8.98 -8.47 -1.54
CA GLY A 78 7.64 -8.99 -1.69
C GLY A 78 6.57 -7.96 -1.37
N ILE A 79 5.37 -8.17 -1.90
CA ILE A 79 4.27 -7.25 -1.66
C ILE A 79 2.92 -7.96 -1.78
N ILE A 80 1.87 -7.32 -1.29
CA ILE A 80 0.53 -7.88 -1.33
C ILE A 80 -0.54 -6.80 -1.20
N THR A 81 -1.58 -6.91 -2.00
CA THR A 81 -2.67 -5.93 -1.97
C THR A 81 -3.98 -6.60 -1.58
N GLN A 82 -4.81 -5.88 -0.84
CA GLN A 82 -6.10 -6.40 -0.40
C GLN A 82 -7.14 -5.28 -0.30
N GLY A 83 -8.37 -5.58 -0.69
CA GLY A 83 -9.43 -4.58 -0.63
C GLY A 83 -10.25 -4.69 0.63
N ALA A 84 -11.25 -3.83 0.77
CA ALA A 84 -12.11 -3.83 1.95
C ALA A 84 -13.54 -3.46 1.57
N ARG A 85 -14.42 -3.40 2.57
CA ARG A 85 -15.81 -3.07 2.34
C ARG A 85 -16.18 -1.77 3.07
N ASP A 86 -17.37 -1.25 2.76
CA ASP A 86 -17.84 -0.01 3.39
C ASP A 86 -19.01 -0.29 4.32
N PHE A 87 -18.74 -1.02 5.40
CA PHE A 87 -19.77 -1.35 6.38
C PHE A 87 -20.99 -1.95 5.69
N GLY A 88 -20.76 -2.64 4.58
CA GLY A 88 -21.86 -3.25 3.84
C GLY A 88 -21.50 -3.54 2.40
N HIS A 89 -21.22 -2.48 1.63
CA HIS A 89 -20.86 -2.63 0.22
C HIS A 89 -19.40 -3.03 0.08
N ILE A 90 -19.17 -4.20 -0.51
CA ILE A 90 -17.82 -4.70 -0.71
C ILE A 90 -17.14 -4.00 -1.88
N GLN A 91 -15.97 -3.43 -1.62
CA GLN A 91 -15.21 -2.72 -2.64
C GLN A 91 -13.82 -3.32 -2.82
N TYR A 92 -13.15 -2.96 -3.90
CA TYR A 92 -11.81 -3.45 -4.18
C TYR A 92 -11.24 -2.83 -5.44
N VAL A 93 -9.95 -2.50 -5.41
CA VAL A 93 -9.29 -1.90 -6.56
C VAL A 93 -8.59 -2.96 -7.41
N ALA A 94 -8.42 -2.65 -8.69
CA ALA A 94 -7.76 -3.58 -9.61
C ALA A 94 -6.46 -3.00 -10.14
N SER A 95 -6.56 -2.10 -11.11
CA SER A 95 -5.38 -1.47 -11.70
C SER A 95 -4.82 -0.38 -10.78
N TYR A 96 -3.57 -0.56 -10.37
CA TYR A 96 -2.91 0.40 -9.49
C TYR A 96 -1.44 0.57 -9.87
N LYS A 97 -1.06 1.81 -10.16
CA LYS A 97 0.32 2.12 -10.54
C LYS A 97 1.19 2.33 -9.30
N VAL A 98 1.90 1.27 -8.89
CA VAL A 98 2.77 1.34 -7.73
C VAL A 98 4.23 1.44 -8.14
N ALA A 99 4.88 2.54 -7.76
CA ALA A 99 6.27 2.76 -8.08
C ALA A 99 7.10 2.99 -6.82
N HIS A 100 8.32 2.48 -6.81
CA HIS A 100 9.22 2.63 -5.67
C HIS A 100 10.42 3.50 -6.03
N SER A 101 10.85 4.33 -5.09
CA SER A 101 11.98 5.22 -5.32
C SER A 101 13.04 5.04 -4.23
N ASP A 102 14.28 4.80 -4.63
CA ASP A 102 15.37 4.60 -3.70
C ASP A 102 16.10 5.92 -3.42
N ASP A 103 16.16 6.77 -4.43
CA ASP A 103 16.83 8.07 -4.30
C ASP A 103 15.81 9.16 -3.99
N GLY A 104 14.55 8.90 -4.30
CA GLY A 104 13.49 9.88 -4.04
C GLY A 104 12.98 10.51 -5.31
N VAL A 105 13.85 10.62 -6.32
CA VAL A 105 13.47 11.21 -7.59
C VAL A 105 13.17 10.14 -8.63
N GLN A 106 13.90 9.03 -8.56
CA GLN A 106 13.72 7.93 -9.50
C GLN A 106 12.58 7.02 -9.05
N TRP A 107 11.44 7.14 -9.73
CA TRP A 107 10.28 6.33 -9.40
C TRP A 107 10.17 5.12 -10.32
N THR A 108 10.58 3.96 -9.80
CA THR A 108 10.54 2.73 -10.57
C THR A 108 9.16 2.07 -10.51
N VAL A 109 8.38 2.23 -11.57
CA VAL A 109 7.04 1.67 -11.63
C VAL A 109 7.10 0.15 -11.78
N TYR A 110 6.28 -0.55 -11.00
CA TYR A 110 6.25 -2.01 -11.04
C TYR A 110 5.78 -2.50 -12.42
N GLU A 111 6.74 -2.79 -13.29
CA GLU A 111 6.43 -3.27 -14.63
C GLU A 111 5.97 -4.72 -14.60
N GLU A 112 5.41 -5.19 -15.71
CA GLU A 112 4.93 -6.55 -15.81
C GLU A 112 5.91 -7.42 -16.58
N GLN A 113 6.28 -6.97 -17.79
CA GLN A 113 7.22 -7.71 -18.62
C GLN A 113 7.85 -6.79 -19.66
N GLY A 114 8.50 -5.73 -19.20
CA GLY A 114 9.13 -4.80 -20.11
C GLY A 114 8.14 -3.82 -20.73
N SER A 115 6.97 -3.72 -20.12
CA SER A 115 5.93 -2.83 -20.63
C SER A 115 5.78 -1.61 -19.73
N SER A 116 6.18 -1.76 -18.47
CA SER A 116 6.08 -0.67 -17.50
C SER A 116 4.64 -0.22 -17.34
N LYS A 117 3.74 -1.17 -17.14
CA LYS A 117 2.33 -0.87 -16.96
C LYS A 117 1.95 -0.86 -15.49
N VAL A 118 0.65 -0.81 -15.21
CA VAL A 118 0.16 -0.80 -13.84
C VAL A 118 0.00 -2.23 -13.31
N PHE A 119 -0.11 -2.35 -11.99
CA PHE A 119 -0.27 -3.65 -11.35
C PHE A 119 -1.74 -3.94 -11.05
N GLN A 120 -2.26 -5.02 -11.61
CA GLN A 120 -3.65 -5.40 -11.40
C GLN A 120 -3.80 -6.20 -10.11
N GLY A 121 -4.94 -6.03 -9.43
CA GLY A 121 -5.19 -6.74 -8.20
C GLY A 121 -6.19 -7.87 -8.38
N ASN A 122 -7.14 -7.97 -7.44
CA ASN A 122 -8.16 -9.00 -7.50
C ASN A 122 -9.54 -8.40 -7.72
N LEU A 123 -10.58 -9.22 -7.58
CA LEU A 123 -11.95 -8.77 -7.77
C LEU A 123 -12.78 -9.04 -6.52
N ASP A 124 -12.15 -8.96 -5.36
CA ASP A 124 -12.85 -9.21 -4.10
C ASP A 124 -12.03 -8.67 -2.92
N ASN A 125 -12.72 -8.13 -1.93
CA ASN A 125 -12.07 -7.58 -0.75
C ASN A 125 -11.42 -8.68 0.08
N ASN A 126 -12.05 -9.84 0.10
CA ASN A 126 -11.54 -10.98 0.86
C ASN A 126 -10.43 -11.68 0.08
N SER A 127 -10.46 -11.55 -1.24
CA SER A 127 -9.45 -12.18 -2.10
C SER A 127 -8.32 -11.22 -2.40
N HIS A 128 -7.23 -11.33 -1.64
CA HIS A 128 -6.07 -10.46 -1.83
C HIS A 128 -5.20 -10.96 -2.97
N LYS A 129 -4.02 -10.37 -3.11
CA LYS A 129 -3.08 -10.76 -4.16
C LYS A 129 -1.65 -10.42 -3.77
N LYS A 130 -0.85 -11.46 -3.53
CA LYS A 130 0.55 -11.27 -3.15
C LYS A 130 1.47 -11.46 -4.35
N ASN A 131 2.42 -10.56 -4.52
CA ASN A 131 3.36 -10.63 -5.62
C ASN A 131 4.76 -11.01 -5.12
N ILE A 132 5.37 -11.99 -5.78
CA ILE A 132 6.70 -12.45 -5.41
C ILE A 132 7.69 -11.28 -5.39
N PHE A 133 8.86 -11.52 -4.80
CA PHE A 133 9.89 -10.49 -4.71
C PHE A 133 9.98 -9.70 -6.02
N GLU A 134 9.88 -10.40 -7.14
CA GLU A 134 9.94 -9.76 -8.45
C GLU A 134 11.08 -8.75 -8.50
N LYS A 135 12.28 -9.20 -8.15
CA LYS A 135 13.46 -8.33 -8.17
C LYS A 135 13.41 -7.34 -7.00
N PRO A 136 13.96 -7.76 -5.85
CA PRO A 136 14.00 -6.92 -4.65
C PRO A 136 14.95 -5.74 -4.79
N PHE A 137 14.85 -4.79 -3.86
CA PHE A 137 15.70 -3.61 -3.88
C PHE A 137 15.37 -2.67 -2.73
N MET A 138 16.30 -1.78 -2.40
CA MET A 138 16.10 -0.83 -1.31
C MET A 138 15.27 0.35 -1.79
N ALA A 139 14.48 0.92 -0.88
CA ALA A 139 13.64 2.07 -1.20
C ALA A 139 13.43 2.96 0.02
N ARG A 140 13.32 4.26 -0.20
CA ARG A 140 13.12 5.22 0.87
C ARG A 140 11.78 5.94 0.72
N TYR A 141 11.24 5.93 -0.49
CA TYR A 141 9.96 6.58 -0.77
C TYR A 141 9.32 5.99 -2.01
N VAL A 142 8.06 5.59 -1.88
CA VAL A 142 7.31 5.01 -2.99
C VAL A 142 6.01 5.78 -3.25
N ARG A 143 5.55 5.75 -4.50
CA ARG A 143 4.33 6.43 -4.87
C ARG A 143 3.35 5.47 -5.53
N VAL A 144 2.06 5.64 -5.22
CA VAL A 144 1.02 4.79 -5.79
C VAL A 144 -0.13 5.62 -6.34
N LEU A 145 -0.67 5.20 -7.47
CA LEU A 145 -1.78 5.90 -8.11
C LEU A 145 -2.77 4.91 -8.72
N PRO A 146 -4.03 4.99 -8.28
CA PRO A 146 -5.10 4.12 -8.79
C PRO A 146 -5.49 4.44 -10.22
N VAL A 147 -5.91 3.41 -10.95
CA VAL A 147 -6.30 3.58 -12.35
C VAL A 147 -7.63 2.90 -12.63
N SER A 148 -7.82 1.71 -12.04
CA SER A 148 -9.04 0.95 -12.24
C SER A 148 -9.45 0.24 -10.95
N TRP A 149 -10.60 0.63 -10.39
CA TRP A 149 -11.09 0.03 -9.16
C TRP A 149 -12.51 -0.50 -9.34
N HIS A 150 -13.09 -0.99 -8.26
CA HIS A 150 -14.45 -1.52 -8.30
C HIS A 150 -15.25 -1.09 -7.07
N ASN A 151 -16.41 -0.48 -7.31
CA ASN A 151 -17.26 -0.02 -6.22
C ASN A 151 -16.69 1.25 -5.59
N ARG A 152 -15.57 1.11 -4.91
CA ARG A 152 -14.92 2.25 -4.26
C ARG A 152 -13.45 1.96 -3.99
N ILE A 153 -12.62 3.00 -4.04
CA ILE A 153 -11.19 2.85 -3.80
C ILE A 153 -10.91 2.49 -2.35
N THR A 154 -10.99 1.21 -2.02
CA THR A 154 -10.74 0.75 -0.67
C THR A 154 -9.84 -0.48 -0.66
N LEU A 155 -8.55 -0.27 -0.43
CA LEU A 155 -7.58 -1.36 -0.39
C LEU A 155 -6.26 -0.90 0.22
N ARG A 156 -5.29 -1.80 0.25
CA ARG A 156 -3.97 -1.48 0.81
C ARG A 156 -2.92 -2.47 0.31
N LEU A 157 -1.78 -1.95 -0.13
CA LEU A 157 -0.70 -2.79 -0.63
C LEU A 157 0.45 -2.85 0.37
N GLU A 158 0.45 -3.88 1.19
CA GLU A 158 1.50 -4.06 2.20
C GLU A 158 2.83 -4.40 1.54
N LEU A 159 3.92 -3.87 2.10
CA LEU A 159 5.25 -4.12 1.57
C LEU A 159 6.02 -5.10 2.46
N LEU A 160 6.77 -6.00 1.83
CA LEU A 160 7.56 -6.98 2.56
C LEU A 160 9.03 -6.90 2.17
N GLY A 161 9.90 -7.20 3.13
CA GLY A 161 11.33 -7.16 2.86
C GLY A 161 12.05 -8.39 3.37
N CYS A 162 13.33 -8.50 3.06
CA CYS A 162 14.14 -9.63 3.48
C CYS A 162 14.88 -9.33 4.79
N LEU A 163 15.13 -8.05 5.03
CA LEU A 163 15.83 -7.62 6.23
C LEU A 163 17.22 -8.25 6.31
N GLU A 164 17.78 -8.56 5.15
CA GLU A 164 19.11 -9.18 5.09
C GLU A 164 20.16 -8.13 4.71
N MET A 1 11.92 -14.91 22.09
CA MET A 1 13.32 -14.51 22.15
C MET A 1 14.08 -14.99 20.90
N LYS A 2 14.55 -14.04 20.10
CA LYS A 2 15.28 -14.37 18.89
C LYS A 2 14.40 -15.14 17.90
N SER A 3 13.91 -14.44 16.88
CA SER A 3 13.05 -15.05 15.87
C SER A 3 12.94 -14.16 14.64
N GLY A 4 12.91 -14.79 13.46
CA GLY A 4 12.81 -14.03 12.23
C GLY A 4 13.84 -14.45 11.20
N HIS A 5 13.88 -15.75 10.90
CA HIS A 5 14.83 -16.29 9.93
C HIS A 5 14.20 -16.35 8.55
N GLY A 6 13.52 -15.29 8.16
CA GLY A 6 12.88 -15.25 6.86
C GLY A 6 13.25 -14.00 6.07
N CYS A 7 13.03 -14.05 4.77
CA CYS A 7 13.34 -12.91 3.89
C CYS A 7 12.08 -12.12 3.55
N SER A 8 11.09 -12.20 4.43
CA SER A 8 9.83 -11.50 4.23
C SER A 8 9.28 -10.96 5.55
N GLU A 9 9.65 -9.73 5.88
CA GLU A 9 9.20 -9.11 7.13
C GLU A 9 8.16 -8.03 6.84
N PRO A 10 7.26 -7.81 7.81
CA PRO A 10 6.20 -6.80 7.68
C PRO A 10 6.74 -5.38 7.72
N LEU A 11 6.85 -4.82 8.93
CA LEU A 11 7.36 -3.46 9.11
C LEU A 11 7.57 -3.15 10.58
N GLY A 12 6.68 -3.63 11.42
CA GLY A 12 6.79 -3.40 12.85
C GLY A 12 6.02 -4.42 13.67
N LEU A 13 5.91 -5.64 13.15
CA LEU A 13 5.19 -6.71 13.83
C LEU A 13 6.16 -7.78 14.31
N LYS A 14 7.44 -7.44 14.37
CA LYS A 14 8.47 -8.38 14.82
C LYS A 14 9.35 -7.74 15.89
N ASN A 15 9.80 -6.52 15.63
CA ASN A 15 10.66 -5.80 16.56
C ASN A 15 10.73 -4.32 16.21
N ASN A 16 10.71 -4.02 14.91
CA ASN A 16 10.78 -2.64 14.45
C ASN A 16 9.68 -1.80 15.10
N THR A 17 8.53 -2.42 15.34
CA THR A 17 7.41 -1.73 15.95
C THR A 17 7.10 -0.42 15.23
N ILE A 18 7.41 -0.38 13.95
CA ILE A 18 7.17 0.82 13.14
C ILE A 18 5.73 1.29 13.27
N PRO A 19 5.55 2.60 13.48
CA PRO A 19 4.21 3.20 13.62
C PRO A 19 3.44 3.21 12.32
N ASP A 20 2.32 3.94 12.30
CA ASP A 20 1.49 4.04 11.10
C ASP A 20 1.88 5.24 10.26
N SER A 21 3.08 5.75 10.48
CA SER A 21 3.57 6.91 9.75
C SER A 21 4.37 6.48 8.51
N GLN A 22 3.85 5.49 7.80
CA GLN A 22 4.50 4.99 6.60
C GLN A 22 3.69 5.35 5.35
N MET A 23 2.38 5.14 5.42
CA MET A 23 1.50 5.45 4.30
C MET A 23 1.01 6.89 4.36
N SER A 24 0.95 7.54 3.21
CA SER A 24 0.51 8.93 3.14
C SER A 24 -0.05 9.24 1.75
N ALA A 25 -1.35 9.52 1.69
CA ALA A 25 -2.00 9.84 0.43
C ALA A 25 -2.56 11.26 0.44
N SER A 26 -2.85 11.79 -0.74
CA SER A 26 -3.38 13.14 -0.86
C SER A 26 -4.58 13.34 0.06
N SER A 27 -5.43 12.33 0.15
CA SER A 27 -6.62 12.40 0.99
C SER A 27 -7.36 11.06 1.00
N SER A 28 -8.15 10.83 2.05
CA SER A 28 -8.90 9.59 2.18
C SER A 28 -10.39 9.88 2.34
N TYR A 29 -11.19 8.81 2.37
CA TYR A 29 -12.63 8.96 2.51
C TYR A 29 -12.99 9.86 3.69
N LYS A 30 -12.16 9.81 4.73
CA LYS A 30 -12.38 10.62 5.92
C LYS A 30 -11.46 11.84 5.93
N THR A 31 -11.83 12.86 6.69
CA THR A 31 -11.04 14.07 6.78
C THR A 31 -11.22 14.75 8.14
N TRP A 32 -10.28 15.60 8.50
CA TRP A 32 -10.33 16.31 9.77
C TRP A 32 -9.73 17.71 9.64
N ASN A 33 -9.78 18.48 10.73
CA ASN A 33 -9.24 19.82 10.73
C ASN A 33 -7.77 19.84 10.37
N LEU A 34 -7.36 20.82 9.57
CA LEU A 34 -5.98 20.93 9.14
C LEU A 34 -5.07 21.31 10.31
N ARG A 35 -5.56 22.20 11.17
CA ARG A 35 -4.79 22.65 12.33
C ARG A 35 -4.46 21.46 13.24
N ALA A 36 -5.48 20.69 13.60
CA ALA A 36 -5.29 19.54 14.47
C ALA A 36 -4.50 18.44 13.76
N PHE A 37 -4.56 18.44 12.43
CA PHE A 37 -3.85 17.45 11.63
C PHE A 37 -4.26 16.03 12.03
N GLY A 38 -5.37 15.56 11.46
CA GLY A 38 -5.84 14.23 11.77
C GLY A 38 -5.27 13.17 10.84
N TRP A 39 -5.57 11.91 11.14
CA TRP A 39 -5.07 10.80 10.31
C TRP A 39 -6.17 10.29 9.39
N TYR A 40 -5.78 9.46 8.43
CA TYR A 40 -6.73 8.89 7.47
C TYR A 40 -6.20 7.58 6.90
N PRO A 41 -5.03 7.64 6.26
CA PRO A 41 -4.39 6.46 5.65
C PRO A 41 -3.88 5.48 6.70
N HIS A 42 -3.00 4.58 6.27
CA HIS A 42 -2.43 3.59 7.17
C HIS A 42 -3.50 3.02 8.10
N LEU A 43 -4.45 2.29 7.53
CA LEU A 43 -5.53 1.70 8.31
C LEU A 43 -5.47 0.18 8.26
N GLY A 44 -4.85 -0.35 7.20
CA GLY A 44 -4.74 -1.79 7.05
C GLY A 44 -3.77 -2.40 8.04
N ARG A 45 -2.57 -1.83 8.12
CA ARG A 45 -1.54 -2.32 9.03
C ARG A 45 -1.62 -3.84 9.15
N LEU A 46 -2.27 -4.32 10.21
CA LEU A 46 -2.40 -5.75 10.44
C LEU A 46 -3.34 -6.02 11.62
N ASP A 47 -4.44 -6.72 11.36
CA ASP A 47 -5.41 -7.05 12.39
C ASP A 47 -6.06 -5.79 12.95
N ASN A 48 -6.78 -5.08 12.09
CA ASN A 48 -7.45 -3.85 12.49
C ASN A 48 -8.30 -4.08 13.75
N GLN A 49 -8.81 -3.00 14.31
CA GLN A 49 -9.63 -3.08 15.51
C GLN A 49 -11.04 -2.55 15.24
N GLY A 50 -11.18 -1.77 14.18
CA GLY A 50 -12.46 -1.20 13.82
C GLY A 50 -13.17 -2.00 12.75
N LYS A 51 -12.74 -1.83 11.51
CA LYS A 51 -13.33 -2.54 10.38
C LYS A 51 -12.69 -2.11 9.06
N ILE A 52 -12.20 -0.87 9.03
CA ILE A 52 -11.56 -0.33 7.84
C ILE A 52 -10.50 -1.29 7.30
N ASN A 53 -9.37 -1.36 7.99
CA ASN A 53 -8.28 -2.25 7.59
C ASN A 53 -7.96 -2.06 6.11
N ALA A 54 -8.03 -0.82 5.63
CA ALA A 54 -7.74 -0.51 4.24
C ALA A 54 -7.91 0.98 3.96
N TRP A 55 -6.93 1.57 3.30
CA TRP A 55 -6.98 2.99 2.98
C TRP A 55 -7.96 3.26 1.83
N THR A 56 -8.81 4.25 2.02
CA THR A 56 -9.81 4.60 1.00
C THR A 56 -9.50 5.97 0.39
N ALA A 57 -10.13 6.24 -0.75
CA ALA A 57 -9.93 7.52 -1.44
C ALA A 57 -10.85 8.61 -0.87
N GLN A 58 -10.48 9.86 -1.09
CA GLN A 58 -11.27 10.99 -0.60
C GLN A 58 -12.39 11.33 -1.58
N SER A 59 -12.04 11.45 -2.86
CA SER A 59 -13.02 11.78 -3.89
C SER A 59 -13.44 10.52 -4.65
N ASN A 60 -13.17 9.36 -4.07
CA ASN A 60 -13.51 8.09 -4.71
C ASN A 60 -13.21 8.13 -6.21
N SER A 61 -12.10 8.77 -6.57
CA SER A 61 -11.71 8.87 -7.96
C SER A 61 -10.26 8.43 -8.15
N ALA A 62 -9.79 8.47 -9.40
CA ALA A 62 -8.42 8.08 -9.71
C ALA A 62 -7.45 9.23 -9.50
N LYS A 63 -8.00 10.44 -9.37
CA LYS A 63 -7.18 11.62 -9.15
C LYS A 63 -6.40 11.53 -7.84
N GLU A 64 -6.83 10.62 -6.98
CA GLU A 64 -6.17 10.43 -5.70
C GLU A 64 -4.90 9.59 -5.85
N TRP A 65 -3.90 9.87 -5.02
CA TRP A 65 -2.64 9.15 -5.07
C TRP A 65 -2.11 8.87 -3.67
N LEU A 66 -1.62 7.66 -3.44
CA LEU A 66 -1.08 7.28 -2.14
C LEU A 66 0.41 6.97 -2.23
N GLN A 67 1.19 7.65 -1.40
CA GLN A 67 2.64 7.46 -1.39
C GLN A 67 3.12 7.02 -0.02
N VAL A 68 4.10 6.11 0.00
CA VAL A 68 4.65 5.62 1.26
C VAL A 68 6.04 6.16 1.51
N ASP A 69 6.21 6.85 2.65
CA ASP A 69 7.50 7.43 3.00
C ASP A 69 8.18 6.60 4.08
N LEU A 70 9.41 6.17 3.80
CA LEU A 70 10.17 5.36 4.74
C LEU A 70 11.35 6.15 5.30
N GLY A 71 12.22 6.61 4.41
CA GLY A 71 13.38 7.38 4.82
C GLY A 71 14.41 6.52 5.54
N THR A 72 14.18 5.21 5.55
CA THR A 72 15.10 4.29 6.21
C THR A 72 15.90 3.48 5.18
N GLN A 73 15.53 3.64 3.91
CA GLN A 73 16.21 2.93 2.83
C GLN A 73 16.26 1.42 3.12
N ARG A 74 15.17 0.73 2.82
CA ARG A 74 15.09 -0.71 3.04
C ARG A 74 14.86 -1.45 1.73
N GLN A 75 15.31 -2.70 1.68
CA GLN A 75 15.15 -3.53 0.49
C GLN A 75 13.92 -4.42 0.60
N VAL A 76 12.97 -4.21 -0.31
CA VAL A 76 11.74 -4.99 -0.32
C VAL A 76 11.94 -6.34 -1.02
N THR A 77 11.26 -7.36 -0.53
CA THR A 77 11.37 -8.70 -1.11
C THR A 77 10.00 -9.33 -1.29
N GLY A 78 8.96 -8.51 -1.25
CA GLY A 78 7.60 -9.00 -1.41
C GLY A 78 6.56 -7.98 -1.00
N ILE A 79 5.32 -8.20 -1.44
CA ILE A 79 4.23 -7.29 -1.11
C ILE A 79 2.89 -8.03 -1.09
N ILE A 80 1.84 -7.32 -0.71
CA ILE A 80 0.50 -7.90 -0.64
C ILE A 80 -0.57 -6.82 -0.72
N THR A 81 -1.66 -7.13 -1.43
CA THR A 81 -2.76 -6.19 -1.58
C THR A 81 -4.09 -6.84 -1.22
N GLN A 82 -4.96 -6.08 -0.57
CA GLN A 82 -6.27 -6.57 -0.16
C GLN A 82 -7.31 -5.47 -0.18
N GLY A 83 -8.52 -5.81 -0.59
CA GLY A 83 -9.59 -4.84 -0.66
C GLY A 83 -10.37 -4.73 0.64
N ALA A 84 -11.18 -3.68 0.75
CA ALA A 84 -11.98 -3.48 1.96
C ALA A 84 -13.47 -3.47 1.63
N ARG A 85 -14.29 -3.49 2.68
CA ARG A 85 -15.74 -3.48 2.51
C ARG A 85 -16.41 -2.51 3.49
N ASP A 86 -17.55 -1.97 3.09
CA ASP A 86 -18.27 -1.03 3.93
C ASP A 86 -19.57 -1.67 4.47
N PHE A 87 -19.41 -2.68 5.30
CA PHE A 87 -20.56 -3.38 5.88
C PHE A 87 -21.47 -3.91 4.78
N GLY A 88 -21.15 -5.09 4.26
CA GLY A 88 -21.95 -5.69 3.21
C GLY A 88 -21.47 -5.30 1.82
N HIS A 89 -21.13 -4.03 1.66
CA HIS A 89 -20.65 -3.53 0.37
C HIS A 89 -19.18 -3.85 0.16
N ILE A 90 -18.85 -4.46 -0.97
CA ILE A 90 -17.47 -4.82 -1.28
C ILE A 90 -16.84 -3.80 -2.22
N GLN A 91 -15.73 -3.21 -1.76
CA GLN A 91 -15.02 -2.21 -2.56
C GLN A 91 -13.57 -2.61 -2.77
N TYR A 92 -13.01 -2.21 -3.90
CA TYR A 92 -11.62 -2.53 -4.23
C TYR A 92 -11.24 -1.98 -5.59
N VAL A 93 -9.96 -1.65 -5.75
CA VAL A 93 -9.46 -1.11 -7.02
C VAL A 93 -8.85 -2.21 -7.88
N ALA A 94 -8.66 -1.90 -9.16
CA ALA A 94 -8.09 -2.86 -10.09
C ALA A 94 -6.79 -2.34 -10.69
N SER A 95 -6.91 -1.42 -11.64
CA SER A 95 -5.75 -0.85 -12.30
C SER A 95 -5.09 0.20 -11.41
N TYR A 96 -3.80 0.00 -11.12
CA TYR A 96 -3.05 0.92 -10.27
C TYR A 96 -1.57 0.92 -10.65
N LYS A 97 -0.94 2.09 -10.59
CA LYS A 97 0.47 2.22 -10.91
C LYS A 97 1.31 2.28 -9.64
N VAL A 98 2.08 1.23 -9.40
CA VAL A 98 2.94 1.16 -8.21
C VAL A 98 4.39 1.41 -8.57
N ALA A 99 4.94 2.51 -8.06
CA ALA A 99 6.33 2.87 -8.33
C ALA A 99 7.12 3.02 -7.03
N HIS A 100 8.39 2.68 -7.08
CA HIS A 100 9.26 2.79 -5.91
C HIS A 100 10.46 3.69 -6.19
N SER A 101 10.85 4.47 -5.20
CA SER A 101 11.97 5.39 -5.33
C SER A 101 13.01 5.16 -4.25
N ASP A 102 14.24 4.89 -4.65
CA ASP A 102 15.33 4.65 -3.71
C ASP A 102 16.09 5.94 -3.40
N ASP A 103 16.31 6.75 -4.43
CA ASP A 103 17.02 8.01 -4.28
C ASP A 103 16.04 9.17 -4.10
N GLY A 104 14.76 8.90 -4.35
CA GLY A 104 13.74 9.93 -4.22
C GLY A 104 13.43 10.60 -5.54
N VAL A 105 14.39 10.61 -6.46
CA VAL A 105 14.21 11.22 -7.76
C VAL A 105 13.91 10.17 -8.82
N GLN A 106 14.49 8.99 -8.67
CA GLN A 106 14.28 7.90 -9.62
C GLN A 106 13.07 7.06 -9.22
N TRP A 107 11.95 7.31 -9.88
CA TRP A 107 10.72 6.57 -9.59
C TRP A 107 10.57 5.38 -10.52
N THR A 108 10.81 4.18 -9.98
CA THR A 108 10.71 2.95 -10.77
C THR A 108 9.27 2.44 -10.79
N VAL A 109 8.54 2.77 -11.85
CA VAL A 109 7.15 2.33 -12.00
C VAL A 109 7.08 0.91 -12.55
N TYR A 110 8.24 0.35 -12.91
CA TYR A 110 8.30 -0.99 -13.45
C TYR A 110 7.45 -1.12 -14.70
N GLU A 111 7.81 -0.38 -15.74
CA GLU A 111 7.09 -0.41 -17.01
C GLU A 111 7.07 -1.82 -17.59
N GLU A 112 6.15 -2.06 -18.51
CA GLU A 112 6.02 -3.36 -19.15
C GLU A 112 6.19 -3.25 -20.67
N GLN A 113 5.66 -2.17 -21.22
CA GLN A 113 5.74 -1.94 -22.66
C GLN A 113 6.78 -0.86 -22.98
N GLY A 114 7.01 0.03 -22.02
CA GLY A 114 7.98 1.10 -22.22
C GLY A 114 7.38 2.47 -21.98
N SER A 115 6.09 2.51 -21.68
CA SER A 115 5.40 3.77 -21.43
C SER A 115 4.83 3.80 -20.01
N SER A 116 5.38 2.98 -19.13
CA SER A 116 4.94 2.90 -17.75
C SER A 116 3.42 2.72 -17.68
N LYS A 117 2.98 1.47 -17.83
CA LYS A 117 1.56 1.15 -17.79
C LYS A 117 1.16 0.61 -16.41
N VAL A 118 -0.07 0.89 -16.00
CA VAL A 118 -0.57 0.44 -14.71
C VAL A 118 -0.77 -1.08 -14.70
N PHE A 119 -1.17 -1.60 -13.56
CA PHE A 119 -1.40 -3.04 -13.42
C PHE A 119 -2.74 -3.31 -12.75
N GLN A 120 -3.55 -4.16 -13.37
CA GLN A 120 -4.86 -4.50 -12.83
C GLN A 120 -4.75 -5.57 -11.76
N GLY A 121 -5.58 -5.46 -10.73
CA GLY A 121 -5.55 -6.44 -9.64
C GLY A 121 -6.94 -6.86 -9.21
N ASN A 122 -7.63 -5.97 -8.50
CA ASN A 122 -8.98 -6.25 -8.02
C ASN A 122 -9.09 -7.69 -7.52
N LEU A 123 -8.72 -7.90 -6.26
CA LEU A 123 -8.78 -9.23 -5.66
C LEU A 123 -9.84 -9.29 -4.57
N ASP A 124 -10.85 -8.42 -4.69
CA ASP A 124 -11.93 -8.39 -3.72
C ASP A 124 -11.42 -7.97 -2.35
N ASN A 125 -12.28 -8.06 -1.34
CA ASN A 125 -11.92 -7.68 0.02
C ASN A 125 -11.63 -8.92 0.86
N ASN A 126 -12.29 -10.03 0.53
CA ASN A 126 -12.10 -11.28 1.25
C ASN A 126 -11.12 -12.19 0.52
N SER A 127 -10.22 -11.59 -0.25
CA SER A 127 -9.24 -12.35 -1.00
C SER A 127 -7.93 -11.55 -1.16
N HIS A 128 -7.00 -11.80 -0.25
CA HIS A 128 -5.71 -11.11 -0.28
C HIS A 128 -4.77 -11.76 -1.30
N LYS A 129 -3.83 -10.97 -1.81
CA LYS A 129 -2.87 -11.47 -2.79
C LYS A 129 -1.46 -10.96 -2.47
N LYS A 130 -0.60 -11.88 -2.03
CA LYS A 130 0.77 -11.54 -1.70
C LYS A 130 1.75 -12.12 -2.71
N ASN A 131 2.71 -11.31 -3.14
CA ASN A 131 3.70 -11.74 -4.11
C ASN A 131 5.08 -11.88 -3.46
N ILE A 132 5.83 -12.89 -3.91
CA ILE A 132 7.16 -13.13 -3.37
C ILE A 132 8.17 -12.11 -3.89
N PHE A 133 9.45 -12.38 -3.67
CA PHE A 133 10.51 -11.48 -4.12
C PHE A 133 10.72 -11.60 -5.62
N GLU A 134 9.67 -11.36 -6.39
CA GLU A 134 9.74 -11.43 -7.84
C GLU A 134 10.72 -10.41 -8.39
N LYS A 135 11.00 -9.38 -7.60
CA LYS A 135 11.92 -8.33 -8.01
C LYS A 135 12.22 -7.39 -6.85
N PRO A 136 13.04 -7.86 -5.90
CA PRO A 136 13.43 -7.07 -4.72
C PRO A 136 14.34 -5.90 -5.08
N PHE A 137 14.44 -4.93 -4.17
CA PHE A 137 15.29 -3.77 -4.39
C PHE A 137 15.16 -2.78 -3.23
N MET A 138 16.15 -1.90 -3.09
CA MET A 138 16.14 -0.90 -2.03
C MET A 138 15.21 0.26 -2.38
N ALA A 139 14.54 0.79 -1.36
CA ALA A 139 13.63 1.91 -1.56
C ALA A 139 13.40 2.68 -0.26
N ARG A 140 13.20 3.99 -0.38
CA ARG A 140 12.97 4.83 0.79
C ARG A 140 11.64 5.57 0.69
N TYR A 141 11.08 5.58 -0.52
CA TYR A 141 9.81 6.25 -0.76
C TYR A 141 9.16 5.76 -2.04
N VAL A 142 7.95 5.21 -1.91
CA VAL A 142 7.22 4.68 -3.07
C VAL A 142 5.97 5.51 -3.33
N ARG A 143 5.55 5.54 -4.60
CA ARG A 143 4.36 6.29 -4.98
C ARG A 143 3.37 5.39 -5.73
N VAL A 144 2.10 5.52 -5.39
CA VAL A 144 1.05 4.73 -6.03
C VAL A 144 -0.08 5.60 -6.53
N LEU A 145 -0.53 5.33 -7.75
CA LEU A 145 -1.62 6.10 -8.35
C LEU A 145 -2.60 5.18 -9.08
N PRO A 146 -3.78 4.97 -8.47
CA PRO A 146 -4.82 4.13 -9.05
C PRO A 146 -5.46 4.74 -10.28
N VAL A 147 -5.80 3.90 -11.25
CA VAL A 147 -6.42 4.37 -12.48
C VAL A 147 -7.83 3.81 -12.64
N SER A 148 -7.97 2.51 -12.42
CA SER A 148 -9.27 1.85 -12.54
C SER A 148 -9.62 1.09 -11.25
N TRP A 149 -10.77 1.40 -10.69
CA TRP A 149 -11.22 0.75 -9.46
C TRP A 149 -12.64 0.23 -9.60
N HIS A 150 -13.12 -0.48 -8.58
CA HIS A 150 -14.46 -1.05 -8.60
C HIS A 150 -15.22 -0.66 -7.33
N ASN A 151 -16.40 -0.06 -7.52
CA ASN A 151 -17.23 0.35 -6.40
C ASN A 151 -16.64 1.60 -5.72
N ARG A 152 -15.51 1.42 -5.05
CA ARG A 152 -14.85 2.51 -4.36
C ARG A 152 -13.39 2.18 -4.08
N ILE A 153 -12.53 3.18 -4.19
CA ILE A 153 -11.10 2.99 -3.95
C ILE A 153 -10.83 2.68 -2.49
N THR A 154 -10.94 1.41 -2.13
CA THR A 154 -10.70 0.98 -0.75
C THR A 154 -9.90 -0.32 -0.71
N LEU A 155 -8.63 -0.22 -0.32
CA LEU A 155 -7.76 -1.37 -0.24
C LEU A 155 -6.52 -1.07 0.60
N ARG A 156 -5.68 -2.08 0.80
CA ARG A 156 -4.46 -1.92 1.58
C ARG A 156 -3.27 -2.53 0.85
N LEU A 157 -2.20 -1.75 0.73
CA LEU A 157 -0.98 -2.21 0.05
C LEU A 157 0.16 -2.39 1.05
N GLU A 158 0.32 -3.61 1.55
CA GLU A 158 1.37 -3.92 2.51
C GLU A 158 2.69 -4.24 1.79
N LEU A 159 3.79 -3.79 2.36
CA LEU A 159 5.11 -4.04 1.79
C LEU A 159 5.95 -4.93 2.69
N LEU A 160 6.67 -5.86 2.08
CA LEU A 160 7.52 -6.78 2.83
C LEU A 160 8.97 -6.66 2.38
N GLY A 161 9.89 -6.87 3.33
CA GLY A 161 11.30 -6.79 3.01
C GLY A 161 12.08 -7.98 3.54
N CYS A 162 13.41 -7.91 3.43
CA CYS A 162 14.27 -8.99 3.88
C CYS A 162 14.98 -8.60 5.18
N LEU A 163 15.00 -7.31 5.48
CA LEU A 163 15.64 -6.80 6.68
C LEU A 163 17.07 -7.33 6.81
N GLU A 164 17.70 -7.57 5.66
CA GLU A 164 19.07 -8.08 5.64
C GLU A 164 20.04 -6.99 5.19
N MET A 1 29.59 -10.65 3.32
CA MET A 1 29.94 -10.82 4.72
C MET A 1 28.76 -10.47 5.62
N LYS A 2 27.59 -11.00 5.29
CA LYS A 2 26.38 -10.75 6.07
C LYS A 2 25.28 -11.75 5.71
N SER A 3 24.90 -12.56 6.70
CA SER A 3 23.86 -13.56 6.48
C SER A 3 22.48 -12.91 6.39
N GLY A 4 21.96 -12.48 7.54
CA GLY A 4 20.66 -11.85 7.58
C GLY A 4 19.56 -12.76 7.07
N HIS A 5 19.11 -13.68 7.93
CA HIS A 5 18.06 -14.62 7.56
C HIS A 5 16.69 -14.10 8.00
N GLY A 6 15.65 -14.55 7.31
CA GLY A 6 14.30 -14.11 7.63
C GLY A 6 13.80 -13.01 6.72
N CYS A 7 12.95 -13.39 5.77
CA CYS A 7 12.40 -12.42 4.82
C CYS A 7 10.97 -12.03 5.21
N SER A 8 10.33 -11.27 4.34
CA SER A 8 8.96 -10.83 4.59
C SER A 8 8.91 -9.82 5.74
N GLU A 9 9.61 -8.70 5.55
CA GLU A 9 9.65 -7.66 6.57
C GLU A 9 8.84 -6.44 6.15
N PRO A 10 7.56 -6.41 6.52
CA PRO A 10 6.65 -5.31 6.18
C PRO A 10 6.99 -4.03 6.93
N LEU A 11 6.44 -3.89 8.14
CA LEU A 11 6.69 -2.72 8.96
C LEU A 11 6.93 -3.11 10.42
N GLY A 12 5.84 -3.37 11.13
CA GLY A 12 5.95 -3.76 12.53
C GLY A 12 5.24 -5.06 12.83
N LEU A 13 4.53 -5.60 11.83
CA LEU A 13 3.81 -6.84 12.00
C LEU A 13 4.75 -8.04 12.00
N LYS A 14 6.02 -7.78 11.68
CA LYS A 14 7.04 -8.83 11.64
C LYS A 14 7.60 -9.07 13.04
N ASN A 15 8.14 -8.03 13.65
CA ASN A 15 8.72 -8.13 14.98
C ASN A 15 9.35 -6.80 15.41
N ASN A 16 8.71 -5.71 15.01
CA ASN A 16 9.19 -4.37 15.36
C ASN A 16 8.10 -3.54 16.01
N THR A 17 7.73 -2.44 15.36
CA THR A 17 6.69 -1.56 15.88
C THR A 17 6.65 -0.24 15.13
N ILE A 18 6.09 -0.27 13.93
CA ILE A 18 5.99 0.92 13.10
C ILE A 18 4.73 1.71 13.41
N PRO A 19 4.88 3.03 13.58
CA PRO A 19 3.76 3.93 13.88
C PRO A 19 2.81 4.08 12.71
N ASP A 20 1.88 5.02 12.82
CA ASP A 20 0.90 5.28 11.76
C ASP A 20 1.25 6.54 10.99
N SER A 21 2.52 6.68 10.63
CA SER A 21 2.99 7.85 9.90
C SER A 21 3.82 7.44 8.69
N GLN A 22 3.52 6.27 8.14
CA GLN A 22 4.24 5.75 6.98
C GLN A 22 3.46 6.01 5.69
N MET A 23 2.15 5.77 5.74
CA MET A 23 1.30 5.98 4.57
C MET A 23 0.93 7.45 4.42
N SER A 24 0.45 7.81 3.25
CA SER A 24 0.07 9.20 2.97
C SER A 24 -0.43 9.34 1.53
N ALA A 25 -1.73 9.55 1.38
CA ALA A 25 -2.34 9.72 0.07
C ALA A 25 -2.68 11.18 -0.20
N SER A 26 -3.25 11.44 -1.38
CA SER A 26 -3.62 12.81 -1.75
C SER A 26 -4.48 13.45 -0.67
N SER A 27 -5.27 12.64 0.02
CA SER A 27 -6.15 13.14 1.07
C SER A 27 -6.94 11.99 1.70
N SER A 28 -7.25 10.99 0.89
CA SER A 28 -8.02 9.83 1.36
C SER A 28 -9.44 10.24 1.71
N TYR A 29 -10.31 9.24 1.86
CA TYR A 29 -11.70 9.49 2.19
C TYR A 29 -11.83 10.46 3.37
N LYS A 30 -11.58 9.95 4.57
CA LYS A 30 -11.65 10.77 5.77
C LYS A 30 -10.80 12.02 5.64
N THR A 31 -11.34 13.16 6.05
CA THR A 31 -10.62 14.43 5.98
C THR A 31 -10.56 15.11 7.34
N TRP A 32 -11.64 14.99 8.10
CA TRP A 32 -11.72 15.59 9.43
C TRP A 32 -12.48 14.69 10.40
N ASN A 33 -12.32 14.96 11.68
CA ASN A 33 -12.99 14.17 12.71
C ASN A 33 -13.03 14.92 14.05
N LEU A 34 -11.92 15.57 14.38
CA LEU A 34 -11.82 16.34 15.62
C LEU A 34 -10.66 17.32 15.56
N ARG A 35 -10.42 18.00 16.68
CA ARG A 35 -9.33 18.98 16.75
C ARG A 35 -7.97 18.29 16.64
N ALA A 36 -7.84 17.15 17.31
CA ALA A 36 -6.59 16.40 17.27
C ALA A 36 -6.20 16.04 15.85
N PHE A 37 -4.97 15.56 15.67
CA PHE A 37 -4.47 15.19 14.36
C PHE A 37 -5.44 14.21 13.69
N GLY A 38 -5.47 12.98 14.18
CA GLY A 38 -6.34 11.97 13.61
C GLY A 38 -6.00 11.65 12.16
N TRP A 39 -5.13 10.68 11.96
CA TRP A 39 -4.72 10.28 10.62
C TRP A 39 -5.79 9.42 9.96
N TYR A 40 -6.15 9.77 8.73
CA TYR A 40 -7.16 9.02 7.99
C TYR A 40 -6.62 7.66 7.55
N PRO A 41 -5.49 7.68 6.86
CA PRO A 41 -4.84 6.46 6.36
C PRO A 41 -4.26 5.62 7.49
N HIS A 42 -3.39 4.67 7.13
CA HIS A 42 -2.76 3.79 8.12
C HIS A 42 -3.77 2.81 8.68
N LEU A 43 -4.50 2.13 7.80
CA LEU A 43 -5.49 1.15 8.22
C LEU A 43 -5.03 -0.27 7.91
N GLY A 44 -4.11 -0.39 6.96
CA GLY A 44 -3.61 -1.70 6.58
C GLY A 44 -3.14 -2.50 7.78
N ARG A 45 -2.77 -1.80 8.84
CA ARG A 45 -2.29 -2.46 10.06
C ARG A 45 -3.27 -3.55 10.50
N LEU A 46 -2.76 -4.52 11.24
CA LEU A 46 -3.59 -5.63 11.73
C LEU A 46 -4.41 -5.20 12.94
N ASP A 47 -4.21 -3.95 13.38
CA ASP A 47 -4.94 -3.42 14.52
C ASP A 47 -5.73 -2.18 14.13
N ASN A 48 -6.62 -2.33 13.16
CA ASN A 48 -7.44 -1.22 12.69
C ASN A 48 -8.05 -0.46 13.87
N GLN A 49 -8.31 0.83 13.67
CA GLN A 49 -8.88 1.66 14.71
C GLN A 49 -10.41 1.54 14.72
N GLY A 50 -10.98 1.36 13.54
CA GLY A 50 -12.43 1.23 13.43
C GLY A 50 -12.86 -0.10 12.87
N LYS A 51 -12.56 -0.33 11.60
CA LYS A 51 -12.91 -1.59 10.94
C LYS A 51 -12.53 -1.56 9.46
N ILE A 52 -12.44 -0.35 8.91
CA ILE A 52 -12.08 -0.19 7.50
C ILE A 52 -10.90 -1.08 7.13
N ASN A 53 -9.96 -1.23 8.06
CA ASN A 53 -8.78 -2.06 7.83
C ASN A 53 -8.22 -1.83 6.42
N ALA A 54 -8.33 -0.59 5.95
CA ALA A 54 -7.83 -0.25 4.62
C ALA A 54 -7.99 1.24 4.35
N TRP A 55 -7.07 1.80 3.56
CA TRP A 55 -7.11 3.22 3.23
C TRP A 55 -7.97 3.47 1.99
N THR A 56 -8.82 4.48 2.07
CA THR A 56 -9.70 4.83 0.96
C THR A 56 -9.30 6.15 0.31
N ALA A 57 -9.81 6.39 -0.88
CA ALA A 57 -9.49 7.63 -1.61
C ALA A 57 -10.42 8.76 -1.18
N GLN A 58 -10.06 9.98 -1.56
CA GLN A 58 -10.86 11.15 -1.21
C GLN A 58 -11.80 11.53 -2.36
N SER A 59 -11.22 11.79 -3.53
CA SER A 59 -12.01 12.17 -4.70
C SER A 59 -12.49 10.92 -5.44
N ASN A 60 -11.87 9.78 -5.15
CA ASN A 60 -12.24 8.52 -5.79
C ASN A 60 -12.50 8.73 -7.28
N SER A 61 -11.53 9.33 -7.96
CA SER A 61 -11.66 9.59 -9.40
C SER A 61 -10.40 9.14 -10.14
N ALA A 62 -9.69 8.19 -9.56
CA ALA A 62 -8.46 7.66 -10.17
C ALA A 62 -7.30 8.62 -9.96
N LYS A 63 -7.53 9.89 -10.26
CA LYS A 63 -6.51 10.91 -10.11
C LYS A 63 -5.78 10.78 -8.77
N GLU A 64 -6.51 10.32 -7.76
CA GLU A 64 -5.95 10.14 -6.43
C GLU A 64 -4.66 9.31 -6.50
N TRP A 65 -3.93 9.27 -5.39
CA TRP A 65 -2.69 8.52 -5.32
C TRP A 65 -2.27 8.28 -3.87
N LEU A 66 -1.67 7.13 -3.61
CA LEU A 66 -1.22 6.79 -2.26
C LEU A 66 0.30 6.66 -2.21
N GLN A 67 0.90 7.26 -1.18
CA GLN A 67 2.34 7.22 -1.01
C GLN A 67 2.71 6.58 0.33
N VAL A 68 3.81 5.82 0.33
CA VAL A 68 4.27 5.15 1.55
C VAL A 68 5.75 5.46 1.80
N ASP A 69 5.99 6.41 2.70
CA ASP A 69 7.36 6.79 3.04
C ASP A 69 7.92 5.90 4.15
N LEU A 70 9.05 5.27 3.87
CA LEU A 70 9.68 4.38 4.84
C LEU A 70 10.64 5.16 5.74
N GLY A 71 11.59 5.85 5.12
CA GLY A 71 12.55 6.63 5.89
C GLY A 71 13.58 5.76 6.58
N THR A 72 13.51 4.46 6.34
CA THR A 72 14.45 3.51 6.94
C THR A 72 15.41 2.96 5.90
N GLN A 73 15.09 3.16 4.63
CA GLN A 73 15.94 2.68 3.54
C GLN A 73 16.22 1.19 3.69
N ARG A 74 15.24 0.36 3.34
CA ARG A 74 15.38 -1.08 3.44
C ARG A 74 15.19 -1.74 2.07
N GLN A 75 15.70 -2.95 1.93
CA GLN A 75 15.58 -3.68 0.67
C GLN A 75 14.28 -4.47 0.63
N VAL A 76 13.42 -4.14 -0.34
CA VAL A 76 12.15 -4.82 -0.48
C VAL A 76 12.30 -6.10 -1.30
N THR A 77 11.45 -7.08 -1.01
CA THR A 77 11.48 -8.37 -1.70
C THR A 77 10.08 -8.91 -1.92
N GLY A 78 9.09 -8.03 -1.85
CA GLY A 78 7.71 -8.44 -2.05
C GLY A 78 6.72 -7.44 -1.49
N ILE A 79 5.46 -7.56 -1.90
CA ILE A 79 4.41 -6.66 -1.45
C ILE A 79 3.08 -7.37 -1.35
N ILE A 80 2.19 -6.85 -0.50
CA ILE A 80 0.87 -7.44 -0.32
C ILE A 80 -0.21 -6.37 -0.30
N THR A 81 -1.32 -6.63 -0.99
CA THR A 81 -2.43 -5.69 -1.05
C THR A 81 -3.74 -6.37 -0.72
N GLN A 82 -4.71 -5.58 -0.25
CA GLN A 82 -6.03 -6.12 0.10
C GLN A 82 -7.07 -5.01 0.14
N GLY A 83 -8.28 -5.33 -0.29
CA GLY A 83 -9.35 -4.35 -0.31
C GLY A 83 -10.16 -4.36 0.98
N ALA A 84 -11.14 -3.48 1.06
CA ALA A 84 -12.00 -3.38 2.24
C ALA A 84 -13.44 -3.07 1.86
N ARG A 85 -14.32 -3.05 2.86
CA ARG A 85 -15.74 -2.78 2.62
C ARG A 85 -16.22 -1.66 3.54
N ASP A 86 -17.42 -1.16 3.27
CA ASP A 86 -18.00 -0.09 4.08
C ASP A 86 -19.15 -0.62 4.93
N PHE A 87 -19.79 -1.69 4.47
CA PHE A 87 -20.89 -2.30 5.19
C PHE A 87 -21.55 -3.40 4.36
N GLY A 88 -21.46 -3.28 3.04
CA GLY A 88 -22.05 -4.26 2.16
C GLY A 88 -21.58 -4.12 0.72
N HIS A 89 -21.23 -2.89 0.33
CA HIS A 89 -20.76 -2.62 -1.02
C HIS A 89 -19.28 -2.94 -1.15
N ILE A 90 -18.86 -4.04 -0.54
CA ILE A 90 -17.47 -4.46 -0.58
C ILE A 90 -16.73 -3.77 -1.73
N GLN A 91 -15.71 -2.98 -1.39
CA GLN A 91 -14.93 -2.27 -2.39
C GLN A 91 -13.56 -2.90 -2.55
N TYR A 92 -12.90 -2.63 -3.67
CA TYR A 92 -11.58 -3.17 -3.95
C TYR A 92 -11.02 -2.61 -5.26
N VAL A 93 -9.72 -2.34 -5.27
CA VAL A 93 -9.07 -1.80 -6.45
C VAL A 93 -8.53 -2.92 -7.34
N ALA A 94 -8.41 -2.63 -8.64
CA ALA A 94 -7.92 -3.61 -9.58
C ALA A 94 -6.59 -3.16 -10.20
N SER A 95 -6.67 -2.21 -11.14
CA SER A 95 -5.49 -1.70 -11.80
C SER A 95 -4.78 -0.64 -10.94
N TYR A 96 -3.53 -0.91 -10.58
CA TYR A 96 -2.76 0.00 -9.76
C TYR A 96 -1.34 0.15 -10.30
N LYS A 97 -0.75 1.32 -10.06
CA LYS A 97 0.61 1.59 -10.52
C LYS A 97 1.60 1.56 -9.36
N VAL A 98 2.19 0.39 -9.13
CA VAL A 98 3.16 0.23 -8.05
C VAL A 98 4.51 0.84 -8.42
N ALA A 99 4.91 1.88 -7.70
CA ALA A 99 6.17 2.56 -7.95
C ALA A 99 7.03 2.60 -6.69
N HIS A 100 8.34 2.44 -6.87
CA HIS A 100 9.27 2.46 -5.74
C HIS A 100 10.37 3.50 -5.96
N SER A 101 10.75 4.17 -4.88
CA SER A 101 11.79 5.20 -4.96
C SER A 101 12.91 4.91 -3.96
N ASP A 102 14.12 4.74 -4.47
CA ASP A 102 15.27 4.46 -3.63
C ASP A 102 15.87 5.75 -3.08
N ASP A 103 16.06 6.72 -3.97
CA ASP A 103 16.62 8.01 -3.58
C ASP A 103 15.52 9.00 -3.22
N GLY A 104 14.30 8.72 -3.69
CA GLY A 104 13.18 9.61 -3.41
C GLY A 104 12.70 10.34 -4.65
N VAL A 105 13.65 10.72 -5.51
CA VAL A 105 13.30 11.43 -6.73
C VAL A 105 13.04 10.46 -7.88
N GLN A 106 13.62 9.27 -7.78
CA GLN A 106 13.43 8.25 -8.82
C GLN A 106 12.14 7.48 -8.59
N TRP A 107 11.45 7.17 -9.68
CA TRP A 107 10.20 6.42 -9.60
C TRP A 107 10.26 5.14 -10.43
N THR A 108 10.63 4.04 -9.79
CA THR A 108 10.74 2.76 -10.47
C THR A 108 9.37 2.09 -10.60
N VAL A 109 8.80 2.15 -11.80
CA VAL A 109 7.49 1.56 -12.06
C VAL A 109 7.63 0.21 -12.74
N TYR A 110 6.50 -0.41 -13.07
CA TYR A 110 6.50 -1.71 -13.72
C TYR A 110 6.21 -1.56 -15.22
N GLU A 111 7.20 -1.11 -15.97
CA GLU A 111 7.05 -0.91 -17.41
C GLU A 111 7.61 -2.11 -18.18
N GLU A 112 7.07 -2.34 -19.37
CA GLU A 112 7.52 -3.45 -20.21
C GLU A 112 8.36 -2.94 -21.38
N GLN A 113 8.11 -1.69 -21.78
CA GLN A 113 8.85 -1.10 -22.89
C GLN A 113 8.87 0.42 -22.76
N GLY A 114 8.77 0.91 -21.53
CA GLY A 114 8.78 2.34 -21.30
C GLY A 114 7.39 2.93 -21.21
N SER A 115 6.40 2.19 -21.70
CA SER A 115 5.02 2.65 -21.67
C SER A 115 4.49 2.68 -20.23
N SER A 116 5.05 1.83 -19.38
CA SER A 116 4.64 1.76 -17.98
C SER A 116 3.18 1.32 -17.88
N LYS A 117 2.97 0.00 -17.84
CA LYS A 117 1.63 -0.55 -17.72
C LYS A 117 1.32 -0.94 -16.28
N VAL A 118 0.18 -0.48 -15.78
CA VAL A 118 -0.23 -0.78 -14.42
C VAL A 118 -0.62 -2.25 -14.28
N PHE A 119 -0.61 -2.74 -13.04
CA PHE A 119 -0.96 -4.13 -12.77
C PHE A 119 -2.38 -4.24 -12.21
N GLN A 120 -3.12 -5.23 -12.70
CA GLN A 120 -4.49 -5.44 -12.26
C GLN A 120 -4.55 -6.51 -11.17
N GLY A 121 -5.49 -6.35 -10.24
CA GLY A 121 -5.64 -7.31 -9.17
C GLY A 121 -6.87 -8.18 -9.33
N ASN A 122 -7.64 -8.32 -8.24
CA ASN A 122 -8.84 -9.14 -8.27
C ASN A 122 -10.07 -8.31 -7.89
N LEU A 123 -11.18 -9.00 -7.64
CA LEU A 123 -12.42 -8.33 -7.27
C LEU A 123 -12.90 -8.78 -5.89
N ASP A 124 -11.94 -9.05 -5.00
CA ASP A 124 -12.27 -9.49 -3.66
C ASP A 124 -11.54 -8.65 -2.61
N ASN A 125 -12.24 -8.30 -1.54
CA ASN A 125 -11.66 -7.49 -0.48
C ASN A 125 -11.10 -8.37 0.64
N ASN A 126 -11.78 -9.49 0.90
CA ASN A 126 -11.35 -10.41 1.94
C ASN A 126 -10.15 -11.23 1.47
N SER A 127 -10.04 -11.42 0.17
CA SER A 127 -8.94 -12.18 -0.41
C SER A 127 -7.69 -11.32 -0.56
N HIS A 128 -6.58 -11.80 0.00
CA HIS A 128 -5.32 -11.07 -0.06
C HIS A 128 -4.61 -11.33 -1.39
N LYS A 129 -3.79 -10.38 -1.81
CA LYS A 129 -3.04 -10.50 -3.06
C LYS A 129 -1.60 -10.09 -2.87
N LYS A 130 -0.72 -11.08 -2.70
CA LYS A 130 0.70 -10.82 -2.51
C LYS A 130 1.45 -10.91 -3.85
N ASN A 131 2.07 -9.81 -4.24
CA ASN A 131 2.82 -9.77 -5.50
C ASN A 131 4.28 -10.12 -5.27
N ILE A 132 4.81 -11.01 -6.10
CA ILE A 132 6.19 -11.43 -5.99
C ILE A 132 7.14 -10.23 -5.88
N PHE A 133 8.37 -10.49 -5.46
CA PHE A 133 9.36 -9.43 -5.31
C PHE A 133 9.33 -8.49 -6.50
N GLU A 134 9.27 -9.05 -7.71
CA GLU A 134 9.24 -8.26 -8.92
C GLU A 134 10.53 -7.46 -9.09
N LYS A 135 10.65 -6.38 -8.33
CA LYS A 135 11.83 -5.52 -8.40
C LYS A 135 12.41 -5.30 -7.00
N PRO A 136 13.01 -6.34 -6.43
CA PRO A 136 13.61 -6.29 -5.10
C PRO A 136 14.87 -5.43 -5.07
N PHE A 137 14.98 -4.58 -4.06
CA PHE A 137 16.14 -3.70 -3.92
C PHE A 137 15.92 -2.68 -2.81
N MET A 138 16.95 -1.91 -2.50
CA MET A 138 16.86 -0.88 -1.47
C MET A 138 15.85 0.19 -1.84
N ALA A 139 14.98 0.53 -0.90
CA ALA A 139 13.96 1.54 -1.13
C ALA A 139 13.77 2.42 0.11
N ARG A 140 13.46 3.69 -0.12
CA ARG A 140 13.26 4.63 0.97
C ARG A 140 11.81 5.10 1.02
N TYR A 141 11.16 5.12 -0.14
CA TYR A 141 9.77 5.55 -0.24
C TYR A 141 9.13 5.05 -1.53
N VAL A 142 7.97 4.43 -1.41
CA VAL A 142 7.26 3.91 -2.57
C VAL A 142 5.96 4.67 -2.80
N ARG A 143 5.60 4.84 -4.07
CA ARG A 143 4.38 5.55 -4.43
C ARG A 143 3.51 4.71 -5.35
N VAL A 144 2.20 4.73 -5.11
CA VAL A 144 1.26 3.97 -5.93
C VAL A 144 0.17 4.87 -6.49
N LEU A 145 -0.26 4.57 -7.72
CA LEU A 145 -1.30 5.35 -8.37
C LEU A 145 -2.39 4.44 -8.95
N PRO A 146 -3.60 4.55 -8.39
CA PRO A 146 -4.74 3.74 -8.85
C PRO A 146 -5.23 4.16 -10.23
N VAL A 147 -5.66 3.17 -11.02
CA VAL A 147 -6.16 3.44 -12.36
C VAL A 147 -7.55 2.84 -12.57
N SER A 148 -7.73 1.62 -12.05
CA SER A 148 -9.01 0.93 -12.18
C SER A 148 -9.41 0.27 -10.87
N TRP A 149 -10.53 0.71 -10.31
CA TRP A 149 -11.02 0.17 -9.04
C TRP A 149 -12.43 -0.39 -9.20
N HIS A 150 -12.97 -0.93 -8.11
CA HIS A 150 -14.31 -1.50 -8.14
C HIS A 150 -15.14 -1.00 -6.95
N ASN A 151 -16.26 -0.36 -7.23
CA ASN A 151 -17.13 0.16 -6.19
C ASN A 151 -16.56 1.44 -5.60
N ARG A 152 -15.33 1.37 -5.11
CA ARG A 152 -14.67 2.52 -4.51
C ARG A 152 -13.21 2.21 -4.19
N ILE A 153 -12.37 3.23 -4.25
CA ILE A 153 -10.95 3.07 -3.96
C ILE A 153 -10.71 2.81 -2.48
N THR A 154 -10.98 1.58 -2.04
CA THR A 154 -10.80 1.20 -0.65
C THR A 154 -9.95 -0.06 -0.53
N LEU A 155 -8.68 0.14 -0.21
CA LEU A 155 -7.76 -0.99 -0.06
C LEU A 155 -6.52 -0.57 0.73
N ARG A 156 -5.57 -1.50 0.86
CA ARG A 156 -4.33 -1.23 1.58
C ARG A 156 -3.13 -1.89 0.90
N LEU A 157 -2.05 -1.14 0.77
CA LEU A 157 -0.85 -1.65 0.13
C LEU A 157 0.35 -1.59 1.08
N GLU A 158 1.04 -2.71 1.24
CA GLU A 158 2.19 -2.78 2.12
C GLU A 158 3.37 -3.46 1.43
N LEU A 159 4.57 -2.97 1.70
CA LEU A 159 5.78 -3.53 1.11
C LEU A 159 6.62 -4.27 2.15
N LEU A 160 7.14 -5.42 1.76
CA LEU A 160 7.96 -6.22 2.66
C LEU A 160 9.34 -6.47 2.06
N GLY A 161 10.35 -6.60 2.93
CA GLY A 161 11.71 -6.83 2.47
C GLY A 161 12.27 -8.15 2.98
N CYS A 162 13.51 -8.43 2.61
CA CYS A 162 14.16 -9.67 3.02
C CYS A 162 15.08 -9.42 4.22
N LEU A 163 15.51 -8.17 4.37
CA LEU A 163 16.39 -7.79 5.47
C LEU A 163 17.69 -8.58 5.43
N GLU A 164 18.14 -8.90 4.22
CA GLU A 164 19.37 -9.67 4.03
C GLU A 164 20.59 -8.83 4.41
N MET A 1 23.41 -3.22 12.67
CA MET A 1 22.22 -3.63 13.41
C MET A 1 21.24 -4.35 12.51
N LYS A 2 21.66 -5.50 11.98
CA LYS A 2 20.81 -6.28 11.10
C LYS A 2 20.93 -7.78 11.42
N SER A 3 19.78 -8.41 11.66
CA SER A 3 19.75 -9.83 11.98
C SER A 3 18.32 -10.35 12.07
N GLY A 4 18.15 -11.65 11.89
CA GLY A 4 16.83 -12.24 11.94
C GLY A 4 16.64 -13.32 10.90
N HIS A 5 15.97 -14.41 11.27
CA HIS A 5 15.71 -15.51 10.35
C HIS A 5 14.33 -15.39 9.72
N GLY A 6 14.20 -15.87 8.49
CA GLY A 6 12.93 -15.81 7.80
C GLY A 6 12.75 -14.52 7.03
N CYS A 7 12.50 -14.63 5.73
CA CYS A 7 12.31 -13.45 4.89
C CYS A 7 10.86 -12.96 4.95
N SER A 8 10.57 -11.92 4.17
CA SER A 8 9.23 -11.36 4.14
C SER A 8 8.85 -10.77 5.50
N GLU A 9 9.48 -9.66 5.85
CA GLU A 9 9.22 -8.99 7.12
C GLU A 9 8.39 -7.73 6.91
N PRO A 10 7.63 -7.35 7.95
CA PRO A 10 6.76 -6.16 7.90
C PRO A 10 7.57 -4.87 7.89
N LEU A 11 6.89 -3.75 8.12
CA LEU A 11 7.54 -2.44 8.14
C LEU A 11 7.30 -1.73 9.47
N GLY A 12 6.63 -2.42 10.39
CA GLY A 12 6.35 -1.85 11.69
C GLY A 12 5.52 -2.76 12.56
N LEU A 13 5.73 -4.06 12.41
CA LEU A 13 4.99 -5.05 13.20
C LEU A 13 5.94 -6.08 13.81
N LYS A 14 7.23 -5.76 13.82
CA LYS A 14 8.24 -6.65 14.38
C LYS A 14 9.30 -5.86 15.13
N ASN A 15 10.19 -5.22 14.39
CA ASN A 15 11.26 -4.42 14.98
C ASN A 15 11.13 -2.95 14.59
N ASN A 16 10.63 -2.71 13.38
CA ASN A 16 10.46 -1.35 12.87
C ASN A 16 9.60 -0.52 13.83
N THR A 17 8.47 -1.09 14.23
CA THR A 17 7.56 -0.40 15.14
C THR A 17 7.26 1.02 14.66
N ILE A 18 7.01 1.16 13.36
CA ILE A 18 6.72 2.46 12.77
C ILE A 18 5.23 2.78 12.86
N PRO A 19 4.91 4.00 13.32
CA PRO A 19 3.52 4.46 13.46
C PRO A 19 2.84 4.67 12.10
N ASP A 20 1.68 5.32 12.13
CA ASP A 20 0.94 5.59 10.90
C ASP A 20 1.43 6.88 10.25
N SER A 21 2.74 6.99 10.07
CA SER A 21 3.33 8.18 9.46
C SER A 21 4.13 7.81 8.22
N GLN A 22 4.04 6.55 7.81
CA GLN A 22 4.76 6.06 6.64
C GLN A 22 3.97 6.33 5.37
N MET A 23 2.65 6.12 5.44
CA MET A 23 1.79 6.34 4.28
C MET A 23 1.20 7.75 4.31
N SER A 24 1.01 8.33 3.13
CA SER A 24 0.46 9.68 3.02
C SER A 24 -0.17 9.89 1.65
N ALA A 25 -1.50 9.90 1.60
CA ALA A 25 -2.21 10.09 0.35
C ALA A 25 -2.86 11.48 0.31
N SER A 26 -3.38 11.84 -0.86
CA SER A 26 -4.02 13.13 -1.04
C SER A 26 -5.05 13.39 0.05
N SER A 27 -5.92 12.40 0.29
CA SER A 27 -6.95 12.52 1.31
C SER A 27 -7.59 11.17 1.59
N SER A 28 -8.59 11.17 2.46
CA SER A 28 -9.28 9.93 2.82
C SER A 28 -10.79 10.14 2.83
N TYR A 29 -11.54 9.05 2.67
CA TYR A 29 -12.99 9.11 2.66
C TYR A 29 -13.52 9.88 3.88
N LYS A 30 -14.45 10.80 3.65
CA LYS A 30 -15.03 11.59 4.72
C LYS A 30 -15.91 10.73 5.61
N THR A 31 -15.87 11.01 6.92
CA THR A 31 -16.67 10.26 7.89
C THR A 31 -16.70 10.97 9.23
N TRP A 32 -17.73 10.67 10.02
CA TRP A 32 -17.87 11.28 11.34
C TRP A 32 -16.87 10.69 12.32
N ASN A 33 -16.07 11.56 12.95
CA ASN A 33 -15.07 11.10 13.91
C ASN A 33 -15.26 11.81 15.25
N LEU A 34 -14.91 13.08 15.31
CA LEU A 34 -15.04 13.86 16.54
C LEU A 34 -14.00 13.44 17.57
N ARG A 35 -14.15 12.21 18.08
CA ARG A 35 -13.22 11.69 19.08
C ARG A 35 -12.73 10.29 18.68
N ALA A 36 -12.75 10.01 17.39
CA ALA A 36 -12.32 8.71 16.88
C ALA A 36 -10.95 8.81 16.22
N PHE A 37 -10.53 7.74 15.55
CA PHE A 37 -9.24 7.70 14.89
C PHE A 37 -9.27 6.77 13.68
N GLY A 38 -10.13 7.10 12.72
CA GLY A 38 -10.24 6.28 11.52
C GLY A 38 -9.63 6.94 10.30
N TRP A 39 -9.63 8.27 10.29
CA TRP A 39 -9.08 9.03 9.17
C TRP A 39 -7.58 8.74 9.01
N TYR A 40 -6.95 9.44 8.08
CA TYR A 40 -5.53 9.26 7.82
C TYR A 40 -5.25 7.86 7.30
N PRO A 41 -4.15 7.73 6.53
CA PRO A 41 -3.74 6.44 5.95
C PRO A 41 -3.24 5.46 7.00
N HIS A 42 -2.70 4.34 6.55
CA HIS A 42 -2.18 3.32 7.46
C HIS A 42 -3.31 2.70 8.28
N LEU A 43 -4.25 2.07 7.59
CA LEU A 43 -5.39 1.43 8.25
C LEU A 43 -5.26 -0.09 8.20
N GLY A 44 -4.70 -0.61 7.10
CA GLY A 44 -4.53 -2.03 6.95
C GLY A 44 -3.20 -2.52 7.49
N ARG A 45 -2.74 -1.90 8.58
CA ARG A 45 -1.48 -2.28 9.19
C ARG A 45 -1.38 -3.79 9.36
N LEU A 46 -2.33 -4.36 10.08
CA LEU A 46 -2.36 -5.81 10.32
C LEU A 46 -3.51 -6.19 11.23
N ASP A 47 -3.39 -5.87 12.51
CA ASP A 47 -4.43 -6.18 13.48
C ASP A 47 -5.67 -5.32 13.24
N ASN A 48 -5.47 -4.15 12.65
CA ASN A 48 -6.57 -3.24 12.37
C ASN A 48 -7.64 -3.31 13.46
N GLN A 49 -7.19 -3.32 14.71
CA GLN A 49 -8.10 -3.39 15.85
C GLN A 49 -9.28 -2.44 15.65
N GLY A 50 -9.02 -1.31 15.01
CA GLY A 50 -10.07 -0.34 14.78
C GLY A 50 -11.27 -0.93 14.06
N LYS A 51 -11.28 -0.82 12.73
CA LYS A 51 -12.37 -1.36 11.93
C LYS A 51 -12.12 -1.12 10.44
N ILE A 52 -11.44 -0.03 10.13
CA ILE A 52 -11.13 0.32 8.75
C ILE A 52 -10.40 -0.82 8.05
N ASN A 53 -9.14 -1.04 8.43
CA ASN A 53 -8.33 -2.10 7.85
C ASN A 53 -8.22 -1.92 6.34
N ALA A 54 -8.28 -0.67 5.88
CA ALA A 54 -8.18 -0.37 4.46
C ALA A 54 -8.38 1.13 4.21
N TRP A 55 -7.35 1.77 3.67
CA TRP A 55 -7.40 3.20 3.39
C TRP A 55 -8.35 3.48 2.23
N THR A 56 -9.24 4.45 2.41
CA THR A 56 -10.20 4.82 1.38
C THR A 56 -9.88 6.19 0.80
N ALA A 57 -10.41 6.47 -0.39
CA ALA A 57 -10.19 7.75 -1.06
C ALA A 57 -11.19 8.79 -0.57
N GLN A 58 -10.86 10.05 -0.78
CA GLN A 58 -11.74 11.15 -0.37
C GLN A 58 -12.64 11.59 -1.52
N SER A 59 -12.05 11.73 -2.71
CA SER A 59 -12.80 12.15 -3.88
C SER A 59 -13.41 10.95 -4.59
N ASN A 60 -12.91 9.76 -4.27
CA ASN A 60 -13.40 8.53 -4.88
C ASN A 60 -13.12 8.52 -6.38
N SER A 61 -12.00 9.10 -6.78
CA SER A 61 -11.61 9.16 -8.18
C SER A 61 -10.18 8.67 -8.37
N ALA A 62 -9.68 8.79 -9.60
CA ALA A 62 -8.32 8.37 -9.92
C ALA A 62 -7.32 9.49 -9.68
N LYS A 63 -7.84 10.68 -9.39
CA LYS A 63 -6.98 11.84 -9.14
C LYS A 63 -6.24 11.68 -7.81
N GLU A 64 -6.67 10.72 -7.00
CA GLU A 64 -6.05 10.48 -5.71
C GLU A 64 -4.74 9.72 -5.87
N TRP A 65 -4.03 9.53 -4.76
CA TRP A 65 -2.74 8.82 -4.79
C TRP A 65 -2.17 8.71 -3.38
N LEU A 66 -1.46 7.61 -3.13
CA LEU A 66 -0.85 7.39 -1.82
C LEU A 66 0.67 7.34 -1.94
N GLN A 67 1.35 8.17 -1.15
CA GLN A 67 2.80 8.21 -1.16
C GLN A 67 3.37 7.65 0.13
N VAL A 68 4.35 6.77 0.01
CA VAL A 68 4.99 6.16 1.17
C VAL A 68 6.44 6.62 1.31
N ASP A 69 6.74 7.25 2.44
CA ASP A 69 8.09 7.74 2.69
C ASP A 69 8.78 6.91 3.78
N LEU A 70 9.94 6.36 3.44
CA LEU A 70 10.70 5.53 4.38
C LEU A 70 11.92 6.29 4.92
N GLY A 71 12.80 6.67 4.00
CA GLY A 71 13.99 7.39 4.39
C GLY A 71 14.96 6.54 5.19
N THR A 72 14.65 5.25 5.30
CA THR A 72 15.50 4.33 6.04
C THR A 72 16.22 3.37 5.10
N GLN A 73 15.93 3.48 3.81
CA GLN A 73 16.55 2.62 2.81
C GLN A 73 16.45 1.15 3.20
N ARG A 74 15.34 0.53 2.86
CA ARG A 74 15.11 -0.88 3.17
C ARG A 74 14.96 -1.71 1.91
N GLN A 75 15.42 -2.95 1.95
CA GLN A 75 15.34 -3.85 0.81
C GLN A 75 14.04 -4.64 0.84
N VAL A 76 13.22 -4.45 -0.19
CA VAL A 76 11.94 -5.15 -0.28
C VAL A 76 12.09 -6.48 -1.02
N THR A 77 11.31 -7.47 -0.60
CA THR A 77 11.37 -8.79 -1.22
C THR A 77 9.97 -9.38 -1.37
N GLY A 78 8.96 -8.51 -1.38
CA GLY A 78 7.59 -8.96 -1.53
C GLY A 78 6.58 -7.88 -1.19
N ILE A 79 5.35 -8.07 -1.64
CA ILE A 79 4.30 -7.10 -1.38
C ILE A 79 2.94 -7.78 -1.27
N ILE A 80 2.00 -7.13 -0.59
CA ILE A 80 0.66 -7.67 -0.42
C ILE A 80 -0.36 -6.57 -0.17
N THR A 81 -1.51 -6.68 -0.80
CA THR A 81 -2.58 -5.68 -0.66
C THR A 81 -3.91 -6.35 -0.35
N GLN A 82 -4.84 -5.56 0.19
CA GLN A 82 -6.17 -6.08 0.54
C GLN A 82 -7.21 -4.97 0.46
N GLY A 83 -8.40 -5.32 -0.04
CA GLY A 83 -9.46 -4.34 -0.16
C GLY A 83 -10.39 -4.36 1.04
N ALA A 84 -11.40 -3.50 1.02
CA ALA A 84 -12.36 -3.42 2.11
C ALA A 84 -13.79 -3.45 1.58
N ARG A 85 -14.72 -3.94 2.41
CA ARG A 85 -16.12 -4.02 2.02
C ARG A 85 -17.01 -3.31 3.04
N ASP A 86 -18.13 -2.78 2.57
CA ASP A 86 -19.06 -2.08 3.44
C ASP A 86 -20.38 -2.85 3.56
N PHE A 87 -20.29 -4.16 3.60
CA PHE A 87 -21.46 -5.02 3.71
C PHE A 87 -22.36 -4.87 2.48
N GLY A 88 -22.19 -5.77 1.52
CA GLY A 88 -22.99 -5.72 0.31
C GLY A 88 -22.35 -4.88 -0.77
N HIS A 89 -21.87 -3.70 -0.39
CA HIS A 89 -21.23 -2.79 -1.33
C HIS A 89 -19.72 -2.98 -1.34
N ILE A 90 -19.29 -4.23 -1.21
CA ILE A 90 -17.86 -4.55 -1.20
C ILE A 90 -17.10 -3.66 -2.17
N GLN A 91 -15.94 -3.18 -1.74
CA GLN A 91 -15.10 -2.32 -2.57
C GLN A 91 -13.72 -2.92 -2.76
N TYR A 92 -13.05 -2.55 -3.85
CA TYR A 92 -11.72 -3.05 -4.15
C TYR A 92 -11.15 -2.39 -5.39
N VAL A 93 -9.85 -2.09 -5.36
CA VAL A 93 -9.19 -1.45 -6.48
C VAL A 93 -8.50 -2.48 -7.38
N ALA A 94 -8.68 -2.32 -8.68
CA ALA A 94 -8.08 -3.23 -9.64
C ALA A 94 -6.73 -2.72 -10.13
N SER A 95 -6.76 -1.77 -11.06
CA SER A 95 -5.55 -1.19 -11.62
C SER A 95 -4.94 -0.17 -10.66
N TYR A 96 -3.69 -0.41 -10.26
CA TYR A 96 -3.00 0.48 -9.35
C TYR A 96 -1.55 0.68 -9.76
N LYS A 97 -1.19 1.93 -10.07
CA LYS A 97 0.16 2.26 -10.49
C LYS A 97 1.02 2.65 -9.29
N VAL A 98 2.01 1.82 -8.98
CA VAL A 98 2.91 2.08 -7.86
C VAL A 98 4.36 2.06 -8.31
N ALA A 99 5.07 3.15 -8.04
CA ALA A 99 6.48 3.26 -8.42
C ALA A 99 7.37 3.35 -7.18
N HIS A 100 8.53 2.72 -7.25
CA HIS A 100 9.48 2.72 -6.14
C HIS A 100 10.72 3.54 -6.48
N SER A 101 11.21 4.29 -5.50
CA SER A 101 12.39 5.12 -5.70
C SER A 101 13.45 4.85 -4.62
N ASP A 102 14.56 4.26 -5.03
CA ASP A 102 15.63 3.94 -4.10
C ASP A 102 16.55 5.15 -3.89
N ASP A 103 17.14 5.62 -4.98
CA ASP A 103 18.04 6.78 -4.93
C ASP A 103 17.30 8.06 -5.26
N GLY A 104 16.01 7.93 -5.57
CA GLY A 104 15.21 9.09 -5.91
C GLY A 104 15.34 9.49 -7.36
N VAL A 105 16.27 8.84 -8.07
CA VAL A 105 16.50 9.13 -9.48
C VAL A 105 15.88 8.06 -10.37
N GLN A 106 16.05 6.81 -9.97
CA GLN A 106 15.50 5.68 -10.73
C GLN A 106 14.15 5.26 -10.18
N TRP A 107 13.09 5.88 -10.68
CA TRP A 107 11.73 5.56 -10.24
C TRP A 107 11.23 4.28 -10.91
N THR A 108 11.29 3.18 -10.17
CA THR A 108 10.85 1.89 -10.68
C THR A 108 9.35 1.89 -10.95
N VAL A 109 8.97 2.34 -12.15
CA VAL A 109 7.56 2.40 -12.54
C VAL A 109 6.83 1.12 -12.14
N TYR A 110 6.70 0.21 -13.10
CA TYR A 110 6.01 -1.06 -12.84
C TYR A 110 6.27 -2.05 -13.98
N GLU A 111 7.42 -1.90 -14.63
CA GLU A 111 7.78 -2.79 -15.73
C GLU A 111 7.99 -4.22 -15.24
N GLU A 112 7.53 -5.19 -16.02
CA GLU A 112 7.66 -6.60 -15.67
C GLU A 112 8.21 -7.40 -16.85
N GLN A 113 7.79 -7.04 -18.05
CA GLN A 113 8.25 -7.73 -19.25
C GLN A 113 8.66 -6.74 -20.34
N GLY A 114 8.66 -5.45 -19.97
CA GLY A 114 9.04 -4.42 -20.93
C GLY A 114 7.85 -3.63 -21.42
N SER A 115 6.80 -3.56 -20.61
CA SER A 115 5.59 -2.83 -20.97
C SER A 115 5.32 -1.69 -20.00
N SER A 116 5.57 -1.95 -18.72
CA SER A 116 5.34 -0.95 -17.68
C SER A 116 3.87 -0.58 -17.58
N LYS A 117 3.05 -1.55 -17.17
CA LYS A 117 1.62 -1.34 -17.02
C LYS A 117 1.24 -1.14 -15.55
N VAL A 118 -0.05 -1.26 -15.26
CA VAL A 118 -0.54 -1.09 -13.90
C VAL A 118 -0.59 -2.42 -13.16
N PHE A 119 -0.90 -2.37 -11.88
CA PHE A 119 -0.98 -3.57 -11.06
C PHE A 119 -2.43 -3.95 -10.78
N GLN A 120 -2.90 -5.00 -11.44
CA GLN A 120 -4.27 -5.46 -11.27
C GLN A 120 -4.46 -6.14 -9.90
N GLY A 121 -5.57 -5.84 -9.24
CA GLY A 121 -5.84 -6.43 -7.95
C GLY A 121 -6.94 -7.48 -8.00
N ASN A 122 -8.18 -7.03 -7.91
CA ASN A 122 -9.33 -7.93 -7.95
C ASN A 122 -9.32 -8.88 -6.75
N LEU A 123 -9.99 -10.02 -6.89
CA LEU A 123 -10.05 -11.00 -5.82
C LEU A 123 -10.95 -10.52 -4.68
N ASP A 124 -11.65 -9.41 -4.94
CA ASP A 124 -12.56 -8.84 -3.93
C ASP A 124 -11.81 -8.54 -2.64
N ASN A 125 -12.52 -7.95 -1.68
CA ASN A 125 -11.92 -7.60 -0.40
C ASN A 125 -11.62 -8.86 0.42
N ASN A 126 -12.47 -9.87 0.28
CA ASN A 126 -12.29 -11.13 1.01
C ASN A 126 -10.89 -11.67 0.81
N SER A 127 -10.48 -11.82 -0.45
CA SER A 127 -9.16 -12.34 -0.78
C SER A 127 -8.17 -11.20 -0.99
N HIS A 128 -6.90 -11.44 -0.68
CA HIS A 128 -5.86 -10.44 -0.84
C HIS A 128 -5.04 -10.72 -2.09
N LYS A 129 -3.97 -9.95 -2.28
CA LYS A 129 -3.09 -10.11 -3.44
C LYS A 129 -1.64 -9.88 -3.05
N LYS A 130 -0.89 -10.97 -2.93
CA LYS A 130 0.53 -10.90 -2.57
C LYS A 130 1.41 -11.24 -3.75
N ASN A 131 2.38 -10.38 -4.04
CA ASN A 131 3.29 -10.60 -5.15
C ASN A 131 4.67 -11.01 -4.66
N ILE A 132 5.23 -12.07 -5.24
CA ILE A 132 6.54 -12.55 -4.86
C ILE A 132 7.63 -11.52 -5.14
N PHE A 133 8.87 -11.86 -4.82
CA PHE A 133 9.99 -10.96 -5.04
C PHE A 133 10.35 -10.90 -6.52
N GLU A 134 9.44 -10.34 -7.32
CA GLU A 134 9.66 -10.22 -8.76
C GLU A 134 10.86 -9.34 -9.06
N LYS A 135 11.23 -8.50 -8.09
CA LYS A 135 12.37 -7.61 -8.25
C LYS A 135 12.71 -6.94 -6.92
N PRO A 136 13.34 -7.71 -6.01
CA PRO A 136 13.74 -7.20 -4.69
C PRO A 136 14.89 -6.20 -4.78
N PHE A 137 14.86 -5.21 -3.89
CA PHE A 137 15.91 -4.18 -3.87
C PHE A 137 15.61 -3.14 -2.80
N MET A 138 16.58 -2.27 -2.55
CA MET A 138 16.43 -1.22 -1.54
C MET A 138 15.47 -0.14 -2.04
N ALA A 139 14.86 0.58 -1.10
CA ALA A 139 13.93 1.65 -1.44
C ALA A 139 13.90 2.73 -0.35
N ARG A 140 13.70 3.97 -0.77
CA ARG A 140 13.65 5.08 0.18
C ARG A 140 12.26 5.73 0.18
N TYR A 141 11.65 5.80 -0.99
CA TYR A 141 10.33 6.39 -1.13
C TYR A 141 9.62 5.87 -2.38
N VAL A 142 8.35 5.48 -2.21
CA VAL A 142 7.57 4.96 -3.31
C VAL A 142 6.26 5.72 -3.46
N ARG A 143 5.77 5.84 -4.70
CA ARG A 143 4.52 6.54 -4.96
C ARG A 143 3.46 5.58 -5.50
N VAL A 144 2.20 5.83 -5.13
CA VAL A 144 1.10 4.99 -5.56
C VAL A 144 -0.05 5.84 -6.10
N LEU A 145 -0.70 5.35 -7.15
CA LEU A 145 -1.82 6.06 -7.77
C LEU A 145 -2.78 5.09 -8.42
N PRO A 146 -4.05 5.11 -7.98
CA PRO A 146 -5.10 4.24 -8.51
C PRO A 146 -5.49 4.61 -9.94
N VAL A 147 -5.82 3.61 -10.74
CA VAL A 147 -6.22 3.83 -12.13
C VAL A 147 -7.61 3.28 -12.40
N SER A 148 -7.87 2.07 -11.92
CA SER A 148 -9.17 1.43 -12.11
C SER A 148 -9.60 0.70 -10.85
N TRP A 149 -10.63 1.22 -10.19
CA TRP A 149 -11.15 0.61 -8.97
C TRP A 149 -12.59 0.14 -9.16
N HIS A 150 -13.13 -0.51 -8.14
CA HIS A 150 -14.50 -1.01 -8.19
C HIS A 150 -15.26 -0.65 -6.93
N ASN A 151 -16.45 -0.06 -7.11
CA ASN A 151 -17.28 0.35 -5.98
C ASN A 151 -16.73 1.62 -5.34
N ARG A 152 -15.50 1.54 -4.84
CA ARG A 152 -14.87 2.69 -4.19
C ARG A 152 -13.43 2.36 -3.80
N ILE A 153 -12.55 3.35 -3.95
CA ILE A 153 -11.14 3.17 -3.61
C ILE A 153 -10.97 2.84 -2.14
N THR A 154 -10.96 1.54 -1.82
CA THR A 154 -10.79 1.09 -0.44
C THR A 154 -9.92 -0.15 -0.36
N LEU A 155 -8.68 0.03 0.09
CA LEU A 155 -7.76 -1.09 0.21
C LEU A 155 -6.50 -0.67 0.98
N ARG A 156 -5.54 -1.58 1.05
CA ARG A 156 -4.29 -1.30 1.76
C ARG A 156 -3.10 -1.89 1.00
N LEU A 157 -2.01 -1.12 0.94
CA LEU A 157 -0.81 -1.57 0.25
C LEU A 157 0.37 -1.67 1.22
N GLU A 158 0.80 -2.90 1.49
CA GLU A 158 1.92 -3.13 2.39
C GLU A 158 3.09 -3.80 1.66
N LEU A 159 4.30 -3.42 2.03
CA LEU A 159 5.50 -3.97 1.42
C LEU A 159 6.32 -4.77 2.43
N LEU A 160 6.83 -5.92 2.00
CA LEU A 160 7.63 -6.77 2.87
C LEU A 160 9.07 -6.86 2.36
N GLY A 161 10.01 -7.04 3.29
CA GLY A 161 11.41 -7.14 2.92
C GLY A 161 12.03 -8.44 3.39
N CYS A 162 13.34 -8.57 3.19
CA CYS A 162 14.06 -9.77 3.58
C CYS A 162 14.93 -9.51 4.81
N LEU A 163 15.16 -8.23 5.10
CA LEU A 163 15.98 -7.84 6.25
C LEU A 163 17.30 -8.60 6.26
N GLU A 164 17.84 -8.87 5.06
CA GLU A 164 19.11 -9.57 4.93
C GLU A 164 20.13 -8.73 4.17
N MET A 1 26.38 -14.24 5.80
CA MET A 1 25.01 -14.49 5.38
C MET A 1 24.67 -15.98 5.50
N LYS A 2 24.88 -16.53 6.69
CA LYS A 2 24.59 -17.94 6.94
C LYS A 2 23.63 -18.10 8.11
N SER A 3 22.96 -19.25 8.17
CA SER A 3 22.00 -19.52 9.24
C SER A 3 20.97 -18.41 9.34
N GLY A 4 20.63 -17.81 8.21
CA GLY A 4 19.65 -16.74 8.20
C GLY A 4 18.31 -17.17 8.74
N HIS A 5 17.68 -16.30 9.53
CA HIS A 5 16.38 -16.60 10.12
C HIS A 5 15.32 -16.79 9.03
N GLY A 6 14.90 -15.68 8.43
CA GLY A 6 13.89 -15.73 7.39
C GLY A 6 13.53 -14.36 6.86
N CYS A 7 12.77 -14.33 5.76
CA CYS A 7 12.36 -13.08 5.15
C CYS A 7 10.85 -12.91 5.22
N SER A 8 10.33 -11.95 4.46
CA SER A 8 8.89 -11.69 4.44
C SER A 8 8.41 -11.18 5.80
N GLU A 9 9.11 -10.18 6.33
CA GLU A 9 8.76 -9.61 7.63
C GLU A 9 7.98 -8.31 7.45
N PRO A 10 7.15 -7.97 8.44
CA PRO A 10 6.34 -6.75 8.42
C PRO A 10 7.18 -5.49 8.56
N LEU A 11 6.51 -4.36 8.77
CA LEU A 11 7.21 -3.08 8.93
C LEU A 11 6.83 -2.42 10.24
N GLY A 12 5.90 -3.03 10.97
CA GLY A 12 5.47 -2.50 12.24
C GLY A 12 4.64 -3.47 13.04
N LEU A 13 4.92 -4.77 12.87
CA LEU A 13 4.19 -5.81 13.58
C LEU A 13 5.15 -6.83 14.19
N LYS A 14 6.41 -6.42 14.35
CA LYS A 14 7.43 -7.30 14.92
C LYS A 14 8.31 -6.54 15.92
N ASN A 15 9.20 -5.71 15.40
CA ASN A 15 10.10 -4.92 16.25
C ASN A 15 10.17 -3.48 15.76
N ASN A 16 10.18 -3.29 14.45
CA ASN A 16 10.24 -1.96 13.86
C ASN A 16 9.16 -1.05 14.45
N THR A 17 7.94 -1.58 14.52
CA THR A 17 6.82 -0.83 15.06
C THR A 17 6.73 0.55 14.42
N ILE A 18 6.90 0.61 13.10
CA ILE A 18 6.84 1.87 12.38
C ILE A 18 5.51 2.58 12.62
N PRO A 19 5.60 3.87 12.97
CA PRO A 19 4.42 4.70 13.24
C PRO A 19 3.61 4.99 11.98
N ASP A 20 2.69 5.94 12.08
CA ASP A 20 1.85 6.31 10.95
C ASP A 20 2.65 7.11 9.92
N SER A 21 3.89 7.45 10.28
CA SER A 21 4.75 8.22 9.39
C SER A 21 5.34 7.31 8.30
N GLN A 22 4.47 6.60 7.59
CA GLN A 22 4.91 5.70 6.53
C GLN A 22 4.05 5.87 5.29
N MET A 23 2.73 5.81 5.48
CA MET A 23 1.79 5.96 4.38
C MET A 23 1.12 7.34 4.40
N SER A 24 0.93 7.91 3.22
CA SER A 24 0.31 9.22 3.11
C SER A 24 -0.31 9.42 1.72
N ALA A 25 -1.58 9.79 1.70
CA ALA A 25 -2.29 10.01 0.44
C ALA A 25 -2.93 11.40 0.41
N SER A 26 -3.36 11.81 -0.78
CA SER A 26 -3.99 13.12 -0.95
C SER A 26 -5.10 13.32 0.08
N SER A 27 -5.88 12.28 0.31
CA SER A 27 -6.98 12.35 1.26
C SER A 27 -7.74 11.02 1.31
N SER A 28 -8.34 10.73 2.46
CA SER A 28 -9.10 9.49 2.64
C SER A 28 -10.58 9.78 2.82
N TYR A 29 -11.38 8.73 2.84
CA TYR A 29 -12.83 8.86 3.01
C TYR A 29 -13.15 9.75 4.21
N LYS A 30 -14.15 10.62 4.04
CA LYS A 30 -14.57 11.52 5.11
C LYS A 30 -15.27 10.75 6.22
N THR A 31 -15.25 11.33 7.43
CA THR A 31 -15.88 10.70 8.58
C THR A 31 -16.45 11.76 9.53
N TRP A 32 -17.27 11.31 10.47
CA TRP A 32 -17.87 12.21 11.44
C TRP A 32 -16.82 12.94 12.26
N ASN A 33 -15.73 12.24 12.57
CA ASN A 33 -14.63 12.83 13.33
C ASN A 33 -15.11 13.24 14.72
N LEU A 34 -14.16 13.54 15.60
CA LEU A 34 -14.47 13.94 16.96
C LEU A 34 -13.21 14.37 17.71
N ARG A 35 -12.28 13.43 17.87
CA ARG A 35 -11.03 13.71 18.57
C ARG A 35 -10.10 12.50 18.50
N ALA A 36 -9.01 12.65 17.73
CA ALA A 36 -8.04 11.57 17.58
C ALA A 36 -6.71 12.10 17.07
N PHE A 37 -5.70 11.23 17.04
CA PHE A 37 -4.37 11.63 16.58
C PHE A 37 -4.15 11.19 15.13
N GLY A 38 -4.68 10.02 14.78
CA GLY A 38 -4.52 9.51 13.43
C GLY A 38 -4.95 10.51 12.39
N TRP A 39 -4.30 10.47 11.23
CA TRP A 39 -4.62 11.38 10.14
C TRP A 39 -5.77 10.84 9.29
N TYR A 40 -5.55 9.69 8.66
CA TYR A 40 -6.56 9.07 7.82
C TYR A 40 -6.06 7.76 7.23
N PRO A 41 -4.98 7.84 6.44
CA PRO A 41 -4.38 6.68 5.80
C PRO A 41 -3.68 5.76 6.80
N HIS A 42 -2.76 4.95 6.31
CA HIS A 42 -2.01 4.03 7.16
C HIS A 42 -2.96 3.29 8.09
N LEU A 43 -3.93 2.59 7.52
CA LEU A 43 -4.90 1.82 8.31
C LEU A 43 -4.77 0.32 8.02
N GLY A 44 -4.02 -0.02 6.98
CA GLY A 44 -3.83 -1.41 6.63
C GLY A 44 -2.71 -2.07 7.41
N ARG A 45 -2.26 -1.39 8.47
CA ARG A 45 -1.19 -1.92 9.30
C ARG A 45 -1.44 -3.37 9.67
N LEU A 46 -2.66 -3.66 10.15
CA LEU A 46 -3.02 -5.02 10.53
C LEU A 46 -4.50 -5.08 10.93
N ASP A 47 -5.38 -4.80 9.98
CA ASP A 47 -6.81 -4.82 10.23
C ASP A 47 -7.15 -4.08 11.52
N ASN A 48 -6.67 -2.84 11.63
CA ASN A 48 -6.92 -2.03 12.81
C ASN A 48 -8.38 -2.14 13.24
N GLN A 49 -8.60 -2.29 14.55
CA GLN A 49 -9.95 -2.40 15.09
C GLN A 49 -10.84 -1.28 14.58
N GLY A 50 -12.15 -1.42 14.79
CA GLY A 50 -13.08 -0.41 14.35
C GLY A 50 -13.93 -0.88 13.18
N LYS A 51 -13.43 -0.69 11.97
CA LYS A 51 -14.14 -1.10 10.77
C LYS A 51 -13.34 -0.77 9.51
N ILE A 52 -12.51 0.28 9.60
CA ILE A 52 -11.69 0.69 8.48
C ILE A 52 -10.80 -0.45 7.98
N ASN A 53 -9.81 -0.81 8.79
CA ASN A 53 -8.90 -1.88 8.43
C ASN A 53 -8.53 -1.82 6.96
N ALA A 54 -8.36 -0.60 6.45
CA ALA A 54 -8.00 -0.40 5.05
C ALA A 54 -8.09 1.08 4.67
N TRP A 55 -7.11 1.54 3.90
CA TRP A 55 -7.07 2.93 3.47
C TRP A 55 -8.04 3.17 2.32
N THR A 56 -8.94 4.14 2.50
CA THR A 56 -9.93 4.46 1.49
C THR A 56 -9.67 5.85 0.91
N ALA A 57 -10.32 6.14 -0.22
CA ALA A 57 -10.16 7.42 -0.88
C ALA A 57 -11.13 8.46 -0.30
N GLN A 58 -10.79 9.74 -0.47
CA GLN A 58 -11.63 10.82 0.03
C GLN A 58 -12.75 11.15 -0.95
N SER A 59 -12.38 11.56 -2.15
CA SER A 59 -13.34 11.91 -3.19
C SER A 59 -13.69 10.69 -4.04
N ASN A 60 -13.12 9.55 -3.70
CA ASN A 60 -13.36 8.32 -4.43
C ASN A 60 -13.40 8.58 -5.93
N SER A 61 -12.33 9.15 -6.46
CA SER A 61 -12.23 9.46 -7.87
C SER A 61 -10.93 8.92 -8.47
N ALA A 62 -10.64 9.32 -9.71
CA ALA A 62 -9.43 8.88 -10.39
C ALA A 62 -8.34 9.95 -10.32
N LYS A 63 -8.43 10.82 -9.32
CA LYS A 63 -7.46 11.89 -9.15
C LYS A 63 -6.72 11.75 -7.82
N GLU A 64 -7.10 10.73 -7.05
CA GLU A 64 -6.47 10.48 -5.76
C GLU A 64 -5.15 9.72 -5.93
N TRP A 65 -4.14 10.13 -5.17
CA TRP A 65 -2.83 9.48 -5.24
C TRP A 65 -2.31 9.17 -3.84
N LEU A 66 -1.77 7.96 -3.68
CA LEU A 66 -1.23 7.54 -2.39
C LEU A 66 0.27 7.29 -2.49
N GLN A 67 1.03 7.95 -1.61
CA GLN A 67 2.48 7.80 -1.59
C GLN A 67 2.97 7.31 -0.24
N VAL A 68 3.92 6.39 -0.24
CA VAL A 68 4.48 5.84 1.00
C VAL A 68 5.92 6.30 1.20
N ASP A 69 6.14 7.08 2.24
CA ASP A 69 7.48 7.58 2.55
C ASP A 69 8.10 6.79 3.71
N LEU A 70 9.27 6.23 3.47
CA LEU A 70 9.96 5.45 4.49
C LEU A 70 11.15 6.23 5.05
N GLY A 71 12.07 6.60 4.17
CA GLY A 71 13.24 7.35 4.61
C GLY A 71 14.20 6.51 5.43
N THR A 72 13.91 5.22 5.53
CA THR A 72 14.75 4.30 6.29
C THR A 72 15.54 3.37 5.37
N GLN A 73 15.17 3.37 4.09
CA GLN A 73 15.83 2.52 3.11
C GLN A 73 15.91 1.08 3.59
N ARG A 74 14.84 0.32 3.34
CA ARG A 74 14.78 -1.08 3.75
C ARG A 74 14.61 -1.98 2.54
N GLN A 75 15.29 -3.13 2.57
CA GLN A 75 15.22 -4.09 1.47
C GLN A 75 13.91 -4.87 1.50
N VAL A 76 13.11 -4.71 0.46
CA VAL A 76 11.82 -5.40 0.37
C VAL A 76 11.97 -6.74 -0.33
N THR A 77 11.29 -7.76 0.20
CA THR A 77 11.35 -9.10 -0.37
C THR A 77 10.02 -9.48 -1.02
N GLY A 78 9.08 -8.53 -1.02
CA GLY A 78 7.78 -8.79 -1.59
C GLY A 78 6.69 -7.92 -0.99
N ILE A 79 5.67 -7.60 -1.77
CA ILE A 79 4.57 -6.78 -1.31
C ILE A 79 3.22 -7.41 -1.64
N ILE A 80 2.22 -7.12 -0.82
CA ILE A 80 0.88 -7.66 -1.03
C ILE A 80 -0.20 -6.60 -0.78
N THR A 81 -1.19 -6.56 -1.66
CA THR A 81 -2.28 -5.59 -1.53
C THR A 81 -3.62 -6.29 -1.35
N GLN A 82 -4.42 -5.79 -0.42
CA GLN A 82 -5.73 -6.37 -0.15
C GLN A 82 -6.82 -5.31 -0.22
N GLY A 83 -8.08 -5.75 -0.17
CA GLY A 83 -9.19 -4.82 -0.23
C GLY A 83 -10.07 -4.89 1.00
N ALA A 84 -11.00 -3.95 1.12
CA ALA A 84 -11.91 -3.91 2.25
C ALA A 84 -13.31 -3.47 1.83
N ARG A 85 -14.24 -3.47 2.77
CA ARG A 85 -15.62 -3.08 2.49
C ARG A 85 -16.14 -2.15 3.57
N ASP A 86 -17.35 -1.64 3.36
CA ASP A 86 -17.97 -0.73 4.32
C ASP A 86 -19.17 -1.39 5.01
N PHE A 87 -19.80 -2.32 4.32
CA PHE A 87 -20.96 -3.04 4.86
C PHE A 87 -21.62 -3.88 3.78
N GLY A 88 -20.99 -5.01 3.44
CA GLY A 88 -21.53 -5.90 2.44
C GLY A 88 -21.33 -5.37 1.04
N HIS A 89 -20.71 -4.20 0.92
CA HIS A 89 -20.46 -3.58 -0.37
C HIS A 89 -19.02 -3.78 -0.80
N ILE A 90 -18.49 -4.97 -0.53
CA ILE A 90 -17.11 -5.30 -0.89
C ILE A 90 -16.56 -4.30 -1.91
N GLN A 91 -15.57 -3.53 -1.49
CA GLN A 91 -14.95 -2.54 -2.37
C GLN A 91 -13.50 -2.90 -2.67
N TYR A 92 -12.98 -2.40 -3.79
CA TYR A 92 -11.61 -2.67 -4.18
C TYR A 92 -11.27 -1.97 -5.50
N VAL A 93 -9.98 -1.72 -5.71
CA VAL A 93 -9.52 -1.06 -6.93
C VAL A 93 -9.11 -2.08 -7.99
N ALA A 94 -9.17 -1.67 -9.25
CA ALA A 94 -8.80 -2.54 -10.35
C ALA A 94 -7.47 -2.12 -10.97
N SER A 95 -7.50 -1.05 -11.75
CA SER A 95 -6.29 -0.55 -12.40
C SER A 95 -5.61 0.52 -11.54
N TYR A 96 -4.33 0.31 -11.26
CA TYR A 96 -3.57 1.25 -10.44
C TYR A 96 -2.07 1.10 -10.70
N LYS A 97 -1.38 2.24 -10.83
CA LYS A 97 0.05 2.23 -11.07
C LYS A 97 0.83 2.34 -9.77
N VAL A 98 1.68 1.34 -9.52
CA VAL A 98 2.48 1.31 -8.30
C VAL A 98 3.97 1.29 -8.63
N ALA A 99 4.68 2.35 -8.23
CA ALA A 99 6.11 2.45 -8.48
C ALA A 99 6.89 2.64 -7.18
N HIS A 100 8.07 2.05 -7.11
CA HIS A 100 8.91 2.17 -5.92
C HIS A 100 10.19 2.93 -6.23
N SER A 101 10.62 3.76 -5.27
CA SER A 101 11.82 4.56 -5.44
C SER A 101 12.79 4.34 -4.28
N ASP A 102 14.03 3.98 -4.62
CA ASP A 102 15.06 3.74 -3.61
C ASP A 102 15.83 5.02 -3.30
N ASP A 103 16.01 5.85 -4.31
CA ASP A 103 16.73 7.11 -4.15
C ASP A 103 15.76 8.26 -3.90
N GLY A 104 14.51 8.08 -4.29
CA GLY A 104 13.51 9.12 -4.10
C GLY A 104 13.08 9.76 -5.40
N VAL A 105 14.00 9.86 -6.35
CA VAL A 105 13.71 10.44 -7.64
C VAL A 105 13.47 9.37 -8.70
N GLN A 106 14.14 8.23 -8.55
CA GLN A 106 14.00 7.14 -9.48
C GLN A 106 12.78 6.28 -9.14
N TRP A 107 11.69 6.50 -9.87
CA TRP A 107 10.46 5.74 -9.64
C TRP A 107 10.40 4.51 -10.55
N THR A 108 10.63 3.34 -9.97
CA THR A 108 10.59 2.10 -10.73
C THR A 108 9.18 1.57 -10.85
N VAL A 109 8.65 1.56 -12.07
CA VAL A 109 7.30 1.07 -12.32
C VAL A 109 7.31 -0.38 -12.76
N TYR A 110 6.13 -0.91 -13.07
CA TYR A 110 6.00 -2.30 -13.51
C TYR A 110 5.52 -2.37 -14.96
N GLU A 111 6.40 -2.82 -15.84
CA GLU A 111 6.06 -2.93 -17.26
C GLU A 111 5.89 -4.39 -17.66
N GLU A 112 5.65 -4.63 -18.95
CA GLU A 112 5.46 -5.98 -19.45
C GLU A 112 6.37 -6.24 -20.65
N GLN A 113 6.37 -5.31 -21.59
CA GLN A 113 7.20 -5.43 -22.79
C GLN A 113 7.53 -4.06 -23.37
N GLY A 114 8.01 -3.16 -22.51
CA GLY A 114 8.36 -1.83 -22.95
C GLY A 114 7.14 -0.95 -23.16
N SER A 115 6.03 -1.34 -22.56
CA SER A 115 4.79 -0.58 -22.68
C SER A 115 4.43 0.08 -21.35
N SER A 116 4.91 -0.50 -20.25
CA SER A 116 4.65 0.03 -18.93
C SER A 116 3.16 -0.02 -18.61
N LYS A 117 2.69 -1.20 -18.20
CA LYS A 117 1.28 -1.38 -17.87
C LYS A 117 1.03 -1.13 -16.39
N VAL A 118 -0.24 -1.14 -15.99
CA VAL A 118 -0.60 -0.92 -14.60
C VAL A 118 -0.87 -2.24 -13.88
N PHE A 119 -1.34 -2.14 -12.65
CA PHE A 119 -1.65 -3.32 -11.85
C PHE A 119 -3.15 -3.58 -11.80
N GLN A 120 -3.54 -4.84 -11.92
CA GLN A 120 -4.95 -5.22 -11.88
C GLN A 120 -5.33 -5.76 -10.51
N GLY A 121 -6.52 -5.38 -10.04
CA GLY A 121 -6.99 -5.84 -8.75
C GLY A 121 -7.67 -7.20 -8.83
N ASN A 122 -8.83 -7.30 -8.18
CA ASN A 122 -9.59 -8.55 -8.18
C ASN A 122 -10.94 -8.37 -7.51
N LEU A 123 -11.63 -9.48 -7.25
CA LEU A 123 -12.94 -9.43 -6.61
C LEU A 123 -12.91 -10.14 -5.26
N ASP A 124 -11.91 -9.82 -4.45
CA ASP A 124 -11.77 -10.43 -3.13
C ASP A 124 -11.04 -9.49 -2.18
N ASN A 125 -11.75 -9.05 -1.13
CA ASN A 125 -11.18 -8.15 -0.14
C ASN A 125 -10.18 -8.88 0.76
N ASN A 126 -10.35 -10.20 0.87
CA ASN A 126 -9.48 -11.02 1.70
C ASN A 126 -8.01 -10.74 1.38
N SER A 127 -7.69 -10.76 0.09
CA SER A 127 -6.32 -10.50 -0.36
C SER A 127 -6.21 -10.61 -1.87
N HIS A 128 -5.49 -9.67 -2.47
CA HIS A 128 -5.31 -9.65 -3.92
C HIS A 128 -3.91 -10.12 -4.30
N LYS A 129 -2.97 -9.19 -4.34
CA LYS A 129 -1.59 -9.51 -4.68
C LYS A 129 -0.78 -8.24 -4.91
N LYS A 130 0.41 -8.39 -5.49
CA LYS A 130 1.28 -7.26 -5.77
C LYS A 130 2.57 -7.71 -6.45
N ASN A 131 3.50 -8.24 -5.66
CA ASN A 131 4.77 -8.72 -6.19
C ASN A 131 5.46 -9.64 -5.19
N ILE A 132 6.20 -10.62 -5.70
CA ILE A 132 6.90 -11.57 -4.86
C ILE A 132 8.39 -11.21 -4.75
N PHE A 133 9.14 -12.07 -4.09
CA PHE A 133 10.58 -11.85 -3.92
C PHE A 133 11.33 -12.14 -5.21
N GLU A 134 10.66 -11.98 -6.34
CA GLU A 134 11.26 -12.23 -7.64
C GLU A 134 12.45 -11.30 -7.87
N LYS A 135 12.53 -10.23 -7.08
CA LYS A 135 13.62 -9.28 -7.20
C LYS A 135 13.53 -8.21 -6.10
N PRO A 136 14.10 -8.53 -4.92
CA PRO A 136 14.10 -7.62 -3.77
C PRO A 136 15.00 -6.41 -4.00
N PHE A 137 14.84 -5.40 -3.14
CA PHE A 137 15.63 -4.18 -3.25
C PHE A 137 15.29 -3.20 -2.14
N MET A 138 16.23 -2.34 -1.80
CA MET A 138 16.03 -1.35 -0.75
C MET A 138 15.18 -0.18 -1.25
N ALA A 139 14.04 0.05 -0.60
CA ALA A 139 13.14 1.13 -0.98
C ALA A 139 13.13 2.23 0.07
N ARG A 140 12.95 3.47 -0.38
CA ARG A 140 12.92 4.62 0.53
C ARG A 140 11.58 5.35 0.43
N TYR A 141 10.96 5.28 -0.75
CA TYR A 141 9.69 5.94 -0.97
C TYR A 141 9.02 5.42 -2.24
N VAL A 142 7.74 5.08 -2.14
CA VAL A 142 6.99 4.56 -3.27
C VAL A 142 5.79 5.45 -3.58
N ARG A 143 5.36 5.43 -4.83
CA ARG A 143 4.21 6.23 -5.26
C ARG A 143 3.16 5.37 -5.94
N VAL A 144 1.90 5.65 -5.65
CA VAL A 144 0.79 4.89 -6.23
C VAL A 144 -0.28 5.82 -6.79
N LEU A 145 -0.77 5.50 -7.97
CA LEU A 145 -1.81 6.32 -8.62
C LEU A 145 -2.85 5.44 -9.29
N PRO A 146 -3.97 5.21 -8.58
CA PRO A 146 -5.07 4.38 -9.09
C PRO A 146 -5.82 5.05 -10.24
N VAL A 147 -6.25 4.24 -11.21
CA VAL A 147 -6.98 4.76 -12.35
C VAL A 147 -8.41 4.22 -12.39
N SER A 148 -8.53 2.91 -12.28
CA SER A 148 -9.85 2.26 -12.30
C SER A 148 -10.10 1.50 -11.00
N TRP A 149 -11.25 1.76 -10.39
CA TRP A 149 -11.62 1.10 -9.14
C TRP A 149 -13.05 0.57 -9.20
N HIS A 150 -13.41 -0.23 -8.21
CA HIS A 150 -14.75 -0.80 -8.14
C HIS A 150 -15.40 -0.52 -6.79
N ASN A 151 -16.58 0.09 -6.81
CA ASN A 151 -17.30 0.42 -5.58
C ASN A 151 -16.68 1.63 -4.89
N ARG A 152 -15.39 1.52 -4.55
CA ARG A 152 -14.68 2.60 -3.88
C ARG A 152 -13.22 2.23 -3.67
N ILE A 153 -12.34 3.22 -3.76
CA ILE A 153 -10.91 3.01 -3.58
C ILE A 153 -10.59 2.66 -2.13
N THR A 154 -10.77 1.40 -1.77
CA THR A 154 -10.51 0.93 -0.42
C THR A 154 -9.64 -0.32 -0.42
N LEU A 155 -8.32 -0.13 -0.29
CA LEU A 155 -7.39 -1.24 -0.28
C LEU A 155 -6.35 -1.06 0.82
N ARG A 156 -5.38 -1.98 0.87
CA ARG A 156 -4.32 -1.92 1.86
C ARG A 156 -2.99 -2.37 1.28
N LEU A 157 -2.06 -1.44 1.14
CA LEU A 157 -0.75 -1.74 0.58
C LEU A 157 0.23 -2.13 1.68
N GLU A 158 0.65 -3.39 1.68
CA GLU A 158 1.58 -3.89 2.68
C GLU A 158 2.92 -4.27 2.04
N LEU A 159 4.00 -3.93 2.72
CA LEU A 159 5.34 -4.22 2.22
C LEU A 159 6.07 -5.17 3.16
N LEU A 160 6.79 -6.14 2.59
CA LEU A 160 7.53 -7.12 3.36
C LEU A 160 9.01 -7.09 3.00
N GLY A 161 9.87 -7.33 3.99
CA GLY A 161 11.30 -7.33 3.76
C GLY A 161 11.99 -8.54 4.34
N CYS A 162 13.30 -8.61 4.19
CA CYS A 162 14.08 -9.73 4.70
C CYS A 162 14.90 -9.31 5.92
N LEU A 163 15.12 -8.00 6.06
CA LEU A 163 15.89 -7.48 7.17
C LEU A 163 17.30 -8.04 7.19
N GLU A 164 17.76 -8.52 6.03
CA GLU A 164 19.09 -9.08 5.90
C GLU A 164 20.08 -8.05 5.38
N MET A 1 7.62 -18.25 22.72
CA MET A 1 8.79 -18.91 22.15
C MET A 1 8.37 -19.89 21.06
N LYS A 2 7.52 -19.43 20.13
CA LYS A 2 7.06 -20.27 19.03
C LYS A 2 6.75 -19.42 17.80
N SER A 3 7.79 -19.14 17.01
CA SER A 3 7.64 -18.33 15.81
C SER A 3 8.85 -18.47 14.90
N GLY A 4 8.81 -17.80 13.75
CA GLY A 4 9.91 -17.86 12.82
C GLY A 4 9.46 -17.83 11.37
N HIS A 5 8.94 -16.68 10.94
CA HIS A 5 8.46 -16.52 9.58
C HIS A 5 9.61 -16.67 8.59
N GLY A 6 9.34 -16.34 7.32
CA GLY A 6 10.36 -16.44 6.29
C GLY A 6 10.93 -15.09 5.92
N CYS A 7 11.39 -14.97 4.68
CA CYS A 7 11.98 -13.72 4.20
C CYS A 7 10.94 -12.60 4.16
N SER A 8 9.87 -12.83 3.38
CA SER A 8 8.80 -11.84 3.26
C SER A 8 8.30 -11.40 4.63
N GLU A 9 8.75 -10.23 5.07
CA GLU A 9 8.36 -9.70 6.37
C GLU A 9 7.71 -8.33 6.21
N PRO A 10 6.83 -7.97 7.17
CA PRO A 10 6.12 -6.69 7.15
C PRO A 10 7.06 -5.51 7.45
N LEU A 11 6.46 -4.36 7.75
CA LEU A 11 7.24 -3.17 8.05
C LEU A 11 6.88 -2.62 9.43
N GLY A 12 5.94 -3.27 10.09
CA GLY A 12 5.53 -2.82 11.42
C GLY A 12 4.55 -3.80 12.06
N LEU A 13 4.69 -5.07 11.74
CA LEU A 13 3.81 -6.10 12.31
C LEU A 13 4.63 -7.22 12.94
N LYS A 14 5.91 -6.94 13.20
CA LYS A 14 6.79 -7.93 13.81
C LYS A 14 7.65 -7.28 14.90
N ASN A 15 8.66 -6.52 14.48
CA ASN A 15 9.54 -5.84 15.42
C ASN A 15 9.58 -4.34 15.15
N ASN A 16 9.48 -3.97 13.88
CA ASN A 16 9.51 -2.57 13.49
C ASN A 16 8.45 -1.78 14.25
N THR A 17 7.24 -2.32 14.30
CA THR A 17 6.14 -1.67 15.00
C THR A 17 6.01 -0.20 14.57
N ILE A 18 6.09 0.03 13.26
CA ILE A 18 5.98 1.38 12.73
C ILE A 18 4.53 1.85 12.70
N PRO A 19 4.28 3.05 13.23
CA PRO A 19 2.94 3.64 13.28
C PRO A 19 2.43 4.04 11.90
N ASP A 20 1.35 4.80 11.88
CA ASP A 20 0.76 5.26 10.62
C ASP A 20 1.40 6.58 10.17
N SER A 21 2.73 6.62 10.20
CA SER A 21 3.45 7.83 9.79
C SER A 21 4.36 7.54 8.61
N GLN A 22 4.12 6.41 7.94
CA GLN A 22 4.91 6.02 6.79
C GLN A 22 4.16 6.28 5.49
N MET A 23 2.86 5.96 5.48
CA MET A 23 2.03 6.16 4.31
C MET A 23 1.36 7.52 4.34
N SER A 24 1.02 8.05 3.17
CA SER A 24 0.38 9.35 3.07
C SER A 24 -0.07 9.63 1.63
N ALA A 25 -1.37 9.79 1.44
CA ALA A 25 -1.92 10.07 0.12
C ALA A 25 -2.64 11.42 0.09
N SER A 26 -3.28 11.73 -1.03
CA SER A 26 -3.99 12.99 -1.19
C SER A 26 -4.97 13.19 -0.03
N SER A 27 -5.60 12.11 0.40
CA SER A 27 -6.56 12.18 1.50
C SER A 27 -7.32 10.87 1.65
N SER A 28 -8.24 10.82 2.60
CA SER A 28 -9.03 9.62 2.84
C SER A 28 -10.52 9.92 2.75
N TYR A 29 -11.31 8.89 2.48
CA TYR A 29 -12.76 9.04 2.36
C TYR A 29 -13.33 9.80 3.55
N LYS A 30 -14.48 10.43 3.35
CA LYS A 30 -15.14 11.20 4.41
C LYS A 30 -15.31 10.35 5.66
N THR A 31 -15.13 10.96 6.82
CA THR A 31 -15.26 10.27 8.09
C THR A 31 -16.21 11.02 9.04
N TRP A 32 -16.52 10.39 10.16
CA TRP A 32 -17.40 11.00 11.15
C TRP A 32 -16.70 12.14 11.89
N ASN A 33 -15.63 11.79 12.61
CA ASN A 33 -14.86 12.77 13.36
C ASN A 33 -13.95 13.58 12.44
N LEU A 34 -13.23 14.54 13.01
CA LEU A 34 -12.32 15.38 12.25
C LEU A 34 -10.91 15.28 12.80
N ARG A 35 -10.72 15.73 14.04
CA ARG A 35 -9.42 15.69 14.69
C ARG A 35 -9.22 14.40 15.46
N ALA A 36 -8.43 13.49 14.89
CA ALA A 36 -8.16 12.20 15.54
C ALA A 36 -7.05 11.46 14.81
N PHE A 37 -6.73 10.26 15.30
CA PHE A 37 -5.69 9.44 14.70
C PHE A 37 -6.27 8.14 14.14
N GLY A 38 -7.52 8.21 13.71
CA GLY A 38 -8.18 7.03 13.17
C GLY A 38 -8.38 7.13 11.67
N TRP A 39 -8.31 8.34 11.14
CA TRP A 39 -8.48 8.57 9.71
C TRP A 39 -7.13 8.62 9.00
N TYR A 40 -6.15 7.93 9.55
CA TYR A 40 -4.82 7.90 8.96
C TYR A 40 -4.60 6.63 8.14
N PRO A 41 -3.61 6.67 7.24
CA PRO A 41 -3.29 5.53 6.37
C PRO A 41 -2.67 4.37 7.14
N HIS A 42 -2.22 3.35 6.42
CA HIS A 42 -1.61 2.18 7.05
C HIS A 42 -2.60 1.48 7.96
N LEU A 43 -3.80 1.20 7.44
CA LEU A 43 -4.83 0.54 8.22
C LEU A 43 -4.92 -0.94 7.86
N GLY A 44 -4.52 -1.27 6.63
CA GLY A 44 -4.56 -2.65 6.18
C GLY A 44 -3.89 -3.59 7.15
N ARG A 45 -2.97 -3.07 7.96
CA ARG A 45 -2.25 -3.87 8.93
C ARG A 45 -3.21 -4.74 9.73
N LEU A 46 -2.68 -5.75 10.41
CA LEU A 46 -3.49 -6.65 11.22
C LEU A 46 -3.54 -6.19 12.67
N ASP A 47 -3.59 -4.88 12.86
CA ASP A 47 -3.64 -4.30 14.20
C ASP A 47 -4.72 -3.23 14.28
N ASN A 48 -5.45 -3.04 13.20
CA ASN A 48 -6.52 -2.05 13.14
C ASN A 48 -7.81 -2.61 13.74
N GLN A 49 -8.38 -1.88 14.70
CA GLN A 49 -9.61 -2.30 15.34
C GLN A 49 -10.79 -1.46 14.86
N GLY A 50 -12.00 -1.99 15.03
CA GLY A 50 -13.18 -1.27 14.61
C GLY A 50 -13.90 -1.97 13.47
N LYS A 51 -13.49 -1.67 12.24
CA LYS A 51 -14.10 -2.28 11.07
C LYS A 51 -13.43 -1.77 9.78
N ILE A 52 -12.91 -0.55 9.84
CA ILE A 52 -12.24 0.05 8.70
C ILE A 52 -11.09 -0.82 8.21
N ASN A 53 -10.00 -0.80 8.96
CA ASN A 53 -8.81 -1.60 8.62
C ASN A 53 -8.57 -1.57 7.12
N ALA A 54 -8.78 -0.40 6.51
CA ALA A 54 -8.57 -0.25 5.07
C ALA A 54 -8.47 1.23 4.70
N TRP A 55 -7.47 1.56 3.89
CA TRP A 55 -7.27 2.93 3.44
C TRP A 55 -8.09 3.24 2.20
N THR A 56 -9.00 4.20 2.32
CA THR A 56 -9.86 4.58 1.20
C THR A 56 -9.47 5.95 0.66
N ALA A 57 -9.97 6.28 -0.53
CA ALA A 57 -9.67 7.55 -1.16
C ALA A 57 -10.70 8.62 -0.76
N GLN A 58 -10.34 9.88 -0.97
CA GLN A 58 -11.22 10.99 -0.62
C GLN A 58 -12.03 11.43 -1.83
N SER A 59 -11.35 11.75 -2.92
CA SER A 59 -12.00 12.19 -4.14
C SER A 59 -12.59 11.00 -4.90
N ASN A 60 -12.36 9.80 -4.39
CA ASN A 60 -12.86 8.59 -5.02
C ASN A 60 -12.67 8.63 -6.53
N SER A 61 -11.58 9.25 -6.97
CA SER A 61 -11.27 9.37 -8.38
C SER A 61 -9.85 8.91 -8.68
N ALA A 62 -9.49 8.93 -9.97
CA ALA A 62 -8.15 8.52 -10.38
C ALA A 62 -7.13 9.64 -10.15
N LYS A 63 -7.64 10.83 -9.87
CA LYS A 63 -6.77 11.99 -9.63
C LYS A 63 -6.03 11.84 -8.30
N GLU A 64 -6.43 10.85 -7.51
CA GLU A 64 -5.80 10.62 -6.21
C GLU A 64 -4.46 9.91 -6.38
N TRP A 65 -3.60 10.05 -5.38
CA TRP A 65 -2.28 9.42 -5.42
C TRP A 65 -1.81 9.06 -4.02
N LEU A 66 -1.18 7.90 -3.89
CA LEU A 66 -0.68 7.44 -2.60
C LEU A 66 0.85 7.51 -2.56
N GLN A 67 1.37 8.16 -1.52
CA GLN A 67 2.82 8.29 -1.36
C GLN A 67 3.27 7.72 -0.02
N VAL A 68 4.31 6.88 -0.06
CA VAL A 68 4.85 6.27 1.15
C VAL A 68 6.34 6.55 1.30
N ASP A 69 6.70 7.24 2.38
CA ASP A 69 8.09 7.57 2.64
C ASP A 69 8.54 7.03 3.99
N LEU A 70 9.62 6.26 4.00
CA LEU A 70 10.14 5.68 5.23
C LEU A 70 11.51 6.27 5.56
N GLY A 71 12.32 6.49 4.54
CA GLY A 71 13.65 7.05 4.76
C GLY A 71 14.55 6.14 5.56
N THR A 72 14.12 4.89 5.73
CA THR A 72 14.89 3.91 6.48
C THR A 72 15.73 3.02 5.57
N GLN A 73 15.52 3.19 4.26
CA GLN A 73 16.25 2.40 3.27
C GLN A 73 16.19 0.91 3.61
N ARG A 74 15.12 0.25 3.16
CA ARG A 74 14.95 -1.17 3.42
C ARG A 74 14.84 -1.95 2.11
N GLN A 75 15.31 -3.18 2.12
CA GLN A 75 15.27 -4.03 0.93
C GLN A 75 13.96 -4.83 0.88
N VAL A 76 13.18 -4.59 -0.16
CA VAL A 76 11.91 -5.28 -0.34
C VAL A 76 12.07 -6.53 -1.19
N THR A 77 11.24 -7.54 -0.92
CA THR A 77 11.30 -8.78 -1.67
C THR A 77 9.91 -9.38 -1.87
N GLY A 78 8.90 -8.51 -1.81
CA GLY A 78 7.52 -8.96 -1.99
C GLY A 78 6.51 -7.87 -1.68
N ILE A 79 5.27 -8.08 -2.09
CA ILE A 79 4.20 -7.12 -1.86
C ILE A 79 2.88 -7.81 -1.58
N ILE A 80 1.95 -7.08 -0.99
CA ILE A 80 0.64 -7.62 -0.66
C ILE A 80 -0.44 -6.54 -0.71
N THR A 81 -1.58 -6.88 -1.31
CA THR A 81 -2.69 -5.94 -1.43
C THR A 81 -3.99 -6.56 -0.94
N GLN A 82 -4.81 -5.75 -0.28
CA GLN A 82 -6.09 -6.22 0.24
C GLN A 82 -7.16 -5.13 0.12
N GLY A 83 -8.37 -5.54 -0.25
CA GLY A 83 -9.46 -4.59 -0.40
C GLY A 83 -10.35 -4.56 0.83
N ALA A 84 -11.31 -3.63 0.83
CA ALA A 84 -12.23 -3.49 1.95
C ALA A 84 -13.68 -3.64 1.48
N ARG A 85 -14.60 -3.59 2.44
CA ARG A 85 -16.02 -3.73 2.13
C ARG A 85 -16.85 -2.71 2.92
N ASP A 86 -18.02 -2.38 2.40
CA ASP A 86 -18.91 -1.42 3.05
C ASP A 86 -20.16 -2.12 3.59
N PHE A 87 -19.96 -3.09 4.48
CA PHE A 87 -21.07 -3.83 5.07
C PHE A 87 -22.00 -4.36 3.98
N GLY A 88 -21.69 -5.56 3.48
CA GLY A 88 -22.50 -6.16 2.44
C GLY A 88 -21.88 -6.05 1.07
N HIS A 89 -21.51 -4.82 0.70
CA HIS A 89 -20.89 -4.58 -0.60
C HIS A 89 -19.37 -4.64 -0.51
N ILE A 90 -18.75 -5.26 -1.50
CA ILE A 90 -17.30 -5.39 -1.53
C ILE A 90 -16.68 -4.36 -2.46
N GLN A 91 -15.74 -3.58 -1.92
CA GLN A 91 -15.06 -2.55 -2.71
C GLN A 91 -13.58 -2.89 -2.88
N TYR A 92 -13.01 -2.44 -4.00
CA TYR A 92 -11.61 -2.69 -4.29
C TYR A 92 -11.22 -2.13 -5.65
N VAL A 93 -9.96 -1.75 -5.80
CA VAL A 93 -9.46 -1.21 -7.05
C VAL A 93 -8.82 -2.28 -7.91
N ALA A 94 -8.57 -1.97 -9.18
CA ALA A 94 -7.96 -2.92 -10.11
C ALA A 94 -6.61 -2.40 -10.60
N SER A 95 -6.65 -1.48 -11.55
CA SER A 95 -5.43 -0.91 -12.11
C SER A 95 -4.79 0.08 -11.14
N TYR A 96 -3.63 -0.28 -10.62
CA TYR A 96 -2.92 0.58 -9.67
C TYR A 96 -1.44 0.69 -10.04
N LYS A 97 -1.00 1.89 -10.36
CA LYS A 97 0.39 2.13 -10.73
C LYS A 97 1.27 2.23 -9.48
N VAL A 98 1.85 1.10 -9.10
CA VAL A 98 2.73 1.06 -7.93
C VAL A 98 4.19 1.14 -8.33
N ALA A 99 4.86 2.21 -7.90
CA ALA A 99 6.27 2.40 -8.21
C ALA A 99 7.09 2.59 -6.94
N HIS A 100 8.36 2.18 -7.00
CA HIS A 100 9.25 2.32 -5.86
C HIS A 100 10.45 3.20 -6.19
N SER A 101 10.85 4.02 -5.23
CA SER A 101 11.99 4.92 -5.43
C SER A 101 13.02 4.75 -4.32
N ASP A 102 14.30 4.74 -4.70
CA ASP A 102 15.37 4.58 -3.73
C ASP A 102 16.00 5.93 -3.39
N ASP A 103 16.13 6.78 -4.41
CA ASP A 103 16.71 8.11 -4.21
C ASP A 103 15.62 9.16 -4.00
N GLY A 104 14.38 8.77 -4.28
CA GLY A 104 13.27 9.69 -4.11
C GLY A 104 12.84 10.35 -5.41
N VAL A 105 13.78 10.47 -6.34
CA VAL A 105 13.51 11.08 -7.64
C VAL A 105 13.31 10.02 -8.71
N GLN A 106 13.92 8.85 -8.50
CA GLN A 106 13.82 7.76 -9.45
C GLN A 106 12.66 6.83 -9.08
N TRP A 107 11.51 7.04 -9.71
CA TRP A 107 10.34 6.22 -9.46
C TRP A 107 10.26 5.05 -10.44
N THR A 108 10.54 3.86 -9.94
CA THR A 108 10.50 2.66 -10.77
C THR A 108 9.14 1.98 -10.70
N VAL A 109 8.43 1.93 -11.82
CA VAL A 109 7.13 1.31 -11.88
C VAL A 109 7.23 -0.19 -12.11
N TYR A 110 6.43 -0.96 -11.37
CA TYR A 110 6.44 -2.42 -11.50
C TYR A 110 6.02 -2.84 -12.90
N GLU A 111 6.99 -3.08 -13.77
CA GLU A 111 6.71 -3.49 -15.14
C GLU A 111 6.33 -4.97 -15.18
N GLU A 112 5.49 -5.32 -16.15
CA GLU A 112 5.05 -6.70 -16.30
C GLU A 112 5.19 -7.17 -17.75
N GLN A 113 6.15 -6.57 -18.46
CA GLN A 113 6.40 -6.92 -19.85
C GLN A 113 7.59 -6.16 -20.41
N GLY A 114 7.75 -4.91 -19.97
CA GLY A 114 8.86 -4.09 -20.42
C GLY A 114 8.44 -2.67 -20.71
N SER A 115 7.14 -2.40 -20.64
CA SER A 115 6.61 -1.07 -20.91
C SER A 115 6.14 -0.41 -19.61
N SER A 116 6.55 -0.98 -18.48
CA SER A 116 6.15 -0.46 -17.18
C SER A 116 4.65 -0.17 -17.14
N LYS A 117 3.86 -1.21 -16.87
CA LYS A 117 2.42 -1.06 -16.80
C LYS A 117 1.95 -0.97 -15.36
N VAL A 118 0.63 -1.04 -15.15
CA VAL A 118 0.07 -0.95 -13.81
C VAL A 118 -0.19 -2.33 -13.23
N PHE A 119 -0.28 -2.40 -11.92
CA PHE A 119 -0.52 -3.66 -11.22
C PHE A 119 -2.01 -3.87 -10.96
N GLN A 120 -2.52 -5.04 -11.35
CA GLN A 120 -3.93 -5.36 -11.15
C GLN A 120 -4.21 -5.79 -9.71
N GLY A 121 -5.35 -5.37 -9.18
CA GLY A 121 -5.70 -5.73 -7.81
C GLY A 121 -6.35 -7.09 -7.72
N ASN A 122 -7.53 -7.14 -7.12
CA ASN A 122 -8.27 -8.39 -6.96
C ASN A 122 -9.77 -8.15 -7.00
N LEU A 123 -10.54 -9.20 -6.79
CA LEU A 123 -12.00 -9.11 -6.80
C LEU A 123 -12.58 -9.53 -5.45
N ASP A 124 -11.88 -9.20 -4.38
CA ASP A 124 -12.32 -9.54 -3.03
C ASP A 124 -11.71 -8.60 -2.00
N ASN A 125 -12.23 -8.64 -0.77
CA ASN A 125 -11.73 -7.79 0.30
C ASN A 125 -11.25 -8.63 1.48
N ASN A 126 -11.93 -9.75 1.72
CA ASN A 126 -11.57 -10.64 2.81
C ASN A 126 -10.33 -11.46 2.46
N SER A 127 -10.07 -11.62 1.16
CA SER A 127 -8.93 -12.39 0.70
C SER A 127 -7.75 -11.47 0.40
N HIS A 128 -6.54 -11.98 0.64
CA HIS A 128 -5.33 -11.20 0.40
C HIS A 128 -4.65 -11.63 -0.90
N LYS A 129 -4.04 -10.67 -1.58
CA LYS A 129 -3.36 -10.95 -2.84
C LYS A 129 -1.89 -10.53 -2.77
N LYS A 130 -1.03 -11.50 -2.53
CA LYS A 130 0.41 -11.25 -2.44
C LYS A 130 1.09 -11.47 -3.78
N ASN A 131 1.91 -10.51 -4.20
CA ASN A 131 2.63 -10.60 -5.46
C ASN A 131 4.12 -10.73 -5.24
N ILE A 132 4.80 -11.44 -6.14
CA ILE A 132 6.23 -11.65 -6.03
C ILE A 132 6.97 -10.31 -5.98
N PHE A 133 8.21 -10.34 -5.49
CA PHE A 133 9.02 -9.13 -5.38
C PHE A 133 8.87 -8.27 -6.62
N GLU A 134 9.11 -8.87 -7.79
CA GLU A 134 9.00 -8.15 -9.06
C GLU A 134 10.05 -7.04 -9.14
N LYS A 135 10.91 -6.96 -8.14
CA LYS A 135 11.96 -5.95 -8.09
C LYS A 135 12.58 -5.88 -6.71
N PRO A 136 13.31 -6.93 -6.32
CA PRO A 136 13.97 -7.00 -5.01
C PRO A 136 15.15 -6.03 -4.90
N PHE A 137 15.07 -5.12 -3.94
CA PHE A 137 16.12 -4.13 -3.74
C PHE A 137 15.74 -3.15 -2.63
N MET A 138 16.68 -2.27 -2.29
CA MET A 138 16.44 -1.28 -1.24
C MET A 138 15.49 -0.19 -1.74
N ALA A 139 14.80 0.46 -0.80
CA ALA A 139 13.86 1.52 -1.14
C ALA A 139 13.75 2.54 -0.01
N ARG A 140 13.52 3.79 -0.37
CA ARG A 140 13.41 4.86 0.61
C ARG A 140 12.02 5.49 0.57
N TYR A 141 11.42 5.51 -0.61
CA TYR A 141 10.09 6.08 -0.79
C TYR A 141 9.43 5.55 -2.07
N VAL A 142 8.21 5.07 -1.93
CA VAL A 142 7.46 4.54 -3.08
C VAL A 142 6.28 5.42 -3.43
N ARG A 143 5.90 5.42 -4.70
CA ARG A 143 4.78 6.23 -5.17
C ARG A 143 3.74 5.36 -5.85
N VAL A 144 2.46 5.62 -5.53
CA VAL A 144 1.36 4.86 -6.11
C VAL A 144 0.35 5.78 -6.77
N LEU A 145 -0.35 5.26 -7.78
CA LEU A 145 -1.35 6.05 -8.50
C LEU A 145 -2.40 5.14 -9.13
N PRO A 146 -3.63 5.19 -8.60
CA PRO A 146 -4.74 4.37 -9.10
C PRO A 146 -5.20 4.82 -10.49
N VAL A 147 -5.57 3.86 -11.32
CA VAL A 147 -6.04 4.15 -12.67
C VAL A 147 -7.44 3.61 -12.90
N SER A 148 -7.69 2.40 -12.42
CA SER A 148 -9.00 1.76 -12.57
C SER A 148 -9.41 1.04 -11.29
N TRP A 149 -10.47 1.50 -10.66
CA TRP A 149 -10.97 0.90 -9.43
C TRP A 149 -12.39 0.38 -9.61
N HIS A 150 -12.87 -0.35 -8.61
CA HIS A 150 -14.22 -0.91 -8.65
C HIS A 150 -14.99 -0.58 -7.37
N ASN A 151 -16.16 0.01 -7.54
CA ASN A 151 -17.00 0.38 -6.39
C ASN A 151 -16.45 1.63 -5.70
N ARG A 152 -15.20 1.54 -5.23
CA ARG A 152 -14.57 2.66 -4.54
C ARG A 152 -13.11 2.33 -4.20
N ILE A 153 -12.27 3.35 -4.19
CA ILE A 153 -10.86 3.17 -3.88
C ILE A 153 -10.66 2.82 -2.41
N THR A 154 -10.93 1.57 -2.06
CA THR A 154 -10.79 1.11 -0.68
C THR A 154 -9.96 -0.17 -0.61
N LEU A 155 -8.69 -0.03 -0.26
CA LEU A 155 -7.78 -1.17 -0.16
C LEU A 155 -6.58 -0.82 0.71
N ARG A 156 -5.54 -1.66 0.62
CA ARG A 156 -4.33 -1.45 1.39
C ARG A 156 -3.13 -2.12 0.73
N LEU A 157 -2.11 -1.32 0.41
CA LEU A 157 -0.91 -1.85 -0.24
C LEU A 157 0.24 -1.95 0.76
N GLU A 158 0.61 -3.18 1.09
CA GLU A 158 1.70 -3.42 2.04
C GLU A 158 2.94 -3.93 1.32
N LEU A 159 4.10 -3.50 1.79
CA LEU A 159 5.38 -3.91 1.19
C LEU A 159 6.11 -4.90 2.09
N LEU A 160 6.69 -5.93 1.48
CA LEU A 160 7.43 -6.94 2.23
C LEU A 160 8.90 -6.94 1.83
N GLY A 161 9.76 -7.29 2.79
CA GLY A 161 11.19 -7.33 2.52
C GLY A 161 11.90 -8.43 3.28
N CYS A 162 13.18 -8.62 3.00
CA CYS A 162 13.97 -9.66 3.66
C CYS A 162 14.68 -9.09 4.88
N LEU A 163 14.09 -8.06 5.48
CA LEU A 163 14.66 -7.42 6.66
C LEU A 163 14.79 -8.42 7.81
N GLU A 164 14.27 -9.62 7.59
CA GLU A 164 14.34 -10.67 8.61
C GLU A 164 15.76 -10.85 9.12
#